data_6VKS
#
_entry.id   6VKS
#
_cell.length_a   1.00
_cell.length_b   1.00
_cell.length_c   1.00
_cell.angle_alpha   90.00
_cell.angle_beta   90.00
_cell.angle_gamma   90.00
#
_symmetry.space_group_name_H-M   'P 1'
#
loop_
_entity.id
_entity.type
_entity.pdbx_description
1 polymer 'Efflux pump membrane transporter'
2 non-polymer PHOSPHATIDYLETHANOLAMINE
3 non-polymer '(2R,4S)-2-[(1R)-1-{[(2R)-2-amino-2-phenylacetyl]amino}-2-oxoethyl]-5,5-dimethyl-1,3-thiazolidine-4-carboxylic acid'
#
_entity_poly.entity_id   1
_entity_poly.type   'polypeptide(L)'
_entity_poly.pdbx_seq_one_letter_code
;MAKFFIDRPIFAWVISIFIIAAGIFGIKSLPVSQYPSVAAPTITLHAIYPGASAQVMEGSVLSVIERNMNGVEGLDYMST
SADSSGSGSVSLTFTPDTDENLAQVEVQNKLSEVLSTLPATVQQYGVTVSKARSNFLMIVMLSSDVQSTEEMNDYAQRNV
VPELQRIEGVGQVRLFGAQRAMRIWVDPKKLQNYNLSFADVGSALSAQNIQISAGSIGSLPAVRGQTVTATVTAQGQLGT
AEEFGNVILRANTDGSNIYLKDVAKVGLGMEDYSSSTRLNGVNTTGMAVMLSNSGNAMATAKAVKERLAVLEKYFPQGMS
WKTPYDTSKFVEISIEKVIHTLIEAMVLVFVVMYLFLQNIRYTLIPTIVVPISLLGGFAFISYMGMSINVLTMFAMILVI
GIVVDDAIVVVENVERIMAGEGLPPKEATKKAMGQISGAVIGITAVLISVFVPLAMFSGAAGNIYKQFALTMASSIAFSA
FLALTLTPALCATMLKTIPKGHHEEKKGFFGWFNKKFDSWTHGYEGRVAKVLRKTFRMMVVYIGLAVVGVFLFMRLPTSF
LPTEDQGFVMVSVQLPAGATKERTDATLAQVTQLAKSIPEIENIITVSGFSFSGSGQNMAMGFAILKDWNERTASGSDAV
AVAGKLTGMMMGTLKDGFGIAVVPPPILELGNGSGLSINLQDRNNTGHTALLAKRNELIQKMRASGLFDPSTVRAGGLED
SPQLKIDINRAAAAAQGVSFADIRTALASALSSSYVSDFPNQGRLQRVMVQADGDARMQPADILNLTVPNSSGIAVPLSS
IATVSWQMGTEQSVRFNGYPAMELSGSPATGVSTGQAMEAVQKMVDELGSGYSLEWGGQSREEAKGGSQTIALYALAAVA
VFLVLAALYESWSIPLAVLLVMPLGLAGAAAGVTGRNLFEGLLGSVPSFANDIYFQVGFVTVMGLSAKNAILIIEFAKDL
QAQGKSAVEAALEAARLRFRPIIMTSFAFILGVVPLYIAGGASSASQRAIGTTVFWGMLIGTLLSVFLVPLFYVVVRKFF
KETAHEHEM
;
_entity_poly.pdbx_strand_id   A,B,C
#
loop_
_chem_comp.id
_chem_comp.type
_chem_comp.name
_chem_comp.formula
AIX non-polymer '(2R,4S)-2-[(1R)-1-{[(2R)-2-amino-2-phenylacetyl]amino}-2-oxoethyl]-5,5-dimethyl-1,3-thiazolidine-4-carboxylic acid' 'C16 H21 N3 O4 S'
PTY non-polymer PHOSPHATIDYLETHANOLAMINE 'C40 H80 N O8 P'
#
# COMPACT_ATOMS: atom_id res chain seq x y z
N MET A 1 -36.93 -17.46 17.78
CA MET A 1 -35.65 -18.10 17.57
C MET A 1 -35.38 -19.10 18.71
N ALA A 2 -35.94 -18.81 19.88
CA ALA A 2 -35.73 -19.66 21.04
C ALA A 2 -36.51 -20.97 20.93
N LYS A 3 -37.65 -20.96 20.22
CA LYS A 3 -38.43 -22.19 20.03
C LYS A 3 -37.83 -23.09 18.97
N PHE A 4 -36.93 -22.59 18.13
CA PHE A 4 -36.34 -23.39 17.07
C PHE A 4 -35.27 -24.34 17.59
N PHE A 5 -34.55 -23.94 18.64
CA PHE A 5 -33.44 -24.73 19.17
C PHE A 5 -33.85 -25.64 20.31
N ILE A 6 -35.15 -25.75 20.61
CA ILE A 6 -35.59 -26.65 21.66
C ILE A 6 -35.71 -28.08 21.14
N ASP A 7 -36.43 -28.25 20.03
CA ASP A 7 -36.56 -29.57 19.42
C ASP A 7 -35.31 -29.97 18.64
N ARG A 8 -34.38 -29.05 18.41
CA ARG A 8 -33.11 -29.35 17.75
C ARG A 8 -31.98 -28.90 18.68
N PRO A 9 -31.62 -29.72 19.66
CA PRO A 9 -30.56 -29.31 20.60
C PRO A 9 -29.16 -29.45 20.05
N ILE A 10 -28.94 -30.34 19.08
CA ILE A 10 -27.61 -30.54 18.53
C ILE A 10 -27.23 -29.39 17.59
N PHE A 11 -28.24 -28.72 17.01
CA PHE A 11 -27.99 -27.62 16.08
C PHE A 11 -27.37 -26.41 16.78
N ALA A 12 -27.69 -26.20 18.05
CA ALA A 12 -27.03 -25.15 18.81
C ALA A 12 -25.66 -25.61 19.33
N TRP A 13 -25.53 -26.90 19.64
CA TRP A 13 -24.28 -27.44 20.15
C TRP A 13 -23.18 -27.38 19.10
N VAL A 14 -23.51 -27.68 17.84
CA VAL A 14 -22.50 -27.66 16.78
C VAL A 14 -22.09 -26.22 16.46
N ILE A 15 -23.01 -25.26 16.60
CA ILE A 15 -22.66 -23.86 16.38
C ILE A 15 -21.78 -23.36 17.51
N SER A 16 -22.05 -23.81 18.74
CA SER A 16 -21.21 -23.44 19.89
C SER A 16 -19.81 -24.00 19.76
N ILE A 17 -19.65 -25.24 19.32
CA ILE A 17 -18.30 -25.77 19.18
C ILE A 17 -17.63 -25.33 17.87
N PHE A 18 -18.39 -24.86 16.88
CA PHE A 18 -17.79 -24.10 15.79
C PHE A 18 -17.20 -22.78 16.29
N ILE A 19 -17.91 -22.11 17.19
CA ILE A 19 -17.39 -20.90 17.84
C ILE A 19 -16.16 -21.23 18.68
N ILE A 20 -16.14 -22.41 19.31
CA ILE A 20 -14.99 -22.87 20.09
C ILE A 20 -13.78 -23.06 19.18
N ALA A 21 -13.97 -23.73 18.05
CA ALA A 21 -12.86 -23.96 17.11
C ALA A 21 -12.36 -22.67 16.48
N ALA A 22 -13.29 -21.75 16.16
CA ALA A 22 -12.89 -20.46 15.62
C ALA A 22 -12.14 -19.63 16.65
N GLY A 23 -12.53 -19.71 17.93
CA GLY A 23 -11.79 -19.03 18.97
C GLY A 23 -10.42 -19.62 19.22
N ILE A 24 -10.29 -20.94 19.09
CA ILE A 24 -8.99 -21.60 19.22
C ILE A 24 -8.08 -21.17 18.07
N PHE A 25 -8.61 -21.13 16.85
CA PHE A 25 -7.85 -20.65 15.70
C PHE A 25 -7.49 -19.17 15.83
N GLY A 26 -8.34 -18.37 16.48
CA GLY A 26 -8.03 -16.98 16.69
C GLY A 26 -7.00 -16.75 17.77
N ILE A 27 -6.98 -17.59 18.80
CA ILE A 27 -5.97 -17.48 19.84
C ILE A 27 -4.61 -17.94 19.33
N LYS A 28 -4.59 -19.03 18.55
CA LYS A 28 -3.32 -19.55 18.03
C LYS A 28 -2.70 -18.60 17.01
N SER A 29 -3.53 -17.94 16.19
CA SER A 29 -3.05 -16.95 15.24
C SER A 29 -3.28 -15.54 15.79
N LEU A 30 -2.46 -15.16 16.77
CA LEU A 30 -2.56 -13.85 17.39
C LEU A 30 -1.24 -13.48 18.07
N PRO A 31 -0.77 -12.25 17.89
CA PRO A 31 0.45 -11.82 18.59
C PRO A 31 0.16 -11.49 20.05
N VAL A 32 1.12 -11.81 20.91
CA VAL A 32 1.01 -11.55 22.35
C VAL A 32 1.84 -10.31 22.67
N SER A 33 1.24 -9.36 23.37
CA SER A 33 1.91 -8.13 23.75
C SER A 33 1.61 -7.85 25.22
N GLN A 34 1.96 -6.65 25.67
CA GLN A 34 1.73 -6.24 27.05
C GLN A 34 0.79 -5.05 27.14
N TYR A 35 1.02 -4.00 26.35
CA TYR A 35 0.24 -2.79 26.35
C TYR A 35 -0.24 -2.47 24.94
N PRO A 36 -1.40 -1.80 24.81
CA PRO A 36 -1.82 -1.30 23.50
C PRO A 36 -1.00 -0.09 23.09
N SER A 37 0.15 -0.33 22.45
CA SER A 37 1.14 0.69 22.16
C SER A 37 0.60 1.79 21.26
N VAL A 38 0.92 3.03 21.59
CA VAL A 38 0.41 4.21 20.90
C VAL A 38 1.50 4.85 20.06
N ALA A 39 2.47 4.01 19.63
CA ALA A 39 3.65 4.49 18.94
C ALA A 39 3.30 5.03 17.54
N ALA A 40 4.04 6.06 17.14
CA ALA A 40 3.90 6.76 15.88
C ALA A 40 5.07 6.42 14.96
N PRO A 41 4.87 6.47 13.63
CA PRO A 41 5.98 6.24 12.71
C PRO A 41 7.01 7.36 12.79
N THR A 42 8.26 6.98 13.06
CA THR A 42 9.36 7.94 13.21
C THR A 42 10.54 7.45 12.38
N ILE A 43 10.91 8.23 11.37
CA ILE A 43 12.03 7.88 10.49
C ILE A 43 13.29 8.55 11.02
N THR A 44 14.34 7.77 11.24
CA THR A 44 15.59 8.27 11.77
C THR A 44 16.67 8.17 10.70
N LEU A 45 17.37 9.28 10.47
CA LEU A 45 18.47 9.35 9.52
C LEU A 45 19.75 9.65 10.29
N HIS A 46 20.76 8.81 10.10
CA HIS A 46 22.06 8.97 10.74
C HIS A 46 23.11 9.38 9.72
N ALA A 47 23.96 10.32 10.11
CA ALA A 47 25.05 10.79 9.27
C ALA A 47 26.34 10.83 10.09
N ILE A 48 27.45 10.44 9.46
CA ILE A 48 28.75 10.36 10.12
C ILE A 48 29.69 11.36 9.48
N TYR A 49 30.27 12.24 10.29
CA TYR A 49 31.23 13.23 9.81
C TYR A 49 32.17 13.57 10.96
N PRO A 50 33.24 12.81 11.14
CA PRO A 50 34.12 13.02 12.29
C PRO A 50 35.04 14.22 12.09
N GLY A 51 35.49 14.77 13.23
CA GLY A 51 36.40 15.90 13.23
C GLY A 51 35.74 17.25 13.38
N ALA A 52 34.42 17.31 13.34
CA ALA A 52 33.69 18.57 13.42
C ALA A 52 32.97 18.69 14.75
N SER A 53 32.65 19.94 15.11
CA SER A 53 31.90 20.24 16.31
C SER A 53 30.41 20.14 16.02
N ALA A 54 29.57 20.65 16.93
CA ALA A 54 28.12 20.55 16.76
C ALA A 54 27.63 21.47 15.64
N GLN A 55 28.13 22.71 15.60
CA GLN A 55 27.65 23.66 14.61
C GLN A 55 28.16 23.32 13.21
N VAL A 56 29.43 22.91 13.11
CA VAL A 56 30.05 22.60 11.83
C VAL A 56 29.40 21.37 11.20
N MET A 57 29.05 20.39 12.02
CA MET A 57 28.31 19.23 11.51
C MET A 57 26.87 19.60 11.17
N GLU A 58 26.22 20.35 12.07
CA GLU A 58 24.80 20.64 11.97
C GLU A 58 24.48 21.49 10.75
N GLY A 59 25.05 22.70 10.68
CA GLY A 59 24.76 23.65 9.61
C GLY A 59 25.25 23.24 8.24
N SER A 60 26.11 22.21 8.15
CA SER A 60 26.58 21.72 6.86
C SER A 60 25.94 20.42 6.43
N VAL A 61 25.38 19.63 7.35
CA VAL A 61 24.76 18.37 6.94
C VAL A 61 23.27 18.37 7.24
N LEU A 62 22.91 18.60 8.51
CA LEU A 62 21.55 18.32 8.95
C LEU A 62 20.56 19.39 8.49
N SER A 63 20.99 20.66 8.45
CA SER A 63 20.12 21.71 7.94
C SER A 63 19.94 21.60 6.44
N VAL A 64 20.93 21.06 5.73
CA VAL A 64 20.80 20.83 4.30
C VAL A 64 19.89 19.64 4.03
N ILE A 65 19.94 18.62 4.89
CA ILE A 65 19.11 17.43 4.70
C ILE A 65 17.66 17.74 5.04
N GLU A 66 17.42 18.42 6.17
CA GLU A 66 16.06 18.65 6.63
C GLU A 66 15.32 19.71 5.83
N ARG A 67 16.02 20.50 5.01
CA ARG A 67 15.36 21.51 4.19
C ARG A 67 14.67 20.90 2.98
N ASN A 68 15.25 19.84 2.41
CA ASN A 68 14.65 19.18 1.25
C ASN A 68 13.44 18.34 1.63
N MET A 69 13.38 17.85 2.86
CA MET A 69 12.24 17.05 3.33
C MET A 69 11.19 17.93 4.01
N ASN A 70 10.74 18.96 3.30
CA ASN A 70 9.73 19.89 3.80
C ASN A 70 8.41 19.57 3.11
N GLY A 71 7.57 18.80 3.80
CA GLY A 71 6.26 18.43 3.29
C GLY A 71 6.18 16.99 2.87
N VAL A 72 5.65 16.15 3.76
CA VAL A 72 5.37 14.75 3.49
C VAL A 72 3.89 14.54 3.76
N GLU A 73 3.26 13.63 3.02
CA GLU A 73 1.83 13.34 3.17
C GLU A 73 1.61 12.58 4.47
N GLY A 74 1.56 13.33 5.58
CA GLY A 74 1.38 12.75 6.88
C GLY A 74 2.47 13.13 7.88
N LEU A 75 3.26 14.15 7.54
CA LEU A 75 4.33 14.58 8.43
C LEU A 75 3.79 15.43 9.56
N ASP A 76 4.29 15.18 10.77
CA ASP A 76 3.88 15.95 11.95
C ASP A 76 4.95 16.95 12.36
N TYR A 77 6.18 16.49 12.66
CA TYR A 77 7.26 17.40 13.03
C TYR A 77 8.60 16.71 12.78
N MET A 78 9.67 17.44 13.06
CA MET A 78 11.02 16.95 12.83
C MET A 78 11.97 17.58 13.83
N SER A 79 13.12 16.94 14.03
CA SER A 79 14.11 17.42 14.98
C SER A 79 15.49 16.90 14.58
N THR A 80 16.45 17.80 14.44
CA THR A 80 17.82 17.42 14.13
C THR A 80 18.72 17.66 15.33
N SER A 81 19.67 16.76 15.56
CA SER A 81 20.56 16.84 16.70
C SER A 81 21.96 16.44 16.27
N ALA A 82 22.93 17.33 16.52
CA ALA A 82 24.33 17.06 16.23
C ALA A 82 25.15 17.24 17.50
N ASP A 83 26.18 16.41 17.64
CA ASP A 83 27.06 16.42 18.80
C ASP A 83 28.50 16.68 18.36
N SER A 84 29.39 16.78 19.34
CA SER A 84 30.80 17.03 19.07
C SER A 84 31.57 15.77 18.73
N SER A 85 30.95 14.59 18.78
CA SER A 85 31.64 13.36 18.44
C SER A 85 31.83 13.23 16.93
N GLY A 86 30.80 13.55 16.16
CA GLY A 86 30.89 13.47 14.72
C GLY A 86 29.68 12.82 14.07
N SER A 87 28.70 12.44 14.88
CA SER A 87 27.50 11.79 14.40
C SER A 87 26.29 12.72 14.57
N GLY A 88 25.43 12.75 13.56
CA GLY A 88 24.24 13.56 13.60
C GLY A 88 23.01 12.74 13.26
N SER A 89 21.89 13.12 13.87
CA SER A 89 20.64 12.40 13.71
C SER A 89 19.53 13.37 13.29
N VAL A 90 18.65 12.90 12.41
CA VAL A 90 17.48 13.65 11.98
C VAL A 90 16.27 12.74 12.19
N SER A 91 15.37 13.14 13.07
CA SER A 91 14.16 12.38 13.35
C SER A 91 12.96 13.07 12.73
N LEU A 92 12.16 12.31 11.99
CA LEU A 92 10.94 12.79 11.35
C LEU A 92 9.77 12.02 11.94
N THR A 93 8.97 12.69 12.76
CA THR A 93 7.81 12.09 13.39
C THR A 93 6.58 12.42 12.58
N PHE A 94 5.76 11.40 12.30
CA PHE A 94 4.65 11.49 11.37
C PHE A 94 3.32 11.41 12.12
N THR A 95 2.23 11.46 11.35
CA THR A 95 0.87 11.29 11.83
C THR A 95 0.57 9.80 12.01
N PRO A 96 -0.03 9.41 13.15
CA PRO A 96 -0.17 7.98 13.46
C PRO A 96 -1.11 7.18 12.53
N ASP A 97 -1.87 7.81 11.66
CA ASP A 97 -2.70 7.09 10.70
C ASP A 97 -2.03 6.92 9.34
N THR A 98 -0.70 6.99 9.30
CA THR A 98 0.07 6.86 8.07
C THR A 98 1.00 5.66 8.17
N ASP A 99 1.29 5.03 7.03
CA ASP A 99 2.18 3.90 6.99
C ASP A 99 3.63 4.35 6.99
N GLU A 100 4.55 3.38 7.02
CA GLU A 100 5.97 3.67 7.12
C GLU A 100 6.72 3.49 5.81
N ASN A 101 6.22 2.64 4.90
CA ASN A 101 6.97 2.31 3.68
C ASN A 101 6.98 3.47 2.70
N LEU A 102 5.82 4.10 2.49
CA LEU A 102 5.75 5.21 1.54
C LEU A 102 6.46 6.45 2.06
N ALA A 103 6.36 6.70 3.38
CA ALA A 103 7.10 7.81 3.98
C ALA A 103 8.60 7.55 3.94
N GLN A 104 9.01 6.29 4.13
CA GLN A 104 10.42 5.94 4.07
C GLN A 104 10.98 6.10 2.65
N VAL A 105 10.20 5.67 1.64
CA VAL A 105 10.70 5.83 0.28
C VAL A 105 10.64 7.29 -0.17
N GLU A 106 9.74 8.09 0.41
CA GLU A 106 9.71 9.51 0.09
C GLU A 106 10.91 10.24 0.69
N VAL A 107 11.27 9.93 1.95
CA VAL A 107 12.42 10.59 2.54
C VAL A 107 13.72 10.04 1.97
N GLN A 108 13.71 8.80 1.46
CA GLN A 108 14.88 8.29 0.76
C GLN A 108 15.04 8.96 -0.60
N ASN A 109 13.93 9.25 -1.28
CA ASN A 109 13.98 10.03 -2.52
C ASN A 109 14.51 11.43 -2.27
N LYS A 110 13.97 12.12 -1.25
CA LYS A 110 14.43 13.46 -0.89
C LYS A 110 15.87 13.47 -0.38
N LEU A 111 16.36 12.35 0.16
CA LEU A 111 17.77 12.25 0.50
C LEU A 111 18.62 12.04 -0.74
N SER A 112 18.10 11.32 -1.74
CA SER A 112 18.86 11.11 -2.96
C SER A 112 18.95 12.35 -3.83
N GLU A 113 17.95 13.24 -3.78
CA GLU A 113 18.09 14.50 -4.51
C GLU A 113 19.05 15.47 -3.86
N VAL A 114 19.40 15.27 -2.58
CA VAL A 114 20.26 16.18 -1.84
C VAL A 114 21.62 15.54 -1.53
N LEU A 115 21.83 14.29 -1.96
CA LEU A 115 23.05 13.55 -1.65
C LEU A 115 24.28 14.09 -2.37
N SER A 116 24.12 14.88 -3.43
CA SER A 116 25.25 15.41 -4.17
C SER A 116 25.76 16.75 -3.65
N THR A 117 25.05 17.36 -2.69
CA THR A 117 25.45 18.64 -2.12
C THR A 117 26.19 18.48 -0.79
N LEU A 118 26.45 17.25 -0.38
CA LEU A 118 27.14 16.94 0.86
C LEU A 118 28.64 16.81 0.62
N PRO A 119 29.47 17.01 1.66
CA PRO A 119 30.90 16.76 1.52
C PRO A 119 31.21 15.29 1.30
N ALA A 120 32.43 15.04 0.84
CA ALA A 120 32.83 13.69 0.44
C ALA A 120 33.01 12.78 1.65
N THR A 121 33.34 13.34 2.82
CA THR A 121 33.47 12.52 4.03
C THR A 121 32.13 12.00 4.50
N VAL A 122 31.06 12.79 4.33
CA VAL A 122 29.72 12.31 4.65
C VAL A 122 29.26 11.28 3.63
N GLN A 123 29.60 11.47 2.36
CA GLN A 123 29.21 10.53 1.31
C GLN A 123 30.00 9.24 1.35
N GLN A 124 31.16 9.22 2.02
CA GLN A 124 31.93 7.99 2.16
C GLN A 124 31.23 7.01 3.10
N TYR A 125 30.80 7.49 4.26
CA TYR A 125 30.10 6.63 5.21
C TYR A 125 28.65 6.40 4.76
N GLY A 126 27.90 7.45 4.54
CA GLY A 126 26.54 7.34 4.07
C GLY A 126 25.54 7.74 5.14
N VAL A 127 24.36 8.17 4.69
CA VAL A 127 23.27 8.57 5.57
C VAL A 127 22.30 7.39 5.67
N THR A 128 22.33 6.71 6.81
CA THR A 128 21.50 5.51 6.99
C THR A 128 20.09 5.90 7.40
N VAL A 129 19.10 5.35 6.71
CA VAL A 129 17.70 5.62 6.99
C VAL A 129 17.09 4.38 7.64
N SER A 130 16.39 4.57 8.75
CA SER A 130 15.78 3.46 9.47
C SER A 130 14.44 3.88 10.05
N LYS A 131 13.63 2.88 10.39
CA LYS A 131 12.35 3.07 11.07
C LYS A 131 12.38 2.24 12.35
N ALA A 132 12.92 2.83 13.42
CA ALA A 132 13.07 2.14 14.69
C ALA A 132 12.81 3.12 15.82
N ARG A 133 12.82 2.62 17.04
CA ARG A 133 12.59 3.41 18.24
C ARG A 133 13.85 3.45 19.09
N SER A 134 13.82 4.32 20.10
CA SER A 134 14.94 4.48 21.03
C SER A 134 14.75 3.67 22.31
N ASN A 135 13.96 2.60 22.25
CA ASN A 135 13.70 1.74 23.39
C ASN A 135 14.40 0.42 23.17
N PHE A 136 15.30 0.06 24.10
CA PHE A 136 16.08 -1.17 23.98
C PHE A 136 15.23 -2.35 24.44
N LEU A 137 15.01 -3.30 23.54
CA LEU A 137 14.27 -4.51 23.91
C LEU A 137 15.13 -5.43 24.76
N MET A 138 16.34 -5.73 24.28
CA MET A 138 17.25 -6.60 25.02
C MET A 138 18.67 -6.28 24.61
N ILE A 139 19.62 -6.68 25.46
CA ILE A 139 21.04 -6.59 25.17
C ILE A 139 21.70 -7.91 25.58
N VAL A 140 22.46 -8.49 24.66
CA VAL A 140 23.09 -9.79 24.89
C VAL A 140 24.59 -9.59 25.05
N MET A 141 25.21 -10.52 25.76
CA MET A 141 26.64 -10.47 26.03
C MET A 141 27.36 -11.59 25.30
N LEU A 142 28.64 -11.36 25.02
CA LEU A 142 29.50 -12.32 24.34
C LEU A 142 30.83 -12.41 25.07
N SER A 143 30.77 -12.58 26.39
CA SER A 143 31.97 -12.55 27.23
C SER A 143 32.83 -13.78 27.02
N SER A 144 34.14 -13.58 27.15
CA SER A 144 35.11 -14.66 27.01
C SER A 144 36.32 -14.35 27.88
N ASP A 145 37.24 -15.32 27.96
CA ASP A 145 38.45 -15.18 28.76
C ASP A 145 39.73 -15.18 27.94
N VAL A 146 39.78 -15.94 26.85
CA VAL A 146 41.01 -16.04 26.07
C VAL A 146 41.13 -14.96 25.00
N GLN A 147 40.06 -14.23 24.71
CA GLN A 147 40.07 -13.19 23.69
C GLN A 147 39.82 -11.83 24.32
N SER A 148 40.41 -10.80 23.71
CA SER A 148 40.21 -9.43 24.15
C SER A 148 38.92 -8.86 23.57
N THR A 149 38.68 -7.57 23.82
CA THR A 149 37.44 -6.94 23.38
C THR A 149 37.40 -6.74 21.87
N GLU A 150 38.56 -6.51 21.25
CA GLU A 150 38.60 -6.24 19.81
C GLU A 150 38.28 -7.50 19.00
N GLU A 151 38.75 -8.66 19.46
CA GLU A 151 38.47 -9.91 18.75
C GLU A 151 37.01 -10.30 18.84
N MET A 152 36.41 -10.12 20.02
CA MET A 152 34.98 -10.42 20.18
C MET A 152 34.11 -9.41 19.45
N ASN A 153 34.55 -8.15 19.38
CA ASN A 153 33.82 -7.14 18.63
C ASN A 153 33.94 -7.37 17.13
N ASP A 154 35.05 -7.91 16.67
CA ASP A 154 35.20 -8.25 15.25
C ASP A 154 34.41 -9.51 14.90
N TYR A 155 34.34 -10.47 15.83
CA TYR A 155 33.56 -11.68 15.56
C TYR A 155 32.06 -11.41 15.66
N ALA A 156 31.65 -10.42 16.46
CA ALA A 156 30.24 -10.09 16.57
C ALA A 156 29.73 -9.38 15.33
N GLN A 157 30.56 -8.54 14.71
CA GLN A 157 30.14 -7.79 13.53
C GLN A 157 30.04 -8.68 12.29
N ARG A 158 30.80 -9.79 12.26
CA ARG A 158 30.85 -10.64 11.09
C ARG A 158 30.03 -11.91 11.21
N ASN A 159 29.64 -12.31 12.42
CA ASN A 159 28.90 -13.55 12.62
C ASN A 159 27.66 -13.43 13.48
N VAL A 160 27.55 -12.42 14.33
CA VAL A 160 26.42 -12.28 15.26
C VAL A 160 25.47 -11.18 14.82
N VAL A 161 26.01 -10.04 14.39
CA VAL A 161 25.17 -8.90 14.01
C VAL A 161 24.35 -9.16 12.74
N PRO A 162 24.91 -9.60 11.60
CA PRO A 162 24.05 -9.79 10.43
C PRO A 162 23.16 -11.04 10.47
N GLU A 163 23.27 -11.86 11.50
CA GLU A 163 22.44 -13.06 11.60
C GLU A 163 21.13 -12.80 12.35
N LEU A 164 21.18 -11.92 13.33
CA LEU A 164 20.00 -11.63 14.17
C LEU A 164 19.29 -10.34 13.74
N GLN A 165 19.71 -9.70 12.67
CA GLN A 165 19.03 -8.52 12.15
C GLN A 165 18.16 -8.84 10.94
N ARG A 166 18.08 -10.10 10.55
CA ARG A 166 17.15 -10.54 9.52
C ARG A 166 15.82 -10.99 10.10
N ILE A 167 15.65 -10.92 11.42
CA ILE A 167 14.40 -11.33 12.06
C ILE A 167 13.33 -10.28 11.79
N GLU A 168 12.10 -10.73 11.55
CA GLU A 168 10.98 -9.84 11.29
C GLU A 168 10.62 -9.11 12.58
N GLY A 169 10.98 -7.84 12.66
CA GLY A 169 10.72 -7.04 13.85
C GLY A 169 11.93 -6.26 14.30
N VAL A 170 13.12 -6.80 14.06
CA VAL A 170 14.36 -6.13 14.44
C VAL A 170 14.64 -5.00 13.45
N GLY A 171 14.79 -3.80 13.96
CA GLY A 171 15.02 -2.64 13.12
C GLY A 171 16.46 -2.15 13.14
N GLN A 172 17.09 -2.18 14.31
CA GLN A 172 18.45 -1.69 14.46
C GLN A 172 19.21 -2.57 15.44
N VAL A 173 20.44 -2.91 15.08
CA VAL A 173 21.37 -3.62 15.96
C VAL A 173 22.57 -2.72 16.15
N ARG A 174 22.64 -2.05 17.30
CA ARG A 174 23.73 -1.12 17.59
C ARG A 174 24.79 -1.86 18.39
N LEU A 175 25.88 -2.26 17.73
CA LEU A 175 26.98 -2.90 18.42
C LEU A 175 27.78 -1.86 19.20
N PHE A 176 27.80 -2.00 20.52
CA PHE A 176 28.54 -1.07 21.39
C PHE A 176 30.02 -1.40 21.27
N GLY A 177 30.66 -0.81 20.26
CA GLY A 177 32.06 -1.07 19.97
C GLY A 177 32.41 -0.75 18.54
N ALA A 178 33.37 -1.49 17.97
CA ALA A 178 33.81 -1.23 16.60
C ALA A 178 34.42 -2.51 16.04
N GLN A 179 34.40 -2.61 14.72
CA GLN A 179 34.97 -3.76 14.02
C GLN A 179 36.47 -3.55 13.84
N ARG A 180 37.12 -4.48 13.13
CA ARG A 180 38.55 -4.42 12.94
C ARG A 180 38.92 -3.45 11.83
N ALA A 181 40.01 -2.71 12.05
CA ALA A 181 40.54 -1.79 11.06
C ALA A 181 42.04 -1.72 11.22
N MET A 182 42.71 -1.08 10.27
CA MET A 182 44.17 -0.94 10.28
C MET A 182 44.50 0.49 10.65
N ARG A 183 44.91 0.70 11.90
CA ARG A 183 45.23 2.02 12.40
C ARG A 183 46.73 2.29 12.28
N ILE A 184 47.07 3.47 11.75
CA ILE A 184 48.45 3.89 11.58
C ILE A 184 48.66 5.13 12.43
N TRP A 185 49.42 4.99 13.51
CA TRP A 185 49.75 6.09 14.40
C TRP A 185 51.06 6.72 13.93
N VAL A 186 51.00 7.98 13.50
CA VAL A 186 52.13 8.66 12.88
C VAL A 186 52.72 9.65 13.87
N ASP A 187 54.04 9.62 14.03
CA ASP A 187 54.74 10.57 14.88
C ASP A 187 55.02 11.85 14.09
N PRO A 188 54.49 13.00 14.50
CA PRO A 188 54.72 14.24 13.73
C PRO A 188 56.13 14.80 13.86
N LYS A 189 56.88 14.43 14.89
CA LYS A 189 58.25 14.91 15.03
C LYS A 189 59.22 14.21 14.10
N LYS A 190 58.87 13.01 13.61
CA LYS A 190 59.71 12.31 12.66
C LYS A 190 59.46 12.78 11.23
N LEU A 191 58.29 13.37 10.95
CA LEU A 191 58.00 13.88 9.62
C LEU A 191 58.76 15.18 9.32
N GLN A 192 59.18 15.91 10.36
CA GLN A 192 59.95 17.13 10.13
C GLN A 192 61.40 16.84 9.78
N ASN A 193 61.92 15.67 10.18
CA ASN A 193 63.30 15.33 9.89
C ASN A 193 63.46 14.88 8.44
N TYR A 194 62.57 14.00 7.98
CA TYR A 194 62.61 13.49 6.62
C TYR A 194 61.84 14.35 5.63
N ASN A 195 61.27 15.47 6.09
CA ASN A 195 60.49 16.42 5.29
C ASN A 195 59.32 15.75 4.59
N LEU A 196 58.45 15.16 5.39
CA LEU A 196 57.25 14.46 4.91
C LEU A 196 56.01 15.09 5.53
N SER A 197 54.85 14.68 5.02
CA SER A 197 53.57 15.17 5.50
C SER A 197 52.58 14.01 5.51
N PHE A 198 51.35 14.29 5.98
CA PHE A 198 50.32 13.27 5.99
C PHE A 198 49.77 12.99 4.61
N ALA A 199 49.84 13.98 3.71
CA ALA A 199 49.37 13.79 2.34
C ALA A 199 50.27 12.82 1.56
N ASP A 200 51.57 12.83 1.86
CA ASP A 200 52.48 11.87 1.22
C ASP A 200 52.19 10.45 1.70
N VAL A 201 51.86 10.29 2.98
CA VAL A 201 51.50 8.98 3.52
C VAL A 201 50.17 8.51 2.92
N GLY A 202 49.22 9.43 2.75
CA GLY A 202 47.95 9.08 2.13
C GLY A 202 48.09 8.70 0.66
N SER A 203 48.97 9.40 -0.06
CA SER A 203 49.20 9.07 -1.47
C SER A 203 49.96 7.75 -1.60
N ALA A 204 50.88 7.47 -0.68
CA ALA A 204 51.60 6.20 -0.73
C ALA A 204 50.70 5.04 -0.33
N LEU A 205 49.73 5.26 0.55
CA LEU A 205 48.78 4.22 0.88
C LEU A 205 47.70 4.03 -0.18
N SER A 206 47.37 5.08 -0.94
CA SER A 206 46.40 4.95 -2.01
C SER A 206 47.01 4.46 -3.32
N ALA A 207 48.33 4.59 -3.48
CA ALA A 207 48.98 4.18 -4.72
C ALA A 207 49.53 2.76 -4.65
N GLN A 208 49.86 2.26 -3.47
CA GLN A 208 50.48 0.95 -3.32
C GLN A 208 49.51 -0.10 -2.78
N ASN A 209 48.28 0.27 -2.42
CA ASN A 209 47.29 -0.66 -1.89
C ASN A 209 46.01 -0.51 -2.69
N ILE A 210 45.90 -1.29 -3.76
CA ILE A 210 44.73 -1.25 -4.65
C ILE A 210 44.61 -2.60 -5.32
N GLN A 211 43.40 -2.93 -5.76
CA GLN A 211 43.17 -4.20 -6.43
C GLN A 211 43.61 -4.12 -7.89
N ILE A 212 44.41 -5.10 -8.32
CA ILE A 212 44.88 -5.16 -9.70
C ILE A 212 44.05 -6.19 -10.43
N SER A 213 43.15 -5.72 -11.30
CA SER A 213 42.33 -6.59 -12.14
C SER A 213 42.95 -6.59 -13.53
N ALA A 214 43.74 -7.62 -13.83
CA ALA A 214 44.48 -7.67 -15.09
C ALA A 214 43.56 -8.01 -16.25
N GLY A 215 42.96 -9.20 -16.23
CA GLY A 215 42.09 -9.61 -17.31
C GLY A 215 42.18 -11.10 -17.61
N SER A 216 42.42 -11.44 -18.88
CA SER A 216 42.49 -12.84 -19.29
C SER A 216 43.35 -12.96 -20.54
N ILE A 217 43.89 -14.16 -20.74
CA ILE A 217 44.69 -14.49 -21.92
C ILE A 217 43.79 -15.19 -22.93
N GLY A 218 43.75 -14.66 -24.15
CA GLY A 218 42.89 -15.22 -25.17
C GLY A 218 41.43 -14.93 -24.92
N SER A 219 41.04 -13.66 -25.07
CA SER A 219 39.69 -13.20 -24.77
C SER A 219 38.73 -13.64 -25.89
N LEU A 220 37.48 -13.20 -25.79
CA LEU A 220 36.43 -13.65 -26.71
C LEU A 220 36.54 -13.02 -28.11
N PRO A 221 36.91 -11.71 -28.29
CA PRO A 221 37.29 -11.28 -29.65
C PRO A 221 38.67 -11.78 -30.04
N ALA A 222 38.77 -13.05 -30.41
CA ALA A 222 40.03 -13.70 -30.71
C ALA A 222 40.14 -14.01 -32.20
N VAL A 223 41.38 -14.26 -32.63
CA VAL A 223 41.65 -14.67 -34.00
C VAL A 223 41.39 -16.16 -34.13
N ARG A 224 41.34 -16.66 -35.36
CA ARG A 224 41.08 -18.08 -35.61
C ARG A 224 42.36 -18.87 -35.35
N GLY A 225 42.36 -19.69 -34.30
CA GLY A 225 43.51 -20.50 -33.98
C GLY A 225 43.81 -20.58 -32.49
N GLN A 226 43.11 -19.79 -31.69
CA GLN A 226 43.32 -19.78 -30.26
C GLN A 226 42.63 -20.98 -29.61
N THR A 227 43.35 -21.65 -28.72
CA THR A 227 42.83 -22.84 -28.04
C THR A 227 42.77 -22.71 -26.53
N VAL A 228 43.83 -22.23 -25.90
CA VAL A 228 43.95 -22.20 -24.44
C VAL A 228 43.60 -20.82 -23.93
N THR A 229 42.66 -20.76 -22.97
CA THR A 229 42.27 -19.52 -22.32
C THR A 229 42.56 -19.63 -20.83
N ALA A 230 43.36 -18.69 -20.31
CA ALA A 230 43.72 -18.69 -18.90
C ALA A 230 43.48 -17.29 -18.32
N THR A 231 42.80 -17.25 -17.17
CA THR A 231 42.51 -15.98 -16.52
C THR A 231 43.71 -15.53 -15.70
N VAL A 232 44.12 -14.27 -15.88
CA VAL A 232 45.25 -13.70 -15.15
C VAL A 232 44.73 -13.11 -13.85
N THR A 233 45.37 -13.47 -12.74
CA THR A 233 44.97 -13.01 -11.42
C THR A 233 46.19 -12.42 -10.71
N ALA A 234 46.13 -11.14 -10.39
CA ALA A 234 47.18 -10.44 -9.66
C ALA A 234 46.65 -10.03 -8.30
N GLN A 235 47.39 -10.35 -7.25
CA GLN A 235 46.96 -10.01 -5.89
C GLN A 235 47.13 -8.52 -5.64
N GLY A 236 48.38 -8.04 -5.64
CA GLY A 236 48.72 -6.63 -5.51
C GLY A 236 48.16 -5.89 -4.31
N GLN A 237 47.92 -6.58 -3.21
CA GLN A 237 47.20 -5.99 -2.10
C GLN A 237 47.86 -6.40 -0.79
N LEU A 238 47.61 -5.61 0.24
CA LEU A 238 48.24 -5.79 1.56
C LEU A 238 47.16 -6.18 2.56
N GLY A 239 47.50 -7.14 3.44
CA GLY A 239 46.54 -7.61 4.41
C GLY A 239 47.10 -7.88 5.79
N THR A 240 48.40 -7.63 5.98
CA THR A 240 49.06 -7.87 7.25
C THR A 240 49.80 -6.61 7.70
N ALA A 241 50.16 -6.57 8.98
CA ALA A 241 50.83 -5.41 9.54
C ALA A 241 52.29 -5.35 9.14
N GLU A 242 52.96 -6.50 9.00
CA GLU A 242 54.37 -6.50 8.60
C GLU A 242 54.54 -6.16 7.13
N GLU A 243 53.49 -6.32 6.32
CA GLU A 243 53.54 -5.83 4.94
C GLU A 243 53.27 -4.33 4.90
N PHE A 244 52.37 -3.84 5.74
CA PHE A 244 52.08 -2.40 5.81
C PHE A 244 53.21 -1.62 6.44
N GLY A 245 54.09 -2.27 7.20
CA GLY A 245 55.26 -1.59 7.73
C GLY A 245 56.32 -1.26 6.70
N ASN A 246 56.27 -1.91 5.53
CA ASN A 246 57.24 -1.68 4.46
C ASN A 246 56.64 -0.87 3.32
N VAL A 247 55.74 0.06 3.62
CA VAL A 247 55.17 0.92 2.58
C VAL A 247 56.19 1.99 2.22
N ILE A 248 56.55 2.06 0.94
CA ILE A 248 57.58 2.98 0.46
C ILE A 248 56.99 4.38 0.39
N LEU A 249 57.61 5.32 1.11
CA LEU A 249 57.24 6.73 1.06
C LEU A 249 58.11 7.54 0.11
N ARG A 250 59.44 7.45 0.27
CA ARG A 250 60.37 8.15 -0.62
C ARG A 250 61.67 7.35 -0.61
N ALA A 251 61.92 6.60 -1.70
CA ALA A 251 63.10 5.75 -1.79
C ALA A 251 63.89 5.99 -3.07
N ASN A 252 63.74 7.15 -3.71
CA ASN A 252 64.44 7.46 -4.94
C ASN A 252 65.56 8.49 -4.76
N THR A 253 65.97 8.77 -3.52
CA THR A 253 67.00 9.76 -3.27
C THR A 253 68.39 9.22 -3.60
N ASP A 254 68.84 8.21 -2.86
CA ASP A 254 70.13 7.60 -3.09
C ASP A 254 70.09 6.08 -2.97
N GLY A 255 68.91 5.49 -3.19
CA GLY A 255 68.73 4.07 -3.03
C GLY A 255 68.26 3.64 -1.66
N SER A 256 68.36 4.51 -0.65
CA SER A 256 67.91 4.16 0.69
C SER A 256 66.38 4.27 0.76
N ASN A 257 65.78 3.33 1.49
CA ASN A 257 64.33 3.24 1.58
C ASN A 257 63.83 3.82 2.89
N ILE A 258 62.75 4.59 2.81
CA ILE A 258 62.08 5.16 3.98
C ILE A 258 60.74 4.45 4.09
N TYR A 259 60.65 3.47 4.99
CA TYR A 259 59.45 2.67 5.14
C TYR A 259 58.42 3.40 6.00
N LEU A 260 57.26 2.77 6.16
CA LEU A 260 56.22 3.32 7.02
C LEU A 260 56.47 3.04 8.49
N LYS A 261 57.29 2.04 8.81
CA LYS A 261 57.60 1.71 10.19
C LYS A 261 58.64 2.64 10.81
N ASP A 262 59.32 3.45 10.01
CA ASP A 262 60.33 4.36 10.52
C ASP A 262 59.74 5.64 11.08
N VAL A 263 58.64 6.13 10.50
CA VAL A 263 58.00 7.37 10.93
C VAL A 263 56.62 7.13 11.54
N ALA A 264 56.15 5.89 11.57
CA ALA A 264 54.82 5.58 12.08
C ALA A 264 54.80 4.16 12.62
N LYS A 265 53.66 3.78 13.18
CA LYS A 265 53.44 2.45 13.72
C LYS A 265 52.07 1.96 13.27
N VAL A 266 52.04 0.85 12.55
CA VAL A 266 50.82 0.30 11.97
C VAL A 266 50.39 -0.91 12.78
N GLY A 267 49.08 -1.03 13.03
CA GLY A 267 48.58 -2.17 13.79
C GLY A 267 47.08 -2.28 13.68
N LEU A 268 46.59 -3.48 13.98
CA LEU A 268 45.15 -3.72 13.97
C LEU A 268 44.51 -3.09 15.19
N GLY A 269 43.30 -2.58 15.00
CA GLY A 269 42.59 -1.94 16.09
C GLY A 269 41.14 -1.68 15.74
N MET A 270 40.56 -0.73 16.45
CA MET A 270 39.18 -0.33 16.21
C MET A 270 39.13 1.02 15.50
N GLU A 271 38.06 1.23 14.74
CA GLU A 271 37.89 2.48 14.01
C GLU A 271 37.49 3.63 14.93
N ASP A 272 36.74 3.35 15.99
CA ASP A 272 36.39 4.34 16.98
C ASP A 272 36.15 3.66 18.33
N TYR A 273 36.81 4.15 19.36
CA TYR A 273 36.70 3.59 20.71
C TYR A 273 35.61 4.30 21.51
N SER A 274 34.40 4.37 20.95
CA SER A 274 33.34 5.17 21.55
C SER A 274 32.68 4.46 22.71
N SER A 275 32.08 3.29 22.47
CA SER A 275 31.31 2.58 23.48
C SER A 275 32.11 1.41 24.04
N SER A 276 31.80 1.06 25.29
CA SER A 276 32.45 -0.05 25.97
C SER A 276 31.46 -0.63 26.97
N THR A 277 31.08 -1.89 26.77
CA THR A 277 30.08 -2.54 27.60
C THR A 277 30.76 -3.30 28.74
N ARG A 278 30.27 -3.10 29.95
CA ARG A 278 30.76 -3.79 31.13
C ARG A 278 29.62 -4.47 31.86
N LEU A 279 29.88 -5.67 32.36
CA LEU A 279 28.87 -6.46 33.08
C LEU A 279 29.49 -6.91 34.40
N ASN A 280 29.08 -6.25 35.49
CA ASN A 280 29.59 -6.50 36.85
C ASN A 280 31.10 -6.33 36.93
N GLY A 281 31.59 -5.22 36.41
CA GLY A 281 33.01 -4.89 36.45
C GLY A 281 33.85 -5.29 35.26
N VAL A 282 33.74 -6.55 34.84
CA VAL A 282 34.56 -7.04 33.72
C VAL A 282 33.98 -6.54 32.40
N ASN A 283 34.86 -6.43 31.41
CA ASN A 283 34.46 -5.90 30.11
C ASN A 283 33.76 -6.97 29.27
N THR A 284 32.72 -6.55 28.55
CA THR A 284 31.97 -7.44 27.67
C THR A 284 31.80 -6.77 26.31
N THR A 285 31.19 -7.51 25.39
CA THR A 285 30.86 -7.01 24.05
C THR A 285 29.36 -7.17 23.87
N GLY A 286 28.63 -6.06 23.98
CA GLY A 286 27.18 -6.08 23.93
C GLY A 286 26.64 -5.33 22.73
N MET A 287 25.46 -5.76 22.26
CA MET A 287 24.75 -5.10 21.19
C MET A 287 23.28 -4.95 21.58
N ALA A 288 22.65 -3.87 21.12
CA ALA A 288 21.27 -3.58 21.47
C ALA A 288 20.35 -3.94 20.31
N VAL A 289 19.39 -4.82 20.58
CA VAL A 289 18.44 -5.28 19.56
C VAL A 289 17.22 -4.37 19.68
N MET A 290 17.20 -3.31 18.86
CA MET A 290 16.09 -2.37 18.87
C MET A 290 14.93 -2.92 18.06
N LEU A 291 13.72 -2.69 18.56
CA LEU A 291 12.51 -3.07 17.84
C LEU A 291 12.14 -2.00 16.82
N SER A 292 11.45 -2.42 15.77
CA SER A 292 11.01 -1.54 14.71
C SER A 292 9.54 -1.15 14.93
N ASN A 293 9.02 -0.33 14.03
CA ASN A 293 7.63 0.10 14.12
C ASN A 293 6.71 -1.02 13.66
N SER A 294 5.56 -1.13 14.34
CA SER A 294 4.57 -2.20 14.19
C SER A 294 5.22 -3.59 14.30
N GLY A 295 5.84 -3.83 15.44
CA GLY A 295 6.52 -5.09 15.69
C GLY A 295 6.25 -5.62 17.08
N ASN A 296 6.10 -6.95 17.19
CA ASN A 296 5.82 -7.57 18.47
C ASN A 296 7.10 -7.72 19.29
N ALA A 297 6.96 -7.62 20.61
CA ALA A 297 8.09 -7.69 21.52
C ALA A 297 8.18 -9.04 22.25
N MET A 298 7.38 -10.02 21.84
CA MET A 298 7.38 -11.33 22.47
C MET A 298 7.96 -12.42 21.58
N ALA A 299 7.46 -12.55 20.35
CA ALA A 299 7.99 -13.56 19.44
C ALA A 299 9.35 -13.17 18.88
N THR A 300 9.64 -11.86 18.83
CA THR A 300 10.92 -11.39 18.34
C THR A 300 12.06 -11.76 19.28
N ALA A 301 11.84 -11.60 20.59
CA ALA A 301 12.86 -11.98 21.56
C ALA A 301 13.07 -13.48 21.60
N LYS A 302 11.99 -14.26 21.42
CA LYS A 302 12.12 -15.71 21.36
C LYS A 302 12.87 -16.15 20.10
N ALA A 303 12.63 -15.46 18.98
CA ALA A 303 13.36 -15.78 17.75
C ALA A 303 14.84 -15.40 17.85
N VAL A 304 15.14 -14.28 18.52
CA VAL A 304 16.53 -13.88 18.74
C VAL A 304 17.24 -14.88 19.66
N LYS A 305 16.54 -15.35 20.70
CA LYS A 305 17.12 -16.34 21.61
C LYS A 305 17.33 -17.68 20.92
N GLU A 306 16.41 -18.07 20.03
CA GLU A 306 16.59 -19.32 19.28
C GLU A 306 17.71 -19.20 18.26
N ARG A 307 17.87 -18.02 17.65
CA ARG A 307 18.96 -17.80 16.70
C ARG A 307 20.31 -17.79 17.42
N LEU A 308 20.34 -17.29 18.66
CA LEU A 308 21.58 -17.34 19.43
C LEU A 308 21.83 -18.74 19.97
N ALA A 309 20.77 -19.54 20.17
CA ALA A 309 20.95 -20.91 20.63
C ALA A 309 21.46 -21.80 19.51
N VAL A 310 21.00 -21.57 18.27
CA VAL A 310 21.46 -22.40 17.16
C VAL A 310 22.83 -21.98 16.66
N LEU A 311 23.26 -20.75 16.91
CA LEU A 311 24.57 -20.26 16.53
C LEU A 311 25.63 -20.48 17.60
N GLU A 312 25.28 -21.20 18.68
CA GLU A 312 26.24 -21.45 19.75
C GLU A 312 27.26 -22.53 19.39
N LYS A 313 26.93 -23.41 18.44
CA LYS A 313 27.83 -24.48 18.07
C LYS A 313 28.99 -24.01 17.21
N TYR A 314 28.88 -22.85 16.57
CA TYR A 314 29.93 -22.33 15.70
C TYR A 314 30.74 -21.22 16.37
N PHE A 315 30.60 -21.03 17.68
CA PHE A 315 31.41 -20.07 18.39
C PHE A 315 32.81 -20.63 18.61
N PRO A 316 33.82 -19.76 18.71
CA PRO A 316 35.16 -20.23 19.08
C PRO A 316 35.21 -20.73 20.51
N GLN A 317 36.22 -21.55 20.78
CA GLN A 317 36.32 -22.23 22.07
C GLN A 317 36.74 -21.24 23.16
N GLY A 318 35.88 -21.05 24.14
CA GLY A 318 36.19 -20.20 25.28
C GLY A 318 35.24 -19.03 25.47
N MET A 319 34.10 -19.06 24.78
CA MET A 319 33.12 -17.98 24.88
C MET A 319 31.73 -18.58 25.03
N SER A 320 30.80 -17.73 25.47
CA SER A 320 29.41 -18.13 25.65
C SER A 320 28.54 -16.90 25.41
N TRP A 321 27.25 -17.01 25.74
CA TRP A 321 26.32 -15.92 25.56
C TRP A 321 25.26 -15.97 26.66
N LYS A 322 24.69 -14.81 26.96
CA LYS A 322 23.64 -14.71 27.96
C LYS A 322 22.78 -13.49 27.65
N THR A 323 21.56 -13.51 28.16
CA THR A 323 20.62 -12.39 28.03
C THR A 323 20.24 -11.96 29.44
N PRO A 324 20.99 -11.03 30.03
CA PRO A 324 20.65 -10.56 31.39
C PRO A 324 19.48 -9.60 31.41
N TYR A 325 19.41 -8.72 30.41
CA TYR A 325 18.37 -7.69 30.33
C TYR A 325 17.37 -8.08 29.25
N ASP A 326 16.17 -8.45 29.68
CA ASP A 326 15.09 -8.82 28.76
C ASP A 326 13.80 -8.17 29.20
N THR A 327 13.06 -7.62 28.24
CA THR A 327 11.78 -6.99 28.52
C THR A 327 10.60 -7.91 28.22
N SER A 328 10.83 -9.10 27.70
CA SER A 328 9.76 -10.04 27.37
C SER A 328 9.42 -10.97 28.53
N LYS A 329 10.27 -11.03 29.56
CA LYS A 329 9.97 -11.90 30.71
C LYS A 329 8.85 -11.31 31.56
N PHE A 330 8.84 -9.98 31.71
CA PHE A 330 7.77 -9.33 32.46
C PHE A 330 6.44 -9.45 31.74
N VAL A 331 6.45 -9.45 30.41
CA VAL A 331 5.23 -9.58 29.61
C VAL A 331 4.63 -10.96 29.81
N GLU A 332 5.45 -12.02 29.68
CA GLU A 332 4.93 -13.37 29.83
C GLU A 332 4.57 -13.69 31.28
N ILE A 333 5.28 -13.10 32.25
CA ILE A 333 4.89 -13.38 33.63
C ILE A 333 3.62 -12.61 34.01
N SER A 334 3.35 -11.45 33.39
CA SER A 334 2.08 -10.76 33.61
C SER A 334 0.94 -11.48 32.91
N ILE A 335 1.22 -12.08 31.74
CA ILE A 335 0.21 -12.89 31.06
C ILE A 335 -0.13 -14.12 31.87
N GLU A 336 0.89 -14.78 32.45
CA GLU A 336 0.65 -15.93 33.33
C GLU A 336 -0.10 -15.51 34.60
N LYS A 337 0.20 -14.31 35.11
CA LYS A 337 -0.49 -13.79 36.29
C LYS A 337 -1.97 -13.58 36.03
N VAL A 338 -2.30 -12.90 34.93
CA VAL A 338 -3.71 -12.63 34.64
C VAL A 338 -4.43 -13.91 34.22
N ILE A 339 -3.73 -14.86 33.62
CA ILE A 339 -4.35 -16.12 33.23
C ILE A 339 -4.70 -16.96 34.46
N HIS A 340 -3.77 -17.07 35.42
CA HIS A 340 -4.08 -17.88 36.58
C HIS A 340 -5.04 -17.17 37.54
N THR A 341 -5.07 -15.83 37.56
CA THR A 341 -6.12 -15.17 38.33
C THR A 341 -7.49 -15.32 37.66
N LEU A 342 -7.55 -15.37 36.33
CA LEU A 342 -8.81 -15.69 35.65
C LEU A 342 -9.24 -17.12 35.93
N ILE A 343 -8.27 -18.04 36.04
CA ILE A 343 -8.57 -19.43 36.39
C ILE A 343 -9.12 -19.52 37.81
N GLU A 344 -8.49 -18.82 38.76
CA GLU A 344 -9.00 -18.78 40.13
C GLU A 344 -10.37 -18.12 40.22
N ALA A 345 -10.62 -17.11 39.38
CA ALA A 345 -11.94 -16.49 39.31
C ALA A 345 -12.98 -17.47 38.78
N MET A 346 -12.60 -18.31 37.81
CA MET A 346 -13.50 -19.33 37.29
C MET A 346 -13.83 -20.39 38.34
N VAL A 347 -12.82 -20.82 39.09
CA VAL A 347 -13.07 -21.80 40.16
C VAL A 347 -13.93 -21.20 41.27
N LEU A 348 -13.69 -19.91 41.61
CA LEU A 348 -14.48 -19.28 42.66
C LEU A 348 -15.92 -19.05 42.23
N VAL A 349 -16.14 -18.69 40.96
CA VAL A 349 -17.51 -18.50 40.50
C VAL A 349 -18.20 -19.85 40.31
N PHE A 350 -17.45 -20.93 40.06
CA PHE A 350 -18.03 -22.26 40.04
C PHE A 350 -18.45 -22.71 41.43
N VAL A 351 -17.64 -22.38 42.44
CA VAL A 351 -18.02 -22.65 43.83
C VAL A 351 -19.25 -21.85 44.22
N VAL A 352 -19.35 -20.60 43.73
CA VAL A 352 -20.51 -19.76 44.00
C VAL A 352 -21.77 -20.34 43.36
N MET A 353 -21.67 -20.82 42.11
CA MET A 353 -22.82 -21.43 41.46
C MET A 353 -23.21 -22.76 42.08
N TYR A 354 -22.24 -23.50 42.62
CA TYR A 354 -22.58 -24.72 43.34
C TYR A 354 -23.16 -24.44 44.72
N LEU A 355 -22.89 -23.27 45.30
CA LEU A 355 -23.36 -22.96 46.64
C LEU A 355 -24.87 -22.71 46.67
N PHE A 356 -25.43 -22.11 45.63
CA PHE A 356 -26.82 -21.69 45.62
C PHE A 356 -27.75 -22.71 44.97
N LEU A 357 -27.36 -23.28 43.83
CA LEU A 357 -28.26 -24.17 43.09
C LEU A 357 -28.35 -25.55 43.73
N GLN A 358 -27.32 -25.95 44.49
CA GLN A 358 -27.29 -27.18 45.30
C GLN A 358 -27.46 -28.45 44.47
N ASN A 359 -27.07 -28.39 43.20
CA ASN A 359 -27.17 -29.54 42.31
C ASN A 359 -26.21 -29.32 41.15
N ILE A 360 -25.53 -30.40 40.75
CA ILE A 360 -24.59 -30.30 39.64
C ILE A 360 -25.32 -30.16 38.31
N ARG A 361 -26.55 -30.69 38.22
CA ARG A 361 -27.34 -30.61 37.00
C ARG A 361 -27.90 -29.22 36.75
N TYR A 362 -27.81 -28.31 37.72
CA TYR A 362 -28.09 -26.89 37.51
C TYR A 362 -26.81 -26.06 37.43
N THR A 363 -25.75 -26.52 38.10
CA THR A 363 -24.51 -25.76 38.17
C THR A 363 -23.68 -25.93 36.90
N LEU A 364 -23.83 -27.05 36.20
CA LEU A 364 -22.98 -27.35 35.06
C LEU A 364 -23.33 -26.57 33.79
N ILE A 365 -24.37 -25.74 33.80
CA ILE A 365 -24.75 -24.99 32.60
C ILE A 365 -23.84 -23.76 32.40
N PRO A 366 -23.58 -22.86 33.39
CA PRO A 366 -22.63 -21.77 33.11
C PRO A 366 -21.20 -22.22 32.89
N THR A 367 -20.81 -23.40 33.37
CA THR A 367 -19.51 -23.97 33.04
C THR A 367 -19.38 -24.31 31.56
N ILE A 368 -20.48 -24.53 30.87
CA ILE A 368 -20.47 -24.65 29.41
C ILE A 368 -20.68 -23.28 28.74
N VAL A 369 -21.39 -22.37 29.42
CA VAL A 369 -21.70 -21.08 28.82
C VAL A 369 -20.46 -20.19 28.70
N VAL A 370 -19.64 -20.15 29.76
CA VAL A 370 -18.52 -19.17 29.88
C VAL A 370 -17.40 -19.39 28.84
N PRO A 371 -16.91 -20.63 28.61
CA PRO A 371 -15.79 -20.80 27.67
C PRO A 371 -16.13 -20.42 26.22
N ILE A 372 -17.33 -20.73 25.75
CA ILE A 372 -17.72 -20.47 24.37
C ILE A 372 -17.89 -18.96 24.15
N SER A 373 -18.35 -18.25 25.18
CA SER A 373 -18.45 -16.79 25.08
C SER A 373 -17.07 -16.14 25.08
N LEU A 374 -16.15 -16.66 25.91
CA LEU A 374 -14.78 -16.13 25.91
C LEU A 374 -14.07 -16.45 24.60
N LEU A 375 -14.29 -17.65 24.05
CA LEU A 375 -13.67 -17.99 22.77
C LEU A 375 -14.29 -17.20 21.62
N GLY A 376 -15.58 -16.88 21.71
CA GLY A 376 -16.20 -16.04 20.70
C GLY A 376 -15.68 -14.61 20.73
N GLY A 377 -15.48 -14.07 21.94
CA GLY A 377 -14.86 -12.76 22.06
C GLY A 377 -13.42 -12.74 21.58
N PHE A 378 -12.69 -13.82 21.86
CA PHE A 378 -11.31 -13.92 21.38
C PHE A 378 -11.26 -14.04 19.86
N ALA A 379 -12.21 -14.75 19.26
CA ALA A 379 -12.26 -14.85 17.80
C ALA A 379 -12.65 -13.53 17.16
N PHE A 380 -13.54 -12.76 17.80
CA PHE A 380 -13.92 -11.46 17.24
C PHE A 380 -12.79 -10.44 17.38
N ILE A 381 -12.05 -10.47 18.49
CA ILE A 381 -10.91 -9.55 18.58
C ILE A 381 -9.72 -10.03 17.77
N SER A 382 -9.69 -11.31 17.39
CA SER A 382 -8.67 -11.78 16.45
C SER A 382 -9.04 -11.45 15.02
N TYR A 383 -10.33 -11.33 14.72
CA TYR A 383 -10.75 -10.95 13.37
C TYR A 383 -10.45 -9.47 13.09
N MET A 384 -10.47 -8.63 14.13
CA MET A 384 -10.24 -7.21 13.95
C MET A 384 -8.76 -6.84 13.91
N GLY A 385 -7.86 -7.80 14.12
CA GLY A 385 -6.43 -7.52 14.09
C GLY A 385 -5.93 -6.85 15.35
N MET A 386 -6.08 -7.52 16.49
CA MET A 386 -5.67 -7.01 17.78
C MET A 386 -4.59 -7.93 18.36
N SER A 387 -4.24 -7.68 19.62
CA SER A 387 -3.23 -8.46 20.32
C SER A 387 -3.74 -8.87 21.68
N ILE A 388 -3.09 -9.88 22.26
CA ILE A 388 -3.39 -10.37 23.60
C ILE A 388 -2.51 -9.62 24.58
N ASN A 389 -3.14 -8.95 25.55
CA ASN A 389 -2.41 -8.12 26.50
C ASN A 389 -3.14 -8.14 27.83
N VAL A 390 -2.64 -7.35 28.78
CA VAL A 390 -3.26 -7.28 30.11
C VAL A 390 -4.47 -6.35 30.15
N LEU A 391 -4.69 -5.55 29.10
CA LEU A 391 -5.84 -4.66 29.07
C LEU A 391 -7.10 -5.38 28.64
N THR A 392 -6.99 -6.40 27.78
CA THR A 392 -8.15 -7.17 27.36
C THR A 392 -8.53 -8.26 28.34
N MET A 393 -7.58 -8.73 29.16
CA MET A 393 -7.88 -9.79 30.12
C MET A 393 -8.76 -9.27 31.25
N PHE A 394 -8.63 -7.99 31.61
CA PHE A 394 -9.55 -7.40 32.58
C PHE A 394 -10.96 -7.32 32.02
N ALA A 395 -11.09 -7.01 30.73
CA ALA A 395 -12.39 -7.02 30.06
C ALA A 395 -12.97 -8.43 30.02
N MET A 396 -12.11 -9.43 29.82
CA MET A 396 -12.56 -10.82 29.88
C MET A 396 -13.04 -11.19 31.28
N ILE A 397 -12.35 -10.69 32.31
CA ILE A 397 -12.75 -10.95 33.69
C ILE A 397 -14.11 -10.31 34.00
N LEU A 398 -14.35 -9.09 33.47
CA LEU A 398 -15.64 -8.44 33.67
C LEU A 398 -16.76 -9.14 32.91
N VAL A 399 -16.53 -9.52 31.65
CA VAL A 399 -17.58 -10.18 30.90
C VAL A 399 -17.83 -11.61 31.38
N ILE A 400 -16.87 -12.23 32.09
CA ILE A 400 -17.16 -13.49 32.78
C ILE A 400 -18.28 -13.28 33.80
N GLY A 401 -18.20 -12.19 34.56
CA GLY A 401 -19.27 -11.87 35.50
C GLY A 401 -20.58 -11.54 34.82
N ILE A 402 -20.51 -10.85 33.68
CA ILE A 402 -21.76 -10.51 32.97
C ILE A 402 -22.41 -11.77 32.38
N VAL A 403 -21.60 -12.72 31.89
CA VAL A 403 -22.22 -13.90 31.28
C VAL A 403 -22.71 -14.87 32.34
N VAL A 404 -22.07 -14.91 33.53
CA VAL A 404 -22.67 -15.73 34.59
C VAL A 404 -23.91 -15.05 35.16
N ASP A 405 -23.99 -13.72 35.05
CA ASP A 405 -25.22 -13.01 35.42
C ASP A 405 -26.38 -13.42 34.51
N ASP A 406 -26.15 -13.35 33.19
CA ASP A 406 -27.17 -13.75 32.21
C ASP A 406 -27.50 -15.24 32.33
N ALA A 407 -26.49 -16.05 32.64
CA ALA A 407 -26.69 -17.50 32.78
C ALA A 407 -27.56 -17.83 33.99
N ILE A 408 -27.30 -17.21 35.14
CA ILE A 408 -28.10 -17.55 36.32
C ILE A 408 -29.50 -16.94 36.20
N VAL A 409 -29.65 -15.86 35.41
CA VAL A 409 -30.99 -15.36 35.11
C VAL A 409 -31.78 -16.38 34.29
N VAL A 410 -31.19 -16.88 33.20
CA VAL A 410 -31.95 -17.72 32.28
C VAL A 410 -32.15 -19.12 32.86
N VAL A 411 -31.30 -19.54 33.81
CA VAL A 411 -31.54 -20.82 34.48
C VAL A 411 -32.49 -20.65 35.66
N GLU A 412 -32.39 -19.53 36.39
CA GLU A 412 -33.21 -19.36 37.58
C GLU A 412 -34.67 -19.10 37.22
N ASN A 413 -34.93 -18.52 36.05
CA ASN A 413 -36.32 -18.34 35.61
C ASN A 413 -37.02 -19.68 35.39
N VAL A 414 -36.39 -20.57 34.61
CA VAL A 414 -37.01 -21.87 34.32
C VAL A 414 -36.99 -22.75 35.57
N GLU A 415 -35.99 -22.60 36.44
CA GLU A 415 -35.95 -23.38 37.68
C GLU A 415 -37.03 -22.95 38.66
N ARG A 416 -37.27 -21.63 38.75
CA ARG A 416 -38.32 -21.13 39.62
C ARG A 416 -39.71 -21.49 39.11
N ILE A 417 -39.91 -21.43 37.79
CA ILE A 417 -41.23 -21.80 37.28
C ILE A 417 -41.43 -23.33 37.32
N MET A 418 -40.35 -24.11 37.30
CA MET A 418 -40.49 -25.55 37.47
C MET A 418 -40.73 -25.94 38.93
N ALA A 419 -40.11 -25.21 39.87
CA ALA A 419 -40.38 -25.45 41.28
C ALA A 419 -41.72 -24.90 41.73
N GLY A 420 -42.28 -23.93 41.02
CA GLY A 420 -43.56 -23.37 41.39
C GLY A 420 -44.74 -24.02 40.70
N GLU A 421 -44.54 -24.54 39.49
CA GLU A 421 -45.65 -25.14 38.75
C GLU A 421 -45.56 -26.66 38.63
N GLY A 422 -44.38 -27.26 38.80
CA GLY A 422 -44.25 -28.68 38.57
C GLY A 422 -44.36 -29.07 37.11
N LEU A 423 -44.04 -28.15 36.21
CA LEU A 423 -44.23 -28.30 34.77
C LEU A 423 -43.04 -29.05 34.17
N PRO A 424 -43.25 -29.75 33.05
CA PRO A 424 -42.13 -30.28 32.29
C PRO A 424 -41.28 -29.15 31.74
N PRO A 425 -39.97 -29.38 31.54
CA PRO A 425 -39.07 -28.27 31.20
C PRO A 425 -39.25 -27.70 29.80
N LYS A 426 -39.97 -28.38 28.91
CA LYS A 426 -40.13 -27.88 27.54
C LYS A 426 -41.02 -26.64 27.51
N GLU A 427 -42.27 -26.77 27.99
CA GLU A 427 -43.18 -25.63 28.00
C GLU A 427 -42.77 -24.60 29.04
N ALA A 428 -42.11 -25.02 30.12
CA ALA A 428 -41.58 -24.08 31.10
C ALA A 428 -40.46 -23.23 30.51
N THR A 429 -39.57 -23.85 29.75
CA THR A 429 -38.51 -23.08 29.08
C THR A 429 -39.09 -22.20 27.97
N LYS A 430 -40.16 -22.67 27.32
CA LYS A 430 -40.87 -21.84 26.33
C LYS A 430 -41.46 -20.59 26.98
N LYS A 431 -42.12 -20.76 28.14
CA LYS A 431 -42.71 -19.62 28.84
C LYS A 431 -41.65 -18.67 29.38
N ALA A 432 -40.54 -19.22 29.88
CA ALA A 432 -39.47 -18.38 30.40
C ALA A 432 -38.78 -17.59 29.28
N MET A 433 -38.57 -18.22 28.13
CA MET A 433 -37.97 -17.52 26.99
C MET A 433 -38.92 -16.47 26.43
N GLY A 434 -40.22 -16.77 26.37
CA GLY A 434 -41.19 -15.77 25.98
C GLY A 434 -41.33 -14.63 26.98
N GLN A 435 -40.98 -14.89 28.24
CA GLN A 435 -40.96 -13.83 29.23
C GLN A 435 -39.74 -12.91 29.06
N ILE A 436 -38.55 -13.49 28.96
CA ILE A 436 -37.32 -12.70 29.11
C ILE A 436 -36.55 -12.55 27.80
N SER A 437 -37.15 -12.87 26.65
CA SER A 437 -36.45 -12.70 25.38
C SER A 437 -36.25 -11.23 25.05
N GLY A 438 -37.33 -10.43 25.12
CA GLY A 438 -37.19 -9.00 24.95
C GLY A 438 -36.37 -8.34 26.04
N ALA A 439 -36.37 -8.93 27.24
CA ALA A 439 -35.56 -8.42 28.33
C ALA A 439 -34.07 -8.59 28.05
N VAL A 440 -33.65 -9.77 27.59
CA VAL A 440 -32.23 -9.96 27.32
C VAL A 440 -31.81 -9.26 26.02
N ILE A 441 -32.73 -9.07 25.07
CA ILE A 441 -32.43 -8.24 23.90
C ILE A 441 -32.24 -6.79 24.30
N GLY A 442 -33.06 -6.30 25.23
CA GLY A 442 -32.85 -4.94 25.72
C GLY A 442 -31.62 -4.78 26.59
N ILE A 443 -31.23 -5.83 27.32
CA ILE A 443 -29.99 -5.80 28.08
C ILE A 443 -28.79 -5.73 27.14
N THR A 444 -28.83 -6.53 26.07
CA THR A 444 -27.80 -6.45 25.03
C THR A 444 -27.79 -5.08 24.36
N ALA A 445 -28.98 -4.49 24.16
CA ALA A 445 -29.08 -3.18 23.52
C ALA A 445 -28.48 -2.08 24.39
N VAL A 446 -28.80 -2.08 25.69
CA VAL A 446 -28.24 -1.04 26.56
C VAL A 446 -26.75 -1.25 26.79
N LEU A 447 -26.28 -2.51 26.76
CA LEU A 447 -24.84 -2.74 26.94
C LEU A 447 -24.06 -2.34 25.70
N ILE A 448 -24.62 -2.59 24.50
CA ILE A 448 -23.99 -2.10 23.27
C ILE A 448 -24.01 -0.58 23.21
N SER A 449 -25.14 0.05 23.56
CA SER A 449 -25.20 1.50 23.47
C SER A 449 -24.41 2.21 24.58
N VAL A 450 -24.02 1.50 25.64
CA VAL A 450 -23.11 2.12 26.59
C VAL A 450 -21.65 1.78 26.25
N PHE A 451 -21.39 0.70 25.50
CA PHE A 451 -20.02 0.33 25.19
C PHE A 451 -19.53 0.86 23.85
N VAL A 452 -20.41 1.39 23.00
CA VAL A 452 -19.95 2.12 21.81
C VAL A 452 -19.11 3.36 22.10
N PRO A 453 -19.55 4.35 22.92
CA PRO A 453 -18.82 5.62 22.95
C PRO A 453 -17.46 5.58 23.66
N LEU A 454 -17.02 4.43 24.18
CA LEU A 454 -15.62 4.34 24.61
C LEU A 454 -14.68 4.17 23.43
N ALA A 455 -15.20 3.71 22.29
CA ALA A 455 -14.40 3.49 21.09
C ALA A 455 -14.58 4.60 20.05
N MET A 456 -15.00 5.79 20.47
CA MET A 456 -15.28 6.88 19.55
C MET A 456 -14.25 7.99 19.61
N PHE A 457 -13.79 8.36 20.80
CA PHE A 457 -12.83 9.45 20.95
C PHE A 457 -11.43 8.99 20.56
N SER A 458 -10.68 9.92 19.96
CA SER A 458 -9.31 9.67 19.55
C SER A 458 -8.35 10.37 20.51
N GLY A 459 -7.06 10.28 20.22
CA GLY A 459 -6.07 10.94 21.04
C GLY A 459 -5.04 9.98 21.61
N ALA A 460 -4.60 10.23 22.85
CA ALA A 460 -3.61 9.38 23.49
C ALA A 460 -4.21 8.12 24.09
N ALA A 461 -5.54 8.07 24.25
CA ALA A 461 -6.22 6.91 24.83
C ALA A 461 -7.25 6.32 23.87
N GLY A 462 -7.06 6.49 22.57
CA GLY A 462 -8.03 5.97 21.62
C GLY A 462 -7.93 4.47 21.43
N ASN A 463 -6.71 3.98 21.17
CA ASN A 463 -6.49 2.57 20.85
C ASN A 463 -6.26 1.71 22.09
N ILE A 464 -6.70 2.17 23.26
CA ILE A 464 -6.81 1.34 24.46
C ILE A 464 -8.26 1.20 24.88
N TYR A 465 -8.97 2.33 25.00
CA TYR A 465 -10.40 2.31 25.27
C TYR A 465 -11.18 1.70 24.11
N LYS A 466 -10.68 1.86 22.87
CA LYS A 466 -11.32 1.22 21.73
C LYS A 466 -11.19 -0.30 21.79
N GLN A 467 -10.00 -0.79 22.14
CA GLN A 467 -9.78 -2.23 22.30
C GLN A 467 -10.67 -2.80 23.41
N PHE A 468 -10.72 -2.11 24.55
CA PHE A 468 -11.57 -2.52 25.66
C PHE A 468 -13.05 -2.52 25.26
N ALA A 469 -13.48 -1.49 24.52
CA ALA A 469 -14.88 -1.33 24.17
C ALA A 469 -15.33 -2.39 23.18
N LEU A 470 -14.54 -2.64 22.13
CA LEU A 470 -14.91 -3.69 21.18
C LEU A 470 -14.77 -5.08 21.79
N THR A 471 -13.85 -5.26 22.76
CA THR A 471 -13.77 -6.55 23.44
C THR A 471 -15.03 -6.84 24.26
N MET A 472 -15.48 -5.86 25.07
CA MET A 472 -16.69 -6.03 25.86
C MET A 472 -17.93 -6.16 24.97
N ALA A 473 -17.99 -5.39 23.87
CA ALA A 473 -19.14 -5.43 22.99
C ALA A 473 -19.23 -6.75 22.22
N SER A 474 -18.08 -7.27 21.76
CA SER A 474 -18.05 -8.56 21.09
C SER A 474 -18.41 -9.69 22.05
N SER A 475 -17.94 -9.60 23.30
CA SER A 475 -18.29 -10.62 24.29
C SER A 475 -19.78 -10.59 24.62
N ILE A 476 -20.39 -9.39 24.68
CA ILE A 476 -21.81 -9.30 24.99
C ILE A 476 -22.66 -9.78 23.81
N ALA A 477 -22.25 -9.47 22.57
CA ALA A 477 -22.99 -9.94 21.40
C ALA A 477 -22.90 -11.46 21.26
N PHE A 478 -21.70 -12.02 21.45
CA PHE A 478 -21.55 -13.47 21.43
C PHE A 478 -22.27 -14.13 22.59
N SER A 479 -22.37 -13.45 23.74
CA SER A 479 -23.12 -13.96 24.87
C SER A 479 -24.60 -14.04 24.57
N ALA A 480 -25.14 -13.00 23.95
CA ALA A 480 -26.56 -12.97 23.60
C ALA A 480 -26.89 -14.04 22.56
N PHE A 481 -26.06 -14.17 21.53
CA PHE A 481 -26.29 -15.20 20.51
C PHE A 481 -26.14 -16.61 21.08
N LEU A 482 -25.10 -16.83 21.90
CA LEU A 482 -24.85 -18.13 22.50
C LEU A 482 -25.96 -18.52 23.47
N ALA A 483 -26.48 -17.55 24.22
CA ALA A 483 -27.60 -17.81 25.11
C ALA A 483 -28.85 -18.18 24.32
N LEU A 484 -29.23 -17.34 23.34
CA LEU A 484 -30.43 -17.56 22.55
C LEU A 484 -30.38 -18.83 21.71
N THR A 485 -29.20 -19.36 21.41
CA THR A 485 -29.16 -20.68 20.79
C THR A 485 -29.13 -21.81 21.83
N LEU A 486 -28.21 -21.75 22.79
CA LEU A 486 -27.87 -22.94 23.57
C LEU A 486 -28.70 -23.11 24.84
N THR A 487 -29.08 -22.03 25.52
CA THR A 487 -29.69 -22.17 26.85
C THR A 487 -31.09 -22.77 26.87
N PRO A 488 -31.99 -22.55 25.87
CA PRO A 488 -33.20 -23.39 25.83
C PRO A 488 -32.94 -24.87 25.67
N ALA A 489 -31.96 -25.26 24.84
CA ALA A 489 -31.61 -26.66 24.71
C ALA A 489 -30.98 -27.21 25.99
N LEU A 490 -30.21 -26.38 26.70
CA LEU A 490 -29.57 -26.83 27.93
C LEU A 490 -30.56 -26.99 29.07
N CYS A 491 -31.56 -26.10 29.15
CA CYS A 491 -32.60 -26.29 30.15
C CYS A 491 -33.72 -27.23 29.70
N ALA A 492 -33.71 -27.68 28.45
CA ALA A 492 -34.72 -28.63 27.99
C ALA A 492 -34.22 -30.07 28.04
N THR A 493 -33.00 -30.33 27.56
CA THR A 493 -32.53 -31.70 27.37
C THR A 493 -31.62 -32.20 28.49
N MET A 494 -31.24 -31.35 29.44
CA MET A 494 -30.39 -31.78 30.54
C MET A 494 -31.09 -31.85 31.88
N LEU A 495 -32.09 -31.01 32.12
CA LEU A 495 -32.79 -30.99 33.39
C LEU A 495 -33.76 -32.16 33.49
N LYS A 496 -34.20 -32.43 34.72
CA LYS A 496 -35.12 -33.51 35.00
C LYS A 496 -36.35 -32.98 35.73
N THR A 497 -37.39 -33.81 35.78
CA THR A 497 -38.64 -33.44 36.43
C THR A 497 -38.52 -33.67 37.93
N ILE A 498 -38.77 -32.59 38.65
CA ILE A 498 -38.62 -32.55 40.13
C ILE A 498 -39.50 -33.64 40.74
N PRO A 499 -38.97 -34.37 41.73
CA PRO A 499 -39.81 -35.39 42.39
C PRO A 499 -40.94 -34.59 43.05
N LYS A 500 -42.18 -35.06 42.99
CA LYS A 500 -43.29 -34.26 43.59
C LYS A 500 -43.43 -34.52 45.09
N GLY A 501 -42.43 -34.14 45.87
CA GLY A 501 -42.43 -34.21 47.34
C GLY A 501 -42.15 -32.82 47.91
N HIS A 502 -41.79 -31.87 47.06
CA HIS A 502 -41.50 -30.49 47.51
C HIS A 502 -40.49 -30.51 48.66
N HIS A 503 -39.30 -31.05 48.42
CA HIS A 503 -38.24 -31.16 49.47
C HIS A 503 -37.98 -29.77 50.08
N GLU A 504 -37.86 -29.67 51.39
CA GLU A 504 -37.64 -28.31 51.99
C GLU A 504 -36.43 -28.21 52.93
N GLU A 505 -36.54 -28.67 54.17
CA GLU A 505 -35.44 -28.54 55.17
C GLU A 505 -34.62 -29.83 55.26
N LYS A 506 -34.78 -30.77 54.33
CA LYS A 506 -34.05 -32.07 54.35
C LYS A 506 -32.53 -31.88 54.20
N LYS A 507 -32.06 -30.82 53.55
CA LYS A 507 -30.61 -30.59 53.32
C LYS A 507 -29.82 -30.43 54.63
N GLY A 508 -28.58 -30.89 54.60
CA GLY A 508 -27.63 -30.87 55.72
C GLY A 508 -27.11 -29.45 55.83
N PHE A 509 -25.89 -29.17 55.41
CA PHE A 509 -25.44 -27.75 55.48
C PHE A 509 -26.36 -26.91 54.59
N PHE A 510 -26.71 -27.38 53.39
CA PHE A 510 -27.57 -26.57 52.48
C PHE A 510 -28.90 -26.32 53.19
N GLY A 511 -29.33 -27.21 54.06
CA GLY A 511 -30.56 -26.93 54.83
C GLY A 511 -30.36 -25.68 55.68
N TRP A 512 -29.19 -25.55 56.32
CA TRP A 512 -28.87 -24.37 57.14
C TRP A 512 -28.83 -23.11 56.26
N PHE A 513 -28.18 -23.17 55.10
CA PHE A 513 -28.05 -22.07 54.15
C PHE A 513 -29.40 -21.64 53.60
N ASN A 514 -30.31 -22.60 53.37
CA ASN A 514 -31.64 -22.26 52.90
C ASN A 514 -32.46 -21.56 53.98
N LYS A 515 -32.28 -21.95 55.24
CA LYS A 515 -32.96 -21.28 56.34
C LYS A 515 -32.44 -19.85 56.53
N LYS A 516 -31.12 -19.67 56.42
CA LYS A 516 -30.54 -18.33 56.52
C LYS A 516 -30.96 -17.46 55.34
N PHE A 517 -31.08 -18.05 54.15
CA PHE A 517 -31.52 -17.29 52.98
C PHE A 517 -33.00 -16.91 53.09
N ASP A 518 -33.82 -17.79 53.68
CA ASP A 518 -35.22 -17.46 53.90
C ASP A 518 -35.38 -16.38 54.96
N SER A 519 -34.53 -16.41 56.00
CA SER A 519 -34.56 -15.35 57.01
C SER A 519 -34.11 -14.01 56.44
N TRP A 520 -33.08 -14.03 55.58
CA TRP A 520 -32.62 -12.81 54.92
C TRP A 520 -33.67 -12.27 53.94
N THR A 521 -34.38 -13.17 53.27
CA THR A 521 -35.45 -12.75 52.35
C THR A 521 -36.63 -12.16 53.11
N HIS A 522 -36.94 -12.72 54.28
CA HIS A 522 -38.01 -12.18 55.12
C HIS A 522 -37.64 -10.80 55.67
N GLY A 523 -36.38 -10.64 56.10
CA GLY A 523 -35.92 -9.33 56.53
C GLY A 523 -35.88 -8.32 55.41
N TYR A 524 -35.55 -8.76 54.19
CA TYR A 524 -35.55 -7.89 53.02
C TYR A 524 -36.96 -7.43 52.67
N GLU A 525 -37.92 -8.35 52.67
CA GLU A 525 -39.29 -7.98 52.35
C GLU A 525 -39.96 -7.22 53.48
N GLY A 526 -39.41 -7.31 54.70
CA GLY A 526 -39.87 -6.44 55.77
C GLY A 526 -39.29 -5.05 55.70
N ARG A 527 -38.05 -4.92 55.22
CA ARG A 527 -37.41 -3.61 55.18
C ARG A 527 -37.77 -2.80 53.93
N VAL A 528 -38.06 -3.48 52.81
CA VAL A 528 -38.31 -2.78 51.54
C VAL A 528 -39.59 -1.96 51.61
N ALA A 529 -40.64 -2.51 52.23
CA ALA A 529 -41.88 -1.75 52.40
C ALA A 529 -41.70 -0.58 53.36
N LYS A 530 -40.82 -0.72 54.36
CA LYS A 530 -40.54 0.38 55.26
C LYS A 530 -39.73 1.48 54.58
N VAL A 531 -38.89 1.12 53.61
CA VAL A 531 -38.19 2.16 52.83
C VAL A 531 -39.16 2.87 51.90
N LEU A 532 -39.89 2.14 51.08
CA LEU A 532 -40.80 2.78 50.08
C LEU A 532 -42.06 3.37 50.73
N ARG A 533 -42.37 3.11 51.98
CA ARG A 533 -43.56 3.70 52.57
C ARG A 533 -43.41 5.19 52.86
N LYS A 534 -42.19 5.72 52.78
CA LYS A 534 -41.91 7.14 52.96
C LYS A 534 -41.03 7.57 51.79
N THR A 535 -41.64 8.18 50.77
CA THR A 535 -40.97 8.55 49.54
C THR A 535 -40.46 9.99 49.54
N PHE A 536 -40.19 10.56 50.70
CA PHE A 536 -39.70 11.93 50.81
C PHE A 536 -38.32 12.02 51.44
N ARG A 537 -38.09 11.31 52.54
CA ARG A 537 -36.81 11.40 53.23
C ARG A 537 -35.72 10.62 52.50
N MET A 538 -36.08 9.45 51.94
CA MET A 538 -35.11 8.64 51.23
C MET A 538 -34.69 9.30 49.91
N MET A 539 -35.55 10.15 49.34
CA MET A 539 -35.19 10.88 48.14
C MET A 539 -34.08 11.89 48.40
N VAL A 540 -34.17 12.64 49.51
CA VAL A 540 -33.12 13.60 49.81
C VAL A 540 -31.89 12.90 50.39
N VAL A 541 -32.06 11.70 50.98
CA VAL A 541 -30.89 10.89 51.33
C VAL A 541 -30.15 10.43 50.07
N TYR A 542 -30.90 10.04 49.02
CA TYR A 542 -30.27 9.67 47.76
C TYR A 542 -29.63 10.88 47.07
N ILE A 543 -30.25 12.06 47.22
CA ILE A 543 -29.67 13.29 46.66
C ILE A 543 -28.36 13.64 47.37
N GLY A 544 -28.33 13.48 48.70
CA GLY A 544 -27.10 13.69 49.44
C GLY A 544 -26.01 12.68 49.11
N LEU A 545 -26.39 11.41 48.91
CA LEU A 545 -25.44 10.40 48.49
C LEU A 545 -24.89 10.70 47.10
N ALA A 546 -25.75 11.23 46.22
CA ALA A 546 -25.32 11.62 44.87
C ALA A 546 -24.33 12.78 44.91
N VAL A 547 -24.61 13.81 45.71
CA VAL A 547 -23.73 14.98 45.70
C VAL A 547 -22.41 14.67 46.40
N VAL A 548 -22.43 13.82 47.43
CA VAL A 548 -21.15 13.42 48.01
C VAL A 548 -20.41 12.42 47.11
N GLY A 549 -21.12 11.69 46.25
CA GLY A 549 -20.43 10.86 45.27
C GLY A 549 -19.74 11.68 44.19
N VAL A 550 -20.40 12.73 43.71
CA VAL A 550 -19.77 13.64 42.75
C VAL A 550 -18.63 14.42 43.43
N PHE A 551 -18.76 14.73 44.72
CA PHE A 551 -17.69 15.43 45.43
C PHE A 551 -16.48 14.53 45.65
N LEU A 552 -16.71 13.25 45.98
CA LEU A 552 -15.61 12.31 46.16
C LEU A 552 -15.01 11.86 44.83
N PHE A 553 -15.75 11.95 43.72
CA PHE A 553 -15.19 11.61 42.42
C PHE A 553 -14.21 12.68 41.94
N MET A 554 -14.48 13.94 42.23
CA MET A 554 -13.65 15.04 41.78
C MET A 554 -12.48 15.34 42.72
N ARG A 555 -12.30 14.55 43.77
CA ARG A 555 -11.19 14.73 44.71
C ARG A 555 -10.09 13.70 44.49
N LEU A 556 -9.84 13.34 43.23
CA LEU A 556 -8.83 12.36 42.89
C LEU A 556 -7.75 12.99 42.01
N PRO A 557 -6.48 12.61 42.19
CA PRO A 557 -5.41 13.13 41.33
C PRO A 557 -5.51 12.57 39.92
N THR A 558 -5.65 13.47 38.95
CA THR A 558 -5.81 13.05 37.57
C THR A 558 -4.48 12.58 36.99
N SER A 559 -4.40 11.29 36.64
CA SER A 559 -3.21 10.72 36.02
C SER A 559 -3.67 9.81 34.88
N PHE A 560 -2.71 9.14 34.25
CA PHE A 560 -3.01 8.24 33.15
C PHE A 560 -2.69 6.79 33.50
N LEU A 561 -1.46 6.49 33.90
CA LEU A 561 -1.04 5.13 34.18
C LEU A 561 -0.12 5.12 35.40
N PRO A 562 -0.27 4.13 36.29
CA PRO A 562 0.64 4.03 37.43
C PRO A 562 1.99 3.48 37.01
N THR A 563 2.98 3.70 37.88
CA THR A 563 4.34 3.24 37.64
C THR A 563 4.48 1.83 38.18
N GLU A 564 4.67 0.87 37.28
CA GLU A 564 4.79 -0.54 37.64
C GLU A 564 6.24 -0.98 37.50
N ASP A 565 6.75 -1.69 38.50
CA ASP A 565 8.10 -2.21 38.44
C ASP A 565 8.17 -3.39 37.48
N GLN A 566 9.26 -3.45 36.71
CA GLN A 566 9.47 -4.52 35.75
C GLN A 566 10.71 -5.34 36.05
N GLY A 567 11.41 -5.08 37.14
CA GLY A 567 12.60 -5.81 37.50
C GLY A 567 13.91 -5.11 37.21
N PHE A 568 13.87 -3.88 36.68
CA PHE A 568 15.08 -3.15 36.32
C PHE A 568 14.86 -1.67 36.57
N VAL A 569 15.96 -0.98 36.88
CA VAL A 569 15.97 0.48 37.04
C VAL A 569 17.20 1.00 36.31
N MET A 570 17.01 2.05 35.50
CA MET A 570 18.09 2.61 34.71
C MET A 570 18.69 3.82 35.41
N VAL A 571 20.00 3.91 35.40
CA VAL A 571 20.72 5.03 36.00
C VAL A 571 21.51 5.74 34.90
N SER A 572 21.70 7.05 35.06
CA SER A 572 22.51 7.84 34.17
C SER A 572 23.59 8.56 34.97
N VAL A 573 24.76 8.72 34.35
CA VAL A 573 25.89 9.39 34.97
C VAL A 573 26.32 10.51 34.04
N GLN A 574 26.26 11.74 34.54
CA GLN A 574 26.54 12.93 33.74
C GLN A 574 27.66 13.73 34.41
N LEU A 575 28.88 13.54 33.94
CA LEU A 575 30.00 14.34 34.41
C LEU A 575 29.91 15.75 33.83
N PRO A 576 30.57 16.73 34.46
CA PRO A 576 30.63 18.08 33.86
C PRO A 576 31.40 18.08 32.55
N ALA A 577 31.18 19.14 31.77
CA ALA A 577 31.72 19.22 30.42
C ALA A 577 33.22 19.43 30.44
N GLY A 578 33.91 18.74 29.54
CA GLY A 578 35.36 18.76 29.48
C GLY A 578 36.04 17.57 30.12
N ALA A 579 35.31 16.50 30.41
CA ALA A 579 35.87 15.32 31.05
C ALA A 579 36.17 14.23 30.02
N THR A 580 37.16 13.40 30.34
CA THR A 580 37.58 12.32 29.46
C THR A 580 36.84 11.04 29.85
N LYS A 581 37.26 9.91 29.29
CA LYS A 581 36.66 8.61 29.59
C LYS A 581 37.32 7.92 30.77
N GLU A 582 38.54 8.32 31.14
CA GLU A 582 39.24 7.67 32.24
C GLU A 582 38.64 8.01 33.59
N ARG A 583 38.04 9.19 33.73
CA ARG A 583 37.29 9.52 34.95
C ARG A 583 35.88 8.96 34.93
N THR A 584 35.28 8.86 33.74
CA THR A 584 33.95 8.26 33.61
C THR A 584 33.97 6.78 33.94
N ASP A 585 35.05 6.09 33.56
CA ASP A 585 35.19 4.67 33.88
C ASP A 585 35.34 4.45 35.38
N ALA A 586 36.10 5.32 36.06
CA ALA A 586 36.23 5.22 37.52
C ALA A 586 34.93 5.57 38.21
N THR A 587 34.17 6.53 37.68
CA THR A 587 32.86 6.85 38.24
C THR A 587 31.89 5.68 38.08
N LEU A 588 31.92 5.01 36.93
CA LEU A 588 31.06 3.85 36.72
C LEU A 588 31.50 2.67 37.57
N ALA A 589 32.80 2.52 37.83
CA ALA A 589 33.26 1.47 38.72
C ALA A 589 32.84 1.75 40.16
N GLN A 590 32.85 3.03 40.57
CA GLN A 590 32.36 3.40 41.88
C GLN A 590 30.85 3.16 42.00
N VAL A 591 30.10 3.44 40.93
CA VAL A 591 28.66 3.18 40.90
C VAL A 591 28.40 1.67 40.99
N THR A 592 29.22 0.86 40.32
CA THR A 592 29.06 -0.58 40.36
C THR A 592 29.38 -1.15 41.75
N GLN A 593 30.46 -0.67 42.38
CA GLN A 593 30.78 -1.18 43.72
C GLN A 593 29.86 -0.62 44.79
N LEU A 594 29.17 0.49 44.52
CA LEU A 594 28.15 0.96 45.45
C LEU A 594 26.85 0.18 45.28
N ALA A 595 26.49 -0.16 44.04
CA ALA A 595 25.27 -0.91 43.79
C ALA A 595 25.41 -2.41 44.08
N LYS A 596 26.65 -2.91 44.18
CA LYS A 596 26.85 -4.31 44.53
C LYS A 596 26.56 -4.59 46.00
N SER A 597 26.50 -3.57 46.84
CA SER A 597 26.22 -3.73 48.26
C SER A 597 24.73 -3.78 48.58
N ILE A 598 23.87 -3.80 47.57
CA ILE A 598 22.43 -3.89 47.74
C ILE A 598 22.01 -5.33 47.44
N PRO A 599 21.36 -6.03 48.38
CA PRO A 599 21.01 -7.43 48.13
C PRO A 599 19.84 -7.63 47.16
N GLU A 600 19.10 -6.57 46.85
CA GLU A 600 17.94 -6.66 45.96
C GLU A 600 18.29 -6.30 44.52
N ILE A 601 19.56 -6.44 44.13
CA ILE A 601 20.02 -6.14 42.78
C ILE A 601 20.74 -7.36 42.24
N GLU A 602 20.28 -7.88 41.10
CA GLU A 602 20.94 -9.03 40.49
C GLU A 602 22.24 -8.63 39.80
N ASN A 603 22.15 -7.75 38.80
CA ASN A 603 23.32 -7.42 37.99
C ASN A 603 23.31 -5.97 37.56
N ILE A 604 24.48 -5.50 37.13
CA ILE A 604 24.68 -4.14 36.63
C ILE A 604 25.26 -4.25 35.23
N ILE A 605 24.56 -3.67 34.25
CA ILE A 605 25.07 -3.53 32.89
C ILE A 605 25.56 -2.10 32.73
N THR A 606 26.84 -1.94 32.41
CA THR A 606 27.48 -0.64 32.35
C THR A 606 28.00 -0.39 30.95
N VAL A 607 27.53 0.69 30.32
CA VAL A 607 28.00 1.11 29.00
C VAL A 607 28.45 2.57 29.11
N SER A 608 29.64 2.85 28.58
CA SER A 608 30.24 4.17 28.67
C SER A 608 30.25 4.83 27.30
N GLY A 609 30.26 6.17 27.31
CA GLY A 609 30.29 6.92 26.07
C GLY A 609 28.99 6.99 25.32
N PHE A 610 27.88 6.59 25.94
CA PHE A 610 26.59 6.59 25.26
C PHE A 610 25.49 6.71 26.31
N SER A 611 24.50 7.56 26.03
CA SER A 611 23.35 7.74 26.91
C SER A 611 22.13 8.03 26.05
N PHE A 612 21.00 8.27 26.72
CA PHE A 612 19.76 8.58 26.03
C PHE A 612 19.58 10.07 25.76
N SER A 613 20.21 10.93 26.56
CA SER A 613 20.11 12.37 26.32
C SER A 613 20.98 12.79 25.14
N GLY A 614 22.21 12.31 25.10
CA GLY A 614 23.11 12.63 24.01
C GLY A 614 24.25 11.64 23.87
N SER A 615 25.43 12.13 23.53
CA SER A 615 26.61 11.28 23.38
C SER A 615 27.85 12.07 23.74
N GLY A 616 28.86 11.38 24.23
CA GLY A 616 30.10 12.01 24.62
C GLY A 616 30.82 11.20 25.66
N GLN A 617 32.08 11.58 25.88
CA GLN A 617 32.94 10.87 26.84
C GLN A 617 32.63 11.25 28.29
N ASN A 618 31.87 12.30 28.52
CA ASN A 618 31.54 12.74 29.87
C ASN A 618 30.13 12.31 30.31
N MET A 619 29.53 11.34 29.62
CA MET A 619 28.22 10.85 29.99
C MET A 619 28.15 9.35 29.74
N ALA A 620 27.34 8.68 30.54
CA ALA A 620 27.16 7.23 30.43
C ALA A 620 25.83 6.85 31.05
N MET A 621 25.45 5.59 30.87
CA MET A 621 24.22 5.07 31.44
C MET A 621 24.45 3.63 31.88
N GLY A 622 23.46 3.10 32.61
CA GLY A 622 23.56 1.75 33.12
C GLY A 622 22.20 1.19 33.44
N PHE A 623 22.13 -0.14 33.43
CA PHE A 623 20.89 -0.87 33.71
C PHE A 623 21.11 -1.75 34.93
N ALA A 624 20.37 -1.47 36.01
CA ALA A 624 20.48 -2.23 37.25
C ALA A 624 19.30 -3.21 37.31
N ILE A 625 19.54 -4.45 36.91
CA ILE A 625 18.49 -5.47 36.91
C ILE A 625 18.44 -6.13 38.28
N LEU A 626 17.23 -6.24 38.82
CA LEU A 626 16.99 -6.70 40.18
C LEU A 626 16.64 -8.19 40.17
N LYS A 627 16.20 -8.70 41.33
CA LYS A 627 15.87 -10.10 41.48
C LYS A 627 14.43 -10.35 41.02
N ASP A 628 13.93 -11.55 41.28
CA ASP A 628 12.57 -11.92 40.89
C ASP A 628 11.56 -11.31 41.86
N TRP A 629 10.28 -11.45 41.51
CA TRP A 629 9.22 -10.85 42.31
C TRP A 629 8.92 -11.63 43.58
N ASN A 630 9.04 -12.96 43.54
CA ASN A 630 8.80 -13.75 44.74
C ASN A 630 9.95 -13.65 45.72
N GLU A 631 11.15 -13.29 45.24
CA GLU A 631 12.28 -13.08 46.14
C GLU A 631 12.25 -11.69 46.77
N ARG A 632 11.74 -10.70 46.05
CA ARG A 632 11.66 -9.33 46.56
C ARG A 632 10.28 -9.07 47.18
N THR A 633 9.96 -9.84 48.21
CA THR A 633 8.72 -9.71 48.95
C THR A 633 9.05 -9.10 50.31
N ALA A 634 9.10 -7.77 50.34
CA ALA A 634 9.41 -7.02 51.55
C ALA A 634 8.84 -5.62 51.39
N SER A 635 9.12 -4.75 52.37
CA SER A 635 8.67 -3.36 52.27
C SER A 635 9.54 -2.57 51.30
N GLY A 636 10.85 -2.50 51.56
CA GLY A 636 11.76 -1.81 50.68
C GLY A 636 12.41 -2.72 49.66
N SER A 637 11.61 -3.28 48.76
CA SER A 637 12.13 -4.19 47.75
C SER A 637 11.62 -3.93 46.34
N ASP A 638 10.82 -2.88 46.13
CA ASP A 638 10.31 -2.57 44.80
C ASP A 638 11.29 -1.62 44.09
N ALA A 639 10.86 -1.06 42.95
CA ALA A 639 11.75 -0.24 42.15
C ALA A 639 11.97 1.15 42.74
N VAL A 640 10.98 1.69 43.45
CA VAL A 640 11.12 3.02 44.03
C VAL A 640 11.98 3.02 45.29
N ALA A 641 12.22 1.86 45.89
CA ALA A 641 13.08 1.77 47.06
C ALA A 641 14.54 1.55 46.72
N VAL A 642 14.82 0.88 45.60
CA VAL A 642 16.20 0.68 45.17
C VAL A 642 16.77 1.98 44.61
N ALA A 643 15.97 2.71 43.82
CA ALA A 643 16.41 3.97 43.23
C ALA A 643 16.67 5.05 44.26
N GLY A 644 15.89 5.09 45.33
CA GLY A 644 16.11 6.05 46.39
C GLY A 644 17.40 5.82 47.15
N LYS A 645 17.68 4.55 47.46
CA LYS A 645 18.95 4.21 48.12
C LYS A 645 20.13 4.44 47.19
N LEU A 646 19.95 4.19 45.88
CA LEU A 646 21.01 4.46 44.92
C LEU A 646 21.28 5.96 44.80
N THR A 647 20.22 6.77 44.82
CA THR A 647 20.38 8.22 44.78
C THR A 647 21.04 8.74 46.05
N GLY A 648 20.71 8.15 47.20
CA GLY A 648 21.36 8.53 48.45
C GLY A 648 22.83 8.17 48.48
N MET A 649 23.19 6.99 47.98
CA MET A 649 24.60 6.60 47.94
C MET A 649 25.39 7.42 46.91
N MET A 650 24.78 7.75 45.78
CA MET A 650 25.42 8.59 44.78
C MET A 650 25.47 10.06 45.18
N MET A 651 24.65 10.46 46.16
CA MET A 651 24.82 11.79 46.74
C MET A 651 25.83 11.78 47.88
N GLY A 652 26.00 10.64 48.54
CA GLY A 652 26.93 10.54 49.65
C GLY A 652 28.38 10.33 49.28
N THR A 653 28.70 9.26 48.55
CA THR A 653 30.08 8.86 48.34
C THR A 653 30.49 8.92 46.88
N LEU A 654 29.93 9.85 46.12
CA LEU A 654 30.15 9.96 44.68
C LEU A 654 30.37 11.42 44.28
N LYS A 655 31.36 12.08 44.89
CA LYS A 655 31.63 13.50 44.59
C LYS A 655 32.12 13.60 43.14
N ASP A 656 31.18 13.96 42.28
CA ASP A 656 31.23 13.80 40.83
C ASP A 656 30.08 14.61 40.24
N GLY A 657 29.74 14.33 38.98
CA GLY A 657 28.44 14.74 38.47
C GLY A 657 27.30 14.12 39.25
N PHE A 658 26.10 14.68 39.04
CA PHE A 658 24.97 14.46 39.95
C PHE A 658 24.48 13.01 39.92
N GLY A 659 24.40 12.40 38.74
CA GLY A 659 24.09 11.00 38.59
C GLY A 659 22.75 10.55 39.13
N ILE A 660 21.66 11.01 38.55
CA ILE A 660 20.33 10.74 39.08
C ILE A 660 19.88 9.35 38.64
N ALA A 661 19.21 8.65 39.55
CA ALA A 661 18.59 7.36 39.28
C ALA A 661 17.08 7.51 39.29
N VAL A 662 16.42 6.96 38.28
CA VAL A 662 14.98 7.12 38.13
C VAL A 662 14.41 5.83 37.57
N VAL A 663 13.18 5.52 37.95
CA VAL A 663 12.44 4.39 37.39
C VAL A 663 11.83 4.86 36.07
N PRO A 664 12.06 4.16 34.96
CA PRO A 664 11.55 4.62 33.68
C PRO A 664 10.04 4.39 33.58
N PRO A 665 9.33 5.24 32.84
CA PRO A 665 7.91 4.99 32.62
C PRO A 665 7.73 3.82 31.67
N PRO A 666 6.59 3.11 31.75
CA PRO A 666 6.38 1.98 30.83
C PRO A 666 6.17 2.39 29.39
N ILE A 667 5.51 3.53 29.15
CA ILE A 667 5.36 4.08 27.82
C ILE A 667 5.86 5.53 27.87
N LEU A 668 6.88 5.83 27.07
CA LEU A 668 7.51 7.15 27.14
C LEU A 668 6.66 8.21 26.44
N GLU A 669 5.86 7.81 25.46
CA GLU A 669 5.06 8.77 24.69
C GLU A 669 3.88 9.32 25.49
N LEU A 670 3.53 8.70 26.62
CA LEU A 670 2.39 9.14 27.41
C LEU A 670 2.77 10.07 28.55
N GLY A 671 4.06 10.31 28.76
CA GLY A 671 4.51 11.22 29.79
C GLY A 671 4.38 10.64 31.19
N ASN A 672 4.82 11.44 32.17
CA ASN A 672 4.72 11.11 33.59
C ASN A 672 4.10 12.29 34.33
N GLY A 673 2.76 12.32 34.36
CA GLY A 673 2.04 13.42 34.95
C GLY A 673 2.22 14.71 34.19
N SER A 674 2.97 15.64 34.79
CA SER A 674 3.32 16.89 34.12
C SER A 674 4.35 16.61 33.04
N GLY A 675 4.02 16.96 31.79
CA GLY A 675 4.92 16.71 30.68
C GLY A 675 5.18 17.93 29.83
N LEU A 676 5.28 19.10 30.47
CA LEU A 676 5.47 20.35 29.75
C LEU A 676 6.91 20.44 29.25
N SER A 677 7.07 20.47 27.93
CA SER A 677 8.37 20.62 27.29
C SER A 677 8.34 21.85 26.41
N ILE A 678 9.30 22.76 26.62
CA ILE A 678 9.36 24.04 25.91
C ILE A 678 10.57 24.02 24.99
N ASN A 679 10.38 24.47 23.75
CA ASN A 679 11.46 24.55 22.77
C ASN A 679 11.54 26.00 22.30
N LEU A 680 12.42 26.79 22.90
CA LEU A 680 12.59 28.18 22.52
C LEU A 680 13.38 28.25 21.21
N GLN A 681 12.77 28.83 20.19
CA GLN A 681 13.37 28.93 18.86
C GLN A 681 13.94 30.32 18.64
N ASP A 682 14.58 30.50 17.48
CA ASP A 682 15.16 31.79 17.09
C ASP A 682 14.88 31.96 15.60
N ARG A 683 13.87 32.76 15.28
CA ARG A 683 13.39 32.92 13.92
C ARG A 683 14.18 33.95 13.11
N ASN A 684 15.18 34.59 13.71
CA ASN A 684 15.98 35.58 13.01
C ASN A 684 17.46 35.24 12.96
N ASN A 685 17.87 34.12 13.57
CA ASN A 685 19.25 33.64 13.65
C ASN A 685 20.17 34.69 14.27
N THR A 686 19.84 35.07 15.51
CA THR A 686 20.58 36.07 16.25
C THR A 686 21.78 35.51 17.00
N GLY A 687 22.02 34.21 16.91
CA GLY A 687 23.15 33.58 17.56
C GLY A 687 22.70 32.59 18.63
N HIS A 688 23.66 32.18 19.45
CA HIS A 688 23.42 31.22 20.51
C HIS A 688 23.40 31.82 21.91
N THR A 689 24.20 32.86 22.16
CA THR A 689 24.24 33.47 23.49
C THR A 689 22.97 34.26 23.78
N ALA A 690 22.37 34.88 22.76
CA ALA A 690 21.12 35.60 22.95
C ALA A 690 19.97 34.64 23.24
N LEU A 691 19.97 33.47 22.59
CA LEU A 691 18.96 32.47 22.86
C LEU A 691 19.14 31.87 24.26
N LEU A 692 20.38 31.73 24.71
CA LEU A 692 20.63 31.25 26.07
C LEU A 692 20.21 32.29 27.10
N ALA A 693 20.40 33.59 26.77
CA ALA A 693 19.96 34.65 27.67
C ALA A 693 18.44 34.71 27.74
N LYS A 694 17.77 34.50 26.60
CA LYS A 694 16.31 34.46 26.62
C LYS A 694 15.78 33.23 27.33
N ARG A 695 16.48 32.11 27.25
CA ARG A 695 16.10 30.91 27.99
C ARG A 695 16.27 31.11 29.50
N ASN A 696 17.37 31.79 29.90
CA ASN A 696 17.57 32.10 31.32
C ASN A 696 16.52 33.09 31.83
N GLU A 697 16.13 34.05 30.99
CA GLU A 697 15.08 34.99 31.36
C GLU A 697 13.73 34.29 31.49
N LEU A 698 13.45 33.34 30.60
CA LEU A 698 12.21 32.56 30.70
C LEU A 698 12.23 31.65 31.92
N ILE A 699 13.40 31.10 32.28
CA ILE A 699 13.52 30.29 33.48
C ILE A 699 13.27 31.13 34.73
N GLN A 700 13.83 32.35 34.76
CA GLN A 700 13.64 33.25 35.90
C GLN A 700 12.20 33.71 36.02
N LYS A 701 11.56 34.03 34.88
CA LYS A 701 10.16 34.43 34.91
C LYS A 701 9.22 33.27 35.19
N MET A 702 9.65 32.03 34.91
CA MET A 702 8.84 30.85 35.23
C MET A 702 8.96 30.50 36.70
N ARG A 703 10.14 30.69 37.30
CA ARG A 703 10.33 30.41 38.71
C ARG A 703 9.83 31.53 39.61
N ALA A 704 9.80 32.76 39.12
CA ALA A 704 9.34 33.90 39.91
C ALA A 704 7.85 34.17 39.75
N SER A 705 7.14 33.38 38.95
CA SER A 705 5.72 33.61 38.75
C SER A 705 4.90 33.10 39.93
N GLY A 706 5.17 31.87 40.37
CA GLY A 706 4.44 31.27 41.48
C GLY A 706 3.60 30.08 41.09
N LEU A 707 3.36 29.85 39.80
CA LEU A 707 2.56 28.73 39.33
C LEU A 707 3.39 27.47 39.13
N PHE A 708 4.70 27.51 39.38
CA PHE A 708 5.58 26.38 39.14
C PHE A 708 6.51 26.20 40.33
N ASP A 709 6.93 24.95 40.54
CA ASP A 709 7.86 24.65 41.62
C ASP A 709 9.27 25.07 41.20
N PRO A 710 9.96 25.87 42.01
CA PRO A 710 11.29 26.36 41.59
C PRO A 710 12.40 25.33 41.70
N SER A 711 12.15 24.17 42.30
CA SER A 711 13.17 23.14 42.47
C SER A 711 13.23 22.17 41.29
N THR A 712 12.36 22.32 40.30
CA THR A 712 12.33 21.42 39.16
C THR A 712 12.38 22.10 37.81
N VAL A 713 12.22 23.42 37.74
CA VAL A 713 12.31 24.15 36.48
C VAL A 713 13.79 24.28 36.12
N ARG A 714 14.22 23.52 35.13
CA ARG A 714 15.61 23.53 34.70
C ARG A 714 15.68 23.18 33.22
N ALA A 715 16.68 23.74 32.54
CA ALA A 715 16.88 23.48 31.12
C ALA A 715 17.52 22.11 30.93
N GLY A 716 16.83 21.22 30.22
CA GLY A 716 17.35 19.89 29.98
C GLY A 716 18.32 19.88 28.83
N GLY A 717 19.45 19.19 29.03
CA GLY A 717 20.48 19.11 28.01
C GLY A 717 21.88 19.13 28.56
N LEU A 718 22.75 19.96 27.99
CA LEU A 718 24.13 20.05 28.43
C LEU A 718 24.50 21.48 28.78
N GLU A 719 25.78 21.73 29.05
CA GLU A 719 26.28 23.05 29.38
C GLU A 719 27.42 23.42 28.44
N ASP A 720 27.80 24.69 28.46
CA ASP A 720 28.86 25.18 27.60
C ASP A 720 30.23 24.84 28.19
N SER A 721 31.16 24.45 27.32
CA SER A 721 32.48 24.01 27.71
C SER A 721 33.56 24.95 27.19
N PRO A 722 34.72 24.99 27.84
CA PRO A 722 35.85 25.72 27.27
C PRO A 722 36.39 25.01 26.03
N GLN A 723 36.33 25.70 24.89
CA GLN A 723 36.80 25.18 23.63
C GLN A 723 37.87 26.11 23.06
N LEU A 724 38.47 25.67 21.95
CA LEU A 724 39.52 26.42 21.28
C LEU A 724 38.98 27.02 19.97
N LYS A 725 39.47 28.22 19.66
CA LYS A 725 39.10 28.94 18.44
C LYS A 725 40.38 29.44 17.79
N ILE A 726 40.66 28.97 16.57
CA ILE A 726 41.89 29.35 15.88
C ILE A 726 41.81 30.78 15.39
N ASP A 727 40.84 31.05 14.50
CA ASP A 727 40.52 32.37 13.94
C ASP A 727 41.73 33.00 13.25
N ILE A 728 42.12 32.37 12.13
CA ILE A 728 43.23 32.84 11.34
C ILE A 728 42.87 34.18 10.68
N ASN A 729 43.89 35.01 10.47
CA ASN A 729 43.74 36.35 9.94
C ASN A 729 44.15 36.37 8.48
N ARG A 730 43.30 36.96 7.63
CA ARG A 730 43.57 37.00 6.20
C ARG A 730 44.66 38.01 5.85
N ALA A 731 44.73 39.13 6.58
CA ALA A 731 45.79 40.10 6.35
C ALA A 731 47.13 39.58 6.84
N ALA A 732 47.14 38.76 7.89
CA ALA A 732 48.36 38.09 8.33
C ALA A 732 48.73 36.94 7.41
N ALA A 733 47.76 36.37 6.69
CA ALA A 733 48.07 35.35 5.70
C ALA A 733 48.76 35.96 4.47
N ALA A 734 48.44 37.21 4.16
CA ALA A 734 49.12 37.91 3.08
C ALA A 734 50.49 38.38 3.54
N ALA A 735 51.37 38.63 2.54
CA ALA A 735 52.76 39.06 2.71
C ALA A 735 53.58 38.10 3.58
N GLN A 736 53.22 36.81 3.59
CA GLN A 736 53.98 35.81 4.31
C GLN A 736 54.20 34.53 3.53
N GLY A 737 53.46 34.30 2.44
CA GLY A 737 53.62 33.13 1.60
C GLY A 737 52.69 31.97 1.93
N VAL A 738 51.97 32.03 3.06
CA VAL A 738 51.11 30.93 3.45
C VAL A 738 49.83 30.95 2.62
N SER A 739 49.40 29.77 2.19
CA SER A 739 48.15 29.61 1.46
C SER A 739 47.03 29.25 2.44
N PHE A 740 45.89 28.83 1.92
CA PHE A 740 44.79 28.36 2.75
C PHE A 740 44.67 26.85 2.79
N ALA A 741 44.99 26.17 1.69
CA ALA A 741 44.81 24.72 1.60
C ALA A 741 45.81 23.97 2.48
N ASP A 742 47.04 24.49 2.60
CA ASP A 742 48.04 23.83 3.44
C ASP A 742 47.69 23.96 4.92
N ILE A 743 47.19 25.12 5.34
CA ILE A 743 46.75 25.31 6.71
C ILE A 743 45.51 24.48 7.00
N ARG A 744 44.62 24.35 6.00
CA ARG A 744 43.42 23.52 6.17
C ARG A 744 43.78 22.04 6.30
N THR A 745 44.72 21.56 5.49
CA THR A 745 45.14 20.16 5.60
C THR A 745 45.93 19.90 6.86
N ALA A 746 46.71 20.89 7.34
CA ALA A 746 47.43 20.74 8.59
C ALA A 746 46.47 20.69 9.78
N LEU A 747 45.41 21.51 9.74
CA LEU A 747 44.41 21.45 10.80
C LEU A 747 43.57 20.19 10.73
N ALA A 748 43.36 19.65 9.52
CA ALA A 748 42.58 18.43 9.38
C ALA A 748 43.37 17.18 9.74
N SER A 749 44.69 17.21 9.57
CA SER A 749 45.54 16.06 9.85
C SER A 749 46.30 16.17 11.17
N ALA A 750 46.18 17.29 11.87
CA ALA A 750 46.91 17.45 13.13
C ALA A 750 46.24 16.67 14.27
N LEU A 751 44.92 16.71 14.35
CA LEU A 751 44.20 16.09 15.47
C LEU A 751 43.19 15.03 15.06
N SER A 752 42.61 15.09 13.87
CA SER A 752 41.57 14.17 13.45
C SER A 752 42.17 13.02 12.64
N SER A 753 41.36 11.99 12.43
CA SER A 753 41.77 10.81 11.68
C SER A 753 41.47 11.01 10.20
N SER A 754 41.59 9.93 9.42
CA SER A 754 41.35 10.00 7.98
C SER A 754 40.91 8.63 7.50
N TYR A 755 40.37 8.62 6.27
CA TYR A 755 39.93 7.39 5.60
C TYR A 755 40.65 7.33 4.27
N VAL A 756 41.63 6.45 4.16
CA VAL A 756 42.46 6.37 2.96
C VAL A 756 41.93 5.31 2.01
N SER A 757 41.94 4.05 2.45
CA SER A 757 41.57 2.93 1.58
C SER A 757 41.13 1.76 2.44
N ASP A 758 40.95 0.61 1.79
CA ASP A 758 40.58 -0.63 2.45
C ASP A 758 41.66 -1.68 2.26
N PHE A 759 41.61 -2.72 3.09
CA PHE A 759 42.52 -3.85 3.02
C PHE A 759 41.75 -5.12 3.31
N PRO A 760 42.11 -6.24 2.70
CA PRO A 760 41.41 -7.50 2.97
C PRO A 760 41.95 -8.18 4.23
N ASN A 761 41.05 -8.45 5.17
CA ASN A 761 41.35 -9.23 6.37
C ASN A 761 40.35 -10.37 6.43
N GLN A 762 40.86 -11.61 6.33
CA GLN A 762 40.09 -12.85 6.42
C GLN A 762 38.96 -12.91 5.38
N GLY A 763 39.17 -12.29 4.23
CA GLY A 763 38.16 -12.24 3.20
C GLY A 763 37.16 -11.12 3.32
N ARG A 764 37.44 -10.09 4.11
CA ARG A 764 36.53 -8.95 4.24
C ARG A 764 37.30 -7.65 4.16
N LEU A 765 36.77 -6.69 3.41
CA LEU A 765 37.43 -5.40 3.25
C LEU A 765 37.18 -4.53 4.48
N GLN A 766 38.25 -4.12 5.15
CA GLN A 766 38.17 -3.27 6.31
C GLN A 766 38.96 -1.99 6.08
N ARG A 767 38.63 -0.96 6.85
CA ARG A 767 39.18 0.37 6.60
C ARG A 767 40.62 0.49 7.11
N VAL A 768 41.35 1.41 6.51
CA VAL A 768 42.70 1.79 6.95
C VAL A 768 42.67 3.26 7.32
N MET A 769 42.89 3.55 8.60
CA MET A 769 42.80 4.90 9.12
C MET A 769 44.17 5.37 9.60
N VAL A 770 44.42 6.67 9.48
CA VAL A 770 45.70 7.29 9.84
C VAL A 770 45.42 8.38 10.86
N GLN A 771 46.09 8.31 12.00
CA GLN A 771 45.91 9.29 13.07
C GLN A 771 47.28 9.55 13.71
N ALA A 772 47.33 10.52 14.61
CA ALA A 772 48.55 10.83 15.34
C ALA A 772 48.85 9.73 16.36
N ASP A 773 50.06 9.77 16.91
CA ASP A 773 50.55 8.68 17.75
C ASP A 773 50.19 8.86 19.22
N GLY A 774 48.92 9.15 19.49
CA GLY A 774 48.46 9.24 20.87
C GLY A 774 48.86 10.51 21.58
N ASP A 775 50.16 10.66 21.87
CA ASP A 775 50.65 11.76 22.69
C ASP A 775 50.67 13.10 21.97
N ALA A 776 50.43 13.13 20.66
CA ALA A 776 50.48 14.39 19.92
C ALA A 776 49.22 15.21 20.11
N ARG A 777 48.05 14.57 20.13
CA ARG A 777 46.78 15.27 20.28
C ARG A 777 46.28 15.18 21.73
N MET A 778 47.04 15.76 22.65
CA MET A 778 46.67 15.71 24.06
C MET A 778 46.48 17.08 24.69
N GLN A 779 47.44 17.99 24.55
CA GLN A 779 47.41 19.28 25.22
C GLN A 779 47.19 20.39 24.19
N PRO A 780 46.68 21.56 24.61
CA PRO A 780 46.53 22.66 23.65
C PRO A 780 47.82 23.39 23.31
N ALA A 781 48.97 22.95 23.82
CA ALA A 781 50.24 23.63 23.59
C ALA A 781 51.07 22.99 22.49
N ASP A 782 50.49 22.09 21.68
CA ASP A 782 51.22 21.47 20.58
C ASP A 782 50.71 21.86 19.21
N ILE A 783 49.53 22.50 19.11
CA ILE A 783 49.00 22.94 17.83
C ILE A 783 49.55 24.29 17.41
N LEU A 784 50.42 24.90 18.21
CA LEU A 784 51.05 26.17 17.88
C LEU A 784 52.30 26.01 17.03
N ASN A 785 52.68 24.78 16.70
CA ASN A 785 53.90 24.46 15.96
C ASN A 785 53.57 23.56 14.78
N LEU A 786 52.55 23.94 14.00
CA LEU A 786 52.07 23.10 12.91
C LEU A 786 53.06 23.03 11.75
N THR A 787 53.93 24.03 11.61
CA THR A 787 54.97 24.13 10.58
C THR A 787 54.38 24.04 9.17
N VAL A 788 53.65 25.10 8.81
CA VAL A 788 53.04 25.31 7.50
C VAL A 788 54.11 25.21 6.41
N PRO A 789 53.85 24.51 5.30
CA PRO A 789 54.89 24.37 4.25
C PRO A 789 55.28 25.67 3.57
N ASN A 790 54.42 26.69 3.61
CA ASN A 790 54.76 28.08 3.23
C ASN A 790 55.15 28.20 1.76
N SER A 791 54.48 27.40 0.92
CA SER A 791 54.72 27.33 -0.54
C SER A 791 56.19 27.03 -0.84
N SER A 792 56.60 25.80 -0.46
CA SER A 792 57.97 25.31 -0.43
C SER A 792 58.86 26.23 0.40
N GLY A 793 58.45 26.49 1.64
CA GLY A 793 59.27 27.18 2.62
C GLY A 793 59.50 26.31 3.82
N ILE A 794 59.90 26.87 4.95
CA ILE A 794 60.25 26.07 6.12
C ILE A 794 60.07 26.93 7.37
N ALA A 795 59.46 26.33 8.40
CA ALA A 795 59.49 26.79 9.79
C ALA A 795 58.83 28.16 9.97
N VAL A 796 57.54 28.21 9.69
CA VAL A 796 56.72 29.37 10.03
C VAL A 796 55.72 28.95 11.11
N PRO A 797 55.59 29.71 12.19
CA PRO A 797 54.67 29.31 13.26
C PRO A 797 53.23 29.69 12.94
N LEU A 798 52.32 29.17 13.76
CA LEU A 798 50.91 29.48 13.65
C LEU A 798 50.50 30.67 14.51
N SER A 799 51.29 31.01 15.54
CA SER A 799 50.93 32.10 16.45
C SER A 799 51.03 33.47 15.80
N SER A 800 51.77 33.60 14.70
CA SER A 800 51.84 34.88 14.01
C SER A 800 50.73 35.03 12.98
N ILE A 801 50.16 33.93 12.50
CA ILE A 801 49.13 33.97 11.48
C ILE A 801 47.75 33.61 12.03
N ALA A 802 47.62 33.44 13.34
CA ALA A 802 46.35 33.10 13.96
C ALA A 802 46.22 33.81 15.30
N THR A 803 44.99 33.79 15.84
CA THR A 803 44.67 34.41 17.11
C THR A 803 44.10 33.35 18.05
N VAL A 804 44.78 32.22 18.18
CA VAL A 804 44.27 31.08 18.93
C VAL A 804 44.23 31.39 20.42
N SER A 805 43.08 31.15 21.03
CA SER A 805 42.86 31.39 22.46
C SER A 805 41.66 30.56 22.91
N TRP A 806 41.46 30.53 24.22
CA TRP A 806 40.34 29.79 24.79
C TRP A 806 39.05 30.62 24.72
N GLN A 807 37.93 29.92 24.56
CA GLN A 807 36.63 30.57 24.53
C GLN A 807 35.60 29.58 25.07
N MET A 808 34.34 29.99 25.07
CA MET A 808 33.24 29.18 25.55
C MET A 808 32.36 28.74 24.39
N GLY A 809 31.93 27.48 24.41
CA GLY A 809 31.09 26.97 23.34
C GLY A 809 30.40 25.66 23.68
N THR A 810 29.24 25.42 23.10
CA THR A 810 28.46 24.22 23.36
C THR A 810 28.92 23.07 22.46
N GLU A 811 28.56 21.86 22.86
CA GLU A 811 28.90 20.65 22.11
C GLU A 811 27.68 19.93 21.57
N GLN A 812 26.50 20.56 21.59
CA GLN A 812 25.29 19.92 21.10
C GLN A 812 24.41 20.97 20.45
N SER A 813 24.05 20.75 19.19
CA SER A 813 23.19 21.66 18.44
C SER A 813 21.90 20.93 18.10
N VAL A 814 20.78 21.46 18.58
CA VAL A 814 19.45 20.88 18.36
C VAL A 814 18.61 21.90 17.60
N ARG A 815 18.05 21.48 16.48
CA ARG A 815 17.14 22.31 15.69
C ARG A 815 15.78 21.64 15.62
N PHE A 816 14.72 22.43 15.83
CA PHE A 816 13.35 21.95 15.81
C PHE A 816 12.58 22.71 14.74
N ASN A 817 12.03 21.95 13.77
CA ASN A 817 11.22 22.48 12.65
C ASN A 817 11.99 23.52 11.83
N GLY A 818 13.27 23.26 11.60
CA GLY A 818 14.11 24.13 10.81
C GLY A 818 14.82 25.23 11.58
N TYR A 819 14.28 25.64 12.72
CA TYR A 819 14.88 26.70 13.52
C TYR A 819 15.67 26.12 14.68
N PRO A 820 16.78 26.73 15.06
CA PRO A 820 17.56 26.25 16.21
C PRO A 820 16.81 26.51 17.52
N ALA A 821 16.56 25.44 18.27
CA ALA A 821 15.75 25.51 19.47
C ALA A 821 16.53 24.99 20.68
N MET A 822 16.25 25.58 21.83
CA MET A 822 16.81 25.15 23.11
C MET A 822 15.69 24.61 23.99
N GLU A 823 15.99 23.55 24.72
CA GLU A 823 14.99 22.84 25.50
C GLU A 823 14.82 23.48 26.88
N LEU A 824 13.64 23.26 27.46
CA LEU A 824 13.29 23.78 28.77
C LEU A 824 12.24 22.88 29.38
N SER A 825 12.38 22.60 30.67
CA SER A 825 11.45 21.74 31.39
C SER A 825 10.80 22.51 32.54
N GLY A 826 9.74 21.93 33.07
CA GLY A 826 9.02 22.56 34.18
C GLY A 826 7.78 21.78 34.51
N SER A 827 7.27 22.02 35.73
CA SER A 827 6.09 21.36 36.23
C SER A 827 5.22 22.35 36.98
N PRO A 828 3.90 22.28 36.80
CA PRO A 828 3.01 23.19 37.52
C PRO A 828 2.90 22.82 38.99
N ALA A 829 2.42 23.78 39.79
CA ALA A 829 2.26 23.60 41.22
C ALA A 829 0.93 22.89 41.51
N THR A 830 0.63 22.73 42.79
CA THR A 830 -0.61 22.09 43.20
C THR A 830 -1.79 23.04 43.03
N GLY A 831 -2.92 22.49 42.59
CA GLY A 831 -4.11 23.27 42.35
C GLY A 831 -4.23 23.88 40.98
N VAL A 832 -3.13 24.01 40.24
CA VAL A 832 -3.13 24.59 38.91
C VAL A 832 -3.14 23.45 37.89
N SER A 833 -4.02 23.55 36.90
CA SER A 833 -4.13 22.53 35.86
C SER A 833 -3.02 22.68 34.83
N THR A 834 -3.03 21.80 33.83
CA THR A 834 -2.00 21.83 32.80
C THR A 834 -2.25 22.94 31.78
N GLY A 835 -3.51 23.17 31.42
CA GLY A 835 -3.82 24.17 30.41
C GLY A 835 -3.59 25.59 30.88
N GLN A 836 -3.82 25.86 32.18
CA GLN A 836 -3.54 27.18 32.74
C GLN A 836 -2.05 27.46 32.75
N ALA A 837 -1.23 26.44 33.07
CA ALA A 837 0.21 26.59 32.99
C ALA A 837 0.69 26.75 31.55
N MET A 838 0.02 26.07 30.61
CA MET A 838 0.38 26.20 29.19
C MET A 838 0.10 27.60 28.67
N GLU A 839 -1.07 28.15 28.99
CA GLU A 839 -1.36 29.52 28.55
C GLU A 839 -0.54 30.55 29.33
N ALA A 840 -0.13 30.24 30.56
CA ALA A 840 0.77 31.15 31.29
C ALA A 840 2.14 31.20 30.64
N VAL A 841 2.69 30.04 30.25
CA VAL A 841 3.96 30.01 29.54
C VAL A 841 3.83 30.65 28.16
N GLN A 842 2.68 30.48 27.51
CA GLN A 842 2.43 31.13 26.21
C GLN A 842 2.41 32.66 26.35
N LYS A 843 1.78 33.17 27.41
CA LYS A 843 1.78 34.61 27.64
C LYS A 843 3.16 35.12 28.04
N MET A 844 3.93 34.33 28.80
CA MET A 844 5.28 34.74 29.18
C MET A 844 6.21 34.79 27.97
N VAL A 845 5.99 33.91 27.00
CA VAL A 845 6.78 33.95 25.77
C VAL A 845 6.32 35.09 24.88
N ASP A 846 5.00 35.30 24.77
CA ASP A 846 4.46 36.36 23.92
C ASP A 846 4.71 37.75 24.47
N GLU A 847 5.04 37.87 25.77
CA GLU A 847 5.42 39.17 26.31
C GLU A 847 6.81 39.61 25.85
N LEU A 848 7.63 38.70 25.34
CA LEU A 848 8.95 39.04 24.83
C LEU A 848 8.85 39.60 23.42
N GLY A 849 9.99 39.80 22.79
CA GLY A 849 10.06 40.34 21.45
C GLY A 849 9.75 39.30 20.38
N SER A 850 9.94 39.73 19.13
CA SER A 850 9.68 38.85 18.00
C SER A 850 10.88 37.92 17.75
N GLY A 851 10.60 36.83 17.05
CA GLY A 851 11.62 35.85 16.72
C GLY A 851 11.75 34.70 17.69
N TYR A 852 11.07 34.76 18.84
CA TYR A 852 11.14 33.70 19.85
C TYR A 852 9.74 33.11 20.00
N SER A 853 9.58 31.86 19.59
CA SER A 853 8.32 31.14 19.67
C SER A 853 8.50 29.92 20.56
N LEU A 854 7.46 29.08 20.63
CA LEU A 854 7.48 27.89 21.46
C LEU A 854 6.90 26.72 20.69
N GLU A 855 7.45 25.54 20.95
CA GLU A 855 6.93 24.29 20.40
C GLU A 855 6.93 23.23 21.49
N TRP A 856 5.82 22.51 21.60
CA TRP A 856 5.67 21.51 22.64
C TRP A 856 6.37 20.22 22.23
N GLY A 857 6.37 19.24 23.15
CA GLY A 857 6.97 17.96 22.87
C GLY A 857 6.46 16.85 23.77
N GLY A 858 6.04 15.75 23.18
CA GLY A 858 5.58 14.61 23.97
C GLY A 858 4.12 14.76 24.34
N GLN A 859 3.82 14.57 25.63
CA GLN A 859 2.44 14.60 26.11
C GLN A 859 1.84 16.00 26.02
N SER A 860 2.66 17.04 26.06
CA SER A 860 2.18 18.39 25.85
C SER A 860 1.99 18.73 24.37
N ARG A 861 2.39 17.84 23.46
CA ARG A 861 2.27 18.11 22.03
C ARG A 861 0.82 18.09 21.57
N GLU A 862 -0.01 17.23 22.17
CA GLU A 862 -1.42 17.18 21.84
C GLU A 862 -2.32 17.83 22.89
N GLU A 863 -1.83 18.00 24.13
CA GLU A 863 -2.62 18.62 25.18
C GLU A 863 -2.92 20.09 24.91
N ALA A 864 -2.09 20.75 24.10
CA ALA A 864 -2.34 22.12 23.67
C ALA A 864 -3.22 22.19 22.41
N LYS A 865 -3.60 21.04 21.85
CA LYS A 865 -4.45 21.04 20.67
C LYS A 865 -5.91 20.72 20.98
N GLY A 866 -6.20 20.12 22.13
CA GLY A 866 -7.55 19.81 22.51
C GLY A 866 -7.66 19.22 23.90
N GLY A 867 -8.82 19.38 24.53
CA GLY A 867 -9.06 18.88 25.86
C GLY A 867 -9.62 17.46 25.85
N SER A 868 -10.18 17.06 26.99
CA SER A 868 -10.76 15.74 27.13
C SER A 868 -12.17 15.74 26.56
N GLN A 869 -12.35 15.05 25.43
CA GLN A 869 -13.67 14.94 24.82
C GLN A 869 -14.50 13.80 25.40
N THR A 870 -14.00 13.12 26.43
CA THR A 870 -14.72 11.99 27.02
C THR A 870 -15.91 12.47 27.83
N ILE A 871 -15.76 13.58 28.55
CA ILE A 871 -16.79 14.04 29.47
C ILE A 871 -18.00 14.57 28.70
N ALA A 872 -17.76 15.25 27.58
CA ALA A 872 -18.85 15.79 26.78
C ALA A 872 -19.55 14.69 25.98
N LEU A 873 -18.92 13.52 25.86
CA LEU A 873 -19.47 12.42 25.10
C LEU A 873 -20.31 11.47 25.95
N TYR A 874 -20.04 11.38 27.26
CA TYR A 874 -20.77 10.45 28.12
C TYR A 874 -22.20 10.89 28.41
N ALA A 875 -22.54 12.17 28.16
CA ALA A 875 -23.94 12.58 28.28
C ALA A 875 -24.76 12.05 27.11
N LEU A 876 -24.10 11.84 25.98
CA LEU A 876 -24.79 11.21 24.81
C LEU A 876 -25.13 9.76 25.15
N ALA A 877 -24.25 9.05 25.84
CA ALA A 877 -24.46 7.64 26.13
C ALA A 877 -25.69 7.44 27.02
N ALA A 878 -26.00 8.43 27.85
CA ALA A 878 -27.22 8.37 28.66
C ALA A 878 -28.46 8.44 27.78
N VAL A 879 -28.43 9.24 26.72
CA VAL A 879 -29.54 9.31 25.78
C VAL A 879 -29.62 8.02 24.97
N ALA A 880 -28.46 7.46 24.62
CA ALA A 880 -28.43 6.21 23.86
C ALA A 880 -28.95 5.04 24.69
N VAL A 881 -28.73 5.08 26.00
CA VAL A 881 -29.31 4.09 26.89
C VAL A 881 -30.81 4.33 27.08
N PHE A 882 -31.23 5.59 27.23
CA PHE A 882 -32.62 5.96 27.45
C PHE A 882 -33.53 5.66 26.27
N LEU A 883 -33.02 5.79 25.03
CA LEU A 883 -33.90 5.64 23.87
C LEU A 883 -34.29 4.19 23.63
N VAL A 884 -33.34 3.25 23.74
CA VAL A 884 -33.69 1.85 23.58
C VAL A 884 -34.51 1.34 24.77
N LEU A 885 -34.37 1.98 25.94
CA LEU A 885 -35.21 1.60 27.08
C LEU A 885 -36.62 2.15 26.93
N ALA A 886 -36.78 3.32 26.31
CA ALA A 886 -38.11 3.81 25.97
C ALA A 886 -38.74 2.97 24.88
N ALA A 887 -37.93 2.42 23.98
CA ALA A 887 -38.42 1.44 23.03
C ALA A 887 -38.83 0.14 23.71
N LEU A 888 -38.14 -0.22 24.80
CA LEU A 888 -38.50 -1.42 25.56
C LEU A 888 -39.82 -1.23 26.30
N TYR A 889 -39.87 -0.26 27.21
CA TYR A 889 -40.98 -0.15 28.15
C TYR A 889 -42.20 0.56 27.56
N GLU A 890 -42.11 1.04 26.32
CA GLU A 890 -43.20 1.75 25.61
C GLU A 890 -43.67 2.98 26.39
N SER A 891 -42.73 3.70 27.00
CA SER A 891 -43.04 4.88 27.79
C SER A 891 -41.83 5.79 27.82
N TRP A 892 -42.08 7.07 28.08
CA TRP A 892 -41.02 8.06 28.17
C TRP A 892 -40.65 8.43 29.59
N SER A 893 -41.46 8.03 30.57
CA SER A 893 -41.24 8.40 31.97
C SER A 893 -40.64 7.26 32.78
N ILE A 894 -40.98 6.02 32.45
CA ILE A 894 -40.44 4.87 33.18
C ILE A 894 -38.93 4.69 33.01
N PRO A 895 -38.32 4.75 31.81
CA PRO A 895 -36.86 4.56 31.73
C PRO A 895 -36.03 5.66 32.38
N LEU A 896 -36.63 6.82 32.71
CA LEU A 896 -35.95 7.82 33.52
C LEU A 896 -35.61 7.25 34.90
N ALA A 897 -36.45 6.34 35.42
CA ALA A 897 -36.11 5.61 36.64
C ALA A 897 -34.85 4.78 36.45
N VAL A 898 -34.67 4.20 35.26
CA VAL A 898 -33.43 3.50 34.97
C VAL A 898 -32.29 4.50 34.83
N LEU A 899 -32.59 5.73 34.42
CA LEU A 899 -31.62 6.82 34.48
C LEU A 899 -31.50 7.43 35.87
N LEU A 900 -32.36 7.01 36.81
CA LEU A 900 -32.28 7.58 38.15
C LEU A 900 -31.10 7.01 38.93
N VAL A 901 -30.82 5.73 38.75
CA VAL A 901 -29.69 5.02 39.46
C VAL A 901 -28.40 5.02 38.64
N MET A 902 -27.74 6.18 38.50
CA MET A 902 -26.39 6.25 37.90
C MET A 902 -25.34 6.69 38.95
N PRO A 903 -25.78 7.19 40.11
CA PRO A 903 -24.85 7.65 41.16
C PRO A 903 -24.31 6.57 42.11
N LEU A 904 -24.97 5.42 42.19
CA LEU A 904 -24.57 4.32 43.12
C LEU A 904 -23.15 3.80 42.81
N GLY A 905 -22.86 3.39 41.59
CA GLY A 905 -21.56 2.81 41.29
C GLY A 905 -20.44 3.84 41.29
N LEU A 906 -20.74 5.08 40.89
CA LEU A 906 -19.75 6.15 40.93
C LEU A 906 -19.37 6.50 42.36
N ALA A 907 -20.36 6.61 43.25
CA ALA A 907 -20.10 6.90 44.65
C ALA A 907 -19.39 5.73 45.33
N GLY A 908 -19.74 4.50 44.96
CA GLY A 908 -19.04 3.35 45.51
C GLY A 908 -17.60 3.25 45.07
N ALA A 909 -17.33 3.52 43.79
CA ALA A 909 -15.97 3.50 43.30
C ALA A 909 -15.14 4.65 43.89
N ALA A 910 -15.76 5.82 44.07
CA ALA A 910 -15.06 6.94 44.68
C ALA A 910 -14.77 6.69 46.15
N ALA A 911 -15.71 6.09 46.88
CA ALA A 911 -15.48 5.73 48.28
C ALA A 911 -14.45 4.63 48.41
N GLY A 912 -14.39 3.70 47.44
CA GLY A 912 -13.37 2.67 47.48
C GLY A 912 -11.98 3.17 47.15
N VAL A 913 -11.89 4.16 46.24
CA VAL A 913 -10.59 4.74 45.94
C VAL A 913 -10.11 5.61 47.09
N THR A 914 -11.00 6.43 47.65
CA THR A 914 -10.62 7.28 48.78
C THR A 914 -10.49 6.51 50.08
N GLY A 915 -10.99 5.27 50.15
CA GLY A 915 -10.86 4.47 51.35
C GLY A 915 -9.65 3.58 51.34
N ARG A 916 -9.22 3.15 50.15
CA ARG A 916 -8.03 2.32 50.05
C ARG A 916 -6.75 3.14 50.19
N ASN A 917 -6.81 4.44 49.87
CA ASN A 917 -5.62 5.29 49.97
C ASN A 917 -5.29 5.63 51.41
N LEU A 918 -6.25 5.55 52.33
CA LEU A 918 -5.99 5.83 53.74
C LEU A 918 -5.67 4.56 54.52
N PHE A 919 -6.56 3.56 54.45
CA PHE A 919 -6.42 2.36 55.27
C PHE A 919 -5.25 1.48 54.88
N GLU A 920 -4.73 1.63 53.65
CA GLU A 920 -3.53 0.93 53.22
C GLU A 920 -2.33 1.85 53.08
N GLY A 921 -2.51 3.14 53.31
CA GLY A 921 -1.44 4.10 53.10
C GLY A 921 -1.11 4.98 54.29
N LEU A 922 -1.67 4.64 55.43
CA LEU A 922 -1.42 5.41 56.67
C LEU A 922 -0.26 4.76 57.43
N LEU A 923 0.38 3.77 56.82
CA LEU A 923 1.54 3.07 57.45
C LEU A 923 2.84 3.53 56.77
N GLY A 924 3.21 2.92 55.64
CA GLY A 924 4.45 3.31 54.92
C GLY A 924 4.24 3.54 53.43
N SER A 925 3.01 3.54 52.96
CA SER A 925 2.72 3.68 51.54
C SER A 925 2.23 5.09 51.23
N VAL A 926 2.41 5.48 49.97
CA VAL A 926 1.91 6.74 49.44
C VAL A 926 0.59 6.46 48.74
N PRO A 927 -0.32 7.46 48.60
CA PRO A 927 -1.55 7.23 47.84
C PRO A 927 -1.30 7.01 46.36
N SER A 928 -1.56 5.79 45.89
CA SER A 928 -1.33 5.41 44.50
C SER A 928 -2.62 5.20 43.71
N PHE A 929 -3.69 4.76 44.37
CA PHE A 929 -4.96 4.56 43.68
C PHE A 929 -5.61 5.90 43.41
N ALA A 930 -5.81 6.21 42.13
CA ALA A 930 -6.36 7.50 41.72
C ALA A 930 -7.14 7.30 40.43
N ASN A 931 -7.47 8.41 39.77
CA ASN A 931 -8.23 8.38 38.52
C ASN A 931 -7.27 8.05 37.37
N ASP A 932 -7.53 6.93 36.70
CA ASP A 932 -6.67 6.48 35.61
C ASP A 932 -7.54 5.72 34.61
N ILE A 933 -6.89 4.94 33.73
CA ILE A 933 -7.62 4.15 32.75
C ILE A 933 -8.35 2.99 33.41
N TYR A 934 -7.79 2.45 34.50
CA TYR A 934 -8.38 1.32 35.20
C TYR A 934 -9.52 1.70 36.13
N PHE A 935 -9.95 2.96 36.12
CA PHE A 935 -11.06 3.43 36.94
C PHE A 935 -12.35 3.63 36.14
N GLN A 936 -12.26 4.22 34.95
CA GLN A 936 -13.46 4.54 34.18
C GLN A 936 -14.12 3.31 33.60
N VAL A 937 -13.33 2.30 33.21
CA VAL A 937 -13.92 1.06 32.69
C VAL A 937 -14.61 0.28 33.79
N GLY A 938 -14.04 0.31 35.01
CA GLY A 938 -14.71 -0.30 36.14
C GLY A 938 -15.96 0.45 36.56
N PHE A 939 -15.95 1.78 36.42
CA PHE A 939 -17.11 2.59 36.73
C PHE A 939 -18.25 2.32 35.75
N VAL A 940 -17.94 2.26 34.45
CA VAL A 940 -19.00 1.98 33.49
C VAL A 940 -19.45 0.52 33.57
N THR A 941 -18.58 -0.38 34.03
CA THR A 941 -18.98 -1.77 34.21
C THR A 941 -19.93 -1.93 35.40
N VAL A 942 -19.64 -1.26 36.52
CA VAL A 942 -20.54 -1.38 37.66
C VAL A 942 -21.83 -0.61 37.42
N MET A 943 -21.77 0.47 36.62
CA MET A 943 -23.02 1.17 36.30
C MET A 943 -23.86 0.38 35.31
N GLY A 944 -23.23 -0.39 34.42
CA GLY A 944 -23.98 -1.30 33.56
C GLY A 944 -24.58 -2.47 34.29
N LEU A 945 -23.85 -3.05 35.24
CA LEU A 945 -24.40 -4.15 36.04
C LEU A 945 -25.43 -3.68 37.05
N SER A 946 -25.40 -2.41 37.45
CA SER A 946 -26.50 -1.88 38.26
C SER A 946 -27.71 -1.56 37.39
N ALA A 947 -27.49 -1.04 36.18
CA ALA A 947 -28.59 -0.76 35.27
C ALA A 947 -29.28 -2.05 34.81
N LYS A 948 -28.53 -3.15 34.71
CA LYS A 948 -29.14 -4.43 34.34
C LYS A 948 -30.08 -4.94 35.43
N ASN A 949 -29.67 -4.82 36.69
CA ASN A 949 -30.54 -5.22 37.80
C ASN A 949 -31.73 -4.28 37.93
N ALA A 950 -31.54 -2.99 37.63
CA ALA A 950 -32.66 -2.06 37.61
C ALA A 950 -33.64 -2.38 36.49
N ILE A 951 -33.12 -2.82 35.34
CA ILE A 951 -33.96 -3.26 34.22
C ILE A 951 -34.75 -4.50 34.60
N LEU A 952 -34.12 -5.44 35.31
CA LEU A 952 -34.81 -6.63 35.78
C LEU A 952 -35.94 -6.30 36.77
N ILE A 953 -35.65 -5.40 37.73
CA ILE A 953 -36.64 -5.01 38.73
C ILE A 953 -37.82 -4.28 38.08
N ILE A 954 -37.53 -3.33 37.20
CA ILE A 954 -38.59 -2.52 36.58
C ILE A 954 -39.37 -3.35 35.57
N GLU A 955 -38.73 -4.31 34.89
CA GLU A 955 -39.43 -5.18 33.97
C GLU A 955 -40.35 -6.17 34.70
N PHE A 956 -39.89 -6.69 35.85
CA PHE A 956 -40.76 -7.56 36.62
C PHE A 956 -41.84 -6.79 37.37
N ALA A 957 -41.65 -5.50 37.61
CA ALA A 957 -42.66 -4.66 38.24
C ALA A 957 -43.55 -3.95 37.24
N LYS A 958 -43.28 -4.08 35.94
CA LYS A 958 -44.07 -3.38 34.93
C LYS A 958 -45.46 -3.97 34.75
N ASP A 959 -45.70 -5.19 35.22
CA ASP A 959 -47.01 -5.82 35.13
C ASP A 959 -47.85 -5.42 36.35
N LEU A 960 -48.21 -4.14 36.38
CA LEU A 960 -49.01 -3.59 37.48
C LEU A 960 -50.49 -3.52 37.12
N GLN A 961 -50.82 -3.47 35.83
CA GLN A 961 -52.21 -3.44 35.40
C GLN A 961 -52.66 -4.75 34.77
N ALA A 962 -51.73 -5.65 34.43
CA ALA A 962 -52.11 -6.94 33.87
C ALA A 962 -52.65 -7.89 34.93
N GLN A 963 -52.31 -7.67 36.21
CA GLN A 963 -52.78 -8.50 37.30
C GLN A 963 -53.63 -7.73 38.31
N GLY A 964 -53.87 -6.44 38.09
CA GLY A 964 -54.69 -5.66 38.99
C GLY A 964 -54.01 -5.29 40.29
N LYS A 965 -52.94 -4.50 40.21
CA LYS A 965 -52.21 -4.04 41.37
C LYS A 965 -52.48 -2.55 41.61
N SER A 966 -52.11 -2.08 42.80
CA SER A 966 -52.30 -0.69 43.20
C SER A 966 -51.01 0.12 43.07
N ALA A 967 -50.17 -0.20 42.08
CA ALA A 967 -48.92 0.45 41.70
C ALA A 967 -47.83 0.38 42.77
N VAL A 968 -48.05 -0.31 43.89
CA VAL A 968 -47.00 -0.50 44.89
C VAL A 968 -46.78 -1.97 45.24
N GLU A 969 -47.76 -2.85 45.05
CA GLU A 969 -47.56 -4.27 45.34
C GLU A 969 -46.80 -4.98 44.23
N ALA A 970 -46.83 -4.43 43.02
CA ALA A 970 -46.08 -5.01 41.92
C ALA A 970 -44.58 -4.88 42.13
N ALA A 971 -44.15 -3.75 42.72
CA ALA A 971 -42.74 -3.58 43.05
C ALA A 971 -42.31 -4.52 44.16
N LEU A 972 -43.20 -4.77 45.13
CA LEU A 972 -42.91 -5.72 46.19
C LEU A 972 -42.80 -7.14 45.66
N GLU A 973 -43.69 -7.53 44.74
CA GLU A 973 -43.62 -8.85 44.14
C GLU A 973 -42.41 -9.00 43.24
N ALA A 974 -42.02 -7.93 42.54
CA ALA A 974 -40.81 -7.97 41.73
C ALA A 974 -39.56 -8.08 42.60
N ALA A 975 -39.54 -7.40 43.75
CA ALA A 975 -38.42 -7.53 44.67
C ALA A 975 -38.35 -8.92 45.27
N ARG A 976 -39.51 -9.50 45.64
CA ARG A 976 -39.52 -10.85 46.19
C ARG A 976 -39.18 -11.90 45.15
N LEU A 977 -39.42 -11.61 43.87
CA LEU A 977 -39.08 -12.58 42.83
C LEU A 977 -37.64 -12.42 42.33
N ARG A 978 -37.05 -11.23 42.45
CA ARG A 978 -35.72 -10.98 41.94
C ARG A 978 -34.69 -10.66 43.03
N PHE A 979 -35.01 -10.94 44.30
CA PHE A 979 -34.02 -10.77 45.35
C PHE A 979 -32.90 -11.80 45.23
N ARG A 980 -33.25 -13.06 45.04
CA ARG A 980 -32.27 -14.15 44.92
C ARG A 980 -31.36 -14.06 43.68
N PRO A 981 -31.83 -13.74 42.46
CA PRO A 981 -30.86 -13.55 41.37
C PRO A 981 -29.95 -12.35 41.55
N ILE A 982 -30.43 -11.25 42.11
CA ILE A 982 -29.59 -10.08 42.35
C ILE A 982 -28.53 -10.39 43.40
N ILE A 983 -28.92 -11.14 44.44
CA ILE A 983 -27.99 -11.57 45.47
C ILE A 983 -26.94 -12.53 44.90
N MET A 984 -27.35 -13.40 43.96
CA MET A 984 -26.38 -14.32 43.38
C MET A 984 -25.43 -13.59 42.42
N THR A 985 -25.92 -12.58 41.70
CA THR A 985 -25.03 -11.77 40.86
C THR A 985 -24.02 -11.01 41.72
N SER A 986 -24.47 -10.49 42.86
CA SER A 986 -23.58 -9.79 43.78
C SER A 986 -22.54 -10.74 44.37
N PHE A 987 -22.97 -11.89 44.88
CA PHE A 987 -22.04 -12.84 45.48
C PHE A 987 -21.19 -13.58 44.44
N ALA A 988 -21.53 -13.49 43.16
CA ALA A 988 -20.69 -14.08 42.11
C ALA A 988 -19.66 -13.10 41.58
N PHE A 989 -20.04 -11.83 41.39
CA PHE A 989 -19.11 -10.87 40.82
C PHE A 989 -18.19 -10.23 41.83
N ILE A 990 -18.57 -10.19 43.11
CA ILE A 990 -17.67 -9.72 44.16
C ILE A 990 -16.62 -10.77 44.48
N LEU A 991 -17.02 -12.04 44.58
CA LEU A 991 -16.09 -13.11 44.87
C LEU A 991 -15.25 -13.52 43.67
N GLY A 992 -15.50 -12.95 42.48
CA GLY A 992 -14.69 -13.24 41.31
C GLY A 992 -13.53 -12.29 41.10
N VAL A 993 -13.50 -11.17 41.82
CA VAL A 993 -12.46 -10.17 41.64
C VAL A 993 -11.55 -10.05 42.86
N VAL A 994 -11.79 -10.91 43.84
CA VAL A 994 -10.95 -10.97 45.07
C VAL A 994 -9.52 -11.37 44.70
N PRO A 995 -9.31 -12.36 43.83
CA PRO A 995 -7.90 -12.59 43.44
C PRO A 995 -7.20 -11.37 42.89
N LEU A 996 -7.93 -10.46 42.23
CA LEU A 996 -7.35 -9.20 41.81
C LEU A 996 -7.21 -8.24 42.99
N TYR A 997 -8.01 -8.42 44.03
CA TYR A 997 -7.92 -7.57 45.21
C TYR A 997 -6.82 -8.01 46.17
N ILE A 998 -6.44 -9.28 46.12
CA ILE A 998 -5.46 -9.83 47.05
C ILE A 998 -4.08 -10.03 46.40
N ALA A 999 -3.97 -9.73 45.10
CA ALA A 999 -2.75 -10.02 44.35
C ALA A 999 -1.58 -9.12 44.77
N GLY A 1000 -0.37 -9.61 44.50
CA GLY A 1000 0.84 -8.87 44.79
C GLY A 1000 2.03 -9.44 44.03
N GLY A 1001 2.80 -8.58 43.37
CA GLY A 1001 3.93 -9.02 42.58
C GLY A 1001 4.05 -8.32 41.25
N ALA A 1002 4.21 -9.09 40.17
CA ALA A 1002 4.36 -8.53 38.84
C ALA A 1002 3.02 -8.07 38.30
N SER A 1003 2.95 -6.79 37.90
CA SER A 1003 1.75 -6.14 37.35
C SER A 1003 0.56 -6.24 38.30
N SER A 1004 0.80 -5.84 39.56
CA SER A 1004 -0.19 -6.01 40.61
C SER A 1004 -0.91 -4.74 41.01
N ALA A 1005 -0.34 -3.57 40.71
CA ALA A 1005 -0.98 -2.31 41.11
C ALA A 1005 -2.24 -2.03 40.31
N SER A 1006 -2.20 -2.30 39.00
CA SER A 1006 -3.38 -2.12 38.17
C SER A 1006 -4.48 -3.12 38.53
N GLN A 1007 -4.08 -4.36 38.83
CA GLN A 1007 -5.04 -5.37 39.26
C GLN A 1007 -5.68 -5.00 40.59
N ARG A 1008 -4.88 -4.47 41.52
CA ARG A 1008 -5.40 -4.06 42.83
C ARG A 1008 -6.31 -2.85 42.68
N ALA A 1009 -5.99 -1.93 41.76
CA ALA A 1009 -6.83 -0.75 41.55
C ALA A 1009 -8.18 -1.13 40.94
N ILE A 1010 -8.16 -1.96 39.90
CA ILE A 1010 -9.43 -2.36 39.28
C ILE A 1010 -10.22 -3.29 40.19
N GLY A 1011 -9.54 -4.06 41.05
CA GLY A 1011 -10.24 -4.90 42.00
C GLY A 1011 -10.88 -4.09 43.12
N THR A 1012 -10.19 -3.06 43.60
CA THR A 1012 -10.77 -2.17 44.61
C THR A 1012 -11.97 -1.41 44.05
N THR A 1013 -11.85 -0.90 42.81
CA THR A 1013 -12.93 -0.17 42.18
C THR A 1013 -14.17 -1.05 41.97
N VAL A 1014 -13.97 -2.24 41.38
CA VAL A 1014 -15.07 -3.17 41.11
C VAL A 1014 -15.67 -3.70 42.41
N PHE A 1015 -14.82 -4.00 43.40
CA PHE A 1015 -15.26 -4.55 44.67
C PHE A 1015 -16.12 -3.56 45.44
N TRP A 1016 -15.65 -2.31 45.59
CA TRP A 1016 -16.44 -1.36 46.35
C TRP A 1016 -17.66 -0.85 45.56
N GLY A 1017 -17.57 -0.82 44.23
CA GLY A 1017 -18.74 -0.47 43.44
C GLY A 1017 -19.85 -1.50 43.54
N MET A 1018 -19.49 -2.79 43.53
CA MET A 1018 -20.49 -3.83 43.67
C MET A 1018 -20.88 -4.09 45.12
N LEU A 1019 -20.12 -3.59 46.09
CA LEU A 1019 -20.61 -3.55 47.46
C LEU A 1019 -21.60 -2.42 47.71
N ILE A 1020 -21.42 -1.27 47.08
CA ILE A 1020 -22.27 -0.12 47.38
C ILE A 1020 -23.51 -0.09 46.47
N GLY A 1021 -23.32 -0.17 45.15
CA GLY A 1021 -24.43 0.04 44.24
C GLY A 1021 -25.45 -1.07 44.23
N THR A 1022 -25.01 -2.31 44.42
CA THR A 1022 -25.96 -3.43 44.47
C THR A 1022 -26.69 -3.49 45.80
N LEU A 1023 -26.06 -3.05 46.89
CA LEU A 1023 -26.75 -2.98 48.18
C LEU A 1023 -27.63 -1.75 48.29
N LEU A 1024 -27.40 -0.73 47.45
CA LEU A 1024 -28.30 0.43 47.42
C LEU A 1024 -29.42 0.27 46.39
N SER A 1025 -29.20 -0.53 45.35
CA SER A 1025 -30.20 -0.72 44.30
C SER A 1025 -31.32 -1.66 44.71
N VAL A 1026 -31.15 -2.42 45.79
CA VAL A 1026 -32.22 -3.32 46.25
C VAL A 1026 -33.25 -2.60 47.11
N PHE A 1027 -33.03 -1.31 47.42
CA PHE A 1027 -33.97 -0.52 48.19
C PHE A 1027 -34.44 0.75 47.49
N LEU A 1028 -33.73 1.21 46.46
CA LEU A 1028 -34.04 2.48 45.81
C LEU A 1028 -34.76 2.32 44.48
N VAL A 1029 -34.52 1.23 43.75
CA VAL A 1029 -35.11 1.04 42.42
C VAL A 1029 -36.61 0.80 42.49
N PRO A 1030 -37.18 -0.02 43.41
CA PRO A 1030 -38.64 0.01 43.56
C PRO A 1030 -39.16 1.34 44.10
N LEU A 1031 -38.38 2.02 44.95
CA LEU A 1031 -38.75 3.36 45.40
C LEU A 1031 -38.77 4.34 44.25
N PHE A 1032 -37.78 4.25 43.34
CA PHE A 1032 -37.77 5.11 42.16
C PHE A 1032 -38.90 4.77 41.20
N TYR A 1033 -39.28 3.49 41.12
CA TYR A 1033 -40.43 3.09 40.31
C TYR A 1033 -41.74 3.66 40.88
N VAL A 1034 -41.87 3.65 42.21
CA VAL A 1034 -43.04 4.21 42.86
C VAL A 1034 -43.09 5.74 42.67
N VAL A 1035 -41.92 6.39 42.75
CA VAL A 1035 -41.85 7.84 42.57
C VAL A 1035 -42.18 8.23 41.13
N VAL A 1036 -41.71 7.44 40.16
CA VAL A 1036 -42.01 7.70 38.76
C VAL A 1036 -43.48 7.44 38.46
N ARG A 1037 -44.06 6.39 39.03
CA ARG A 1037 -45.46 6.05 38.77
C ARG A 1037 -46.41 7.06 39.42
N LYS A 1038 -46.04 7.58 40.60
CA LYS A 1038 -46.91 8.51 41.31
C LYS A 1038 -46.81 9.94 40.76
N PHE A 1039 -45.86 10.22 39.88
CA PHE A 1039 -45.68 11.56 39.34
C PHE A 1039 -46.34 11.73 37.97
N PHE A 1040 -46.10 10.81 37.04
CA PHE A 1040 -46.61 10.92 35.69
C PHE A 1040 -47.97 10.26 35.50
N LYS A 1041 -48.40 9.46 36.48
CA LYS A 1041 -49.65 8.67 36.53
C LYS A 1041 -50.01 8.01 35.18
N GLU A 1042 -49.06 7.25 34.64
CA GLU A 1042 -49.22 6.43 33.40
C GLU A 1042 -49.70 7.23 32.18
N THR A 1043 -48.80 7.95 31.52
CA THR A 1043 -49.15 8.77 30.33
C THR A 1043 -49.49 7.84 29.15
N ALA A 1044 -50.18 8.39 28.15
CA ALA A 1044 -50.61 7.66 26.93
C ALA A 1044 -51.55 6.50 27.29
N HIS A 1045 -51.30 5.29 26.79
CA HIS A 1045 -52.20 4.15 27.08
C HIS A 1045 -51.40 2.92 27.56
N GLU A 1046 -52.03 2.08 28.37
CA GLU A 1046 -51.40 0.86 28.92
C GLU A 1046 -51.51 -0.22 27.83
N HIS A 1047 -50.41 -0.97 27.61
CA HIS A 1047 -50.27 -2.06 26.60
C HIS A 1047 -50.63 -3.48 27.10
N GLU A 1048 -50.82 -3.71 28.39
CA GLU A 1048 -51.28 -5.05 28.88
C GLU A 1048 -50.36 -6.23 28.52
N MET A 1049 -49.14 -6.25 29.04
CA MET A 1049 -48.19 -7.38 28.94
C MET A 1049 -47.10 -7.06 27.91
N MET B 1 -37.11 -21.39 1.09
CA MET B 1 -36.58 -21.03 -0.22
C MET B 1 -37.16 -21.92 -1.31
N ALA B 2 -37.26 -23.22 -1.00
CA ALA B 2 -37.79 -24.16 -1.98
C ALA B 2 -39.30 -24.00 -2.17
N LYS B 3 -40.02 -23.67 -1.09
CA LYS B 3 -41.45 -23.41 -1.19
C LYS B 3 -41.76 -22.04 -1.78
N PHE B 4 -40.82 -21.11 -1.72
CA PHE B 4 -41.04 -19.75 -2.21
C PHE B 4 -40.72 -19.60 -3.69
N PHE B 5 -39.72 -20.32 -4.20
CA PHE B 5 -39.24 -20.14 -5.56
C PHE B 5 -39.93 -21.06 -6.56
N ILE B 6 -40.95 -21.81 -6.15
CA ILE B 6 -41.67 -22.65 -7.09
C ILE B 6 -42.88 -21.93 -7.68
N ASP B 7 -43.60 -21.16 -6.87
CA ASP B 7 -44.74 -20.38 -7.33
C ASP B 7 -44.31 -19.08 -8.02
N ARG B 8 -43.02 -18.75 -8.00
CA ARG B 8 -42.50 -17.54 -8.64
C ARG B 8 -41.35 -17.91 -9.55
N PRO B 9 -41.65 -18.29 -10.80
CA PRO B 9 -40.57 -18.68 -11.72
C PRO B 9 -39.79 -17.50 -12.25
N ILE B 10 -40.43 -16.33 -12.43
CA ILE B 10 -39.72 -15.16 -12.93
C ILE B 10 -38.76 -14.61 -11.87
N PHE B 11 -39.09 -14.78 -10.58
CA PHE B 11 -38.22 -14.34 -9.50
C PHE B 11 -36.92 -15.13 -9.46
N ALA B 12 -36.90 -16.36 -9.95
CA ALA B 12 -35.66 -17.11 -10.12
C ALA B 12 -35.03 -16.87 -11.48
N TRP B 13 -35.85 -16.61 -12.51
CA TRP B 13 -35.32 -16.38 -13.85
C TRP B 13 -34.52 -15.09 -13.92
N VAL B 14 -34.97 -14.03 -13.23
CA VAL B 14 -34.20 -12.79 -13.26
C VAL B 14 -32.93 -12.91 -12.41
N ILE B 15 -32.92 -13.77 -11.39
CA ILE B 15 -31.70 -14.03 -10.63
C ILE B 15 -30.71 -14.78 -11.49
N SER B 16 -31.19 -15.75 -12.28
CA SER B 16 -30.34 -16.44 -13.24
C SER B 16 -29.81 -15.49 -14.32
N ILE B 17 -30.63 -14.51 -14.72
CA ILE B 17 -30.19 -13.52 -15.71
C ILE B 17 -29.11 -12.60 -15.12
N PHE B 18 -29.26 -12.22 -13.85
CA PHE B 18 -28.22 -11.42 -13.19
C PHE B 18 -26.92 -12.20 -13.02
N ILE B 19 -27.02 -13.51 -12.73
CA ILE B 19 -25.81 -14.33 -12.60
C ILE B 19 -25.15 -14.52 -13.97
N ILE B 20 -25.96 -14.63 -15.03
CA ILE B 20 -25.43 -14.72 -16.40
C ILE B 20 -24.71 -13.43 -16.78
N ALA B 21 -25.30 -12.28 -16.45
CA ALA B 21 -24.69 -11.00 -16.79
C ALA B 21 -23.42 -10.75 -15.98
N ALA B 22 -23.42 -11.16 -14.71
CA ALA B 22 -22.22 -11.06 -13.89
C ALA B 22 -21.11 -11.98 -14.39
N GLY B 23 -21.49 -13.16 -14.89
CA GLY B 23 -20.49 -14.06 -15.45
C GLY B 23 -19.92 -13.56 -16.77
N ILE B 24 -20.76 -12.91 -17.58
CA ILE B 24 -20.27 -12.30 -18.82
C ILE B 24 -19.33 -11.14 -18.53
N PHE B 25 -19.70 -10.29 -17.55
CA PHE B 25 -18.84 -9.18 -17.16
C PHE B 25 -17.55 -9.66 -16.48
N GLY B 26 -17.59 -10.82 -15.84
CA GLY B 26 -16.38 -11.39 -15.26
C GLY B 26 -15.47 -12.00 -16.30
N ILE B 27 -16.07 -12.69 -17.30
CA ILE B 27 -15.29 -13.29 -18.38
C ILE B 27 -14.63 -12.20 -19.22
N LYS B 28 -15.33 -11.10 -19.47
CA LYS B 28 -14.79 -9.99 -20.24
C LYS B 28 -13.78 -9.14 -19.46
N SER B 29 -13.50 -9.47 -18.20
CA SER B 29 -12.55 -8.71 -17.39
C SER B 29 -11.65 -9.66 -16.60
N LEU B 30 -11.18 -10.73 -17.24
CA LEU B 30 -10.27 -11.67 -16.62
C LEU B 30 -8.94 -11.72 -17.36
N PRO B 31 -7.82 -11.77 -16.65
CA PRO B 31 -6.53 -11.93 -17.33
C PRO B 31 -6.35 -13.33 -17.88
N VAL B 32 -5.62 -13.42 -18.99
CA VAL B 32 -5.37 -14.67 -19.68
C VAL B 32 -3.88 -14.96 -19.62
N SER B 33 -3.53 -16.11 -19.05
CA SER B 33 -2.14 -16.56 -18.99
C SER B 33 -2.15 -18.08 -18.94
N GLN B 34 -0.98 -18.68 -18.70
CA GLN B 34 -0.88 -20.13 -18.58
C GLN B 34 -0.52 -20.61 -17.19
N TYR B 35 0.20 -19.80 -16.40
CA TYR B 35 0.61 -20.18 -15.06
C TYR B 35 0.42 -19.00 -14.12
N PRO B 36 -0.08 -19.22 -12.90
CA PRO B 36 -0.38 -18.10 -12.00
C PRO B 36 0.85 -17.58 -11.27
N SER B 37 0.62 -16.65 -10.35
CA SER B 37 1.69 -16.10 -9.51
C SER B 37 2.01 -17.12 -8.43
N VAL B 38 2.97 -18.00 -8.72
CA VAL B 38 3.34 -19.08 -7.83
C VAL B 38 4.57 -18.66 -7.04
N ALA B 39 5.41 -17.83 -7.65
CA ALA B 39 6.73 -17.52 -7.11
C ALA B 39 6.64 -16.57 -5.92
N ALA B 40 7.77 -16.44 -5.24
CA ALA B 40 8.06 -15.45 -4.22
C ALA B 40 8.76 -14.25 -4.85
N PRO B 41 8.72 -13.08 -4.21
CA PRO B 41 9.48 -11.94 -4.73
C PRO B 41 10.99 -12.18 -4.65
N THR B 42 11.63 -12.19 -5.82
CA THR B 42 13.06 -12.39 -5.95
C THR B 42 13.68 -11.21 -6.67
N ILE B 43 14.80 -10.72 -6.14
CA ILE B 43 15.47 -9.55 -6.67
C ILE B 43 16.83 -9.96 -7.20
N THR B 44 17.12 -9.61 -8.46
CA THR B 44 18.39 -9.88 -9.10
C THR B 44 19.04 -8.56 -9.52
N LEU B 45 20.35 -8.44 -9.28
CA LEU B 45 21.08 -7.21 -9.53
C LEU B 45 21.81 -7.18 -10.86
N HIS B 46 22.60 -8.22 -11.16
CA HIS B 46 23.39 -8.37 -12.39
C HIS B 46 24.38 -7.21 -12.58
N ALA B 47 25.33 -7.13 -11.65
CA ALA B 47 26.36 -6.10 -11.73
C ALA B 47 27.38 -6.46 -12.82
N ILE B 48 27.96 -5.42 -13.43
CA ILE B 48 28.88 -5.56 -14.54
C ILE B 48 30.24 -4.99 -14.14
N TYR B 49 31.29 -5.77 -14.37
CA TYR B 49 32.66 -5.33 -14.09
C TYR B 49 33.59 -6.14 -14.98
N PRO B 50 33.89 -5.66 -16.17
CA PRO B 50 34.69 -6.45 -17.12
C PRO B 50 36.17 -6.48 -16.76
N GLY B 51 36.82 -7.57 -17.15
CA GLY B 51 38.24 -7.74 -16.92
C GLY B 51 38.58 -8.07 -15.48
N ALA B 52 37.94 -9.09 -14.93
CA ALA B 52 38.17 -9.49 -13.55
C ALA B 52 37.86 -10.97 -13.40
N SER B 53 38.43 -11.57 -12.35
CA SER B 53 38.19 -12.97 -12.03
C SER B 53 37.00 -13.07 -11.07
N ALA B 54 36.80 -14.26 -10.50
CA ALA B 54 35.65 -14.47 -9.61
C ALA B 54 35.92 -13.93 -8.22
N GLN B 55 37.11 -14.16 -7.67
CA GLN B 55 37.42 -13.75 -6.30
C GLN B 55 37.56 -12.23 -6.19
N VAL B 56 38.14 -11.60 -7.21
CA VAL B 56 38.29 -10.15 -7.21
C VAL B 56 36.94 -9.46 -7.30
N MET B 57 36.06 -9.95 -8.19
CA MET B 57 34.71 -9.41 -8.31
C MET B 57 33.90 -9.65 -7.03
N GLU B 58 34.08 -10.83 -6.42
CA GLU B 58 33.40 -11.16 -5.17
C GLU B 58 33.81 -10.21 -4.05
N GLY B 59 35.11 -10.17 -3.72
CA GLY B 59 35.62 -9.27 -2.70
C GLY B 59 35.52 -7.79 -3.04
N SER B 60 35.24 -7.44 -4.29
CA SER B 60 35.01 -6.05 -4.65
C SER B 60 33.58 -5.62 -4.41
N VAL B 61 32.59 -6.32 -4.99
CA VAL B 61 31.21 -5.84 -4.93
C VAL B 61 30.30 -6.72 -4.10
N LEU B 62 30.50 -8.05 -4.06
CA LEU B 62 29.47 -8.92 -3.49
C LEU B 62 29.48 -8.89 -1.96
N SER B 63 30.67 -8.83 -1.36
CA SER B 63 30.75 -8.73 0.09
C SER B 63 30.31 -7.37 0.60
N VAL B 64 30.39 -6.33 -0.23
CA VAL B 64 29.92 -5.01 0.18
C VAL B 64 28.42 -4.88 -0.01
N ILE B 65 27.87 -5.51 -1.06
CA ILE B 65 26.44 -5.45 -1.30
C ILE B 65 25.70 -6.32 -0.29
N GLU B 66 26.18 -7.56 -0.07
CA GLU B 66 25.45 -8.52 0.75
C GLU B 66 25.48 -8.16 2.23
N ARG B 67 26.49 -7.38 2.67
CA ARG B 67 26.56 -6.99 4.07
C ARG B 67 25.59 -5.87 4.43
N ASN B 68 25.00 -5.20 3.44
CA ASN B 68 24.05 -4.13 3.71
C ASN B 68 22.62 -4.49 3.30
N MET B 69 22.39 -5.66 2.72
CA MET B 69 21.05 -6.10 2.37
C MET B 69 20.40 -6.90 3.49
N ASN B 70 20.39 -6.32 4.68
CA ASN B 70 19.81 -6.94 5.86
C ASN B 70 18.95 -5.92 6.58
N GLY B 71 17.82 -6.37 7.12
CA GLY B 71 16.86 -5.49 7.76
C GLY B 71 15.65 -5.18 6.91
N VAL B 72 15.59 -5.67 5.67
CA VAL B 72 14.43 -5.45 4.82
C VAL B 72 13.29 -6.35 5.32
N GLU B 73 12.09 -5.78 5.42
CA GLU B 73 10.94 -6.49 5.96
C GLU B 73 10.47 -7.55 4.98
N GLY B 74 10.66 -8.82 5.33
CA GLY B 74 10.21 -9.93 4.52
C GLY B 74 11.30 -10.71 3.82
N LEU B 75 12.57 -10.49 4.15
CA LEU B 75 13.65 -11.20 3.47
C LEU B 75 13.76 -12.63 3.99
N ASP B 76 13.76 -13.60 3.06
CA ASP B 76 13.91 -15.00 3.43
C ASP B 76 15.37 -15.42 3.42
N TYR B 77 16.03 -15.33 2.27
CA TYR B 77 17.45 -15.66 2.18
C TYR B 77 18.08 -14.89 1.03
N MET B 78 19.38 -15.07 0.87
CA MET B 78 20.16 -14.32 -0.12
C MET B 78 21.31 -15.19 -0.61
N SER B 79 21.75 -14.94 -1.83
CA SER B 79 22.89 -15.63 -2.41
C SER B 79 23.56 -14.74 -3.44
N THR B 80 24.88 -14.89 -3.57
CA THR B 80 25.65 -14.20 -4.59
C THR B 80 26.38 -15.22 -5.44
N SER B 81 26.48 -14.94 -6.73
CA SER B 81 27.17 -15.82 -7.67
C SER B 81 28.04 -15.00 -8.60
N ALA B 82 29.26 -15.46 -8.84
CA ALA B 82 30.18 -14.77 -9.73
C ALA B 82 31.03 -15.79 -10.47
N ASP B 83 31.55 -15.39 -11.62
CA ASP B 83 32.40 -16.24 -12.45
C ASP B 83 33.55 -15.41 -12.98
N SER B 84 34.33 -15.99 -13.89
CA SER B 84 35.48 -15.33 -14.47
C SER B 84 35.13 -14.49 -15.69
N SER B 85 33.84 -14.38 -16.04
CA SER B 85 33.44 -13.56 -17.18
C SER B 85 33.51 -12.08 -16.84
N GLY B 86 32.96 -11.69 -15.69
CA GLY B 86 32.98 -10.31 -15.27
C GLY B 86 31.62 -9.79 -14.85
N SER B 87 30.66 -10.69 -14.66
CA SER B 87 29.31 -10.32 -14.28
C SER B 87 28.86 -11.15 -13.09
N GLY B 88 28.45 -10.48 -12.02
CA GLY B 88 27.97 -11.16 -10.83
C GLY B 88 26.51 -10.88 -10.55
N SER B 89 25.81 -11.84 -9.95
CA SER B 89 24.39 -11.74 -9.72
C SER B 89 24.08 -12.00 -8.25
N VAL B 90 23.29 -11.12 -7.65
CA VAL B 90 22.87 -11.26 -6.25
C VAL B 90 21.37 -11.55 -6.25
N SER B 91 21.01 -12.78 -5.90
CA SER B 91 19.62 -13.22 -5.83
C SER B 91 19.15 -13.10 -4.39
N LEU B 92 18.22 -12.18 -4.14
CA LEU B 92 17.62 -11.96 -2.83
C LEU B 92 16.20 -12.52 -2.88
N THR B 93 15.95 -13.62 -2.18
CA THR B 93 14.66 -14.27 -2.18
C THR B 93 13.91 -13.87 -0.90
N PHE B 94 12.67 -13.42 -1.07
CA PHE B 94 11.87 -12.90 0.02
C PHE B 94 10.83 -13.93 0.46
N THR B 95 10.11 -13.58 1.53
CA THR B 95 9.05 -14.42 2.06
C THR B 95 7.76 -14.19 1.28
N PRO B 96 6.84 -15.17 1.29
CA PRO B 96 5.51 -14.93 0.71
C PRO B 96 4.71 -13.91 1.48
N ASP B 97 3.59 -13.49 0.86
CA ASP B 97 2.72 -12.41 1.33
C ASP B 97 3.51 -11.11 1.52
N THR B 98 4.34 -10.78 0.54
CA THR B 98 5.16 -9.58 0.56
C THR B 98 5.08 -8.90 -0.81
N ASP B 99 4.90 -7.58 -0.81
CA ASP B 99 4.82 -6.82 -2.04
C ASP B 99 6.21 -6.73 -2.69
N GLU B 100 6.28 -7.09 -3.97
CA GLU B 100 7.56 -7.14 -4.66
C GLU B 100 8.07 -5.76 -5.05
N ASN B 101 7.16 -4.79 -5.24
CA ASN B 101 7.57 -3.46 -5.64
C ASN B 101 8.24 -2.71 -4.49
N LEU B 102 7.69 -2.84 -3.28
CA LEU B 102 8.31 -2.22 -2.11
C LEU B 102 9.65 -2.87 -1.79
N ALA B 103 9.76 -4.18 -2.00
CA ALA B 103 11.04 -4.87 -1.79
C ALA B 103 12.08 -4.44 -2.83
N GLN B 104 11.65 -4.28 -4.09
CA GLN B 104 12.57 -3.86 -5.15
C GLN B 104 13.04 -2.42 -4.93
N VAL B 105 12.14 -1.53 -4.51
CA VAL B 105 12.58 -0.16 -4.25
C VAL B 105 13.37 -0.06 -2.95
N GLU B 106 13.21 -1.02 -2.02
CA GLU B 106 14.07 -1.05 -0.84
C GLU B 106 15.48 -1.50 -1.20
N VAL B 107 15.62 -2.48 -2.09
CA VAL B 107 16.94 -2.87 -2.60
C VAL B 107 17.57 -1.73 -3.39
N GLN B 108 16.76 -0.97 -4.14
CA GLN B 108 17.27 0.18 -4.87
C GLN B 108 17.74 1.30 -3.92
N ASN B 109 16.97 1.55 -2.85
CA ASN B 109 17.35 2.58 -1.89
C ASN B 109 18.56 2.16 -1.06
N LYS B 110 18.75 0.85 -0.85
CA LYS B 110 19.97 0.38 -0.20
C LYS B 110 21.16 0.51 -1.15
N LEU B 111 20.98 0.16 -2.43
CA LEU B 111 22.07 0.24 -3.40
C LEU B 111 22.46 1.67 -3.72
N SER B 112 21.57 2.64 -3.49
CA SER B 112 21.89 4.04 -3.72
C SER B 112 22.99 4.53 -2.77
N GLU B 113 23.06 3.96 -1.56
CA GLU B 113 24.14 4.29 -0.64
C GLU B 113 25.23 3.22 -0.59
N VAL B 114 24.97 2.01 -1.08
CA VAL B 114 26.05 1.05 -1.29
C VAL B 114 26.96 1.51 -2.43
N LEU B 115 26.39 2.17 -3.44
CA LEU B 115 27.13 2.57 -4.63
C LEU B 115 28.16 3.66 -4.37
N SER B 116 28.09 4.34 -3.22
CA SER B 116 29.03 5.41 -2.92
C SER B 116 30.44 4.90 -2.63
N THR B 117 30.56 3.71 -2.05
CA THR B 117 31.86 3.12 -1.76
C THR B 117 32.29 2.10 -2.80
N LEU B 118 31.52 1.94 -3.88
CA LEU B 118 31.90 1.04 -4.96
C LEU B 118 33.02 1.67 -5.79
N PRO B 119 33.80 0.85 -6.50
CA PRO B 119 34.81 1.40 -7.41
C PRO B 119 34.19 2.13 -8.59
N ALA B 120 35.02 2.92 -9.27
CA ALA B 120 34.55 3.78 -10.35
C ALA B 120 34.22 3.02 -11.63
N THR B 121 34.66 1.77 -11.76
CA THR B 121 34.40 1.01 -12.98
C THR B 121 32.96 0.49 -13.01
N VAL B 122 32.44 0.03 -11.86
CA VAL B 122 31.07 -0.46 -11.81
C VAL B 122 30.03 0.65 -11.77
N GLN B 123 30.46 1.89 -11.51
CA GLN B 123 29.53 3.02 -11.54
C GLN B 123 29.28 3.54 -12.95
N GLN B 124 30.20 3.27 -13.89
CA GLN B 124 29.97 3.67 -15.28
C GLN B 124 28.94 2.77 -15.94
N TYR B 125 29.04 1.45 -15.71
CA TYR B 125 28.06 0.53 -16.27
C TYR B 125 26.76 0.53 -15.48
N GLY B 126 26.83 0.78 -14.17
CA GLY B 126 25.63 0.82 -13.34
C GLY B 126 25.16 -0.54 -12.88
N VAL B 127 24.64 -0.61 -11.65
CA VAL B 127 24.12 -1.85 -11.09
C VAL B 127 22.61 -1.70 -11.00
N THR B 128 21.89 -2.37 -11.88
CA THR B 128 20.44 -2.30 -11.90
C THR B 128 19.84 -3.14 -10.79
N VAL B 129 18.54 -2.93 -10.53
CA VAL B 129 17.78 -3.70 -9.56
C VAL B 129 16.55 -4.23 -10.31
N SER B 130 16.56 -5.52 -10.64
CA SER B 130 15.49 -6.13 -11.39
C SER B 130 14.87 -7.28 -10.59
N LYS B 131 13.77 -7.80 -11.10
CA LYS B 131 13.05 -8.89 -10.48
C LYS B 131 13.21 -10.16 -11.31
N ALA B 132 13.30 -11.31 -10.63
CA ALA B 132 13.46 -12.58 -11.33
C ALA B 132 12.12 -13.14 -11.81
N ARG B 133 11.04 -12.84 -11.09
CA ARG B 133 9.71 -13.32 -11.48
C ARG B 133 9.19 -12.49 -12.64
N SER B 134 9.19 -13.08 -13.84
CA SER B 134 8.71 -12.42 -15.03
C SER B 134 7.87 -13.39 -15.86
N ASN B 135 6.97 -12.83 -16.66
CA ASN B 135 6.11 -13.63 -17.51
C ASN B 135 6.87 -14.03 -18.78
N PHE B 136 6.17 -14.78 -19.66
CA PHE B 136 6.79 -15.29 -20.88
C PHE B 136 5.69 -15.50 -21.91
N LEU B 137 5.79 -14.76 -23.00
CA LEU B 137 4.76 -14.84 -24.03
C LEU B 137 5.27 -15.40 -25.35
N MET B 138 6.29 -14.78 -25.95
CA MET B 138 6.70 -15.15 -27.30
C MET B 138 8.22 -15.03 -27.43
N ILE B 139 8.73 -15.60 -28.52
CA ILE B 139 10.13 -15.48 -28.90
C ILE B 139 10.16 -15.10 -30.38
N VAL B 140 10.80 -13.98 -30.69
CA VAL B 140 10.88 -13.46 -32.05
C VAL B 140 12.32 -13.62 -32.54
N MET B 141 12.50 -14.41 -33.59
CA MET B 141 13.80 -14.62 -34.20
C MET B 141 13.86 -13.96 -35.57
N LEU B 142 15.04 -13.41 -35.90
CA LEU B 142 15.24 -12.71 -37.16
C LEU B 142 16.50 -13.25 -37.83
N SER B 143 16.34 -13.83 -39.01
CA SER B 143 17.45 -14.38 -39.77
C SER B 143 17.58 -13.64 -41.10
N SER B 144 18.81 -13.35 -41.49
CA SER B 144 19.04 -12.58 -42.71
C SER B 144 20.00 -13.25 -43.69
N ASP B 145 21.02 -13.95 -43.18
CA ASP B 145 22.01 -14.76 -43.91
C ASP B 145 22.97 -13.92 -44.76
N VAL B 146 22.75 -12.61 -44.85
CA VAL B 146 23.65 -11.71 -45.56
C VAL B 146 24.25 -10.64 -44.67
N GLN B 147 23.72 -10.44 -43.46
CA GLN B 147 24.24 -9.44 -42.54
C GLN B 147 24.88 -10.13 -41.34
N SER B 148 25.33 -9.32 -40.38
CA SER B 148 25.96 -9.81 -39.17
C SER B 148 24.98 -9.72 -38.01
N THR B 149 25.48 -10.04 -36.81
CA THR B 149 24.64 -10.03 -35.62
C THR B 149 24.38 -8.60 -35.15
N GLU B 150 25.40 -7.74 -35.23
CA GLU B 150 25.29 -6.38 -34.69
C GLU B 150 24.37 -5.51 -35.54
N GLU B 151 24.38 -5.72 -36.87
CA GLU B 151 23.50 -4.94 -37.74
C GLU B 151 22.03 -5.30 -37.53
N MET B 152 21.74 -6.59 -37.38
CA MET B 152 20.38 -7.02 -37.08
C MET B 152 19.95 -6.59 -35.69
N ASN B 153 20.89 -6.56 -34.73
CA ASN B 153 20.56 -6.08 -33.39
C ASN B 153 20.25 -4.58 -33.39
N ASP B 154 21.01 -3.80 -34.19
CA ASP B 154 20.73 -2.37 -34.31
C ASP B 154 19.41 -2.12 -35.02
N TYR B 155 19.11 -2.92 -36.04
CA TYR B 155 17.83 -2.78 -36.75
C TYR B 155 16.65 -3.16 -35.86
N ALA B 156 16.84 -4.18 -35.00
CA ALA B 156 15.78 -4.56 -34.07
C ALA B 156 15.59 -3.51 -32.99
N GLN B 157 16.68 -2.95 -32.46
CA GLN B 157 16.59 -1.92 -31.43
C GLN B 157 16.08 -0.60 -31.99
N ARG B 158 16.22 -0.35 -33.28
CA ARG B 158 15.77 0.92 -33.86
C ARG B 158 14.37 0.84 -34.46
N ASN B 159 13.95 -0.32 -34.98
CA ASN B 159 12.70 -0.41 -35.72
C ASN B 159 11.73 -1.48 -35.23
N VAL B 160 12.19 -2.45 -34.44
CA VAL B 160 11.35 -3.56 -34.00
C VAL B 160 11.01 -3.46 -32.52
N VAL B 161 12.01 -3.20 -31.68
CA VAL B 161 11.83 -3.03 -30.23
C VAL B 161 10.94 -1.82 -29.88
N PRO B 162 11.10 -0.61 -30.44
CA PRO B 162 10.16 0.47 -30.08
C PRO B 162 8.75 0.30 -30.65
N GLU B 163 8.52 -0.64 -31.55
CA GLU B 163 7.19 -0.87 -32.11
C GLU B 163 6.47 -2.06 -31.49
N LEU B 164 7.18 -2.91 -30.75
CA LEU B 164 6.56 -4.08 -30.14
C LEU B 164 6.12 -3.85 -28.71
N GLN B 165 6.80 -2.96 -27.97
CA GLN B 165 6.45 -2.68 -26.59
C GLN B 165 5.48 -1.52 -26.46
N ARG B 166 4.88 -1.06 -27.56
CA ARG B 166 3.93 0.04 -27.53
C ARG B 166 2.49 -0.43 -27.60
N ILE B 167 2.24 -1.68 -27.98
CA ILE B 167 0.88 -2.21 -28.07
C ILE B 167 0.39 -2.58 -26.68
N GLU B 168 -0.91 -2.84 -26.56
CA GLU B 168 -1.51 -3.17 -25.28
C GLU B 168 -1.29 -4.64 -24.95
N GLY B 169 -0.75 -4.91 -23.76
CA GLY B 169 -0.53 -6.26 -23.28
C GLY B 169 0.93 -6.59 -23.03
N VAL B 170 1.82 -6.06 -23.86
CA VAL B 170 3.25 -6.36 -23.75
C VAL B 170 3.83 -5.54 -22.59
N GLY B 171 4.47 -6.23 -21.65
CA GLY B 171 5.03 -5.57 -20.49
C GLY B 171 6.45 -5.08 -20.68
N GLN B 172 7.34 -5.96 -21.13
CA GLN B 172 8.74 -5.61 -21.28
C GLN B 172 9.38 -6.50 -22.34
N VAL B 173 10.07 -5.87 -23.29
CA VAL B 173 10.82 -6.59 -24.33
C VAL B 173 12.29 -6.52 -23.98
N ARG B 174 12.93 -7.69 -23.90
CA ARG B 174 14.34 -7.79 -23.55
C ARG B 174 15.12 -8.35 -24.73
N LEU B 175 16.10 -7.60 -25.21
CA LEU B 175 16.93 -8.06 -26.31
C LEU B 175 17.97 -9.07 -25.81
N PHE B 176 18.44 -9.89 -26.75
CA PHE B 176 19.47 -10.88 -26.48
C PHE B 176 20.66 -10.58 -27.38
N GLY B 177 21.54 -9.72 -26.90
CA GLY B 177 22.71 -9.32 -27.66
C GLY B 177 23.19 -7.95 -27.23
N ALA B 178 24.42 -7.64 -27.64
CA ALA B 178 25.04 -6.37 -27.30
C ALA B 178 24.72 -5.31 -28.35
N GLN B 179 24.68 -4.07 -27.91
CA GLN B 179 24.41 -2.95 -28.80
C GLN B 179 25.69 -2.54 -29.54
N ARG B 180 25.56 -1.56 -30.42
CA ARG B 180 26.70 -1.06 -31.17
C ARG B 180 27.56 -0.15 -30.31
N ALA B 181 28.86 -0.17 -30.59
CA ALA B 181 29.82 0.66 -29.87
C ALA B 181 30.97 0.98 -30.81
N MET B 182 31.80 1.94 -30.39
CA MET B 182 32.98 2.35 -31.16
C MET B 182 34.20 1.70 -30.52
N ARG B 183 34.68 0.62 -31.14
CA ARG B 183 35.84 -0.10 -30.66
C ARG B 183 37.10 0.49 -31.28
N ILE B 184 38.07 0.81 -30.43
CA ILE B 184 39.36 1.36 -30.84
C ILE B 184 40.39 0.25 -30.63
N TRP B 185 40.74 -0.45 -31.70
CA TRP B 185 41.68 -1.57 -31.66
C TRP B 185 43.09 -0.99 -31.72
N VAL B 186 43.71 -0.83 -30.55
CA VAL B 186 44.99 -0.15 -30.44
C VAL B 186 46.12 -1.16 -30.49
N ASP B 187 47.12 -0.88 -31.34
CA ASP B 187 48.31 -1.72 -31.41
C ASP B 187 49.36 -1.19 -30.44
N PRO B 188 49.80 -1.99 -29.47
CA PRO B 188 50.81 -1.49 -28.52
C PRO B 188 52.19 -1.33 -29.11
N LYS B 189 52.47 -1.95 -30.26
CA LYS B 189 53.78 -1.79 -30.89
C LYS B 189 53.98 -0.38 -31.41
N LYS B 190 52.93 0.23 -31.97
CA LYS B 190 53.01 1.63 -32.36
C LYS B 190 53.11 2.55 -31.16
N LEU B 191 52.51 2.16 -30.02
CA LEU B 191 52.60 2.96 -28.81
C LEU B 191 54.01 2.94 -28.24
N GLN B 192 54.66 1.78 -28.23
CA GLN B 192 56.04 1.72 -27.74
C GLN B 192 57.04 2.22 -28.78
N ASN B 193 56.64 2.31 -30.05
CA ASN B 193 57.52 2.91 -31.06
C ASN B 193 57.46 4.43 -31.01
N TYR B 194 56.27 5.00 -30.84
CA TYR B 194 56.10 6.45 -30.76
C TYR B 194 56.20 6.97 -29.33
N ASN B 195 56.53 6.09 -28.36
CA ASN B 195 56.64 6.40 -26.93
C ASN B 195 55.33 6.98 -26.37
N LEU B 196 54.21 6.35 -26.70
CA LEU B 196 52.92 6.65 -26.12
C LEU B 196 52.51 5.55 -25.15
N SER B 197 51.29 5.66 -24.63
CA SER B 197 50.73 4.69 -23.70
C SER B 197 49.22 4.66 -23.93
N PHE B 198 48.48 4.12 -22.96
CA PHE B 198 47.03 4.08 -23.03
C PHE B 198 46.35 5.19 -22.23
N ALA B 199 47.05 5.77 -21.25
CA ALA B 199 46.45 6.80 -20.40
C ALA B 199 46.23 8.09 -21.18
N ASP B 200 47.19 8.46 -22.03
CA ASP B 200 47.02 9.65 -22.87
C ASP B 200 45.95 9.44 -23.93
N VAL B 201 45.79 8.21 -24.42
CA VAL B 201 44.73 7.90 -25.38
C VAL B 201 43.36 8.01 -24.71
N GLY B 202 43.24 7.50 -23.49
CA GLY B 202 42.00 7.65 -22.74
C GLY B 202 41.70 9.10 -22.36
N SER B 203 42.76 9.87 -22.04
CA SER B 203 42.57 11.28 -21.73
C SER B 203 42.13 12.07 -22.95
N ALA B 204 42.68 11.74 -24.12
CA ALA B 204 42.25 12.39 -25.36
C ALA B 204 40.82 12.00 -25.73
N LEU B 205 40.46 10.73 -25.54
CA LEU B 205 39.10 10.30 -25.84
C LEU B 205 38.09 10.89 -24.85
N SER B 206 38.52 11.21 -23.64
CA SER B 206 37.65 11.94 -22.71
C SER B 206 37.67 13.45 -22.94
N ALA B 207 38.70 13.97 -23.60
CA ALA B 207 38.86 15.42 -23.78
C ALA B 207 38.21 15.94 -25.06
N GLN B 208 38.61 15.41 -26.23
CA GLN B 208 38.06 15.94 -27.48
C GLN B 208 36.60 15.50 -27.69
N ASN B 209 36.28 14.26 -27.33
CA ASN B 209 34.91 13.76 -27.44
C ASN B 209 34.16 14.19 -26.19
N ILE B 210 33.51 15.35 -26.26
CA ILE B 210 32.84 15.95 -25.11
C ILE B 210 31.74 16.88 -25.62
N GLN B 211 30.79 17.19 -24.74
CA GLN B 211 29.69 18.10 -25.05
C GLN B 211 29.96 19.47 -24.46
N ILE B 212 29.54 20.51 -25.18
CA ILE B 212 29.76 21.89 -24.78
C ILE B 212 28.41 22.55 -24.48
N SER B 213 28.36 23.28 -23.37
CA SER B 213 27.18 24.05 -22.96
C SER B 213 27.57 25.53 -23.02
N ALA B 214 27.18 26.21 -24.09
CA ALA B 214 27.62 27.57 -24.33
C ALA B 214 26.70 28.62 -23.72
N GLY B 215 25.45 28.28 -23.40
CA GLY B 215 24.54 29.25 -22.81
C GLY B 215 23.66 29.96 -23.82
N SER B 216 23.36 31.23 -23.55
CA SER B 216 22.46 32.01 -24.40
C SER B 216 22.81 33.49 -24.30
N ILE B 217 22.73 34.18 -25.43
CA ILE B 217 22.97 35.62 -25.48
C ILE B 217 21.76 36.34 -24.92
N GLY B 218 22.00 37.36 -24.10
CA GLY B 218 20.92 38.12 -23.50
C GLY B 218 20.24 37.38 -22.36
N SER B 219 20.98 37.17 -21.27
CA SER B 219 20.46 36.46 -20.11
C SER B 219 19.54 37.38 -19.31
N LEU B 220 19.04 36.87 -18.19
CA LEU B 220 18.05 37.59 -17.38
C LEU B 220 18.63 38.80 -16.64
N PRO B 221 19.87 38.73 -16.03
CA PRO B 221 20.41 40.04 -15.60
C PRO B 221 21.01 40.84 -16.74
N ALA B 222 20.14 41.48 -17.51
CA ALA B 222 20.52 42.21 -18.71
C ALA B 222 20.67 43.69 -18.41
N VAL B 223 20.98 44.47 -19.45
CA VAL B 223 21.15 45.90 -19.34
C VAL B 223 19.94 46.59 -19.96
N ARG B 224 19.85 47.90 -19.76
CA ARG B 224 18.75 48.70 -20.29
C ARG B 224 18.98 48.95 -21.78
N GLY B 225 18.16 48.33 -22.62
CA GLY B 225 18.25 48.55 -24.05
C GLY B 225 18.50 47.29 -24.85
N GLN B 226 18.19 46.13 -24.28
CA GLN B 226 18.35 44.86 -24.95
C GLN B 226 16.99 44.34 -25.41
N THR B 227 16.92 43.88 -26.66
CA THR B 227 15.68 43.40 -27.25
C THR B 227 15.77 41.97 -27.77
N VAL B 228 16.93 41.54 -28.25
CA VAL B 228 17.09 40.26 -28.92
C VAL B 228 17.71 39.26 -27.95
N THR B 229 17.10 38.08 -27.83
CA THR B 229 17.61 36.99 -27.02
C THR B 229 17.74 35.75 -27.88
N ALA B 230 18.94 35.19 -27.92
CA ALA B 230 19.21 34.02 -28.76
C ALA B 230 20.13 33.07 -28.01
N THR B 231 19.94 31.77 -28.23
CA THR B 231 20.77 30.74 -27.62
C THR B 231 21.91 30.38 -28.56
N VAL B 232 22.97 29.84 -27.97
CA VAL B 232 24.17 29.44 -28.70
C VAL B 232 24.27 27.92 -28.68
N THR B 233 24.43 27.32 -29.86
CA THR B 233 24.57 25.89 -30.01
C THR B 233 25.97 25.57 -30.51
N ALA B 234 26.71 24.78 -29.74
CA ALA B 234 28.08 24.39 -30.07
C ALA B 234 28.19 22.88 -29.97
N GLN B 235 28.09 22.20 -31.11
CA GLN B 235 28.16 20.74 -31.17
C GLN B 235 29.60 20.34 -31.45
N GLY B 236 30.29 19.89 -30.41
CA GLY B 236 31.68 19.48 -30.54
C GLY B 236 31.93 18.05 -30.14
N GLN B 237 30.99 17.16 -30.45
CA GLN B 237 31.09 15.75 -30.12
C GLN B 237 31.18 14.93 -31.39
N LEU B 238 32.07 13.94 -31.39
CA LEU B 238 32.28 13.10 -32.56
C LEU B 238 31.21 12.03 -32.63
N GLY B 239 30.81 11.68 -33.85
CA GLY B 239 29.80 10.67 -34.07
C GLY B 239 30.10 9.78 -35.25
N THR B 240 31.27 9.96 -35.86
CA THR B 240 31.68 9.20 -37.03
C THR B 240 33.07 8.61 -36.78
N ALA B 241 33.30 7.40 -37.31
CA ALA B 241 34.60 6.76 -37.15
C ALA B 241 35.70 7.50 -37.90
N GLU B 242 35.36 8.17 -39.00
CA GLU B 242 36.33 9.01 -39.70
C GLU B 242 36.69 10.25 -38.88
N GLU B 243 35.75 10.73 -38.05
CA GLU B 243 36.08 11.81 -37.12
C GLU B 243 36.85 11.30 -35.92
N PHE B 244 36.61 10.05 -35.50
CA PHE B 244 37.37 9.46 -34.41
C PHE B 244 38.78 9.06 -34.82
N GLY B 245 39.01 8.87 -36.12
CA GLY B 245 40.35 8.56 -36.59
C GLY B 245 41.29 9.74 -36.66
N ASN B 246 40.80 10.96 -36.42
CA ASN B 246 41.62 12.16 -36.45
C ASN B 246 41.76 12.79 -35.06
N VAL B 247 41.69 11.98 -34.01
CA VAL B 247 41.83 12.48 -32.66
C VAL B 247 43.30 12.78 -32.38
N ILE B 248 43.58 14.03 -32.02
CA ILE B 248 44.95 14.45 -31.73
C ILE B 248 45.38 13.87 -30.39
N LEU B 249 46.49 13.12 -30.40
CA LEU B 249 47.02 12.52 -29.18
C LEU B 249 48.13 13.39 -28.59
N ARG B 250 49.07 13.83 -29.42
CA ARG B 250 50.12 14.75 -28.99
C ARG B 250 50.57 15.56 -30.19
N ALA B 251 50.62 16.89 -30.02
CA ALA B 251 51.04 17.79 -31.09
C ALA B 251 52.54 18.03 -31.01
N ASN B 252 53.22 17.92 -32.15
CA ASN B 252 54.66 18.11 -32.21
C ASN B 252 54.98 19.61 -32.32
N THR B 253 56.27 19.91 -32.31
CA THR B 253 56.71 21.31 -32.40
C THR B 253 56.70 21.82 -33.84
N ASP B 254 56.91 20.95 -34.81
CA ASP B 254 56.95 21.34 -36.21
C ASP B 254 55.67 21.00 -36.97
N GLY B 255 54.94 19.99 -36.55
CA GLY B 255 53.71 19.58 -37.19
C GLY B 255 53.63 18.07 -37.25
N SER B 256 52.64 17.60 -38.02
CA SER B 256 52.34 16.18 -38.23
C SER B 256 52.08 15.46 -36.90
N ASN B 257 51.01 15.88 -36.23
CA ASN B 257 50.65 15.33 -34.94
C ASN B 257 50.12 13.91 -35.08
N ILE B 258 50.18 13.16 -33.97
CA ILE B 258 49.79 11.77 -33.96
C ILE B 258 48.26 11.67 -33.93
N TYR B 259 47.71 10.89 -34.85
CA TYR B 259 46.27 10.66 -34.94
C TYR B 259 45.93 9.30 -34.32
N LEU B 260 44.66 8.92 -34.47
CA LEU B 260 44.18 7.64 -33.98
C LEU B 260 44.01 6.61 -35.08
N LYS B 261 44.29 6.98 -36.33
CA LYS B 261 44.15 6.08 -37.47
C LYS B 261 45.45 5.44 -37.90
N ASP B 262 46.59 5.86 -37.34
CA ASP B 262 47.88 5.27 -37.68
C ASP B 262 48.46 4.42 -36.56
N VAL B 263 48.03 4.60 -35.32
CA VAL B 263 48.50 3.83 -34.19
C VAL B 263 47.39 2.96 -33.59
N ALA B 264 46.20 2.99 -34.18
CA ALA B 264 45.08 2.22 -33.68
C ALA B 264 44.16 1.86 -34.85
N LYS B 265 43.04 1.22 -34.53
CA LYS B 265 42.04 0.84 -35.51
C LYS B 265 40.66 1.13 -34.94
N VAL B 266 39.99 2.14 -35.46
CA VAL B 266 38.70 2.59 -34.95
C VAL B 266 37.61 2.05 -35.86
N GLY B 267 36.59 1.42 -35.27
CA GLY B 267 35.49 0.89 -36.07
C GLY B 267 34.33 0.50 -35.20
N LEU B 268 33.17 0.35 -35.84
CA LEU B 268 31.96 -0.05 -35.14
C LEU B 268 32.00 -1.54 -34.82
N GLY B 269 31.53 -1.89 -33.64
CA GLY B 269 31.49 -3.27 -33.23
C GLY B 269 30.52 -3.50 -32.10
N MET B 270 30.65 -4.63 -31.44
CA MET B 270 29.79 -4.98 -30.33
C MET B 270 30.42 -4.52 -29.01
N GLU B 271 29.75 -4.82 -27.90
CA GLU B 271 30.19 -4.34 -26.59
C GLU B 271 31.08 -5.35 -25.87
N ASP B 272 30.78 -6.64 -25.97
CA ASP B 272 31.52 -7.63 -25.20
C ASP B 272 31.91 -8.86 -26.02
N TYR B 273 31.18 -9.10 -27.13
CA TYR B 273 31.37 -10.25 -28.03
C TYR B 273 31.29 -11.59 -27.30
N SER B 274 30.39 -11.70 -26.32
CA SER B 274 30.34 -12.90 -25.50
C SER B 274 29.31 -13.90 -26.02
N SER B 275 28.04 -13.49 -26.09
CA SER B 275 26.95 -14.40 -26.44
C SER B 275 26.64 -14.33 -27.93
N SER B 276 26.22 -15.48 -28.47
CA SER B 276 25.78 -15.57 -29.85
C SER B 276 24.55 -16.47 -29.90
N THR B 277 23.69 -16.22 -30.89
CA THR B 277 22.47 -16.99 -31.05
C THR B 277 22.35 -17.42 -32.50
N ARG B 278 22.08 -18.71 -32.71
CA ARG B 278 21.95 -19.25 -34.06
C ARG B 278 20.69 -20.10 -34.16
N LEU B 279 20.03 -20.03 -35.32
CA LEU B 279 18.82 -20.79 -35.59
C LEU B 279 19.05 -21.56 -36.89
N ASN B 280 19.27 -22.87 -36.76
CA ASN B 280 19.56 -23.80 -37.85
C ASN B 280 20.80 -23.41 -38.66
N GLY B 281 21.77 -22.75 -38.02
CA GLY B 281 23.06 -22.48 -38.63
C GLY B 281 23.25 -21.11 -39.23
N VAL B 282 22.33 -20.17 -39.02
CA VAL B 282 22.47 -18.82 -39.54
C VAL B 282 22.47 -17.84 -38.37
N ASN B 283 22.87 -16.60 -38.66
CA ASN B 283 22.89 -15.56 -37.64
C ASN B 283 21.49 -15.12 -37.28
N THR B 284 21.20 -15.05 -35.97
CA THR B 284 19.86 -14.84 -35.47
C THR B 284 19.93 -14.04 -34.18
N THR B 285 19.06 -13.03 -34.07
CA THR B 285 18.98 -12.20 -32.87
C THR B 285 18.03 -12.84 -31.86
N GLY B 286 17.67 -12.09 -30.82
CA GLY B 286 16.81 -12.62 -29.78
C GLY B 286 15.97 -11.57 -29.09
N MET B 287 14.68 -11.84 -28.94
CA MET B 287 13.76 -10.96 -28.24
C MET B 287 12.78 -11.81 -27.45
N ALA B 288 12.70 -11.55 -26.14
CA ALA B 288 11.80 -12.27 -25.24
C ALA B 288 10.66 -11.34 -24.85
N VAL B 289 9.53 -11.48 -25.54
CA VAL B 289 8.35 -10.67 -25.23
C VAL B 289 7.71 -11.20 -23.95
N MET B 290 7.65 -10.36 -22.92
CA MET B 290 7.11 -10.73 -21.62
C MET B 290 5.77 -10.03 -21.41
N LEU B 291 4.78 -10.80 -20.96
CA LEU B 291 3.45 -10.27 -20.72
C LEU B 291 3.42 -9.49 -19.40
N SER B 292 2.44 -8.60 -19.28
CA SER B 292 2.21 -7.85 -18.06
C SER B 292 1.04 -8.44 -17.29
N ASN B 293 0.92 -8.04 -16.03
CA ASN B 293 -0.17 -8.51 -15.20
C ASN B 293 -1.48 -7.84 -15.61
N SER B 294 -2.59 -8.55 -15.32
CA SER B 294 -3.96 -8.16 -15.67
C SER B 294 -4.12 -7.90 -17.17
N GLY B 295 -3.50 -8.74 -18.01
CA GLY B 295 -3.57 -8.60 -19.44
C GLY B 295 -3.95 -9.91 -20.11
N ASN B 296 -4.20 -9.81 -21.42
CA ASN B 296 -4.58 -10.95 -22.23
C ASN B 296 -3.36 -11.49 -22.98
N ALA B 297 -3.41 -12.78 -23.31
CA ALA B 297 -2.31 -13.44 -24.02
C ALA B 297 -2.69 -13.93 -25.40
N MET B 298 -3.98 -14.17 -25.67
CA MET B 298 -4.39 -14.67 -26.98
C MET B 298 -4.42 -13.56 -28.02
N ALA B 299 -5.00 -12.40 -27.68
CA ALA B 299 -5.05 -11.29 -28.62
C ALA B 299 -3.71 -10.57 -28.72
N THR B 300 -2.89 -10.64 -27.67
CA THR B 300 -1.60 -9.95 -27.67
C THR B 300 -0.63 -10.62 -28.66
N ALA B 301 -0.67 -11.96 -28.73
CA ALA B 301 0.19 -12.66 -29.70
C ALA B 301 -0.25 -12.39 -31.13
N LYS B 302 -1.56 -12.27 -31.36
CA LYS B 302 -2.06 -11.94 -32.69
C LYS B 302 -1.69 -10.51 -33.08
N ALA B 303 -1.72 -9.59 -32.12
CA ALA B 303 -1.30 -8.21 -32.39
C ALA B 303 0.20 -8.13 -32.65
N VAL B 304 0.99 -8.93 -31.93
CA VAL B 304 2.43 -8.98 -32.17
C VAL B 304 2.73 -9.56 -33.55
N LYS B 305 1.98 -10.58 -33.97
CA LYS B 305 2.17 -11.17 -35.28
C LYS B 305 1.73 -10.21 -36.40
N GLU B 306 0.67 -9.43 -36.15
CA GLU B 306 0.25 -8.43 -37.14
C GLU B 306 1.25 -7.30 -37.27
N ARG B 307 1.81 -6.85 -36.14
CA ARG B 307 2.88 -5.84 -36.18
C ARG B 307 4.14 -6.39 -36.84
N LEU B 308 4.44 -7.68 -36.64
CA LEU B 308 5.57 -8.29 -37.31
C LEU B 308 5.34 -8.44 -38.81
N ALA B 309 4.10 -8.66 -39.23
CA ALA B 309 3.81 -8.69 -40.66
C ALA B 309 3.90 -7.31 -41.28
N VAL B 310 3.47 -6.28 -40.54
CA VAL B 310 3.59 -4.89 -41.00
C VAL B 310 5.06 -4.50 -41.12
N LEU B 311 5.90 -4.95 -40.17
CA LEU B 311 7.33 -4.70 -40.26
C LEU B 311 7.99 -5.52 -41.35
N GLU B 312 7.51 -6.74 -41.60
CA GLU B 312 8.02 -7.58 -42.68
C GLU B 312 7.66 -7.03 -44.05
N LYS B 313 6.60 -6.23 -44.14
CA LYS B 313 6.32 -5.49 -45.36
C LYS B 313 7.37 -4.42 -45.66
N TYR B 314 8.15 -4.01 -44.66
CA TYR B 314 9.21 -3.03 -44.85
C TYR B 314 10.59 -3.57 -44.48
N PHE B 315 10.75 -4.89 -44.43
CA PHE B 315 12.06 -5.46 -44.14
C PHE B 315 12.99 -5.32 -45.34
N PRO B 316 14.31 -5.22 -45.11
CA PRO B 316 15.26 -5.22 -46.23
C PRO B 316 15.48 -6.59 -46.84
N GLN B 317 16.40 -6.69 -47.79
CA GLN B 317 16.62 -7.93 -48.53
C GLN B 317 17.34 -8.95 -47.65
N GLY B 318 16.59 -9.93 -47.16
CA GLY B 318 17.18 -11.02 -46.40
C GLY B 318 16.52 -11.28 -45.05
N MET B 319 16.13 -10.21 -44.36
CA MET B 319 15.58 -10.35 -43.02
C MET B 319 14.14 -10.83 -43.06
N SER B 320 13.81 -11.77 -42.17
CA SER B 320 12.46 -12.32 -42.10
C SER B 320 12.23 -12.84 -40.69
N TRP B 321 11.11 -12.46 -40.09
CA TRP B 321 10.80 -12.86 -38.73
C TRP B 321 10.27 -14.30 -38.70
N LYS B 322 10.50 -14.97 -37.57
CA LYS B 322 10.04 -16.35 -37.38
C LYS B 322 9.92 -16.60 -35.89
N THR B 323 8.76 -17.08 -35.44
CA THR B 323 8.53 -17.35 -34.04
C THR B 323 8.56 -18.85 -33.80
N PRO B 324 9.63 -19.40 -33.22
CA PRO B 324 9.72 -20.85 -33.07
C PRO B 324 8.95 -21.39 -31.88
N TYR B 325 8.81 -20.58 -30.81
CA TYR B 325 8.14 -21.01 -29.59
C TYR B 325 7.12 -19.97 -29.17
N ASP B 326 5.93 -20.42 -28.81
CA ASP B 326 4.85 -19.55 -28.37
C ASP B 326 4.10 -20.23 -27.22
N THR B 327 3.86 -19.47 -26.15
CA THR B 327 3.09 -19.96 -25.01
C THR B 327 1.64 -19.53 -25.06
N SER B 328 1.27 -18.68 -26.02
CA SER B 328 -0.13 -18.28 -26.17
C SER B 328 -0.98 -19.38 -26.79
N LYS B 329 -0.38 -20.30 -27.52
CA LYS B 329 -1.09 -21.45 -28.07
C LYS B 329 -1.29 -22.56 -27.04
N PHE B 330 -0.72 -22.42 -25.85
CA PHE B 330 -0.94 -23.40 -24.79
C PHE B 330 -2.31 -23.28 -24.14
N VAL B 331 -2.96 -22.11 -24.28
CA VAL B 331 -4.22 -21.87 -23.57
C VAL B 331 -5.44 -21.95 -24.46
N GLU B 332 -5.29 -21.86 -25.79
CA GLU B 332 -6.44 -22.00 -26.66
C GLU B 332 -6.87 -23.44 -26.81
N ILE B 333 -5.90 -24.38 -26.77
CA ILE B 333 -6.22 -25.80 -26.79
C ILE B 333 -6.92 -26.20 -25.49
N SER B 334 -6.58 -25.55 -24.38
CA SER B 334 -7.23 -25.86 -23.10
C SER B 334 -8.68 -25.37 -23.08
N ILE B 335 -8.94 -24.18 -23.61
CA ILE B 335 -10.31 -23.67 -23.72
C ILE B 335 -11.10 -24.50 -24.72
N GLU B 336 -10.45 -24.95 -25.80
CA GLU B 336 -11.09 -25.84 -26.77
C GLU B 336 -11.44 -27.18 -26.14
N LYS B 337 -10.58 -27.68 -25.26
CA LYS B 337 -10.86 -28.92 -24.53
C LYS B 337 -12.00 -28.73 -23.54
N VAL B 338 -12.07 -27.57 -22.90
CA VAL B 338 -13.16 -27.28 -21.97
C VAL B 338 -14.51 -27.24 -22.70
N ILE B 339 -14.54 -26.56 -23.86
CA ILE B 339 -15.75 -26.50 -24.67
C ILE B 339 -16.11 -27.86 -25.23
N HIS B 340 -15.10 -28.67 -25.58
CA HIS B 340 -15.35 -30.00 -26.13
C HIS B 340 -15.92 -30.95 -25.09
N THR B 341 -15.36 -30.96 -23.87
CA THR B 341 -15.93 -31.78 -22.81
C THR B 341 -17.27 -31.26 -22.34
N LEU B 342 -17.52 -29.94 -22.42
CA LEU B 342 -18.84 -29.42 -22.08
C LEU B 342 -19.90 -29.88 -23.09
N ILE B 343 -19.57 -29.84 -24.38
CA ILE B 343 -20.49 -30.29 -25.42
C ILE B 343 -20.73 -31.80 -25.32
N GLU B 344 -19.66 -32.57 -25.08
CA GLU B 344 -19.80 -34.02 -24.92
C GLU B 344 -20.59 -34.37 -23.66
N ALA B 345 -20.42 -33.59 -22.59
CA ALA B 345 -21.18 -33.83 -21.36
C ALA B 345 -22.65 -33.52 -21.57
N MET B 346 -22.96 -32.45 -22.31
CA MET B 346 -24.35 -32.14 -22.64
C MET B 346 -24.97 -33.23 -23.50
N VAL B 347 -24.20 -33.77 -24.45
CA VAL B 347 -24.69 -34.84 -25.33
C VAL B 347 -24.98 -36.10 -24.53
N LEU B 348 -24.06 -36.51 -23.64
CA LEU B 348 -24.28 -37.71 -22.85
C LEU B 348 -25.37 -37.53 -21.80
N VAL B 349 -25.52 -36.34 -21.22
CA VAL B 349 -26.62 -36.10 -20.29
C VAL B 349 -27.96 -36.15 -21.02
N PHE B 350 -28.01 -35.60 -22.25
CA PHE B 350 -29.24 -35.69 -23.04
C PHE B 350 -29.56 -37.14 -23.43
N VAL B 351 -28.53 -37.92 -23.74
CA VAL B 351 -28.73 -39.33 -24.12
C VAL B 351 -29.22 -40.14 -22.93
N VAL B 352 -28.60 -39.95 -21.77
CA VAL B 352 -28.98 -40.69 -20.56
C VAL B 352 -30.38 -40.28 -20.09
N MET B 353 -30.70 -38.99 -20.19
CA MET B 353 -32.02 -38.53 -19.75
C MET B 353 -33.12 -38.90 -20.73
N TYR B 354 -32.78 -39.09 -22.01
CA TYR B 354 -33.76 -39.60 -22.96
C TYR B 354 -33.93 -41.10 -22.83
N LEU B 355 -32.89 -41.81 -22.40
CA LEU B 355 -33.00 -43.25 -22.23
C LEU B 355 -33.72 -43.62 -20.94
N PHE B 356 -33.53 -42.85 -19.87
CA PHE B 356 -34.07 -43.20 -18.56
C PHE B 356 -35.46 -42.61 -18.33
N LEU B 357 -35.58 -41.28 -18.44
CA LEU B 357 -36.83 -40.60 -18.13
C LEU B 357 -37.83 -40.61 -19.28
N GLN B 358 -37.43 -41.12 -20.45
CA GLN B 358 -38.31 -41.45 -21.57
C GLN B 358 -39.07 -40.24 -22.13
N ASN B 359 -38.46 -39.06 -22.08
CA ASN B 359 -39.09 -37.85 -22.62
C ASN B 359 -38.00 -36.86 -23.00
N ILE B 360 -38.41 -35.76 -23.64
CA ILE B 360 -37.49 -34.73 -24.06
C ILE B 360 -37.65 -33.43 -23.28
N ARG B 361 -38.76 -33.25 -22.55
CA ARG B 361 -38.95 -32.03 -21.77
C ARG B 361 -38.16 -32.05 -20.48
N TYR B 362 -37.76 -33.23 -19.99
CA TYR B 362 -36.91 -33.31 -18.82
C TYR B 362 -35.48 -32.89 -19.13
N THR B 363 -35.02 -33.14 -20.36
CA THR B 363 -33.62 -32.91 -20.73
C THR B 363 -33.28 -31.44 -20.88
N LEU B 364 -34.28 -30.56 -21.00
CA LEU B 364 -34.02 -29.14 -21.14
C LEU B 364 -33.58 -28.49 -19.83
N ILE B 365 -33.86 -29.13 -18.69
CA ILE B 365 -33.56 -28.56 -17.37
C ILE B 365 -32.07 -28.45 -17.06
N PRO B 366 -31.20 -29.48 -17.21
CA PRO B 366 -29.80 -29.25 -16.82
C PRO B 366 -29.02 -28.40 -17.80
N THR B 367 -29.41 -28.38 -19.08
CA THR B 367 -28.69 -27.60 -20.09
C THR B 367 -28.87 -26.10 -19.90
N ILE B 368 -29.85 -25.67 -19.11
CA ILE B 368 -29.93 -24.28 -18.70
C ILE B 368 -29.21 -24.06 -17.36
N VAL B 369 -29.30 -25.03 -16.45
CA VAL B 369 -28.81 -24.86 -15.09
C VAL B 369 -27.28 -24.81 -15.05
N VAL B 370 -26.62 -25.69 -15.81
CA VAL B 370 -25.15 -25.81 -15.80
C VAL B 370 -24.41 -24.57 -16.31
N PRO B 371 -24.75 -23.92 -17.45
CA PRO B 371 -23.96 -22.74 -17.85
C PRO B 371 -24.13 -21.53 -16.95
N ILE B 372 -25.27 -21.36 -16.27
CA ILE B 372 -25.39 -20.28 -15.31
C ILE B 372 -24.52 -20.55 -14.08
N SER B 373 -24.36 -21.82 -13.70
CA SER B 373 -23.44 -22.16 -12.62
C SER B 373 -21.98 -21.95 -13.05
N LEU B 374 -21.67 -22.23 -14.31
CA LEU B 374 -20.34 -21.96 -14.84
C LEU B 374 -20.04 -20.46 -14.86
N LEU B 375 -21.04 -19.66 -15.24
CA LEU B 375 -20.86 -18.20 -15.24
C LEU B 375 -20.77 -17.64 -13.82
N GLY B 376 -21.49 -18.23 -12.86
CA GLY B 376 -21.34 -17.80 -11.48
C GLY B 376 -19.99 -18.16 -10.90
N GLY B 377 -19.46 -19.33 -11.29
CA GLY B 377 -18.09 -19.67 -10.92
C GLY B 377 -17.06 -18.74 -11.53
N PHE B 378 -17.28 -18.34 -12.80
CA PHE B 378 -16.39 -17.38 -13.44
C PHE B 378 -16.47 -16.01 -12.78
N ALA B 379 -17.67 -15.62 -12.33
CA ALA B 379 -17.83 -14.34 -11.64
C ALA B 379 -17.15 -14.36 -10.28
N PHE B 380 -17.21 -15.50 -9.59
CA PHE B 380 -16.48 -15.61 -8.32
C PHE B 380 -14.97 -15.71 -8.52
N ILE B 381 -14.54 -16.21 -9.69
CA ILE B 381 -13.13 -16.14 -10.05
C ILE B 381 -12.70 -14.69 -10.24
N SER B 382 -13.48 -13.92 -11.01
CA SER B 382 -13.13 -12.54 -11.30
C SER B 382 -13.30 -11.61 -10.10
N TYR B 383 -14.12 -12.01 -9.11
CA TYR B 383 -14.27 -11.17 -7.93
C TYR B 383 -13.06 -11.30 -7.01
N MET B 384 -12.47 -12.49 -6.92
CA MET B 384 -11.34 -12.74 -6.03
C MET B 384 -10.00 -12.31 -6.62
N GLY B 385 -9.98 -11.73 -7.82
CA GLY B 385 -8.74 -11.29 -8.41
C GLY B 385 -7.89 -12.38 -9.01
N MET B 386 -8.49 -13.48 -9.43
CA MET B 386 -7.75 -14.58 -10.06
C MET B 386 -7.63 -14.33 -11.55
N SER B 387 -7.18 -15.35 -12.29
CA SER B 387 -7.02 -15.25 -13.74
C SER B 387 -7.39 -16.58 -14.36
N ILE B 388 -7.32 -16.63 -15.69
CA ILE B 388 -7.63 -17.84 -16.46
C ILE B 388 -6.30 -18.48 -16.87
N ASN B 389 -6.12 -19.75 -16.50
CA ASN B 389 -4.93 -20.50 -16.85
C ASN B 389 -5.30 -21.97 -17.00
N VAL B 390 -4.28 -22.83 -16.99
CA VAL B 390 -4.51 -24.25 -17.24
C VAL B 390 -5.13 -24.92 -16.01
N LEU B 391 -4.75 -24.49 -14.80
CA LEU B 391 -5.27 -25.09 -13.58
C LEU B 391 -6.75 -24.75 -13.37
N THR B 392 -7.12 -23.50 -13.68
CA THR B 392 -8.52 -23.09 -13.60
C THR B 392 -9.39 -23.86 -14.58
N MET B 393 -8.89 -24.07 -15.81
CA MET B 393 -9.67 -24.81 -16.79
C MET B 393 -9.73 -26.30 -16.47
N PHE B 394 -8.67 -26.85 -15.87
CA PHE B 394 -8.73 -28.24 -15.42
C PHE B 394 -9.70 -28.41 -14.26
N ALA B 395 -9.79 -27.41 -13.39
CA ALA B 395 -10.76 -27.46 -12.30
C ALA B 395 -12.18 -27.28 -12.81
N MET B 396 -12.35 -26.50 -13.88
CA MET B 396 -13.67 -26.38 -14.50
C MET B 396 -14.05 -27.65 -15.24
N ILE B 397 -13.05 -28.40 -15.73
CA ILE B 397 -13.30 -29.71 -16.31
C ILE B 397 -13.71 -30.70 -15.22
N LEU B 398 -13.04 -30.65 -14.06
CA LEU B 398 -13.29 -31.63 -13.01
C LEU B 398 -14.63 -31.38 -12.31
N VAL B 399 -15.16 -30.16 -12.41
CA VAL B 399 -16.40 -29.83 -11.70
C VAL B 399 -17.63 -30.07 -12.59
N ILE B 400 -17.45 -30.71 -13.75
CA ILE B 400 -18.55 -30.90 -14.69
C ILE B 400 -19.58 -31.89 -14.15
N GLY B 401 -19.13 -33.01 -13.59
CA GLY B 401 -20.06 -34.01 -13.09
C GLY B 401 -20.77 -33.57 -11.82
N ILE B 402 -20.15 -32.69 -11.05
CA ILE B 402 -20.73 -32.26 -9.77
C ILE B 402 -21.90 -31.31 -10.02
N VAL B 403 -21.80 -30.49 -11.06
CA VAL B 403 -22.86 -29.51 -11.32
C VAL B 403 -23.98 -30.14 -12.15
N VAL B 404 -23.75 -31.34 -12.69
CA VAL B 404 -24.87 -32.03 -13.35
C VAL B 404 -25.50 -33.05 -12.41
N ASP B 405 -24.79 -33.45 -11.35
CA ASP B 405 -25.32 -34.48 -10.45
C ASP B 405 -26.51 -33.96 -9.65
N ASP B 406 -26.42 -32.72 -9.14
CA ASP B 406 -27.54 -32.16 -8.40
C ASP B 406 -28.70 -31.81 -9.33
N ALA B 407 -28.42 -31.61 -10.62
CA ALA B 407 -29.49 -31.41 -11.59
C ALA B 407 -30.20 -32.73 -11.90
N ILE B 408 -29.44 -33.83 -11.90
CA ILE B 408 -30.05 -35.13 -12.18
C ILE B 408 -30.88 -35.62 -11.00
N VAL B 409 -30.36 -35.50 -9.77
CA VAL B 409 -31.02 -36.14 -8.63
C VAL B 409 -32.28 -35.40 -8.20
N VAL B 410 -32.45 -34.16 -8.65
CA VAL B 410 -33.69 -33.43 -8.37
C VAL B 410 -34.79 -33.86 -9.32
N VAL B 411 -34.50 -33.85 -10.63
CA VAL B 411 -35.51 -34.19 -11.62
C VAL B 411 -35.81 -35.69 -11.60
N GLU B 412 -34.89 -36.51 -11.08
CA GLU B 412 -35.19 -37.93 -10.90
C GLU B 412 -36.25 -38.13 -9.83
N ASN B 413 -36.13 -37.42 -8.71
CA ASN B 413 -37.13 -37.52 -7.65
C ASN B 413 -38.47 -36.92 -8.09
N VAL B 414 -38.42 -35.85 -8.90
CA VAL B 414 -39.65 -35.26 -9.42
C VAL B 414 -40.37 -36.23 -10.36
N GLU B 415 -39.63 -36.85 -11.28
CA GLU B 415 -40.22 -37.84 -12.18
C GLU B 415 -40.68 -39.09 -11.44
N ARG B 416 -39.98 -39.47 -10.38
CA ARG B 416 -40.37 -40.64 -9.60
C ARG B 416 -41.67 -40.40 -8.84
N ILE B 417 -41.82 -39.21 -8.24
CA ILE B 417 -43.05 -38.88 -7.55
C ILE B 417 -44.20 -38.73 -8.54
N MET B 418 -43.95 -38.14 -9.71
CA MET B 418 -44.98 -37.98 -10.72
C MET B 418 -45.39 -39.32 -11.34
N ALA B 419 -44.49 -40.29 -11.38
CA ALA B 419 -44.83 -41.61 -11.89
C ALA B 419 -45.50 -42.48 -10.84
N GLY B 420 -45.15 -42.31 -9.56
CA GLY B 420 -45.74 -43.10 -8.50
C GLY B 420 -47.10 -42.62 -8.07
N GLU B 421 -47.20 -41.34 -7.66
CA GLU B 421 -48.44 -40.81 -7.14
C GLU B 421 -49.38 -40.26 -8.21
N GLY B 422 -48.86 -39.96 -9.40
CA GLY B 422 -49.68 -39.37 -10.43
C GLY B 422 -50.09 -37.93 -10.18
N LEU B 423 -49.35 -37.23 -9.32
CA LEU B 423 -49.68 -35.87 -8.94
C LEU B 423 -49.32 -34.90 -10.07
N PRO B 424 -49.92 -33.70 -10.07
CA PRO B 424 -49.43 -32.61 -10.92
C PRO B 424 -48.03 -32.20 -10.52
N PRO B 425 -47.25 -31.60 -11.43
CA PRO B 425 -45.84 -31.30 -11.12
C PRO B 425 -45.62 -30.25 -10.05
N LYS B 426 -46.62 -29.44 -9.72
CA LYS B 426 -46.47 -28.44 -8.65
C LYS B 426 -46.35 -29.11 -7.29
N GLU B 427 -47.34 -29.94 -6.92
CA GLU B 427 -47.30 -30.64 -5.64
C GLU B 427 -46.20 -31.70 -5.61
N ALA B 428 -45.88 -32.30 -6.76
CA ALA B 428 -44.80 -33.27 -6.81
C ALA B 428 -43.44 -32.62 -6.59
N THR B 429 -43.23 -31.45 -7.21
CA THR B 429 -41.99 -30.70 -6.98
C THR B 429 -41.92 -30.16 -5.56
N LYS B 430 -43.08 -29.79 -4.97
CA LYS B 430 -43.11 -29.36 -3.58
C LYS B 430 -42.74 -30.51 -2.64
N LYS B 431 -43.24 -31.71 -2.91
CA LYS B 431 -42.93 -32.88 -2.08
C LYS B 431 -41.46 -33.28 -2.22
N ALA B 432 -40.93 -33.25 -3.45
CA ALA B 432 -39.53 -33.57 -3.67
C ALA B 432 -38.60 -32.54 -3.05
N MET B 433 -38.99 -31.26 -3.09
CA MET B 433 -38.18 -30.22 -2.48
C MET B 433 -38.20 -30.32 -0.96
N GLY B 434 -39.38 -30.57 -0.37
CA GLY B 434 -39.46 -30.83 1.06
C GLY B 434 -38.76 -32.09 1.50
N GLN B 435 -38.57 -33.05 0.58
CA GLN B 435 -37.77 -34.22 0.90
C GLN B 435 -36.28 -33.90 0.91
N ILE B 436 -35.75 -33.30 -0.17
CA ILE B 436 -34.31 -33.29 -0.40
C ILE B 436 -33.70 -31.90 -0.25
N SER B 437 -34.43 -30.92 0.31
CA SER B 437 -33.86 -29.58 0.49
C SER B 437 -32.78 -29.57 1.56
N GLY B 438 -33.08 -30.11 2.73
CA GLY B 438 -32.08 -30.24 3.77
C GLY B 438 -30.95 -31.18 3.39
N ALA B 439 -31.25 -32.19 2.58
CA ALA B 439 -30.22 -33.11 2.09
C ALA B 439 -29.22 -32.40 1.18
N VAL B 440 -29.71 -31.60 0.23
CA VAL B 440 -28.79 -30.90 -0.66
C VAL B 440 -28.10 -29.74 0.06
N ILE B 441 -28.73 -29.19 1.12
CA ILE B 441 -28.05 -28.19 1.94
C ILE B 441 -26.89 -28.81 2.71
N GLY B 442 -27.11 -30.02 3.26
CA GLY B 442 -26.02 -30.72 3.94
C GLY B 442 -24.93 -31.18 2.99
N ILE B 443 -25.31 -31.58 1.77
CA ILE B 443 -24.34 -31.92 0.73
C ILE B 443 -23.47 -30.71 0.38
N THR B 444 -24.11 -29.54 0.24
CA THR B 444 -23.39 -28.32 -0.08
C THR B 444 -22.45 -27.91 1.06
N ALA B 445 -22.91 -28.05 2.31
CA ALA B 445 -22.07 -27.70 3.45
C ALA B 445 -20.90 -28.67 3.60
N VAL B 446 -21.12 -29.96 3.31
CA VAL B 446 -20.03 -30.93 3.34
C VAL B 446 -19.01 -30.65 2.24
N LEU B 447 -19.49 -30.26 1.05
CA LEU B 447 -18.57 -29.96 -0.05
C LEU B 447 -17.76 -28.69 0.21
N ILE B 448 -18.39 -27.68 0.82
CA ILE B 448 -17.66 -26.47 1.20
C ILE B 448 -16.66 -26.77 2.32
N SER B 449 -17.05 -27.61 3.29
CA SER B 449 -16.14 -27.95 4.38
C SER B 449 -14.98 -28.83 3.90
N VAL B 450 -15.16 -29.55 2.79
CA VAL B 450 -14.06 -30.28 2.18
C VAL B 450 -13.16 -29.37 1.36
N PHE B 451 -13.72 -28.43 0.59
CA PHE B 451 -12.92 -27.61 -0.32
C PHE B 451 -12.32 -26.36 0.32
N VAL B 452 -12.72 -26.01 1.54
CA VAL B 452 -12.10 -24.87 2.24
C VAL B 452 -10.65 -25.14 2.66
N PRO B 453 -10.27 -26.24 3.34
CA PRO B 453 -8.86 -26.35 3.76
C PRO B 453 -7.87 -26.65 2.65
N LEU B 454 -8.30 -26.79 1.40
CA LEU B 454 -7.35 -26.86 0.30
C LEU B 454 -6.67 -25.52 0.06
N ALA B 455 -7.39 -24.42 0.28
CA ALA B 455 -6.86 -23.07 0.09
C ALA B 455 -6.22 -22.50 1.35
N MET B 456 -5.77 -23.36 2.26
CA MET B 456 -5.16 -22.91 3.51
C MET B 456 -3.69 -23.32 3.64
N PHE B 457 -3.10 -23.90 2.60
CA PHE B 457 -1.71 -24.30 2.64
C PHE B 457 -0.80 -23.08 2.42
N SER B 458 0.51 -23.31 2.53
CA SER B 458 1.50 -22.26 2.35
C SER B 458 2.60 -22.77 1.43
N GLY B 459 2.94 -21.96 0.42
CA GLY B 459 3.98 -22.32 -0.51
C GLY B 459 3.51 -22.39 -1.95
N ALA B 460 4.24 -23.14 -2.79
CA ALA B 460 3.85 -23.29 -4.18
C ALA B 460 2.64 -24.20 -4.32
N ALA B 461 2.60 -25.27 -3.51
CA ALA B 461 1.46 -26.19 -3.54
C ALA B 461 0.18 -25.52 -3.05
N GLY B 462 0.29 -24.58 -2.10
CA GLY B 462 -0.86 -23.81 -1.69
C GLY B 462 -1.36 -22.89 -2.79
N ASN B 463 -0.45 -22.29 -3.56
CA ASN B 463 -0.84 -21.44 -4.67
C ASN B 463 -1.45 -22.26 -5.80
N ILE B 464 -1.06 -23.53 -5.94
CA ILE B 464 -1.72 -24.39 -6.93
C ILE B 464 -3.10 -24.82 -6.43
N TYR B 465 -3.20 -25.17 -5.14
CA TYR B 465 -4.46 -25.66 -4.57
C TYR B 465 -5.51 -24.57 -4.43
N LYS B 466 -5.09 -23.31 -4.33
CA LYS B 466 -6.02 -22.21 -4.11
C LYS B 466 -6.94 -21.99 -5.30
N GLN B 467 -6.40 -22.16 -6.52
CA GLN B 467 -7.21 -22.02 -7.73
C GLN B 467 -8.28 -23.11 -7.80
N PHE B 468 -7.88 -24.36 -7.54
CA PHE B 468 -8.82 -25.48 -7.55
C PHE B 468 -9.90 -25.32 -6.50
N ALA B 469 -9.52 -24.86 -5.30
CA ALA B 469 -10.49 -24.67 -4.22
C ALA B 469 -11.48 -23.55 -4.54
N LEU B 470 -10.95 -22.37 -4.91
CA LEU B 470 -11.80 -21.21 -5.19
C LEU B 470 -12.62 -21.37 -6.46
N THR B 471 -12.27 -22.30 -7.35
CA THR B 471 -13.15 -22.60 -8.48
C THR B 471 -14.21 -23.60 -8.09
N MET B 472 -13.82 -24.73 -7.48
CA MET B 472 -14.76 -25.83 -7.29
C MET B 472 -15.78 -25.52 -6.19
N ALA B 473 -15.36 -24.84 -5.12
CA ALA B 473 -16.30 -24.48 -4.06
C ALA B 473 -17.31 -23.46 -4.54
N SER B 474 -16.87 -22.49 -5.36
CA SER B 474 -17.78 -21.50 -5.90
C SER B 474 -18.75 -22.10 -6.90
N SER B 475 -18.26 -23.03 -7.74
CA SER B 475 -19.14 -23.71 -8.69
C SER B 475 -20.15 -24.59 -7.98
N ILE B 476 -19.74 -25.24 -6.89
CA ILE B 476 -20.65 -26.08 -6.10
C ILE B 476 -21.72 -25.22 -5.43
N ALA B 477 -21.32 -24.07 -4.87
CA ALA B 477 -22.28 -23.17 -4.22
C ALA B 477 -23.27 -22.57 -5.22
N PHE B 478 -22.79 -22.20 -6.42
CA PHE B 478 -23.68 -21.63 -7.42
C PHE B 478 -24.63 -22.68 -8.00
N SER B 479 -24.14 -23.91 -8.22
CA SER B 479 -25.01 -24.97 -8.68
C SER B 479 -26.03 -25.37 -7.61
N ALA B 480 -25.65 -25.29 -6.33
CA ALA B 480 -26.59 -25.57 -5.26
C ALA B 480 -27.67 -24.50 -5.16
N PHE B 481 -27.28 -23.23 -5.31
CA PHE B 481 -28.27 -22.15 -5.30
C PHE B 481 -29.21 -22.24 -6.50
N LEU B 482 -28.68 -22.66 -7.65
CA LEU B 482 -29.52 -22.84 -8.83
C LEU B 482 -30.48 -24.01 -8.67
N ALA B 483 -30.00 -25.13 -8.11
CA ALA B 483 -30.87 -26.27 -7.82
C ALA B 483 -31.89 -25.96 -6.74
N LEU B 484 -31.61 -25.00 -5.86
CA LEU B 484 -32.60 -24.59 -4.87
C LEU B 484 -33.67 -23.68 -5.47
N THR B 485 -33.27 -22.70 -6.29
CA THR B 485 -34.21 -21.70 -6.79
C THR B 485 -34.79 -22.02 -8.17
N LEU B 486 -33.95 -22.15 -9.19
CA LEU B 486 -34.44 -22.14 -10.55
C LEU B 486 -34.98 -23.51 -10.99
N THR B 487 -34.35 -24.59 -10.52
CA THR B 487 -34.75 -25.94 -10.92
C THR B 487 -36.15 -26.36 -10.45
N PRO B 488 -36.64 -26.00 -9.25
CA PRO B 488 -38.08 -26.24 -8.98
C PRO B 488 -39.04 -25.51 -9.90
N ALA B 489 -38.68 -24.31 -10.37
CA ALA B 489 -39.52 -23.62 -11.34
C ALA B 489 -39.52 -24.33 -12.68
N LEU B 490 -38.37 -24.88 -13.09
CA LEU B 490 -38.30 -25.61 -14.34
C LEU B 490 -39.02 -26.95 -14.26
N CYS B 491 -39.04 -27.57 -13.08
CA CYS B 491 -39.84 -28.79 -12.93
C CYS B 491 -41.31 -28.50 -12.71
N ALA B 492 -41.68 -27.29 -12.31
CA ALA B 492 -43.08 -26.96 -12.11
C ALA B 492 -43.78 -26.44 -13.36
N THR B 493 -43.10 -25.63 -14.18
CA THR B 493 -43.75 -25.01 -15.33
C THR B 493 -43.56 -25.79 -16.63
N MET B 494 -42.36 -26.33 -16.88
CA MET B 494 -42.07 -26.95 -18.18
C MET B 494 -42.57 -28.38 -18.28
N LEU B 495 -42.91 -29.02 -17.16
CA LEU B 495 -43.23 -30.44 -17.18
C LEU B 495 -44.70 -30.69 -17.49
N LYS B 496 -44.97 -31.86 -18.04
CA LYS B 496 -46.32 -32.29 -18.41
C LYS B 496 -46.85 -33.30 -17.39
N THR B 497 -48.18 -33.30 -17.23
CA THR B 497 -48.81 -34.17 -16.26
C THR B 497 -48.78 -35.63 -16.71
N ILE B 498 -48.22 -36.49 -15.87
CA ILE B 498 -48.09 -37.95 -16.17
C ILE B 498 -49.48 -38.57 -16.24
N PRO B 499 -49.70 -39.51 -17.16
CA PRO B 499 -50.97 -40.21 -17.35
C PRO B 499 -50.96 -41.53 -16.57
N LYS B 500 -51.99 -41.77 -15.75
CA LYS B 500 -52.07 -43.01 -14.93
C LYS B 500 -52.16 -44.23 -15.83
N GLY B 501 -51.45 -45.30 -15.51
CA GLY B 501 -51.48 -46.55 -16.30
C GLY B 501 -50.93 -46.44 -17.71
N HIS B 502 -51.47 -45.58 -18.57
CA HIS B 502 -50.95 -45.53 -19.97
C HIS B 502 -49.46 -45.13 -19.97
N HIS B 503 -49.04 -44.17 -19.16
CA HIS B 503 -47.59 -43.85 -19.10
C HIS B 503 -46.90 -44.99 -18.33
N GLU B 504 -45.69 -45.41 -18.66
CA GLU B 504 -45.12 -46.55 -17.90
C GLU B 504 -45.85 -47.85 -18.31
N GLU B 505 -46.27 -47.93 -19.57
CA GLU B 505 -46.90 -49.10 -20.20
C GLU B 505 -46.45 -49.01 -21.66
N LYS B 506 -45.13 -49.01 -21.84
CA LYS B 506 -44.51 -48.77 -23.17
C LYS B 506 -44.67 -49.95 -24.12
N LYS B 507 -44.56 -49.60 -25.38
CA LYS B 507 -44.55 -50.51 -26.55
C LYS B 507 -43.34 -50.04 -27.38
N GLY B 508 -42.52 -50.93 -27.91
CA GLY B 508 -41.36 -50.46 -28.71
C GLY B 508 -40.04 -50.82 -28.06
N PHE B 509 -38.98 -50.08 -28.36
CA PHE B 509 -37.62 -50.35 -27.84
C PHE B 509 -37.56 -50.15 -26.32
N PHE B 510 -38.17 -49.11 -25.76
CA PHE B 510 -38.01 -48.87 -24.31
C PHE B 510 -38.66 -49.96 -23.45
N GLY B 511 -39.89 -50.37 -23.71
CA GLY B 511 -40.49 -51.30 -22.77
C GLY B 511 -39.57 -52.43 -22.38
N TRP B 512 -38.77 -52.91 -23.35
CA TRP B 512 -37.78 -53.95 -23.05
C TRP B 512 -36.68 -53.41 -22.14
N PHE B 513 -36.27 -52.16 -22.36
CA PHE B 513 -35.27 -51.55 -21.48
C PHE B 513 -35.83 -51.31 -20.08
N ASN B 514 -37.10 -50.96 -19.98
CA ASN B 514 -37.74 -50.77 -18.67
C ASN B 514 -37.86 -52.11 -17.93
N LYS B 515 -38.22 -53.18 -18.65
CA LYS B 515 -38.30 -54.50 -18.03
C LYS B 515 -36.92 -55.01 -17.60
N LYS B 516 -35.89 -54.75 -18.42
CA LYS B 516 -34.54 -55.15 -18.05
C LYS B 516 -34.01 -54.37 -16.86
N PHE B 517 -34.34 -53.07 -16.79
CA PHE B 517 -33.93 -52.27 -15.64
C PHE B 517 -34.69 -52.67 -14.38
N ASP B 518 -35.95 -53.06 -14.50
CA ASP B 518 -36.71 -53.55 -13.34
C ASP B 518 -36.18 -54.88 -12.85
N SER B 519 -35.78 -55.76 -13.78
CA SER B 519 -35.17 -57.03 -13.39
C SER B 519 -33.82 -56.82 -12.74
N TRP B 520 -33.03 -55.85 -13.24
CA TRP B 520 -31.75 -55.55 -12.63
C TRP B 520 -31.92 -54.92 -11.25
N THR B 521 -32.95 -54.09 -11.08
CA THR B 521 -33.23 -53.51 -9.76
C THR B 521 -33.69 -54.56 -8.77
N HIS B 522 -34.49 -55.54 -9.24
CA HIS B 522 -34.91 -56.64 -8.37
C HIS B 522 -33.73 -57.53 -7.98
N GLY B 523 -32.82 -57.79 -8.93
CA GLY B 523 -31.63 -58.56 -8.60
C GLY B 523 -30.69 -57.82 -7.66
N TYR B 524 -30.59 -56.50 -7.83
CA TYR B 524 -29.78 -55.69 -6.92
C TYR B 524 -30.37 -55.65 -5.52
N GLU B 525 -31.71 -55.57 -5.43
CA GLU B 525 -32.36 -55.59 -4.12
C GLU B 525 -32.23 -56.95 -3.45
N GLY B 526 -32.27 -58.04 -4.24
CA GLY B 526 -32.03 -59.35 -3.68
C GLY B 526 -30.60 -59.54 -3.21
N ARG B 527 -29.63 -58.96 -3.94
CA ARG B 527 -28.24 -59.03 -3.51
C ARG B 527 -27.99 -58.20 -2.25
N VAL B 528 -28.66 -57.06 -2.14
CA VAL B 528 -28.55 -56.23 -0.93
C VAL B 528 -29.18 -56.95 0.26
N ALA B 529 -30.34 -57.59 0.05
CA ALA B 529 -30.96 -58.37 1.13
C ALA B 529 -30.14 -59.59 1.51
N LYS B 530 -29.37 -60.14 0.57
CA LYS B 530 -28.45 -61.22 0.92
C LYS B 530 -27.24 -60.69 1.69
N VAL B 531 -26.81 -59.46 1.38
CA VAL B 531 -25.68 -58.86 2.08
C VAL B 531 -26.09 -58.44 3.50
N LEU B 532 -27.32 -57.95 3.66
CA LEU B 532 -27.78 -57.35 4.90
C LEU B 532 -28.09 -58.37 6.01
N ARG B 533 -27.76 -59.64 5.83
CA ARG B 533 -27.94 -60.65 6.87
C ARG B 533 -26.64 -61.00 7.58
N LYS B 534 -25.55 -61.18 6.84
CA LYS B 534 -24.25 -61.49 7.42
C LYS B 534 -23.45 -60.19 7.53
N THR B 535 -23.71 -59.47 8.64
CA THR B 535 -23.07 -58.18 8.83
C THR B 535 -21.63 -58.30 9.30
N PHE B 536 -21.29 -59.40 9.99
CA PHE B 536 -19.97 -59.53 10.58
C PHE B 536 -18.91 -59.81 9.51
N ARG B 537 -19.20 -60.73 8.58
CA ARG B 537 -18.25 -61.05 7.52
C ARG B 537 -18.09 -59.89 6.56
N MET B 538 -19.17 -59.17 6.27
CA MET B 538 -19.09 -58.00 5.42
C MET B 538 -18.32 -56.88 6.11
N MET B 539 -18.48 -56.75 7.44
CA MET B 539 -17.73 -55.75 8.19
C MET B 539 -16.24 -56.06 8.21
N VAL B 540 -15.85 -57.32 8.38
CA VAL B 540 -14.43 -57.64 8.44
C VAL B 540 -13.81 -57.60 7.05
N VAL B 541 -14.58 -57.88 5.99
CA VAL B 541 -13.96 -57.75 4.66
C VAL B 541 -13.89 -56.28 4.26
N TYR B 542 -14.79 -55.44 4.79
CA TYR B 542 -14.65 -54.00 4.60
C TYR B 542 -13.44 -53.46 5.35
N ILE B 543 -13.18 -53.97 6.55
CA ILE B 543 -12.00 -53.58 7.31
C ILE B 543 -10.73 -54.02 6.59
N GLY B 544 -10.74 -55.23 6.00
CA GLY B 544 -9.60 -55.70 5.23
C GLY B 544 -9.37 -54.89 3.96
N LEU B 545 -10.45 -54.52 3.27
CA LEU B 545 -10.33 -53.65 2.11
C LEU B 545 -9.82 -52.27 2.49
N ALA B 546 -10.22 -51.75 3.65
CA ALA B 546 -9.73 -50.45 4.11
C ALA B 546 -8.25 -50.50 4.45
N VAL B 547 -7.80 -51.55 5.14
CA VAL B 547 -6.39 -51.59 5.51
C VAL B 547 -5.51 -51.91 4.31
N VAL B 548 -6.02 -52.68 3.33
CA VAL B 548 -5.22 -52.88 2.13
C VAL B 548 -5.24 -51.65 1.23
N GLY B 549 -6.28 -50.80 1.34
CA GLY B 549 -6.25 -49.53 0.64
C GLY B 549 -5.26 -48.56 1.25
N VAL B 550 -5.17 -48.53 2.59
CA VAL B 550 -4.15 -47.72 3.26
C VAL B 550 -2.76 -48.24 2.95
N PHE B 551 -2.60 -49.57 2.85
CA PHE B 551 -1.31 -50.15 2.52
C PHE B 551 -0.90 -49.85 1.08
N LEU B 552 -1.86 -49.86 0.15
CA LEU B 552 -1.56 -49.51 -1.24
C LEU B 552 -1.34 -48.02 -1.42
N PHE B 553 -1.96 -47.19 -0.58
CA PHE B 553 -1.74 -45.75 -0.66
C PHE B 553 -0.40 -45.35 -0.04
N MET B 554 0.04 -46.06 1.01
CA MET B 554 1.31 -45.74 1.65
C MET B 554 2.52 -46.14 0.82
N ARG B 555 2.37 -47.11 -0.08
CA ARG B 555 3.48 -47.60 -0.90
C ARG B 555 3.54 -46.90 -2.26
N LEU B 556 3.07 -45.66 -2.34
CA LEU B 556 3.10 -44.88 -3.57
C LEU B 556 4.22 -43.85 -3.52
N PRO B 557 4.89 -43.58 -4.64
CA PRO B 557 5.90 -42.52 -4.67
C PRO B 557 5.26 -41.15 -4.60
N THR B 558 6.06 -40.16 -4.22
CA THR B 558 5.59 -38.79 -4.04
C THR B 558 6.06 -37.90 -5.17
N SER B 559 5.26 -36.86 -5.43
CA SER B 559 5.52 -35.86 -6.47
C SER B 559 4.61 -34.68 -6.21
N PHE B 560 4.81 -33.62 -6.98
CA PHE B 560 3.92 -32.45 -6.95
C PHE B 560 3.28 -32.21 -8.30
N LEU B 561 4.06 -32.16 -9.38
CA LEU B 561 3.57 -32.02 -10.73
C LEU B 561 4.38 -32.96 -11.60
N PRO B 562 3.75 -33.90 -12.31
CA PRO B 562 4.49 -34.78 -13.21
C PRO B 562 4.95 -34.03 -14.45
N THR B 563 6.04 -34.51 -15.04
CA THR B 563 6.59 -33.88 -16.23
C THR B 563 5.71 -34.18 -17.44
N GLU B 564 5.71 -33.28 -18.40
CA GLU B 564 4.88 -33.41 -19.59
C GLU B 564 5.60 -32.80 -20.80
N ASP B 565 5.14 -33.19 -21.98
CA ASP B 565 5.70 -32.65 -23.21
C ASP B 565 5.20 -31.23 -23.45
N GLN B 566 6.13 -30.33 -23.78
CA GLN B 566 5.81 -28.95 -24.11
C GLN B 566 6.10 -28.59 -25.55
N GLY B 567 6.94 -29.35 -26.24
CA GLY B 567 7.29 -29.07 -27.63
C GLY B 567 8.75 -28.75 -27.85
N PHE B 568 9.58 -28.72 -26.81
CA PHE B 568 11.00 -28.41 -26.96
C PHE B 568 11.79 -29.17 -25.91
N VAL B 569 13.04 -29.47 -26.25
CA VAL B 569 13.98 -30.16 -25.36
C VAL B 569 15.19 -29.25 -25.16
N MET B 570 15.57 -29.06 -23.90
CA MET B 570 16.72 -28.23 -23.55
C MET B 570 17.98 -29.08 -23.46
N VAL B 571 19.00 -28.71 -24.21
CA VAL B 571 20.28 -29.41 -24.20
C VAL B 571 21.37 -28.45 -23.74
N SER B 572 22.43 -29.01 -23.17
CA SER B 572 23.55 -28.21 -22.67
C SER B 572 24.85 -28.90 -23.03
N VAL B 573 25.79 -28.13 -23.57
CA VAL B 573 27.11 -28.62 -23.97
C VAL B 573 28.14 -27.98 -23.05
N GLN B 574 28.92 -28.83 -22.37
CA GLN B 574 29.92 -28.40 -21.41
C GLN B 574 31.28 -28.90 -21.87
N LEU B 575 32.11 -27.99 -22.38
CA LEU B 575 33.48 -28.32 -22.75
C LEU B 575 34.38 -28.29 -21.51
N PRO B 576 35.52 -28.98 -21.56
CA PRO B 576 36.49 -28.88 -20.45
C PRO B 576 37.09 -27.48 -20.34
N ALA B 577 37.76 -27.26 -19.21
CA ALA B 577 38.32 -25.95 -18.90
C ALA B 577 39.50 -25.63 -19.80
N GLY B 578 39.63 -24.35 -20.13
CA GLY B 578 40.67 -23.91 -21.05
C GLY B 578 40.30 -24.04 -22.50
N ALA B 579 39.02 -23.86 -22.84
CA ALA B 579 38.53 -23.99 -24.20
C ALA B 579 38.07 -22.64 -24.72
N THR B 580 38.28 -22.39 -26.01
CA THR B 580 37.89 -21.15 -26.65
C THR B 580 36.51 -21.29 -27.27
N LYS B 581 36.13 -20.29 -28.07
CA LYS B 581 34.80 -20.28 -28.68
C LYS B 581 34.76 -21.05 -30.00
N GLU B 582 35.91 -21.31 -30.62
CA GLU B 582 35.91 -22.03 -31.89
C GLU B 582 35.56 -23.51 -31.71
N ARG B 583 36.10 -24.15 -30.66
CA ARG B 583 35.73 -25.54 -30.38
C ARG B 583 34.30 -25.64 -29.88
N THR B 584 33.82 -24.63 -29.16
CA THR B 584 32.42 -24.58 -28.73
C THR B 584 31.49 -24.46 -29.93
N ASP B 585 31.85 -23.60 -30.89
CA ASP B 585 31.03 -23.46 -32.10
C ASP B 585 31.08 -24.70 -32.98
N ALA B 586 32.23 -25.40 -33.01
CA ALA B 586 32.32 -26.65 -33.75
C ALA B 586 31.45 -27.74 -33.12
N THR B 587 31.46 -27.84 -31.78
CA THR B 587 30.62 -28.81 -31.10
C THR B 587 29.13 -28.45 -31.24
N LEU B 588 28.80 -27.16 -31.27
CA LEU B 588 27.40 -26.78 -31.49
C LEU B 588 26.96 -27.04 -32.92
N ALA B 589 27.88 -26.90 -33.89
CA ALA B 589 27.55 -27.28 -35.27
C ALA B 589 27.36 -28.79 -35.39
N GLN B 590 28.15 -29.57 -34.63
CA GLN B 590 27.94 -31.02 -34.59
C GLN B 590 26.61 -31.37 -33.93
N VAL B 591 26.23 -30.63 -32.89
CA VAL B 591 24.94 -30.82 -32.23
C VAL B 591 23.78 -30.49 -33.18
N THR B 592 23.95 -29.43 -33.98
CA THR B 592 22.93 -29.07 -34.97
C THR B 592 22.83 -30.12 -36.07
N GLN B 593 23.97 -30.66 -36.52
CA GLN B 593 23.94 -31.72 -37.53
C GLN B 593 23.35 -33.02 -36.97
N LEU B 594 23.50 -33.26 -35.67
CA LEU B 594 22.85 -34.41 -35.05
C LEU B 594 21.35 -34.19 -34.91
N ALA B 595 20.94 -32.97 -34.57
CA ALA B 595 19.53 -32.67 -34.36
C ALA B 595 18.76 -32.55 -35.66
N LYS B 596 19.44 -32.29 -36.78
CA LYS B 596 18.79 -32.21 -38.07
C LYS B 596 18.44 -33.60 -38.62
N SER B 597 19.02 -34.66 -38.06
CA SER B 597 18.79 -36.02 -38.52
C SER B 597 17.65 -36.71 -37.78
N ILE B 598 16.90 -35.97 -36.96
CA ILE B 598 15.75 -36.49 -36.23
C ILE B 598 14.50 -35.87 -36.83
N PRO B 599 13.51 -36.67 -37.25
CA PRO B 599 12.30 -36.10 -37.87
C PRO B 599 11.35 -35.44 -36.89
N GLU B 600 11.51 -35.67 -35.58
CA GLU B 600 10.63 -35.03 -34.61
C GLU B 600 11.00 -33.59 -34.36
N ILE B 601 12.29 -33.27 -34.40
CA ILE B 601 12.77 -31.92 -34.14
C ILE B 601 12.50 -31.04 -35.34
N GLU B 602 11.83 -29.90 -35.12
CA GLU B 602 11.54 -28.95 -36.19
C GLU B 602 12.63 -27.89 -36.30
N ASN B 603 12.88 -27.15 -35.23
CA ASN B 603 13.88 -26.10 -35.22
C ASN B 603 14.87 -26.36 -34.09
N ILE B 604 16.01 -25.66 -34.15
CA ILE B 604 17.03 -25.74 -33.12
C ILE B 604 17.61 -24.34 -32.88
N ILE B 605 17.51 -23.88 -31.64
CA ILE B 605 18.12 -22.62 -31.23
C ILE B 605 19.43 -22.93 -30.51
N THR B 606 20.49 -22.24 -30.91
CA THR B 606 21.84 -22.51 -30.42
C THR B 606 22.40 -21.26 -29.76
N VAL B 607 22.75 -21.35 -28.48
CA VAL B 607 23.30 -20.23 -27.73
C VAL B 607 24.70 -20.61 -27.27
N SER B 608 25.69 -19.81 -27.66
CA SER B 608 27.09 -20.02 -27.32
C SER B 608 27.53 -19.01 -26.28
N GLY B 609 28.25 -19.48 -25.27
CA GLY B 609 28.78 -18.62 -24.24
C GLY B 609 27.84 -18.35 -23.08
N PHE B 610 26.70 -19.02 -23.01
CA PHE B 610 25.75 -18.80 -21.93
C PHE B 610 25.05 -20.10 -21.59
N SER B 611 24.96 -20.40 -20.30
CA SER B 611 24.28 -21.61 -19.83
C SER B 611 23.68 -21.33 -18.47
N PHE B 612 22.73 -22.18 -18.08
CA PHE B 612 22.07 -22.03 -16.78
C PHE B 612 22.93 -22.51 -15.63
N SER B 613 23.91 -23.37 -15.88
CA SER B 613 24.83 -23.86 -14.86
C SER B 613 26.13 -23.07 -14.80
N GLY B 614 26.10 -21.80 -15.20
CA GLY B 614 27.30 -20.98 -15.21
C GLY B 614 27.68 -20.52 -16.59
N SER B 615 28.03 -19.25 -16.73
CA SER B 615 28.40 -18.67 -18.01
C SER B 615 29.92 -18.68 -18.17
N GLY B 616 30.38 -18.98 -19.37
CA GLY B 616 31.79 -18.98 -19.64
C GLY B 616 32.06 -19.07 -21.13
N GLN B 617 33.35 -19.18 -21.46
CA GLN B 617 33.76 -19.30 -22.86
C GLN B 617 33.61 -20.71 -23.40
N ASN B 618 33.33 -21.70 -22.55
CA ASN B 618 33.18 -23.08 -22.98
C ASN B 618 31.77 -23.63 -22.78
N MET B 619 30.92 -22.94 -22.05
CA MET B 619 29.55 -23.41 -21.83
C MET B 619 28.65 -23.02 -23.00
N ALA B 620 27.69 -23.89 -23.30
CA ALA B 620 26.76 -23.62 -24.38
C ALA B 620 25.43 -24.31 -24.08
N MET B 621 24.37 -23.81 -24.71
CA MET B 621 23.05 -24.39 -24.52
C MET B 621 22.29 -24.38 -25.84
N GLY B 622 21.17 -25.09 -25.85
CA GLY B 622 20.36 -25.18 -27.05
C GLY B 622 18.95 -25.62 -26.73
N PHE B 623 18.03 -25.29 -27.62
CA PHE B 623 16.63 -25.66 -27.50
C PHE B 623 16.17 -26.29 -28.80
N ALA B 624 15.93 -27.60 -28.78
CA ALA B 624 15.43 -28.31 -29.95
C ALA B 624 13.91 -28.32 -29.87
N ILE B 625 13.27 -27.47 -30.66
CA ILE B 625 11.82 -27.33 -30.64
C ILE B 625 11.22 -28.28 -31.67
N LEU B 626 10.26 -29.09 -31.23
CA LEU B 626 9.69 -30.17 -32.04
C LEU B 626 8.58 -29.63 -32.93
N LYS B 627 7.87 -30.55 -33.58
CA LYS B 627 6.78 -30.21 -34.49
C LYS B 627 5.47 -30.15 -33.71
N ASP B 628 4.35 -30.10 -34.42
CA ASP B 628 3.03 -30.06 -33.80
C ASP B 628 2.66 -31.44 -33.26
N TRP B 629 1.59 -31.46 -32.45
CA TRP B 629 1.15 -32.69 -31.82
C TRP B 629 0.41 -33.62 -32.77
N ASN B 630 0.01 -33.13 -33.94
CA ASN B 630 -0.76 -33.96 -34.87
C ASN B 630 0.14 -34.96 -35.61
N GLU B 631 1.32 -34.53 -36.03
CA GLU B 631 2.25 -35.40 -36.74
C GLU B 631 3.16 -36.20 -35.83
N ARG B 632 3.05 -36.02 -34.51
CA ARG B 632 3.84 -36.75 -33.53
C ARG B 632 2.98 -37.72 -32.72
N THR B 633 2.00 -38.34 -33.37
CA THR B 633 1.10 -39.29 -32.71
C THR B 633 1.66 -40.70 -32.90
N ALA B 634 2.67 -41.03 -32.10
CA ALA B 634 3.31 -42.34 -32.15
C ALA B 634 3.82 -42.67 -30.75
N SER B 635 4.64 -43.72 -30.66
CA SER B 635 5.22 -44.14 -29.39
C SER B 635 6.54 -43.40 -29.12
N GLY B 636 7.46 -43.45 -30.07
CA GLY B 636 8.73 -42.76 -29.92
C GLY B 636 8.70 -41.35 -30.49
N SER B 637 7.72 -40.55 -30.08
CA SER B 637 7.57 -39.19 -30.56
C SER B 637 7.50 -38.16 -29.45
N ASP B 638 7.40 -38.56 -28.19
CA ASP B 638 7.38 -37.63 -27.08
C ASP B 638 8.79 -37.08 -26.83
N ALA B 639 8.86 -36.04 -25.98
CA ALA B 639 10.13 -35.35 -25.74
C ALA B 639 11.12 -36.21 -24.95
N VAL B 640 10.65 -37.19 -24.18
CA VAL B 640 11.54 -38.05 -23.43
C VAL B 640 12.30 -38.97 -24.36
N ALA B 641 11.62 -39.53 -25.35
CA ALA B 641 12.28 -40.40 -26.32
C ALA B 641 13.22 -39.63 -27.23
N VAL B 642 12.85 -38.40 -27.60
CA VAL B 642 13.71 -37.55 -28.40
C VAL B 642 14.95 -37.15 -27.61
N ALA B 643 14.79 -36.87 -26.32
CA ALA B 643 15.93 -36.54 -25.47
C ALA B 643 16.84 -37.74 -25.26
N GLY B 644 16.26 -38.94 -25.15
CA GLY B 644 17.07 -40.15 -25.02
C GLY B 644 17.84 -40.47 -26.28
N LYS B 645 17.20 -40.31 -27.45
CA LYS B 645 17.89 -40.54 -28.71
C LYS B 645 18.97 -39.48 -28.95
N LEU B 646 18.72 -38.23 -28.53
CA LEU B 646 19.73 -37.19 -28.66
C LEU B 646 20.91 -37.41 -27.72
N THR B 647 20.65 -37.94 -26.51
CA THR B 647 21.74 -38.30 -25.61
C THR B 647 22.55 -39.47 -26.16
N GLY B 648 21.88 -40.46 -26.75
CA GLY B 648 22.57 -41.58 -27.35
C GLY B 648 23.38 -41.22 -28.58
N MET B 649 22.93 -40.21 -29.33
CA MET B 649 23.72 -39.75 -30.47
C MET B 649 24.84 -38.80 -30.04
N MET B 650 24.64 -38.04 -28.96
CA MET B 650 25.70 -37.17 -28.47
C MET B 650 26.82 -37.97 -27.82
N MET B 651 26.48 -39.09 -27.18
CA MET B 651 27.51 -39.93 -26.58
C MET B 651 28.29 -40.73 -27.62
N GLY B 652 27.78 -40.84 -28.84
CA GLY B 652 28.45 -41.59 -29.88
C GLY B 652 29.14 -40.74 -30.93
N THR B 653 28.68 -39.51 -31.13
CA THR B 653 29.21 -38.64 -32.18
C THR B 653 30.03 -37.48 -31.64
N LEU B 654 29.54 -36.80 -30.61
CA LEU B 654 30.22 -35.62 -30.07
C LEU B 654 31.44 -36.07 -29.28
N LYS B 655 32.63 -35.88 -29.87
CA LYS B 655 33.87 -36.30 -29.22
C LYS B 655 34.35 -35.26 -28.22
N ASP B 656 34.44 -34.00 -28.65
CA ASP B 656 34.93 -32.92 -27.79
C ASP B 656 33.83 -32.53 -26.81
N GLY B 657 34.09 -32.72 -25.52
CA GLY B 657 33.14 -32.38 -24.49
C GLY B 657 32.03 -33.42 -24.36
N PHE B 658 31.08 -33.11 -23.48
CA PHE B 658 29.94 -33.98 -23.23
C PHE B 658 28.67 -33.13 -23.25
N GLY B 659 27.59 -33.73 -23.75
CA GLY B 659 26.31 -33.04 -23.82
C GLY B 659 25.15 -33.91 -23.41
N ILE B 660 24.35 -33.43 -22.46
CA ILE B 660 23.19 -34.16 -21.96
C ILE B 660 21.93 -33.54 -22.54
N ALA B 661 20.93 -34.36 -22.80
CA ALA B 661 19.64 -33.92 -23.32
C ALA B 661 18.56 -34.33 -22.33
N VAL B 662 18.03 -33.35 -21.61
CA VAL B 662 16.99 -33.58 -20.62
C VAL B 662 15.75 -32.78 -21.00
N VAL B 663 14.59 -33.30 -20.63
CA VAL B 663 13.33 -32.61 -20.92
C VAL B 663 13.17 -31.43 -19.96
N PRO B 664 12.62 -30.30 -20.40
CA PRO B 664 12.29 -29.24 -19.46
C PRO B 664 11.11 -29.63 -18.58
N PRO B 665 11.21 -29.41 -17.27
CA PRO B 665 10.16 -29.83 -16.36
C PRO B 665 9.03 -28.82 -16.31
N PRO B 666 8.02 -29.01 -15.45
CA PRO B 666 7.15 -27.88 -15.07
C PRO B 666 7.85 -26.83 -14.22
N ILE B 667 7.08 -25.85 -13.74
CA ILE B 667 7.47 -24.52 -13.24
C ILE B 667 8.72 -24.55 -12.37
N LEU B 668 9.71 -23.78 -12.78
CA LEU B 668 11.06 -23.85 -12.19
C LEU B 668 10.98 -23.62 -10.68
N GLU B 669 10.14 -22.72 -10.23
CA GLU B 669 10.07 -22.45 -8.81
C GLU B 669 9.74 -23.71 -8.03
N LEU B 670 9.06 -24.66 -8.67
CA LEU B 670 8.77 -25.97 -8.08
C LEU B 670 9.76 -26.98 -8.67
N GLY B 671 10.88 -27.15 -7.99
CA GLY B 671 11.95 -27.98 -8.50
C GLY B 671 11.75 -29.46 -8.30
N ASN B 672 10.86 -30.06 -9.08
CA ASN B 672 10.62 -31.51 -9.02
C ASN B 672 11.76 -32.22 -9.74
N GLY B 673 12.67 -32.82 -8.97
CA GLY B 673 13.81 -33.50 -9.53
C GLY B 673 15.13 -33.00 -8.98
N SER B 674 15.06 -31.98 -8.12
CA SER B 674 16.28 -31.45 -7.51
C SER B 674 16.80 -32.37 -6.41
N GLY B 675 15.93 -33.15 -5.80
CA GLY B 675 16.35 -34.07 -4.74
C GLY B 675 16.58 -33.40 -3.41
N LEU B 676 17.85 -33.33 -2.99
CA LEU B 676 18.21 -32.74 -1.71
C LEU B 676 19.50 -31.95 -1.92
N SER B 677 19.39 -30.63 -1.95
CA SER B 677 20.54 -29.76 -2.16
C SER B 677 21.18 -29.37 -0.83
N ILE B 678 22.50 -29.40 -0.78
CA ILE B 678 23.27 -29.07 0.41
C ILE B 678 24.20 -27.92 0.07
N ASN B 679 24.14 -26.85 0.86
CA ASN B 679 25.02 -25.69 0.71
C ASN B 679 25.98 -25.70 1.90
N LEU B 680 27.14 -26.34 1.71
CA LEU B 680 28.13 -26.48 2.77
C LEU B 680 28.86 -25.15 2.95
N GLN B 681 28.49 -24.41 3.99
CA GLN B 681 29.08 -23.10 4.28
C GLN B 681 30.22 -23.22 5.27
N ASP B 682 31.06 -22.20 5.30
CA ASP B 682 32.15 -22.09 6.26
C ASP B 682 31.98 -20.81 7.08
N ARG B 683 32.27 -20.90 8.37
CA ARG B 683 32.07 -19.79 9.29
C ARG B 683 33.36 -19.08 9.65
N ASN B 684 34.46 -19.80 9.82
CA ASN B 684 35.73 -19.22 10.22
C ASN B 684 36.51 -18.62 9.05
N ASN B 685 36.02 -18.80 7.82
CA ASN B 685 36.65 -18.32 6.58
C ASN B 685 38.08 -18.85 6.43
N THR B 686 38.18 -20.17 6.33
CA THR B 686 39.49 -20.82 6.20
C THR B 686 40.08 -20.59 4.81
N GLY B 687 39.35 -21.00 3.78
CA GLY B 687 39.84 -20.81 2.42
C GLY B 687 38.95 -21.49 1.40
N HIS B 688 39.58 -22.03 0.36
CA HIS B 688 38.88 -22.72 -0.71
C HIS B 688 39.24 -24.19 -0.80
N THR B 689 40.50 -24.55 -0.51
CA THR B 689 40.91 -25.96 -0.57
C THR B 689 40.32 -26.76 0.59
N ALA B 690 40.14 -26.14 1.76
CA ALA B 690 39.55 -26.84 2.88
C ALA B 690 38.06 -27.08 2.66
N LEU B 691 37.37 -26.12 2.05
CA LEU B 691 35.97 -26.31 1.70
C LEU B 691 35.79 -27.35 0.60
N LEU B 692 36.73 -27.40 -0.35
CA LEU B 692 36.70 -28.42 -1.38
C LEU B 692 36.97 -29.81 -0.80
N ALA B 693 37.88 -29.91 0.17
CA ALA B 693 38.14 -31.16 0.84
C ALA B 693 36.95 -31.62 1.67
N LYS B 694 36.26 -30.67 2.32
CA LYS B 694 35.06 -31.02 3.08
C LYS B 694 33.91 -31.44 2.16
N ARG B 695 33.78 -30.79 1.00
CA ARG B 695 32.77 -31.19 0.03
C ARG B 695 33.06 -32.58 -0.53
N ASN B 696 34.34 -32.88 -0.78
CA ASN B 696 34.71 -34.22 -1.21
C ASN B 696 34.48 -35.25 -0.12
N GLU B 697 34.67 -34.87 1.15
CA GLU B 697 34.41 -35.79 2.25
C GLU B 697 32.91 -36.09 2.39
N LEU B 698 32.06 -35.06 2.21
CA LEU B 698 30.62 -35.28 2.20
C LEU B 698 30.17 -36.13 1.02
N ILE B 699 30.79 -35.93 -0.16
CA ILE B 699 30.45 -36.73 -1.33
C ILE B 699 30.87 -38.19 -1.13
N GLN B 700 32.05 -38.41 -0.54
CA GLN B 700 32.50 -39.78 -0.28
C GLN B 700 31.70 -40.44 0.83
N LYS B 701 31.23 -39.68 1.82
CA LYS B 701 30.39 -40.25 2.86
C LYS B 701 28.97 -40.49 2.40
N MET B 702 28.48 -39.75 1.41
CA MET B 702 27.17 -40.01 0.84
C MET B 702 27.20 -41.05 -0.28
N ARG B 703 28.38 -41.36 -0.81
CA ARG B 703 28.49 -42.36 -1.87
C ARG B 703 28.76 -43.76 -1.31
N ALA B 704 29.86 -43.91 -0.57
CA ALA B 704 30.26 -45.22 -0.06
C ALA B 704 29.50 -45.64 1.19
N SER B 705 29.17 -44.70 2.07
CA SER B 705 28.41 -44.98 3.28
C SER B 705 27.05 -44.28 3.26
N GLY B 706 26.43 -44.25 2.08
CA GLY B 706 25.16 -43.56 1.91
C GLY B 706 24.22 -44.38 1.06
N LEU B 707 22.98 -43.88 0.90
CA LEU B 707 21.90 -44.51 0.11
C LEU B 707 21.32 -43.48 -0.88
N PHE B 708 22.11 -42.48 -1.24
CA PHE B 708 21.64 -41.32 -2.00
C PHE B 708 21.80 -41.51 -3.50
N ASP B 709 21.64 -42.74 -4.00
CA ASP B 709 21.86 -43.17 -5.38
C ASP B 709 23.26 -42.78 -5.83
N PRO B 710 24.30 -43.52 -5.43
CA PRO B 710 25.70 -43.05 -5.59
C PRO B 710 26.18 -42.86 -7.03
N SER B 711 25.40 -43.26 -8.04
CA SER B 711 25.80 -43.02 -9.42
C SER B 711 25.57 -41.57 -9.84
N THR B 712 24.64 -40.87 -9.18
CA THR B 712 24.23 -39.55 -9.63
C THR B 712 24.65 -38.40 -8.72
N VAL B 713 25.22 -38.69 -7.55
CA VAL B 713 25.60 -37.63 -6.62
C VAL B 713 26.95 -37.07 -7.07
N ARG B 714 27.02 -35.75 -7.22
CA ARG B 714 28.23 -35.07 -7.69
C ARG B 714 28.13 -33.59 -7.31
N ALA B 715 29.27 -32.91 -7.43
CA ALA B 715 29.30 -31.47 -7.19
C ALA B 715 28.59 -30.73 -8.31
N GLY B 716 27.59 -29.94 -7.96
CA GLY B 716 26.80 -29.23 -8.95
C GLY B 716 27.25 -27.79 -9.17
N GLY B 717 28.55 -27.56 -9.10
CA GLY B 717 29.09 -26.24 -9.31
C GLY B 717 29.95 -26.14 -10.55
N LEU B 718 31.24 -25.87 -10.37
CA LEU B 718 32.17 -25.74 -11.49
C LEU B 718 33.57 -26.02 -10.98
N GLU B 719 34.31 -26.83 -11.74
CA GLU B 719 35.65 -27.24 -11.34
C GLU B 719 36.65 -26.10 -11.54
N ASP B 720 37.86 -26.31 -11.04
CA ASP B 720 38.91 -25.32 -11.12
C ASP B 720 39.50 -25.26 -12.52
N SER B 721 40.37 -24.28 -12.73
CA SER B 721 40.97 -24.00 -14.03
C SER B 721 42.42 -23.57 -13.83
N PRO B 722 43.29 -23.89 -14.79
CA PRO B 722 44.66 -23.36 -14.74
C PRO B 722 44.68 -21.87 -15.01
N GLN B 723 45.50 -21.17 -14.22
CA GLN B 723 45.58 -19.72 -14.26
C GLN B 723 47.03 -19.29 -14.36
N LEU B 724 47.22 -17.98 -14.51
CA LEU B 724 48.50 -17.35 -14.82
C LEU B 724 48.83 -16.28 -13.78
N LYS B 725 48.77 -16.66 -12.51
CA LYS B 725 49.01 -15.72 -11.42
C LYS B 725 50.46 -15.25 -11.38
N ILE B 726 50.67 -14.10 -10.77
CA ILE B 726 51.98 -13.47 -10.67
C ILE B 726 52.24 -13.11 -9.21
N ASP B 727 53.51 -12.81 -8.92
CA ASP B 727 53.96 -12.40 -7.59
C ASP B 727 54.85 -11.18 -7.76
N ILE B 728 54.27 -9.99 -7.62
CA ILE B 728 55.02 -8.75 -7.79
C ILE B 728 55.92 -8.55 -6.57
N ASN B 729 57.23 -8.60 -6.80
CA ASN B 729 58.20 -8.44 -5.72
C ASN B 729 58.36 -6.96 -5.42
N ARG B 730 57.96 -6.55 -4.21
CA ARG B 730 58.08 -5.15 -3.82
C ARG B 730 59.50 -4.77 -3.45
N ALA B 731 60.34 -5.74 -3.06
CA ALA B 731 61.73 -5.43 -2.71
C ALA B 731 62.54 -5.11 -3.95
N ALA B 732 62.23 -5.75 -5.08
CA ALA B 732 62.91 -5.42 -6.32
C ALA B 732 62.42 -4.11 -6.91
N ALA B 733 61.15 -3.76 -6.65
CA ALA B 733 60.61 -2.50 -7.14
C ALA B 733 61.06 -1.32 -6.30
N ALA B 734 61.26 -1.52 -5.00
CA ALA B 734 61.73 -0.45 -4.14
C ALA B 734 63.21 -0.15 -4.35
N ALA B 735 63.98 -1.15 -4.76
CA ALA B 735 65.39 -0.95 -5.06
C ALA B 735 65.66 -0.50 -6.49
N GLN B 736 64.60 -0.20 -7.26
CA GLN B 736 64.73 0.24 -8.64
C GLN B 736 63.74 1.38 -8.87
N GLY B 737 63.53 1.73 -10.13
CA GLY B 737 62.61 2.79 -10.48
C GLY B 737 61.25 2.28 -10.92
N VAL B 738 60.74 1.28 -10.22
CA VAL B 738 59.47 0.65 -10.56
C VAL B 738 58.44 1.04 -9.52
N SER B 739 57.39 1.75 -9.94
CA SER B 739 56.29 2.11 -9.07
C SER B 739 55.25 0.99 -9.06
N PHE B 740 54.07 1.27 -8.52
CA PHE B 740 53.02 0.26 -8.42
C PHE B 740 51.79 0.55 -9.26
N ALA B 741 51.48 1.84 -9.53
CA ALA B 741 50.31 2.16 -10.33
C ALA B 741 50.53 1.93 -11.81
N ASP B 742 51.79 1.98 -12.26
CA ASP B 742 52.09 1.78 -13.68
C ASP B 742 51.84 0.34 -14.11
N ILE B 743 52.14 -0.62 -13.23
CA ILE B 743 51.89 -2.03 -13.54
C ILE B 743 50.39 -2.30 -13.57
N ARG B 744 49.64 -1.65 -12.67
CA ARG B 744 48.19 -1.79 -12.64
C ARG B 744 47.56 -1.24 -13.92
N THR B 745 47.98 -0.04 -14.33
CA THR B 745 47.44 0.56 -15.55
C THR B 745 47.85 -0.21 -16.79
N ALA B 746 49.08 -0.75 -16.82
CA ALA B 746 49.54 -1.54 -17.95
C ALA B 746 48.77 -2.85 -18.08
N LEU B 747 48.55 -3.55 -16.96
CA LEU B 747 47.81 -4.80 -17.00
C LEU B 747 46.33 -4.57 -17.34
N ALA B 748 45.72 -3.53 -16.76
CA ALA B 748 44.33 -3.23 -17.05
C ALA B 748 44.12 -2.69 -18.46
N SER B 749 45.15 -2.11 -19.07
CA SER B 749 45.00 -1.65 -20.45
C SER B 749 45.30 -2.76 -21.45
N ALA B 750 46.20 -3.68 -21.11
CA ALA B 750 46.55 -4.74 -22.05
C ALA B 750 45.56 -5.90 -21.99
N LEU B 751 45.40 -6.49 -20.81
CA LEU B 751 44.63 -7.73 -20.70
C LEU B 751 43.14 -7.51 -20.52
N SER B 752 42.69 -6.26 -20.40
CA SER B 752 41.28 -5.94 -20.25
C SER B 752 40.93 -4.75 -21.14
N SER B 753 39.66 -4.38 -21.12
CA SER B 753 39.15 -3.25 -21.90
C SER B 753 38.93 -2.05 -20.99
N SER B 754 38.60 -0.92 -21.62
CA SER B 754 38.37 0.33 -20.89
C SER B 754 37.25 1.11 -21.57
N TYR B 755 36.40 1.73 -20.77
CA TYR B 755 35.29 2.55 -21.25
C TYR B 755 35.57 4.00 -20.86
N VAL B 756 35.66 4.87 -21.87
CA VAL B 756 36.12 6.24 -21.68
C VAL B 756 34.97 7.26 -21.75
N SER B 757 34.13 7.17 -22.78
CA SER B 757 33.09 8.18 -22.99
C SER B 757 32.02 7.59 -23.92
N ASP B 758 31.05 8.42 -24.26
CA ASP B 758 29.97 8.07 -25.17
C ASP B 758 30.05 8.92 -26.42
N PHE B 759 29.27 8.53 -27.42
CA PHE B 759 29.21 9.26 -28.69
C PHE B 759 27.82 9.08 -29.29
N PRO B 760 27.28 10.09 -29.98
CA PRO B 760 25.97 9.94 -30.62
C PRO B 760 26.10 9.17 -31.93
N ASN B 761 25.17 8.22 -32.13
CA ASN B 761 25.11 7.41 -33.34
C ASN B 761 23.65 7.38 -33.80
N GLN B 762 23.28 8.35 -34.63
CA GLN B 762 21.94 8.51 -35.22
C GLN B 762 20.87 8.62 -34.13
N GLY B 763 20.95 9.70 -33.36
CA GLY B 763 19.97 9.98 -32.33
C GLY B 763 20.36 9.45 -30.95
N ARG B 764 20.56 8.12 -30.84
CA ARG B 764 20.89 7.52 -29.57
C ARG B 764 22.37 7.73 -29.25
N LEU B 765 22.76 7.35 -28.04
CA LEU B 765 24.12 7.47 -27.57
C LEU B 765 24.68 6.10 -27.26
N GLN B 766 25.86 5.81 -27.82
CA GLN B 766 26.52 4.52 -27.64
C GLN B 766 27.88 4.73 -26.98
N ARG B 767 28.51 3.62 -26.60
CA ARG B 767 29.76 3.66 -25.85
C ARG B 767 30.97 3.66 -26.77
N VAL B 768 32.10 4.10 -26.22
CA VAL B 768 33.39 4.07 -26.89
C VAL B 768 34.34 3.26 -26.03
N MET B 769 34.88 2.18 -26.58
CA MET B 769 35.67 1.23 -25.81
C MET B 769 37.02 0.99 -26.48
N VAL B 770 38.09 0.90 -25.68
CA VAL B 770 39.48 0.63 -26.19
C VAL B 770 39.91 -0.77 -25.76
N GLN B 771 40.22 -1.66 -26.71
CA GLN B 771 40.61 -3.07 -26.39
C GLN B 771 42.04 -3.34 -26.86
N ALA B 772 42.79 -2.31 -27.25
CA ALA B 772 44.18 -2.44 -27.75
C ALA B 772 44.24 -3.41 -28.93
N ASP B 773 45.13 -4.39 -28.92
CA ASP B 773 45.27 -5.35 -30.06
C ASP B 773 44.92 -6.76 -29.57
N GLY B 774 44.15 -7.52 -30.34
CA GLY B 774 43.72 -8.86 -29.93
C GLY B 774 44.84 -9.87 -30.15
N ASP B 775 45.54 -9.75 -31.26
CA ASP B 775 46.65 -10.68 -31.62
C ASP B 775 47.76 -10.60 -30.58
N ALA B 776 48.09 -9.41 -30.08
CA ALA B 776 49.21 -9.30 -29.11
C ALA B 776 48.92 -10.16 -27.88
N ARG B 777 47.68 -10.12 -27.37
CA ARG B 777 47.31 -10.89 -26.15
C ARG B 777 46.87 -12.31 -26.50
N MET B 778 47.79 -13.19 -26.88
CA MET B 778 47.49 -14.57 -27.18
C MET B 778 48.37 -15.53 -26.40
N GLN B 779 49.66 -15.27 -26.32
CA GLN B 779 50.62 -16.06 -25.59
C GLN B 779 50.68 -15.61 -24.14
N PRO B 780 51.07 -16.50 -23.21
CA PRO B 780 51.22 -16.08 -21.80
C PRO B 780 52.40 -15.16 -21.54
N ALA B 781 53.33 -15.02 -22.48
CA ALA B 781 54.48 -14.13 -22.31
C ALA B 781 54.03 -12.67 -22.40
N ASP B 782 54.10 -11.96 -21.29
CA ASP B 782 53.72 -10.55 -21.21
C ASP B 782 54.95 -9.74 -20.83
N ILE B 783 55.44 -8.90 -21.74
CA ILE B 783 56.64 -8.08 -21.54
C ILE B 783 56.27 -6.63 -21.84
N LEU B 784 55.71 -5.92 -20.86
CA LEU B 784 55.27 -4.53 -21.15
C LEU B 784 55.71 -3.51 -20.09
N ASN B 785 56.57 -3.87 -19.14
CA ASN B 785 56.91 -2.98 -18.05
C ASN B 785 57.52 -1.67 -18.56
N LEU B 786 57.07 -0.57 -17.98
CA LEU B 786 57.53 0.79 -18.38
C LEU B 786 57.10 1.82 -17.33
N THR B 787 57.27 3.10 -17.63
CA THR B 787 56.83 4.20 -16.71
C THR B 787 57.76 4.48 -15.52
N VAL B 788 59.09 4.56 -15.68
CA VAL B 788 59.93 4.99 -14.51
C VAL B 788 59.46 6.41 -14.16
N PRO B 789 59.29 6.74 -12.87
CA PRO B 789 58.58 8.01 -12.57
C PRO B 789 59.29 9.31 -12.91
N ASN B 790 60.43 9.29 -13.60
CA ASN B 790 61.06 10.53 -14.06
C ASN B 790 61.20 10.61 -15.58
N SER B 791 60.98 9.51 -16.30
CA SER B 791 61.21 9.48 -17.74
C SER B 791 60.39 8.39 -18.41
N SER B 792 60.74 8.02 -19.63
CA SER B 792 60.16 6.84 -20.27
C SER B 792 60.65 5.60 -19.54
N GLY B 793 61.96 5.39 -19.54
CA GLY B 793 62.59 4.38 -18.70
C GLY B 793 62.33 2.94 -19.06
N ILE B 794 62.84 2.49 -20.21
CA ILE B 794 62.80 1.08 -20.56
C ILE B 794 64.02 0.41 -19.98
N ALA B 795 63.85 -0.27 -18.84
CA ALA B 795 64.95 -0.89 -18.12
C ALA B 795 64.84 -2.41 -18.09
N VAL B 796 63.71 -2.93 -17.61
CA VAL B 796 63.52 -4.38 -17.52
C VAL B 796 62.04 -4.68 -17.76
N PRO B 797 61.70 -5.77 -18.44
CA PRO B 797 60.30 -6.16 -18.59
C PRO B 797 59.80 -6.88 -17.34
N LEU B 798 58.57 -7.37 -17.43
CA LEU B 798 57.91 -8.07 -16.32
C LEU B 798 58.30 -9.55 -16.34
N SER B 799 59.59 -9.78 -16.07
CA SER B 799 60.13 -11.14 -16.00
C SER B 799 60.76 -11.45 -14.66
N SER B 800 61.54 -10.52 -14.09
CA SER B 800 62.13 -10.71 -12.77
C SER B 800 61.25 -10.17 -11.65
N ILE B 801 60.42 -9.17 -11.95
CA ILE B 801 59.53 -8.60 -10.94
C ILE B 801 58.20 -9.35 -10.90
N ALA B 802 57.71 -9.80 -12.05
CA ALA B 802 56.41 -10.45 -12.11
C ALA B 802 56.47 -11.89 -11.61
N THR B 803 57.46 -12.65 -12.06
CA THR B 803 57.65 -14.09 -11.79
C THR B 803 56.39 -14.88 -12.16
N VAL B 804 56.09 -14.85 -13.45
CA VAL B 804 54.86 -15.46 -13.96
C VAL B 804 54.97 -16.98 -13.91
N SER B 805 53.97 -17.60 -13.28
CA SER B 805 53.92 -19.05 -13.16
C SER B 805 52.46 -19.49 -13.14
N TRP B 806 52.21 -20.70 -13.63
CA TRP B 806 50.86 -21.23 -13.68
C TRP B 806 50.41 -21.69 -12.29
N GLN B 807 49.09 -21.72 -12.10
CA GLN B 807 48.50 -22.19 -10.86
C GLN B 807 47.17 -22.84 -11.16
N MET B 808 46.49 -23.31 -10.12
CA MET B 808 45.16 -23.89 -10.25
C MET B 808 44.20 -23.08 -9.37
N GLY B 809 43.30 -22.34 -10.00
CA GLY B 809 42.38 -21.49 -9.27
C GLY B 809 40.96 -21.68 -9.76
N THR B 810 40.02 -21.39 -8.87
CA THR B 810 38.61 -21.55 -9.19
C THR B 810 38.14 -20.44 -10.11
N GLU B 811 37.09 -20.74 -10.89
CA GLU B 811 36.50 -19.79 -11.81
C GLU B 811 35.04 -19.50 -11.48
N GLN B 812 34.62 -19.79 -10.25
CA GLN B 812 33.25 -19.53 -9.82
C GLN B 812 33.25 -19.35 -8.31
N SER B 813 32.49 -18.37 -7.84
CA SER B 813 32.37 -18.08 -6.42
C SER B 813 30.90 -17.92 -6.07
N VAL B 814 30.40 -18.79 -5.20
CA VAL B 814 29.00 -18.77 -4.76
C VAL B 814 28.97 -18.60 -3.26
N ARG B 815 28.33 -17.52 -2.78
CA ARG B 815 28.14 -17.25 -1.36
C ARG B 815 26.67 -17.36 -1.00
N PHE B 816 26.40 -17.93 0.17
CA PHE B 816 25.04 -18.13 0.66
C PHE B 816 24.94 -17.55 2.07
N ASN B 817 24.09 -16.53 2.22
CA ASN B 817 23.83 -15.83 3.49
C ASN B 817 25.11 -15.24 4.09
N GLY B 818 25.92 -14.61 3.24
CA GLY B 818 27.16 -13.98 3.67
C GLY B 818 28.38 -14.87 3.61
N TYR B 819 28.21 -16.18 3.81
CA TYR B 819 29.31 -17.13 3.81
C TYR B 819 29.39 -17.87 2.48
N PRO B 820 30.59 -18.19 2.02
CA PRO B 820 30.73 -18.98 0.78
C PRO B 820 30.26 -20.41 0.99
N ALA B 821 29.66 -20.98 -0.06
CA ALA B 821 29.07 -22.30 0.00
C ALA B 821 29.39 -23.08 -1.26
N MET B 822 29.14 -24.39 -1.19
CA MET B 822 29.33 -25.30 -2.32
C MET B 822 28.02 -26.03 -2.57
N GLU B 823 27.62 -26.13 -3.83
CA GLU B 823 26.34 -26.72 -4.21
C GLU B 823 26.48 -28.23 -4.33
N LEU B 824 25.58 -28.98 -3.69
CA LEU B 824 25.53 -30.43 -3.74
C LEU B 824 24.19 -30.87 -4.32
N SER B 825 23.99 -32.18 -4.37
CA SER B 825 22.76 -32.76 -4.91
C SER B 825 22.56 -34.14 -4.32
N GLY B 826 21.38 -34.38 -3.73
CA GLY B 826 21.02 -35.68 -3.22
C GLY B 826 19.86 -36.30 -4.00
N SER B 827 19.52 -37.53 -3.61
CA SER B 827 18.47 -38.25 -4.32
C SER B 827 17.84 -39.29 -3.40
N PRO B 828 16.52 -39.24 -3.18
CA PRO B 828 15.85 -40.33 -2.45
C PRO B 828 15.66 -41.56 -3.33
N ALA B 829 16.70 -42.40 -3.38
CA ALA B 829 16.82 -43.47 -4.37
C ALA B 829 15.75 -44.56 -4.29
N THR B 830 15.75 -45.35 -3.21
CA THR B 830 14.94 -46.57 -3.15
C THR B 830 13.97 -46.48 -1.98
N GLY B 831 12.83 -45.84 -2.21
CA GLY B 831 11.71 -45.87 -1.28
C GLY B 831 11.98 -45.23 0.07
N VAL B 832 12.87 -44.24 0.12
CA VAL B 832 13.29 -43.62 1.39
C VAL B 832 12.84 -42.17 1.36
N SER B 833 12.10 -41.76 2.39
CA SER B 833 11.64 -40.39 2.49
C SER B 833 12.80 -39.46 2.86
N THR B 834 12.60 -38.17 2.61
CA THR B 834 13.64 -37.18 2.85
C THR B 834 13.75 -36.79 4.32
N GLY B 835 12.79 -37.19 5.16
CA GLY B 835 12.82 -36.81 6.56
C GLY B 835 13.93 -37.49 7.34
N GLN B 836 14.38 -38.66 6.89
CA GLN B 836 15.54 -39.29 7.50
C GLN B 836 16.83 -38.96 6.76
N ALA B 837 16.73 -38.64 5.46
CA ALA B 837 17.92 -38.24 4.70
C ALA B 837 18.41 -36.87 5.15
N MET B 838 17.50 -35.98 5.55
CA MET B 838 17.90 -34.69 6.09
C MET B 838 18.60 -34.84 7.44
N GLU B 839 18.12 -35.77 8.28
CA GLU B 839 18.80 -36.05 9.54
C GLU B 839 20.15 -36.72 9.32
N ALA B 840 20.25 -37.54 8.27
CA ALA B 840 21.53 -38.18 7.94
C ALA B 840 22.56 -37.17 7.49
N VAL B 841 22.19 -36.24 6.60
CA VAL B 841 23.14 -35.22 6.17
C VAL B 841 23.38 -34.19 7.27
N GLN B 842 22.43 -34.01 8.19
CA GLN B 842 22.67 -33.14 9.35
C GLN B 842 23.70 -33.76 10.29
N LYS B 843 23.62 -35.08 10.50
CA LYS B 843 24.65 -35.75 11.28
C LYS B 843 25.99 -35.78 10.55
N MET B 844 25.97 -35.87 9.21
CA MET B 844 27.21 -35.87 8.45
C MET B 844 27.91 -34.52 8.47
N VAL B 845 27.15 -33.42 8.51
CA VAL B 845 27.77 -32.11 8.67
C VAL B 845 28.00 -31.73 10.13
N ASP B 846 27.38 -32.45 11.07
CA ASP B 846 27.59 -32.16 12.48
C ASP B 846 28.78 -32.93 13.05
N GLU B 847 29.14 -34.06 12.44
CA GLU B 847 30.27 -34.84 12.91
C GLU B 847 31.62 -34.23 12.55
N LEU B 848 31.65 -33.17 11.73
CA LEU B 848 32.88 -32.47 11.41
C LEU B 848 33.22 -31.47 12.50
N GLY B 849 34.24 -30.65 12.24
CA GLY B 849 34.65 -29.63 13.19
C GLY B 849 33.70 -28.45 13.23
N SER B 850 33.88 -27.63 14.26
CA SER B 850 33.05 -26.44 14.43
C SER B 850 33.49 -25.37 13.44
N GLY B 851 32.58 -24.98 12.54
CA GLY B 851 32.88 -23.99 11.53
C GLY B 851 32.38 -24.35 10.16
N TYR B 852 31.65 -25.47 10.07
CA TYR B 852 31.08 -25.94 8.81
C TYR B 852 29.59 -26.20 9.03
N SER B 853 28.75 -25.46 8.31
CA SER B 853 27.30 -25.60 8.46
C SER B 853 26.66 -25.97 7.14
N LEU B 854 25.32 -26.02 7.12
CA LEU B 854 24.58 -26.35 5.91
C LEU B 854 23.34 -25.47 5.82
N GLU B 855 22.76 -25.43 4.62
CA GLU B 855 21.54 -24.67 4.39
C GLU B 855 20.82 -25.26 3.20
N TRP B 856 19.62 -25.80 3.44
CA TRP B 856 18.81 -26.32 2.35
C TRP B 856 18.23 -25.18 1.53
N GLY B 857 18.36 -25.28 0.20
CA GLY B 857 17.89 -24.24 -0.68
C GLY B 857 16.99 -24.81 -1.77
N GLY B 858 16.21 -23.91 -2.37
CA GLY B 858 15.30 -24.29 -3.43
C GLY B 858 14.05 -24.99 -2.95
N GLN B 859 13.86 -26.24 -3.40
CA GLN B 859 12.67 -27.00 -3.05
C GLN B 859 12.75 -27.61 -1.65
N SER B 860 13.95 -27.81 -1.12
CA SER B 860 14.11 -28.50 0.16
C SER B 860 13.66 -27.64 1.35
N ARG B 861 13.46 -26.33 1.16
CA ARG B 861 13.00 -25.49 2.26
C ARG B 861 11.55 -25.77 2.63
N GLU B 862 10.74 -26.19 1.66
CA GLU B 862 9.35 -26.54 1.96
C GLU B 862 9.23 -27.95 2.52
N GLU B 863 10.11 -28.86 2.11
CA GLU B 863 10.14 -30.19 2.71
C GLU B 863 10.87 -30.23 4.05
N ALA B 864 11.59 -29.16 4.41
CA ALA B 864 12.21 -29.10 5.73
C ALA B 864 11.19 -28.90 6.84
N LYS B 865 10.03 -28.34 6.52
CA LYS B 865 9.00 -28.11 7.54
C LYS B 865 8.36 -29.43 7.93
N GLY B 866 7.74 -29.46 9.11
CA GLY B 866 7.11 -30.67 9.61
C GLY B 866 5.83 -31.00 8.88
N GLY B 867 5.33 -32.21 9.13
CA GLY B 867 4.11 -32.68 8.51
C GLY B 867 2.87 -32.39 9.32
N SER B 868 2.67 -31.13 9.70
CA SER B 868 1.49 -30.71 10.47
C SER B 868 0.53 -29.88 9.64
N GLN B 869 0.74 -29.79 8.33
CA GLN B 869 -0.12 -29.00 7.45
C GLN B 869 -1.12 -29.84 6.66
N THR B 870 -0.87 -31.14 6.52
CA THR B 870 -1.79 -32.02 5.79
C THR B 870 -2.70 -32.82 6.73
N ILE B 871 -2.11 -33.47 7.73
CA ILE B 871 -2.87 -34.39 8.59
C ILE B 871 -3.80 -33.61 9.51
N ALA B 872 -3.33 -32.50 10.07
CA ALA B 872 -4.15 -31.71 10.99
C ALA B 872 -5.30 -31.02 10.26
N LEU B 873 -5.04 -30.49 9.06
CA LEU B 873 -6.10 -29.86 8.28
C LEU B 873 -7.10 -30.90 7.76
N TYR B 874 -6.62 -32.09 7.41
CA TYR B 874 -7.53 -33.16 7.01
C TYR B 874 -8.40 -33.64 8.17
N ALA B 875 -7.82 -33.72 9.38
CA ALA B 875 -8.60 -34.11 10.55
C ALA B 875 -9.61 -33.02 10.93
N LEU B 876 -9.24 -31.75 10.78
CA LEU B 876 -10.18 -30.66 11.05
C LEU B 876 -11.31 -30.64 10.03
N ALA B 877 -11.00 -30.91 8.75
CA ALA B 877 -12.04 -30.99 7.73
C ALA B 877 -12.96 -32.18 7.97
N ALA B 878 -12.40 -33.32 8.39
CA ALA B 878 -13.21 -34.50 8.67
C ALA B 878 -14.13 -34.30 9.87
N VAL B 879 -13.61 -33.67 10.94
CA VAL B 879 -14.47 -33.45 12.10
C VAL B 879 -15.48 -32.34 11.82
N ALA B 880 -15.17 -31.41 10.92
CA ALA B 880 -16.16 -30.38 10.56
C ALA B 880 -17.26 -30.97 9.70
N VAL B 881 -16.92 -31.90 8.79
CA VAL B 881 -17.94 -32.64 8.04
C VAL B 881 -18.79 -33.49 8.99
N PHE B 882 -18.15 -34.05 10.01
CA PHE B 882 -18.88 -34.82 11.04
C PHE B 882 -19.86 -33.94 11.81
N LEU B 883 -19.47 -32.71 12.14
CA LEU B 883 -20.36 -31.81 12.87
C LEU B 883 -21.48 -31.29 11.96
N VAL B 884 -21.19 -31.11 10.67
CA VAL B 884 -22.23 -30.72 9.72
C VAL B 884 -23.27 -31.83 9.58
N LEU B 885 -22.82 -33.09 9.51
CA LEU B 885 -23.74 -34.21 9.45
C LEU B 885 -24.50 -34.41 10.75
N ALA B 886 -23.89 -34.08 11.89
CA ALA B 886 -24.61 -34.12 13.16
C ALA B 886 -25.65 -33.03 13.25
N ALA B 887 -25.38 -31.87 12.65
CA ALA B 887 -26.40 -30.83 12.54
C ALA B 887 -27.53 -31.24 11.60
N LEU B 888 -27.21 -31.98 10.54
CA LEU B 888 -28.22 -32.36 9.56
C LEU B 888 -29.14 -33.45 10.10
N TYR B 889 -28.56 -34.58 10.53
CA TYR B 889 -29.37 -35.74 10.87
C TYR B 889 -29.97 -35.67 12.27
N GLU B 890 -29.62 -34.65 13.07
CA GLU B 890 -30.03 -34.50 14.47
C GLU B 890 -29.68 -35.73 15.30
N SER B 891 -28.49 -36.26 15.08
CA SER B 891 -28.02 -37.45 15.80
C SER B 891 -26.50 -37.37 15.90
N TRP B 892 -25.88 -38.44 16.40
CA TRP B 892 -24.44 -38.49 16.57
C TRP B 892 -23.84 -39.74 15.92
N SER B 893 -24.62 -40.81 15.87
CA SER B 893 -24.12 -42.10 15.39
C SER B 893 -24.19 -42.24 13.87
N ILE B 894 -25.24 -41.71 13.24
CA ILE B 894 -25.41 -41.79 11.79
C ILE B 894 -24.38 -40.97 11.02
N PRO B 895 -23.84 -39.83 11.52
CA PRO B 895 -22.62 -39.28 10.89
C PRO B 895 -21.43 -40.23 10.87
N LEU B 896 -21.31 -41.15 11.84
CA LEU B 896 -20.27 -42.16 11.75
C LEU B 896 -20.61 -43.21 10.71
N ALA B 897 -21.90 -43.38 10.38
CA ALA B 897 -22.28 -44.28 9.31
C ALA B 897 -21.98 -43.67 7.94
N VAL B 898 -22.15 -42.35 7.82
CA VAL B 898 -21.84 -41.69 6.55
C VAL B 898 -20.33 -41.60 6.33
N LEU B 899 -19.56 -41.45 7.41
CA LEU B 899 -18.12 -41.25 7.32
C LEU B 899 -17.31 -42.52 7.03
N LEU B 900 -17.96 -43.62 6.65
CA LEU B 900 -17.27 -44.87 6.36
C LEU B 900 -17.03 -45.09 4.88
N VAL B 901 -17.46 -44.16 4.02
CA VAL B 901 -17.16 -44.22 2.59
C VAL B 901 -15.92 -43.43 2.23
N MET B 902 -15.24 -42.84 3.21
CA MET B 902 -14.05 -42.04 2.99
C MET B 902 -12.80 -42.86 2.64
N PRO B 903 -12.49 -44.01 3.26
CA PRO B 903 -11.35 -44.79 2.75
C PRO B 903 -11.64 -45.55 1.47
N LEU B 904 -12.91 -45.65 1.06
CA LEU B 904 -13.25 -46.42 -0.14
C LEU B 904 -12.73 -45.73 -1.40
N GLY B 905 -12.83 -44.41 -1.46
CA GLY B 905 -12.31 -43.69 -2.62
C GLY B 905 -10.80 -43.71 -2.68
N LEU B 906 -10.13 -43.63 -1.53
CA LEU B 906 -8.68 -43.77 -1.47
C LEU B 906 -8.23 -45.16 -1.91
N ALA B 907 -8.93 -46.21 -1.45
CA ALA B 907 -8.60 -47.57 -1.86
C ALA B 907 -8.81 -47.79 -3.35
N GLY B 908 -9.92 -47.26 -3.88
CA GLY B 908 -10.18 -47.40 -5.31
C GLY B 908 -9.20 -46.64 -6.17
N ALA B 909 -8.85 -45.41 -5.77
CA ALA B 909 -7.90 -44.63 -6.55
C ALA B 909 -6.49 -45.21 -6.48
N ALA B 910 -6.09 -45.72 -5.30
CA ALA B 910 -4.78 -46.34 -5.16
C ALA B 910 -4.69 -47.63 -5.95
N ALA B 911 -5.75 -48.46 -5.92
CA ALA B 911 -5.76 -49.67 -6.71
C ALA B 911 -5.79 -49.37 -8.21
N GLY B 912 -6.46 -48.29 -8.61
CA GLY B 912 -6.48 -47.92 -10.02
C GLY B 912 -5.13 -47.43 -10.52
N VAL B 913 -4.45 -46.58 -9.74
CA VAL B 913 -3.15 -46.10 -10.19
C VAL B 913 -2.09 -47.21 -10.09
N THR B 914 -2.25 -48.16 -9.15
CA THR B 914 -1.33 -49.29 -9.10
C THR B 914 -1.54 -50.23 -10.28
N GLY B 915 -2.80 -50.47 -10.66
CA GLY B 915 -3.06 -51.29 -11.83
C GLY B 915 -2.60 -50.64 -13.12
N ARG B 916 -2.72 -49.30 -13.20
CA ARG B 916 -2.23 -48.60 -14.38
C ARG B 916 -0.71 -48.61 -14.44
N ASN B 917 -0.04 -48.50 -13.29
CA ASN B 917 1.42 -48.54 -13.28
C ASN B 917 1.94 -49.94 -13.62
N LEU B 918 1.32 -50.98 -13.08
CA LEU B 918 1.72 -52.34 -13.44
C LEU B 918 1.30 -52.73 -14.85
N PHE B 919 0.33 -52.04 -15.45
CA PHE B 919 -0.01 -52.31 -16.84
C PHE B 919 0.92 -51.59 -17.79
N GLU B 920 1.30 -50.34 -17.47
CA GLU B 920 2.21 -49.59 -18.33
C GLU B 920 3.66 -49.96 -18.11
N GLY B 921 3.99 -50.66 -17.02
CA GLY B 921 5.36 -51.09 -16.82
C GLY B 921 5.76 -52.29 -17.64
N LEU B 922 4.79 -53.16 -17.96
CA LEU B 922 5.08 -54.36 -18.73
C LEU B 922 4.95 -54.14 -20.23
N LEU B 923 4.26 -53.08 -20.65
CA LEU B 923 4.02 -52.81 -22.07
C LEU B 923 4.49 -51.43 -22.51
N GLY B 924 5.31 -50.75 -21.71
CA GLY B 924 5.77 -49.43 -22.08
C GLY B 924 6.96 -48.92 -21.31
N SER B 925 6.97 -47.63 -21.02
CA SER B 925 8.10 -46.98 -20.36
C SER B 925 7.95 -47.07 -18.84
N VAL B 926 8.75 -46.29 -18.12
CA VAL B 926 8.68 -46.22 -16.66
C VAL B 926 7.35 -45.59 -16.24
N PRO B 927 6.68 -46.12 -15.21
CA PRO B 927 5.43 -45.50 -14.73
C PRO B 927 5.68 -44.11 -14.14
N SER B 928 4.91 -43.14 -14.64
CA SER B 928 5.08 -41.74 -14.27
C SER B 928 3.95 -41.23 -13.39
N PHE B 929 3.19 -42.13 -12.77
CA PHE B 929 2.12 -41.75 -11.86
C PHE B 929 2.61 -41.88 -10.41
N ALA B 930 2.21 -40.92 -9.57
CA ALA B 930 2.66 -40.87 -8.20
C ALA B 930 1.59 -40.18 -7.36
N ASN B 931 1.94 -39.84 -6.12
CA ASN B 931 1.04 -39.10 -5.23
C ASN B 931 1.27 -37.61 -5.42
N ASP B 932 0.81 -37.11 -6.56
CA ASP B 932 0.98 -35.72 -6.94
C ASP B 932 -0.27 -34.91 -6.57
N ILE B 933 -0.32 -33.68 -7.06
CA ILE B 933 -1.44 -32.79 -6.79
C ILE B 933 -2.71 -33.27 -7.49
N TYR B 934 -2.56 -33.80 -8.71
CA TYR B 934 -3.71 -34.22 -9.51
C TYR B 934 -4.39 -35.46 -8.91
N PHE B 935 -3.60 -36.41 -8.41
CA PHE B 935 -4.15 -37.57 -7.72
C PHE B 935 -4.89 -37.16 -6.45
N GLN B 936 -4.35 -36.17 -5.73
CA GLN B 936 -4.98 -35.70 -4.50
C GLN B 936 -6.30 -35.00 -4.78
N VAL B 937 -6.35 -34.16 -5.81
CA VAL B 937 -7.61 -33.45 -6.08
C VAL B 937 -8.63 -34.39 -6.72
N GLY B 938 -8.19 -35.42 -7.45
CA GLY B 938 -9.12 -36.43 -7.93
C GLY B 938 -9.69 -37.26 -6.80
N PHE B 939 -8.86 -37.58 -5.80
CA PHE B 939 -9.35 -38.23 -4.59
C PHE B 939 -10.33 -37.35 -3.82
N VAL B 940 -10.08 -36.03 -3.82
CA VAL B 940 -11.00 -35.10 -3.15
C VAL B 940 -12.36 -35.05 -3.86
N THR B 941 -12.37 -35.02 -5.20
CA THR B 941 -13.64 -35.01 -5.92
C THR B 941 -14.40 -36.32 -5.79
N VAL B 942 -13.70 -37.46 -5.83
CA VAL B 942 -14.44 -38.72 -5.68
C VAL B 942 -14.87 -38.93 -4.23
N MET B 943 -14.14 -38.36 -3.27
CA MET B 943 -14.59 -38.38 -1.88
C MET B 943 -15.84 -37.54 -1.70
N GLY B 944 -15.88 -36.36 -2.33
CA GLY B 944 -17.06 -35.51 -2.23
C GLY B 944 -18.29 -36.12 -2.88
N LEU B 945 -18.10 -36.76 -4.03
CA LEU B 945 -19.25 -37.34 -4.73
C LEU B 945 -19.74 -38.63 -4.03
N SER B 946 -18.80 -39.43 -3.48
CA SER B 946 -19.20 -40.60 -2.70
C SER B 946 -19.89 -40.18 -1.41
N ALA B 947 -19.44 -39.09 -0.79
CA ALA B 947 -20.11 -38.57 0.40
C ALA B 947 -21.48 -38.02 0.06
N LYS B 948 -21.63 -37.41 -1.11
CA LYS B 948 -22.94 -36.94 -1.57
C LYS B 948 -23.92 -38.11 -1.76
N ASN B 949 -23.45 -39.18 -2.39
CA ASN B 949 -24.29 -40.37 -2.57
C ASN B 949 -24.64 -41.02 -1.24
N ALA B 950 -23.69 -41.05 -0.29
CA ALA B 950 -23.95 -41.62 1.02
C ALA B 950 -24.95 -40.78 1.81
N ILE B 951 -24.85 -39.46 1.71
CA ILE B 951 -25.79 -38.56 2.38
C ILE B 951 -27.19 -38.73 1.79
N LEU B 952 -27.28 -38.90 0.46
CA LEU B 952 -28.57 -39.11 -0.18
C LEU B 952 -29.21 -40.43 0.23
N ILE B 953 -28.41 -41.51 0.30
CA ILE B 953 -28.94 -42.81 0.73
C ILE B 953 -29.37 -42.76 2.19
N ILE B 954 -28.57 -42.09 3.05
CA ILE B 954 -28.88 -42.04 4.48
C ILE B 954 -30.11 -41.18 4.74
N GLU B 955 -30.27 -40.07 3.99
CA GLU B 955 -31.46 -39.24 4.13
C GLU B 955 -32.70 -39.94 3.59
N PHE B 956 -32.55 -40.77 2.55
CA PHE B 956 -33.70 -41.55 2.08
C PHE B 956 -34.05 -42.68 3.05
N ALA B 957 -33.06 -43.21 3.78
CA ALA B 957 -33.32 -44.31 4.71
C ALA B 957 -33.83 -43.82 6.06
N LYS B 958 -33.47 -42.61 6.46
CA LYS B 958 -33.86 -42.12 7.78
C LYS B 958 -35.33 -41.72 7.85
N ASP B 959 -35.87 -41.14 6.78
CA ASP B 959 -37.26 -40.73 6.76
C ASP B 959 -38.22 -41.90 6.61
N LEU B 960 -37.74 -43.05 6.13
CA LEU B 960 -38.59 -44.23 5.98
C LEU B 960 -38.73 -45.03 7.28
N GLN B 961 -37.95 -44.71 8.30
CA GLN B 961 -38.04 -45.41 9.57
C GLN B 961 -39.11 -44.85 10.50
N ALA B 962 -39.55 -43.61 10.28
CA ALA B 962 -40.56 -42.99 11.12
C ALA B 962 -41.97 -43.47 10.81
N GLN B 963 -42.18 -44.17 9.71
CA GLN B 963 -43.49 -44.67 9.32
C GLN B 963 -43.73 -46.11 9.79
N GLY B 964 -43.02 -46.56 10.81
CA GLY B 964 -43.23 -47.89 11.35
C GLY B 964 -42.45 -48.98 10.64
N LYS B 965 -41.20 -48.67 10.26
CA LYS B 965 -40.33 -49.63 9.60
C LYS B 965 -39.07 -49.85 10.43
N SER B 966 -38.40 -50.96 10.15
CA SER B 966 -37.17 -51.31 10.84
C SER B 966 -35.98 -50.71 10.10
N ALA B 967 -34.77 -51.08 10.51
CA ALA B 967 -33.57 -50.54 9.86
C ALA B 967 -33.30 -51.24 8.52
N VAL B 968 -33.42 -52.57 8.49
CA VAL B 968 -33.14 -53.32 7.28
C VAL B 968 -34.19 -53.05 6.21
N GLU B 969 -35.45 -52.85 6.61
CA GLU B 969 -36.52 -52.59 5.66
C GLU B 969 -36.38 -51.19 5.05
N ALA B 970 -36.09 -50.18 5.89
CA ALA B 970 -35.91 -48.82 5.39
C ALA B 970 -34.66 -48.73 4.53
N ALA B 971 -33.61 -49.47 4.87
CA ALA B 971 -32.41 -49.52 4.04
C ALA B 971 -32.69 -50.18 2.69
N LEU B 972 -33.51 -51.23 2.68
CA LEU B 972 -33.87 -51.90 1.43
C LEU B 972 -34.69 -51.02 0.52
N GLU B 973 -35.69 -50.32 1.07
CA GLU B 973 -36.47 -49.40 0.24
C GLU B 973 -35.66 -48.19 -0.20
N ALA B 974 -34.70 -47.74 0.62
CA ALA B 974 -33.83 -46.64 0.21
C ALA B 974 -32.90 -47.05 -0.92
N ALA B 975 -32.37 -48.28 -0.87
CA ALA B 975 -31.54 -48.78 -1.96
C ALA B 975 -32.35 -48.99 -3.23
N ARG B 976 -33.59 -49.48 -3.08
CA ARG B 976 -34.46 -49.66 -4.25
C ARG B 976 -34.87 -48.32 -4.86
N LEU B 977 -35.01 -47.27 -4.04
CA LEU B 977 -35.35 -45.96 -4.59
C LEU B 977 -34.14 -45.24 -5.18
N ARG B 978 -32.95 -45.48 -4.65
CA ARG B 978 -31.76 -44.74 -5.08
C ARG B 978 -30.84 -45.56 -5.98
N PHE B 979 -31.27 -46.74 -6.44
CA PHE B 979 -30.46 -47.49 -7.39
C PHE B 979 -30.39 -46.80 -8.75
N ARG B 980 -31.42 -46.13 -9.14
CA ARG B 980 -31.45 -45.50 -10.46
C ARG B 980 -30.60 -44.24 -10.58
N PRO B 981 -30.79 -43.19 -9.73
CA PRO B 981 -30.02 -41.96 -10.02
C PRO B 981 -28.53 -42.10 -9.78
N ILE B 982 -28.10 -43.01 -8.90
CA ILE B 982 -26.69 -43.23 -8.66
C ILE B 982 -26.02 -43.86 -9.88
N ILE B 983 -26.68 -44.87 -10.48
CA ILE B 983 -26.11 -45.48 -11.68
C ILE B 983 -26.24 -44.53 -12.87
N MET B 984 -27.23 -43.62 -12.84
CA MET B 984 -27.34 -42.60 -13.89
C MET B 984 -26.17 -41.63 -13.85
N THR B 985 -25.89 -41.05 -12.67
CA THR B 985 -24.77 -40.12 -12.58
C THR B 985 -23.43 -40.83 -12.68
N SER B 986 -23.38 -42.12 -12.35
CA SER B 986 -22.15 -42.88 -12.54
C SER B 986 -21.87 -43.12 -14.02
N PHE B 987 -22.91 -43.48 -14.79
CA PHE B 987 -22.76 -43.63 -16.23
C PHE B 987 -22.39 -42.30 -16.88
N ALA B 988 -22.98 -41.20 -16.41
CA ALA B 988 -22.65 -39.87 -16.95
C ALA B 988 -21.22 -39.49 -16.65
N PHE B 989 -20.75 -39.73 -15.40
CA PHE B 989 -19.40 -39.37 -15.03
C PHE B 989 -18.36 -40.25 -15.73
N ILE B 990 -18.63 -41.54 -15.85
CA ILE B 990 -17.67 -42.45 -16.49
C ILE B 990 -17.59 -42.16 -17.99
N LEU B 991 -18.75 -41.94 -18.64
CA LEU B 991 -18.72 -41.60 -20.05
C LEU B 991 -18.16 -40.20 -20.30
N GLY B 992 -18.20 -39.31 -19.30
CA GLY B 992 -17.53 -38.04 -19.44
C GLY B 992 -16.02 -38.12 -19.29
N VAL B 993 -15.53 -38.99 -18.42
CA VAL B 993 -14.09 -39.11 -18.20
C VAL B 993 -13.45 -40.18 -19.06
N VAL B 994 -14.21 -40.89 -19.90
CA VAL B 994 -13.61 -41.76 -20.90
C VAL B 994 -12.73 -41.01 -21.91
N PRO B 995 -13.12 -39.84 -22.48
CA PRO B 995 -12.12 -39.07 -23.22
C PRO B 995 -11.02 -38.47 -22.35
N LEU B 996 -11.28 -38.28 -21.06
CA LEU B 996 -10.24 -37.85 -20.13
C LEU B 996 -9.29 -38.99 -19.77
N TYR B 997 -9.70 -40.24 -20.00
CA TYR B 997 -8.88 -41.39 -19.65
C TYR B 997 -7.78 -41.63 -20.67
N ILE B 998 -8.09 -41.46 -21.95
CA ILE B 998 -7.16 -41.80 -23.03
C ILE B 998 -6.80 -40.55 -23.81
N ALA B 999 -6.74 -39.40 -23.12
CA ALA B 999 -6.40 -38.15 -23.78
C ALA B 999 -4.93 -38.11 -24.15
N GLY B 1000 -4.64 -37.58 -25.34
CA GLY B 1000 -3.28 -37.51 -25.83
C GLY B 1000 -2.99 -36.23 -26.60
N GLY B 1001 -1.84 -35.62 -26.35
CA GLY B 1001 -1.46 -34.39 -27.02
C GLY B 1001 -0.78 -33.39 -26.10
N ALA B 1002 -1.22 -32.13 -26.17
CA ALA B 1002 -0.64 -31.09 -25.34
C ALA B 1002 -1.20 -31.17 -23.93
N SER B 1003 -0.28 -31.23 -22.95
CA SER B 1003 -0.58 -31.35 -21.52
C SER B 1003 -1.46 -32.57 -21.22
N SER B 1004 -1.10 -33.70 -21.82
CA SER B 1004 -1.88 -34.92 -21.70
C SER B 1004 -1.58 -35.71 -20.44
N ALA B 1005 -0.42 -35.48 -19.80
CA ALA B 1005 -0.06 -36.24 -18.61
C ALA B 1005 -0.94 -35.86 -17.43
N SER B 1006 -1.20 -34.56 -17.26
CA SER B 1006 -2.09 -34.11 -16.19
C SER B 1006 -3.53 -34.54 -16.45
N GLN B 1007 -3.94 -34.56 -17.72
CA GLN B 1007 -5.27 -35.04 -18.08
C GLN B 1007 -5.44 -36.52 -17.76
N ARG B 1008 -4.41 -37.32 -18.07
CA ARG B 1008 -4.45 -38.74 -17.69
C ARG B 1008 -4.42 -38.92 -16.19
N ALA B 1009 -3.64 -38.10 -15.47
CA ALA B 1009 -3.52 -38.22 -14.03
C ALA B 1009 -4.80 -37.85 -13.30
N ILE B 1010 -5.57 -36.90 -13.84
CA ILE B 1010 -6.89 -36.66 -13.24
C ILE B 1010 -7.92 -37.68 -13.73
N GLY B 1011 -7.78 -38.15 -14.98
CA GLY B 1011 -8.83 -38.97 -15.56
C GLY B 1011 -8.87 -40.38 -15.00
N THR B 1012 -7.71 -41.05 -14.93
CA THR B 1012 -7.69 -42.41 -14.37
C THR B 1012 -8.00 -42.41 -12.88
N THR B 1013 -7.64 -41.32 -12.18
CA THR B 1013 -7.92 -41.20 -10.76
C THR B 1013 -9.41 -41.09 -10.51
N VAL B 1014 -10.09 -40.15 -11.19
CA VAL B 1014 -11.53 -40.02 -10.96
C VAL B 1014 -12.30 -41.18 -11.56
N PHE B 1015 -11.76 -41.84 -12.59
CA PHE B 1015 -12.43 -42.99 -13.19
C PHE B 1015 -12.44 -44.19 -12.24
N TRP B 1016 -11.27 -44.60 -11.78
CA TRP B 1016 -11.21 -45.74 -10.87
C TRP B 1016 -11.80 -45.42 -9.51
N GLY B 1017 -11.66 -44.17 -9.05
CA GLY B 1017 -12.27 -43.78 -7.79
C GLY B 1017 -13.78 -43.82 -7.83
N MET B 1018 -14.38 -43.29 -8.91
CA MET B 1018 -15.83 -43.30 -9.04
C MET B 1018 -16.36 -44.72 -9.22
N LEU B 1019 -15.64 -45.54 -10.00
CA LEU B 1019 -16.09 -46.92 -10.24
C LEU B 1019 -16.07 -47.75 -8.95
N ILE B 1020 -14.93 -47.78 -8.26
CA ILE B 1020 -14.84 -48.59 -7.04
C ILE B 1020 -15.69 -47.98 -5.92
N GLY B 1021 -15.79 -46.65 -5.85
CA GLY B 1021 -16.60 -46.02 -4.82
C GLY B 1021 -18.09 -46.28 -4.99
N THR B 1022 -18.59 -46.24 -6.22
CA THR B 1022 -19.99 -46.57 -6.46
C THR B 1022 -20.26 -48.06 -6.22
N LEU B 1023 -19.40 -48.93 -6.77
CA LEU B 1023 -19.62 -50.36 -6.66
C LEU B 1023 -19.42 -50.88 -5.24
N LEU B 1024 -18.75 -50.13 -4.37
CA LEU B 1024 -18.71 -50.49 -2.96
C LEU B 1024 -19.78 -49.78 -2.14
N SER B 1025 -20.17 -48.56 -2.52
CA SER B 1025 -21.14 -47.81 -1.73
C SER B 1025 -22.54 -48.41 -1.86
N VAL B 1026 -22.93 -48.81 -3.06
CA VAL B 1026 -24.27 -49.37 -3.26
C VAL B 1026 -24.47 -50.74 -2.61
N PHE B 1027 -23.41 -51.35 -2.09
CA PHE B 1027 -23.53 -52.56 -1.29
C PHE B 1027 -23.13 -52.38 0.17
N LEU B 1028 -22.46 -51.28 0.52
CA LEU B 1028 -21.97 -51.11 1.89
C LEU B 1028 -22.69 -50.05 2.70
N VAL B 1029 -23.31 -49.04 2.08
CA VAL B 1029 -23.94 -47.96 2.84
C VAL B 1029 -25.20 -48.42 3.60
N PRO B 1030 -26.11 -49.25 3.05
CA PRO B 1030 -27.14 -49.82 3.92
C PRO B 1030 -26.60 -50.75 5.00
N LEU B 1031 -25.50 -51.45 4.73
CA LEU B 1031 -24.85 -52.26 5.76
C LEU B 1031 -24.31 -51.38 6.89
N PHE B 1032 -23.72 -50.23 6.54
CA PHE B 1032 -23.22 -49.31 7.55
C PHE B 1032 -24.35 -48.72 8.37
N TYR B 1033 -25.47 -48.38 7.71
CA TYR B 1033 -26.65 -47.87 8.42
C TYR B 1033 -27.21 -48.91 9.38
N VAL B 1034 -27.22 -50.18 8.97
CA VAL B 1034 -27.75 -51.25 9.82
C VAL B 1034 -26.82 -51.50 11.01
N VAL B 1035 -25.51 -51.59 10.78
CA VAL B 1035 -24.60 -51.86 11.89
C VAL B 1035 -24.38 -50.64 12.78
N VAL B 1036 -24.79 -49.44 12.36
CA VAL B 1036 -24.79 -48.32 13.28
C VAL B 1036 -26.10 -48.24 14.06
N ARG B 1037 -27.22 -48.52 13.41
CA ARG B 1037 -28.54 -48.42 14.09
C ARG B 1037 -28.61 -49.40 15.27
N LYS B 1038 -28.15 -50.63 15.08
CA LYS B 1038 -28.13 -51.68 16.15
C LYS B 1038 -26.96 -51.46 17.11
N PHE B 1039 -25.79 -51.09 16.60
CA PHE B 1039 -24.58 -50.93 17.46
C PHE B 1039 -24.84 -49.88 18.53
N PHE B 1040 -25.36 -48.73 18.16
CA PHE B 1040 -25.62 -47.69 19.18
C PHE B 1040 -26.87 -48.10 19.96
N MET C 1 -44.31 -5.65 9.52
CA MET C 1 -43.68 -4.34 9.38
C MET C 1 -44.73 -3.23 9.35
N ALA C 2 -45.95 -3.60 8.98
CA ALA C 2 -47.06 -2.65 8.91
C ALA C 2 -47.88 -2.61 10.21
N LYS C 3 -48.37 -3.77 10.66
CA LYS C 3 -49.17 -3.84 11.87
C LYS C 3 -48.34 -3.84 13.14
N PHE C 4 -47.02 -3.98 13.03
CA PHE C 4 -46.18 -3.99 14.22
C PHE C 4 -45.89 -2.58 14.73
N PHE C 5 -45.74 -1.62 13.82
CA PHE C 5 -45.38 -0.26 14.18
C PHE C 5 -46.59 0.62 14.49
N ILE C 6 -47.81 0.13 14.27
CA ILE C 6 -48.99 0.90 14.64
C ILE C 6 -49.17 0.91 16.15
N ASP C 7 -49.02 -0.26 16.79
CA ASP C 7 -49.16 -0.34 18.23
C ASP C 7 -47.95 0.21 18.96
N ARG C 8 -46.82 0.35 18.28
CA ARG C 8 -45.57 0.82 18.88
C ARG C 8 -45.10 2.08 18.16
N PRO C 9 -45.56 3.27 18.59
CA PRO C 9 -45.07 4.51 17.97
C PRO C 9 -43.74 4.96 18.55
N ILE C 10 -43.48 4.57 19.81
CA ILE C 10 -42.28 4.99 20.51
C ILE C 10 -41.05 4.33 19.90
N PHE C 11 -41.17 3.09 19.43
CA PHE C 11 -40.05 2.38 18.81
C PHE C 11 -39.67 3.05 17.48
N ALA C 12 -40.67 3.43 16.68
CA ALA C 12 -40.40 4.13 15.43
C ALA C 12 -39.84 5.52 15.68
N TRP C 13 -40.30 6.19 16.73
CA TRP C 13 -39.77 7.50 17.08
C TRP C 13 -38.32 7.42 17.54
N VAL C 14 -37.98 6.35 18.27
CA VAL C 14 -36.61 6.15 18.74
C VAL C 14 -35.69 5.83 17.55
N ILE C 15 -36.18 5.04 16.59
CA ILE C 15 -35.43 4.78 15.36
C ILE C 15 -35.22 6.06 14.57
N SER C 16 -36.24 6.92 14.52
CA SER C 16 -36.13 8.19 13.81
C SER C 16 -35.12 9.13 14.48
N ILE C 17 -35.11 9.17 15.82
CA ILE C 17 -34.13 9.98 16.55
C ILE C 17 -32.72 9.42 16.36
N PHE C 18 -32.60 8.08 16.26
CA PHE C 18 -31.30 7.47 15.97
C PHE C 18 -30.78 7.85 14.59
N ILE C 19 -31.67 7.85 13.58
CA ILE C 19 -31.28 8.26 12.23
C ILE C 19 -30.93 9.74 12.20
N ILE C 20 -31.65 10.55 12.98
CA ILE C 20 -31.37 12.00 13.05
C ILE C 20 -30.00 12.25 13.67
N ALA C 21 -29.67 11.55 14.76
CA ALA C 21 -28.38 11.72 15.41
C ALA C 21 -27.24 11.20 14.54
N ALA C 22 -27.45 10.08 13.85
CA ALA C 22 -26.44 9.55 12.94
C ALA C 22 -26.19 10.50 11.77
N GLY C 23 -27.25 11.14 11.27
CA GLY C 23 -27.08 12.12 10.21
C GLY C 23 -26.39 13.39 10.66
N ILE C 24 -26.68 13.83 11.89
CA ILE C 24 -26.00 15.00 12.45
C ILE C 24 -24.51 14.71 12.63
N PHE C 25 -24.18 13.51 13.13
CA PHE C 25 -22.78 13.15 13.30
C PHE C 25 -22.09 12.87 11.97
N GLY C 26 -22.85 12.53 10.93
CA GLY C 26 -22.28 12.40 9.60
C GLY C 26 -22.00 13.74 8.95
N ILE C 27 -22.89 14.71 9.13
CA ILE C 27 -22.65 16.06 8.61
C ILE C 27 -21.50 16.72 9.35
N LYS C 28 -21.37 16.44 10.66
CA LYS C 28 -20.29 17.04 11.45
C LYS C 28 -18.90 16.50 11.11
N SER C 29 -18.82 15.42 10.33
CA SER C 29 -17.54 14.84 9.90
C SER C 29 -17.50 14.71 8.39
N LEU C 30 -17.87 15.77 7.66
CA LEU C 30 -17.87 15.77 6.21
C LEU C 30 -16.94 16.84 5.67
N PRO C 31 -16.08 16.51 4.71
CA PRO C 31 -15.29 17.55 4.04
C PRO C 31 -16.15 18.33 3.06
N VAL C 32 -15.86 19.62 2.97
CA VAL C 32 -16.66 20.57 2.19
C VAL C 32 -15.85 20.98 0.97
N SER C 33 -16.44 20.80 -0.21
CA SER C 33 -15.79 21.16 -1.46
C SER C 33 -16.86 21.63 -2.45
N GLN C 34 -16.46 21.81 -3.70
CA GLN C 34 -17.36 22.24 -4.76
C GLN C 34 -17.62 21.15 -5.79
N TYR C 35 -16.57 20.49 -6.27
CA TYR C 35 -16.68 19.41 -7.22
C TYR C 35 -15.98 18.18 -6.69
N PRO C 36 -16.48 16.98 -7.00
CA PRO C 36 -15.86 15.76 -6.49
C PRO C 36 -14.51 15.48 -7.15
N SER C 37 -13.80 14.52 -6.57
CA SER C 37 -12.47 14.13 -7.05
C SER C 37 -12.61 13.37 -8.36
N VAL C 38 -12.54 14.10 -9.47
CA VAL C 38 -12.69 13.50 -10.80
C VAL C 38 -11.38 13.47 -11.58
N ALA C 39 -10.34 14.14 -11.10
CA ALA C 39 -9.07 14.18 -11.82
C ALA C 39 -8.18 13.02 -11.38
N ALA C 40 -7.59 12.34 -12.36
CA ALA C 40 -6.67 11.25 -12.06
C ALA C 40 -5.34 11.80 -11.58
N PRO C 41 -4.63 11.07 -10.71
CA PRO C 41 -3.31 11.52 -10.29
C PRO C 41 -2.29 11.42 -11.41
N THR C 42 -1.40 12.41 -11.47
CA THR C 42 -0.41 12.53 -12.53
C THR C 42 0.97 12.62 -11.91
N ILE C 43 1.87 11.73 -12.30
CA ILE C 43 3.24 11.70 -11.83
C ILE C 43 4.12 12.35 -12.91
N THR C 44 4.80 13.42 -12.54
CA THR C 44 5.64 14.18 -13.46
C THR C 44 7.12 13.87 -13.18
N LEU C 45 7.86 13.62 -14.24
CA LEU C 45 9.28 13.27 -14.17
C LEU C 45 10.08 14.36 -14.87
N HIS C 46 10.97 15.01 -14.12
CA HIS C 46 11.80 16.08 -14.65
C HIS C 46 13.25 15.61 -14.76
N ALA C 47 13.95 16.10 -15.78
CA ALA C 47 15.34 15.77 -16.02
C ALA C 47 16.11 17.02 -16.42
N ILE C 48 17.41 17.01 -16.13
CA ILE C 48 18.29 18.15 -16.41
C ILE C 48 19.47 17.63 -17.22
N TYR C 49 19.66 18.19 -18.42
CA TYR C 49 20.76 17.81 -19.30
C TYR C 49 21.24 19.07 -20.01
N PRO C 50 22.27 19.74 -19.49
CA PRO C 50 22.73 20.99 -20.10
C PRO C 50 23.52 20.76 -21.38
N GLY C 51 23.45 21.74 -22.27
CA GLY C 51 24.18 21.66 -23.52
C GLY C 51 23.51 20.80 -24.58
N ALA C 52 22.18 20.79 -24.62
CA ALA C 52 21.45 19.97 -25.57
C ALA C 52 20.28 20.77 -26.13
N SER C 53 19.92 20.46 -27.37
CA SER C 53 18.77 21.08 -28.03
C SER C 53 17.52 20.26 -27.74
N ALA C 54 16.43 20.55 -28.44
CA ALA C 54 15.18 19.83 -28.27
C ALA C 54 15.14 18.51 -29.01
N GLN C 55 16.18 18.17 -29.77
CA GLN C 55 16.20 16.94 -30.54
C GLN C 55 16.86 15.79 -29.78
N VAL C 56 18.10 15.99 -29.31
CA VAL C 56 18.81 14.92 -28.62
C VAL C 56 18.34 14.73 -27.18
N MET C 57 17.75 15.76 -26.56
CA MET C 57 17.29 15.63 -25.18
C MET C 57 16.05 14.74 -25.10
N GLU C 58 15.08 14.98 -25.98
CA GLU C 58 13.90 14.13 -26.04
C GLU C 58 14.17 12.79 -26.72
N GLY C 59 15.28 12.67 -27.44
CA GLY C 59 15.59 11.43 -28.13
C GLY C 59 16.45 10.47 -27.33
N SER C 60 17.29 10.99 -26.44
CA SER C 60 18.20 10.14 -25.67
C SER C 60 17.75 9.94 -24.23
N VAL C 61 17.05 10.89 -23.64
CA VAL C 61 16.64 10.83 -22.25
C VAL C 61 15.16 10.51 -22.10
N LEU C 62 14.30 11.29 -22.75
CA LEU C 62 12.86 11.13 -22.56
C LEU C 62 12.29 9.98 -23.38
N SER C 63 12.96 9.61 -24.49
CA SER C 63 12.43 8.57 -25.37
C SER C 63 12.50 7.20 -24.73
N VAL C 64 13.63 6.87 -24.08
CA VAL C 64 13.75 5.57 -23.42
C VAL C 64 12.84 5.48 -22.21
N ILE C 65 12.62 6.59 -21.50
CA ILE C 65 11.72 6.60 -20.35
C ILE C 65 10.27 6.42 -20.80
N GLU C 66 9.90 7.09 -21.90
CA GLU C 66 8.54 6.95 -22.44
C GLU C 66 8.29 5.56 -23.00
N ARG C 67 9.30 4.97 -23.66
CA ARG C 67 9.10 3.67 -24.28
C ARG C 67 9.24 2.52 -23.29
N ASN C 68 9.91 2.74 -22.15
CA ASN C 68 10.02 1.71 -21.13
C ASN C 68 9.05 1.92 -19.97
N MET C 69 8.29 3.02 -19.97
CA MET C 69 7.25 3.23 -18.99
C MET C 69 5.97 2.47 -19.31
N ASN C 70 5.88 1.84 -20.48
CA ASN C 70 4.72 1.05 -20.83
C ASN C 70 4.72 -0.26 -20.05
N GLY C 71 3.53 -0.84 -19.87
CA GLY C 71 3.33 -2.02 -19.07
C GLY C 71 2.75 -1.74 -17.70
N VAL C 72 2.85 -0.50 -17.22
CA VAL C 72 2.23 -0.13 -15.96
C VAL C 72 0.72 -0.04 -16.15
N GLU C 73 -0.03 -0.70 -15.26
CA GLU C 73 -1.47 -0.72 -15.39
C GLU C 73 -2.07 0.63 -15.00
N GLY C 74 -3.22 0.93 -15.61
CA GLY C 74 -3.93 2.17 -15.35
C GLY C 74 -3.53 3.34 -16.22
N LEU C 75 -2.35 3.28 -16.85
CA LEU C 75 -1.84 4.40 -17.64
C LEU C 75 -2.66 4.58 -18.91
N ASP C 76 -3.19 5.78 -19.11
CA ASP C 76 -4.04 6.08 -20.25
C ASP C 76 -3.27 6.72 -21.40
N TYR C 77 -2.50 7.76 -21.11
CA TYR C 77 -1.71 8.43 -22.14
C TYR C 77 -0.47 9.03 -21.52
N MET C 78 0.51 9.32 -22.38
CA MET C 78 1.77 9.95 -21.97
C MET C 78 1.98 11.22 -22.78
N SER C 79 2.73 12.16 -22.20
CA SER C 79 3.02 13.42 -22.86
C SER C 79 4.35 13.93 -22.35
N THR C 80 5.37 13.87 -23.20
CA THR C 80 6.71 14.36 -22.87
C THR C 80 6.97 15.66 -23.61
N SER C 81 7.72 16.55 -22.97
CA SER C 81 8.04 17.85 -23.55
C SER C 81 9.47 18.22 -23.17
N ALA C 82 10.22 18.73 -24.14
CA ALA C 82 11.60 19.14 -23.92
C ALA C 82 11.87 20.42 -24.68
N ASP C 83 12.37 21.43 -23.97
CA ASP C 83 12.69 22.72 -24.58
C ASP C 83 14.14 22.72 -25.05
N SER C 84 14.63 23.89 -25.47
CA SER C 84 16.00 24.02 -25.95
C SER C 84 17.00 24.28 -24.83
N SER C 85 16.54 24.51 -23.60
CA SER C 85 17.42 24.76 -22.47
C SER C 85 17.84 23.48 -21.75
N GLY C 86 17.42 22.32 -22.24
CA GLY C 86 17.81 21.06 -21.64
C GLY C 86 17.05 20.74 -20.37
N SER C 87 15.72 20.70 -20.45
CA SER C 87 14.87 20.38 -19.31
C SER C 87 13.67 19.59 -19.80
N GLY C 88 13.64 18.29 -19.50
CA GLY C 88 12.56 17.43 -19.94
C GLY C 88 11.47 17.32 -18.89
N SER C 89 10.29 16.91 -19.34
CA SER C 89 9.13 16.78 -18.46
C SER C 89 8.21 15.71 -19.04
N VAL C 90 8.22 14.52 -18.43
CA VAL C 90 7.36 13.42 -18.82
C VAL C 90 6.15 13.42 -17.90
N SER C 91 4.96 13.52 -18.48
CA SER C 91 3.71 13.58 -17.73
C SER C 91 2.94 12.28 -17.97
N LEU C 92 2.86 11.45 -16.95
CA LEU C 92 2.15 10.18 -17.02
C LEU C 92 0.77 10.33 -16.39
N THR C 93 -0.27 10.09 -17.17
CA THR C 93 -1.65 10.21 -16.72
C THR C 93 -2.26 8.82 -16.58
N PHE C 94 -2.88 8.55 -15.43
CA PHE C 94 -3.42 7.25 -15.12
C PHE C 94 -4.94 7.26 -15.24
N THR C 95 -5.54 6.12 -14.89
CA THR C 95 -6.98 5.95 -14.82
C THR C 95 -7.50 6.48 -13.48
N PRO C 96 -8.67 7.13 -13.45
CA PRO C 96 -9.30 7.49 -12.18
C PRO C 96 -9.69 6.27 -11.35
N ASP C 97 -10.00 6.48 -10.08
CA ASP C 97 -10.42 5.32 -9.27
C ASP C 97 -9.19 4.46 -8.94
N THR C 98 -7.99 5.00 -9.09
CA THR C 98 -6.81 4.19 -8.80
C THR C 98 -5.86 5.00 -7.93
N ASP C 99 -5.35 4.36 -6.88
CA ASP C 99 -4.52 5.08 -5.92
C ASP C 99 -3.14 5.39 -6.49
N GLU C 100 -2.56 6.50 -6.01
CA GLU C 100 -1.22 6.90 -6.41
C GLU C 100 -0.13 6.18 -5.64
N ASN C 101 -0.49 5.41 -4.60
CA ASN C 101 0.50 4.77 -3.75
C ASN C 101 1.22 3.64 -4.48
N LEU C 102 0.49 2.87 -5.28
CA LEU C 102 1.13 1.81 -6.07
C LEU C 102 1.75 2.36 -7.35
N ALA C 103 1.12 3.37 -7.97
CA ALA C 103 1.65 3.92 -9.20
C ALA C 103 2.94 4.68 -8.99
N GLN C 104 3.07 5.37 -7.84
CA GLN C 104 4.28 6.13 -7.55
C GLN C 104 5.50 5.24 -7.30
N VAL C 105 5.29 3.97 -6.95
CA VAL C 105 6.42 3.07 -6.72
C VAL C 105 6.64 2.23 -7.98
N GLU C 106 5.59 2.00 -8.78
CA GLU C 106 5.81 1.30 -10.04
C GLU C 106 6.48 2.18 -11.08
N VAL C 107 6.28 3.51 -11.02
CA VAL C 107 7.03 4.42 -11.87
C VAL C 107 8.52 4.40 -11.51
N GLN C 108 8.84 4.39 -10.22
CA GLN C 108 10.23 4.29 -9.79
C GLN C 108 10.83 2.93 -10.08
N ASN C 109 10.01 1.88 -10.10
CA ASN C 109 10.50 0.55 -10.46
C ASN C 109 10.81 0.45 -11.95
N LYS C 110 9.95 1.02 -12.80
CA LYS C 110 10.19 1.02 -14.23
C LYS C 110 11.17 2.09 -14.67
N LEU C 111 11.54 3.02 -13.79
CA LEU C 111 12.50 4.07 -14.11
C LEU C 111 13.93 3.65 -13.84
N SER C 112 14.16 2.86 -12.79
CA SER C 112 15.51 2.46 -12.40
C SER C 112 16.13 1.43 -13.35
N GLU C 113 15.33 0.81 -14.23
CA GLU C 113 15.89 -0.15 -15.18
C GLU C 113 16.66 0.55 -16.29
N VAL C 114 16.21 1.74 -16.69
CA VAL C 114 16.85 2.49 -17.77
C VAL C 114 17.78 3.58 -17.23
N LEU C 115 18.15 3.51 -15.96
CA LEU C 115 19.07 4.49 -15.39
C LEU C 115 20.51 4.25 -15.82
N SER C 116 20.83 3.03 -16.27
CA SER C 116 22.18 2.70 -16.71
C SER C 116 22.46 3.09 -18.16
N THR C 117 21.45 3.03 -19.03
CA THR C 117 21.63 3.47 -20.41
C THR C 117 21.49 4.98 -20.56
N LEU C 118 21.11 5.69 -19.50
CA LEU C 118 21.08 7.14 -19.53
C LEU C 118 22.49 7.71 -19.54
N PRO C 119 22.68 8.93 -20.04
CA PRO C 119 24.00 9.56 -19.96
C PRO C 119 24.41 9.87 -18.52
N ALA C 120 25.72 10.08 -18.35
CA ALA C 120 26.28 10.29 -17.01
C ALA C 120 25.96 11.66 -16.43
N THR C 121 25.48 12.60 -17.24
CA THR C 121 25.13 13.91 -16.71
C THR C 121 23.79 13.90 -16.00
N VAL C 122 22.80 13.20 -16.56
CA VAL C 122 21.48 13.15 -15.94
C VAL C 122 21.42 12.21 -14.74
N GLN C 123 22.43 11.36 -14.56
CA GLN C 123 22.49 10.50 -13.38
C GLN C 123 22.98 11.24 -12.15
N GLN C 124 23.69 12.35 -12.34
CA GLN C 124 24.14 13.15 -11.19
C GLN C 124 23.02 14.03 -10.66
N TYR C 125 22.28 14.68 -11.57
CA TYR C 125 21.15 15.50 -11.15
C TYR C 125 19.95 14.64 -10.75
N GLY C 126 19.81 13.46 -11.34
CA GLY C 126 18.72 12.57 -11.02
C GLY C 126 17.42 12.97 -11.70
N VAL C 127 16.41 12.14 -11.48
CA VAL C 127 15.07 12.36 -12.03
C VAL C 127 14.14 12.61 -10.85
N THR C 128 13.66 13.84 -10.72
CA THR C 128 12.78 14.20 -9.61
C THR C 128 11.36 13.73 -9.90
N VAL C 129 10.71 13.17 -8.89
CA VAL C 129 9.33 12.70 -8.97
C VAL C 129 8.46 13.65 -8.17
N SER C 130 7.47 14.26 -8.84
CA SER C 130 6.60 15.23 -8.19
C SER C 130 5.17 14.91 -8.59
N LYS C 131 4.41 14.33 -7.67
CA LYS C 131 3.01 13.98 -7.91
C LYS C 131 2.07 15.09 -7.44
N ALA C 132 2.31 16.30 -7.91
CA ALA C 132 1.52 17.47 -7.51
C ALA C 132 0.57 17.88 -8.64
N ARG C 133 -0.40 18.71 -8.27
CA ARG C 133 -1.36 19.23 -9.23
C ARG C 133 -0.75 20.36 -10.05
N SER C 134 -1.48 20.77 -11.09
CA SER C 134 -1.04 21.85 -11.96
C SER C 134 -1.76 23.17 -11.74
N ASN C 135 -2.97 23.14 -11.20
CA ASN C 135 -3.72 24.37 -10.96
C ASN C 135 -3.22 25.04 -9.68
N PHE C 136 -3.64 26.29 -9.50
CA PHE C 136 -3.27 27.08 -8.33
C PHE C 136 -4.45 27.19 -7.38
N LEU C 137 -4.16 27.11 -6.08
CA LEU C 137 -5.19 27.25 -5.05
C LEU C 137 -5.20 28.65 -4.46
N MET C 138 -4.07 29.10 -3.92
CA MET C 138 -3.94 30.44 -3.34
C MET C 138 -2.65 31.07 -3.83
N ILE C 139 -2.67 32.40 -3.93
CA ILE C 139 -1.49 33.18 -4.27
C ILE C 139 -1.29 34.17 -3.13
N VAL C 140 -0.30 33.92 -2.28
CA VAL C 140 0.00 34.78 -1.13
C VAL C 140 0.94 35.88 -1.61
N MET C 141 0.52 37.13 -1.46
CA MET C 141 1.29 38.29 -1.90
C MET C 141 1.85 39.01 -0.68
N LEU C 142 3.17 39.19 -0.66
CA LEU C 142 3.84 39.92 0.40
C LEU C 142 4.22 41.32 -0.10
N SER C 143 3.96 42.33 0.72
CA SER C 143 4.19 43.72 0.33
C SER C 143 4.89 44.46 1.45
N SER C 144 5.88 45.26 1.08
CA SER C 144 6.61 46.08 2.04
C SER C 144 7.23 47.26 1.29
N ASP C 145 7.17 48.45 1.90
CA ASP C 145 7.70 49.66 1.31
C ASP C 145 8.98 50.14 1.98
N VAL C 146 9.63 49.29 2.77
CA VAL C 146 10.84 49.66 3.50
C VAL C 146 12.07 48.96 2.94
N GLN C 147 11.90 47.90 2.15
CA GLN C 147 13.03 47.14 1.63
C GLN C 147 12.71 46.71 0.20
N SER C 148 13.68 46.04 -0.42
CA SER C 148 13.54 45.59 -1.80
C SER C 148 12.78 44.26 -1.84
N THR C 149 12.69 43.66 -3.03
CA THR C 149 11.97 42.41 -3.19
C THR C 149 12.83 41.18 -3.01
N GLU C 150 14.16 41.32 -3.08
CA GLU C 150 15.04 40.17 -2.88
C GLU C 150 15.07 39.73 -1.42
N GLU C 151 15.05 40.70 -0.50
CA GLU C 151 14.97 40.37 0.92
C GLU C 151 13.62 39.77 1.27
N MET C 152 12.55 40.21 0.60
CA MET C 152 11.24 39.61 0.81
C MET C 152 11.18 38.19 0.27
N ASN C 153 11.85 37.94 -0.87
CA ASN C 153 11.92 36.59 -1.41
C ASN C 153 12.74 35.68 -0.51
N ASP C 154 13.82 36.19 0.08
CA ASP C 154 14.62 35.39 1.00
C ASP C 154 13.86 35.11 2.30
N TYR C 155 13.09 36.09 2.78
CA TYR C 155 12.29 35.87 3.99
C TYR C 155 11.12 34.93 3.72
N ALA C 156 10.61 34.90 2.49
CA ALA C 156 9.57 33.94 2.15
C ALA C 156 10.14 32.54 2.00
N GLN C 157 11.34 32.42 1.44
CA GLN C 157 11.97 31.12 1.29
C GLN C 157 12.44 30.55 2.62
N ARG C 158 12.85 31.42 3.56
CA ARG C 158 13.38 30.95 4.82
C ARG C 158 12.27 30.50 5.76
N ASN C 159 11.18 31.26 5.84
CA ASN C 159 10.16 31.06 6.86
C ASN C 159 8.82 30.62 6.29
N VAL C 160 8.34 31.26 5.23
CA VAL C 160 6.96 31.06 4.80
C VAL C 160 6.81 29.77 4.00
N VAL C 161 7.81 29.44 3.19
CA VAL C 161 7.77 28.28 2.30
C VAL C 161 7.71 26.93 3.04
N PRO C 162 8.54 26.62 4.05
CA PRO C 162 8.35 25.31 4.71
C PRO C 162 7.12 25.26 5.60
N GLU C 163 6.70 26.39 6.16
CA GLU C 163 5.48 26.43 6.97
C GLU C 163 4.24 26.24 6.10
N LEU C 164 4.29 26.68 4.84
CA LEU C 164 3.20 26.41 3.92
C LEU C 164 3.30 25.02 3.32
N GLN C 165 4.51 24.46 3.22
CA GLN C 165 4.69 23.11 2.70
C GLN C 165 4.32 22.05 3.73
N ARG C 166 4.35 22.37 5.01
CA ARG C 166 3.98 21.42 6.06
C ARG C 166 2.48 21.38 6.33
N ILE C 167 1.67 22.04 5.51
CA ILE C 167 0.22 21.99 5.64
C ILE C 167 -0.30 20.74 4.96
N GLU C 168 -1.20 20.03 5.64
CA GLU C 168 -1.75 18.78 5.12
C GLU C 168 -2.71 19.08 3.97
N GLY C 169 -2.33 18.67 2.77
CA GLY C 169 -3.12 18.94 1.59
C GLY C 169 -2.34 19.63 0.50
N VAL C 170 -1.35 20.43 0.90
CA VAL C 170 -0.49 21.14 -0.04
C VAL C 170 0.55 20.18 -0.59
N GLY C 171 0.68 20.13 -1.92
CA GLY C 171 1.65 19.26 -2.55
C GLY C 171 2.93 19.96 -2.92
N GLN C 172 2.82 21.22 -3.35
CA GLN C 172 3.99 21.98 -3.77
C GLN C 172 3.69 23.47 -3.62
N VAL C 173 4.66 24.20 -3.09
CA VAL C 173 4.58 25.66 -2.95
C VAL C 173 5.58 26.26 -3.92
N ARG C 174 5.08 26.95 -4.96
CA ARG C 174 5.94 27.65 -5.90
C ARG C 174 6.32 29.01 -5.33
N LEU C 175 7.36 29.59 -5.91
CA LEU C 175 7.82 30.91 -5.50
C LEU C 175 8.26 31.67 -6.72
N PHE C 176 7.58 32.79 -7.01
CA PHE C 176 7.93 33.64 -8.15
C PHE C 176 9.10 34.54 -7.77
N GLY C 177 10.29 33.93 -7.73
CA GLY C 177 11.49 34.63 -7.32
C GLY C 177 12.66 33.68 -7.21
N ALA C 178 13.57 34.03 -6.31
CA ALA C 178 14.78 33.22 -6.11
C ALA C 178 15.34 33.47 -4.72
N GLN C 179 16.06 32.48 -4.22
CA GLN C 179 16.81 32.64 -2.98
C GLN C 179 18.03 33.52 -3.22
N ARG C 180 18.54 34.11 -2.14
CA ARG C 180 19.71 34.96 -2.23
C ARG C 180 20.97 34.12 -2.47
N ALA C 181 21.98 34.77 -3.05
CA ALA C 181 23.23 34.12 -3.39
C ALA C 181 24.29 35.19 -3.52
N MET C 182 25.54 34.76 -3.61
CA MET C 182 26.68 35.66 -3.79
C MET C 182 27.03 35.69 -5.27
N ARG C 183 26.60 36.75 -5.96
CA ARG C 183 26.83 36.89 -7.38
C ARG C 183 28.08 37.71 -7.63
N ILE C 184 28.98 37.18 -8.47
CA ILE C 184 30.20 37.86 -8.88
C ILE C 184 30.08 38.15 -10.36
N TRP C 185 30.27 39.41 -10.73
CA TRP C 185 30.26 39.86 -12.12
C TRP C 185 31.68 40.27 -12.50
N VAL C 186 32.26 39.56 -13.45
CA VAL C 186 33.68 39.71 -13.77
C VAL C 186 33.84 40.48 -15.07
N ASP C 187 34.72 41.48 -15.07
CA ASP C 187 35.06 42.21 -16.28
C ASP C 187 36.04 41.39 -17.10
N PRO C 188 35.76 41.12 -18.39
CA PRO C 188 36.67 40.28 -19.18
C PRO C 188 37.96 40.97 -19.60
N LYS C 189 37.94 42.29 -19.77
CA LYS C 189 39.13 43.01 -20.23
C LYS C 189 40.24 43.00 -19.20
N LYS C 190 39.88 43.09 -17.91
CA LYS C 190 40.90 42.97 -16.86
C LYS C 190 41.41 41.54 -16.75
N LEU C 191 40.58 40.55 -17.13
CA LEU C 191 41.05 39.17 -17.17
C LEU C 191 42.04 38.95 -18.31
N GLN C 192 41.81 39.60 -19.45
CA GLN C 192 42.78 39.51 -20.53
C GLN C 192 44.04 40.33 -20.23
N ASN C 193 43.90 41.40 -19.44
CA ASN C 193 45.06 42.20 -19.08
C ASN C 193 45.93 41.52 -18.03
N TYR C 194 45.33 40.79 -17.10
CA TYR C 194 46.06 40.15 -16.01
C TYR C 194 46.31 38.66 -16.23
N ASN C 195 45.83 38.11 -17.35
CA ASN C 195 46.01 36.71 -17.76
C ASN C 195 45.47 35.73 -16.70
N LEU C 196 44.24 35.98 -16.26
CA LEU C 196 43.57 35.15 -15.27
C LEU C 196 42.24 34.69 -15.84
N SER C 197 42.10 33.39 -16.07
CA SER C 197 40.88 32.82 -16.61
C SER C 197 39.86 32.64 -15.49
N PHE C 198 38.66 32.16 -15.86
CA PHE C 198 37.62 31.92 -14.87
C PHE C 198 37.90 30.69 -14.02
N ALA C 199 38.69 29.75 -14.55
CA ALA C 199 39.06 28.57 -13.78
C ALA C 199 39.99 28.91 -12.63
N ASP C 200 40.86 29.92 -12.81
CA ASP C 200 41.71 30.38 -11.72
C ASP C 200 40.88 31.06 -10.63
N VAL C 201 39.85 31.81 -11.02
CA VAL C 201 38.95 32.43 -10.05
C VAL C 201 38.16 31.38 -9.30
N GLY C 202 37.70 30.33 -10.00
CA GLY C 202 37.00 29.24 -9.35
C GLY C 202 37.87 28.45 -8.39
N SER C 203 39.14 28.22 -8.78
CA SER C 203 40.07 27.52 -7.90
C SER C 203 40.43 28.37 -6.68
N ALA C 204 40.56 29.68 -6.86
CA ALA C 204 40.85 30.56 -5.72
C ALA C 204 39.65 30.71 -4.81
N LEU C 205 38.43 30.61 -5.35
CA LEU C 205 37.24 30.65 -4.51
C LEU C 205 36.98 29.32 -3.81
N SER C 206 37.38 28.20 -4.41
CA SER C 206 37.22 26.90 -3.77
C SER C 206 38.36 26.57 -2.82
N ALA C 207 39.51 27.23 -2.95
CA ALA C 207 40.65 26.96 -2.07
C ALA C 207 40.68 27.88 -0.85
N GLN C 208 40.16 29.10 -0.96
CA GLN C 208 40.16 30.05 0.13
C GLN C 208 38.83 30.13 0.87
N ASN C 209 37.85 29.33 0.47
CA ASN C 209 36.54 29.27 1.15
C ASN C 209 36.16 27.79 1.23
N ILE C 210 36.55 27.15 2.33
CA ILE C 210 36.31 25.72 2.52
C ILE C 210 36.09 25.47 4.01
N GLN C 211 35.18 24.56 4.32
CA GLN C 211 34.90 24.22 5.71
C GLN C 211 36.06 23.43 6.30
N ILE C 212 36.46 23.80 7.52
CA ILE C 212 37.58 23.19 8.21
C ILE C 212 37.07 22.46 9.43
N SER C 213 37.46 21.19 9.58
CA SER C 213 37.10 20.38 10.74
C SER C 213 38.41 19.87 11.35
N ALA C 214 38.78 20.45 12.50
CA ALA C 214 40.08 20.15 13.12
C ALA C 214 40.03 18.99 14.10
N GLY C 215 38.91 18.79 14.80
CA GLY C 215 38.83 17.73 15.79
C GLY C 215 38.93 18.24 17.21
N SER C 216 39.57 17.47 18.08
CA SER C 216 39.70 17.84 19.49
C SER C 216 41.04 17.36 20.02
N ILE C 217 41.32 17.73 21.27
CA ILE C 217 42.55 17.34 21.95
C ILE C 217 42.30 16.32 23.06
N GLY C 218 41.06 15.84 23.19
CA GLY C 218 40.69 14.86 24.19
C GLY C 218 40.27 13.56 23.53
N SER C 219 41.06 13.11 22.56
CA SER C 219 40.67 12.08 21.61
C SER C 219 40.45 10.72 22.28
N LEU C 220 39.86 9.81 21.50
CA LEU C 220 39.34 8.55 22.05
C LEU C 220 40.40 7.54 22.47
N PRO C 221 41.63 7.46 21.86
CA PRO C 221 42.71 6.68 22.49
C PRO C 221 43.01 7.07 23.94
N ALA C 222 43.24 8.37 24.18
CA ALA C 222 43.30 8.98 25.51
C ALA C 222 44.38 8.34 26.40
N VAL C 223 45.64 8.59 26.02
CA VAL C 223 46.77 8.12 26.81
C VAL C 223 46.76 8.80 28.18
N ARG C 224 47.39 8.14 29.16
CA ARG C 224 47.23 8.50 30.56
C ARG C 224 47.87 9.84 30.89
N GLY C 225 47.22 10.58 31.80
CA GLY C 225 47.63 11.93 32.13
C GLY C 225 46.80 12.97 31.41
N GLN C 226 45.48 12.77 31.39
CA GLN C 226 44.57 13.66 30.68
C GLN C 226 43.27 13.80 31.45
N THR C 227 42.84 15.05 31.67
CA THR C 227 41.59 15.32 32.35
C THR C 227 40.70 16.25 31.53
N VAL C 228 41.29 16.99 30.60
CA VAL C 228 40.60 18.03 29.87
C VAL C 228 40.32 17.54 28.46
N THR C 229 39.26 18.08 27.84
CA THR C 229 38.88 17.79 26.47
C THR C 229 38.26 19.04 25.86
N ALA C 230 38.86 19.53 24.77
CA ALA C 230 38.41 20.77 24.14
C ALA C 230 38.34 20.57 22.63
N THR C 231 37.21 20.95 22.04
CA THR C 231 37.02 20.87 20.61
C THR C 231 37.60 22.11 19.94
N VAL C 232 38.34 21.91 18.84
CA VAL C 232 39.01 22.99 18.14
C VAL C 232 38.19 23.37 16.91
N THR C 233 37.91 24.66 16.77
CA THR C 233 37.19 25.20 15.62
C THR C 233 38.07 26.21 14.90
N ALA C 234 37.84 26.37 13.60
CA ALA C 234 38.65 27.24 12.77
C ALA C 234 37.88 28.41 12.16
N GLN C 235 36.69 28.16 11.61
CA GLN C 235 35.83 29.13 10.94
C GLN C 235 36.56 29.81 9.79
N GLY C 236 36.90 28.99 8.80
CA GLY C 236 37.64 29.47 7.63
C GLY C 236 36.76 29.72 6.42
N GLN C 237 35.58 30.31 6.63
CA GLN C 237 34.66 30.62 5.56
C GLN C 237 34.39 32.12 5.52
N LEU C 238 33.78 32.56 4.43
CA LEU C 238 33.45 33.97 4.22
C LEU C 238 31.92 34.11 4.16
N GLY C 239 31.42 35.20 4.74
CA GLY C 239 29.99 35.41 4.82
C GLY C 239 29.52 36.78 4.35
N THR C 240 30.45 37.71 4.16
CA THR C 240 30.12 39.06 3.74
C THR C 240 30.77 39.36 2.39
N ALA C 241 30.24 40.39 1.72
CA ALA C 241 30.76 40.78 0.42
C ALA C 241 32.11 41.48 0.52
N GLU C 242 32.45 42.03 1.69
CA GLU C 242 33.75 42.67 1.86
C GLU C 242 34.87 41.65 1.94
N GLU C 243 34.61 40.48 2.53
CA GLU C 243 35.62 39.44 2.63
C GLU C 243 35.82 38.70 1.31
N PHE C 244 34.82 38.68 0.43
CA PHE C 244 34.97 38.02 -0.86
C PHE C 244 35.82 38.84 -1.81
N GLY C 245 35.91 40.15 -1.59
CA GLY C 245 36.73 41.00 -2.45
C GLY C 245 38.22 40.89 -2.18
N ASN C 246 38.62 40.30 -1.06
CA ASN C 246 40.02 40.14 -0.70
C ASN C 246 40.56 38.75 -1.00
N VAL C 247 39.91 38.01 -1.89
CA VAL C 247 40.38 36.68 -2.27
C VAL C 247 41.58 36.82 -3.19
N ILE C 248 42.69 36.19 -2.81
CA ILE C 248 43.93 36.30 -3.57
C ILE C 248 43.82 35.45 -4.84
N LEU C 249 43.91 36.10 -5.99
CA LEU C 249 43.90 35.39 -7.28
C LEU C 249 45.30 34.98 -7.70
N ARG C 250 46.26 35.89 -7.60
CA ARG C 250 47.65 35.60 -7.98
C ARG C 250 48.56 36.50 -7.17
N ALA C 251 49.54 35.89 -6.49
CA ALA C 251 50.48 36.63 -5.66
C ALA C 251 51.77 36.86 -6.43
N ASN C 252 52.22 38.11 -6.47
CA ASN C 252 53.45 38.45 -7.16
C ASN C 252 54.65 38.26 -6.24
N THR C 253 55.84 38.21 -6.86
CA THR C 253 57.07 37.97 -6.11
C THR C 253 57.61 39.22 -5.43
N ASP C 254 57.17 40.41 -5.86
CA ASP C 254 57.65 41.66 -5.28
C ASP C 254 56.79 42.15 -4.12
N GLY C 255 55.95 41.29 -3.56
CA GLY C 255 55.12 41.62 -2.42
C GLY C 255 53.69 41.99 -2.78
N SER C 256 53.45 42.42 -4.01
CA SER C 256 52.11 42.82 -4.43
C SER C 256 51.26 41.58 -4.70
N ASN C 257 49.95 41.80 -4.83
CA ASN C 257 49.01 40.72 -5.09
C ASN C 257 47.80 41.28 -5.82
N ILE C 258 47.08 40.38 -6.49
CA ILE C 258 45.88 40.73 -7.24
C ILE C 258 44.67 40.22 -6.46
N TYR C 259 43.78 41.12 -6.11
CA TYR C 259 42.57 40.78 -5.34
C TYR C 259 41.47 40.32 -6.30
N LEU C 260 40.25 40.23 -5.79
CA LEU C 260 39.08 39.94 -6.61
C LEU C 260 38.25 41.17 -6.92
N LYS C 261 38.32 42.21 -6.08
CA LYS C 261 37.50 43.40 -6.27
C LYS C 261 38.02 44.31 -7.38
N ASP C 262 39.26 44.15 -7.82
CA ASP C 262 39.80 44.98 -8.89
C ASP C 262 39.46 44.46 -10.27
N VAL C 263 39.14 43.17 -10.40
CA VAL C 263 38.77 42.58 -11.68
C VAL C 263 37.30 42.18 -11.73
N ALA C 264 36.57 42.30 -10.63
CA ALA C 264 35.18 41.87 -10.59
C ALA C 264 34.45 42.65 -9.51
N LYS C 265 33.13 42.50 -9.49
CA LYS C 265 32.27 43.10 -8.47
C LYS C 265 31.45 41.98 -7.82
N VAL C 266 31.52 41.90 -6.50
CA VAL C 266 30.86 40.86 -5.72
C VAL C 266 29.73 41.48 -4.93
N GLY C 267 28.54 40.87 -5.00
CA GLY C 267 27.40 41.40 -4.28
C GLY C 267 26.33 40.37 -4.08
N LEU C 268 25.44 40.65 -3.13
CA LEU C 268 24.33 39.75 -2.85
C LEU C 268 23.23 39.94 -3.88
N GLY C 269 22.94 38.88 -4.63
CA GLY C 269 21.88 38.91 -5.63
C GLY C 269 20.99 37.69 -5.56
N MET C 270 20.28 37.39 -6.63
CA MET C 270 19.42 36.22 -6.69
C MET C 270 20.08 35.11 -7.50
N GLU C 271 19.55 33.89 -7.35
CA GLU C 271 20.09 32.75 -8.06
C GLU C 271 19.73 32.81 -9.54
N ASP C 272 18.47 33.09 -9.85
CA ASP C 272 18.02 33.26 -11.23
C ASP C 272 16.93 34.30 -11.27
N TYR C 273 17.01 35.19 -12.26
CA TYR C 273 16.07 36.30 -12.39
C TYR C 273 14.97 36.02 -13.40
N SER C 274 14.52 34.76 -13.50
CA SER C 274 13.55 34.37 -14.52
C SER C 274 12.15 34.81 -14.14
N SER C 275 11.63 34.32 -13.01
CA SER C 275 10.26 34.58 -12.62
C SER C 275 10.14 35.87 -11.81
N SER C 276 9.04 36.57 -12.03
CA SER C 276 8.75 37.79 -11.29
C SER C 276 7.24 37.98 -11.25
N THR C 277 6.78 38.76 -10.27
CA THR C 277 5.35 38.99 -10.10
C THR C 277 5.10 40.43 -9.65
N ARG C 278 3.88 40.89 -9.92
CA ARG C 278 3.47 42.25 -9.63
C ARG C 278 1.99 42.25 -9.26
N LEU C 279 1.60 43.22 -8.43
CA LEU C 279 0.21 43.41 -8.04
C LEU C 279 -0.13 44.88 -8.28
N ASN C 280 -0.87 45.15 -9.37
CA ASN C 280 -1.29 46.49 -9.80
C ASN C 280 -0.09 47.42 -9.98
N GLY C 281 0.88 46.96 -10.74
CA GLY C 281 2.07 47.76 -11.03
C GLY C 281 3.28 47.54 -10.15
N VAL C 282 3.11 47.69 -8.84
CA VAL C 282 4.22 47.55 -7.90
C VAL C 282 4.57 46.07 -7.74
N ASN C 283 5.83 45.82 -7.37
CA ASN C 283 6.32 44.45 -7.24
C ASN C 283 5.96 43.88 -5.88
N THR C 284 5.57 42.61 -5.88
CA THR C 284 5.24 41.88 -4.65
C THR C 284 6.01 40.56 -4.66
N THR C 285 5.76 39.74 -3.64
CA THR C 285 6.34 38.41 -3.52
C THR C 285 5.22 37.39 -3.61
N GLY C 286 5.21 36.61 -4.68
CA GLY C 286 4.14 35.66 -4.94
C GLY C 286 4.52 34.24 -4.57
N MET C 287 3.53 33.50 -4.06
CA MET C 287 3.70 32.11 -3.66
C MET C 287 2.49 31.32 -4.12
N ALA C 288 2.64 30.54 -5.18
CA ALA C 288 1.54 29.77 -5.75
C ALA C 288 1.40 28.47 -4.97
N VAL C 289 0.34 28.38 -4.17
CA VAL C 289 0.07 27.17 -3.39
C VAL C 289 -0.70 26.18 -4.25
N MET C 290 -0.20 24.95 -4.34
CA MET C 290 -0.82 23.90 -5.13
C MET C 290 -1.28 22.77 -4.23
N LEU C 291 -2.48 22.27 -4.48
CA LEU C 291 -3.00 21.15 -3.73
C LEU C 291 -2.42 19.83 -4.24
N SER C 292 -2.71 18.76 -3.53
CA SER C 292 -2.25 17.42 -3.87
C SER C 292 -3.46 16.51 -4.07
N ASN C 293 -3.18 15.22 -4.28
CA ASN C 293 -4.25 14.25 -4.44
C ASN C 293 -4.93 13.97 -3.11
N SER C 294 -6.25 13.76 -3.17
CA SER C 294 -7.15 13.63 -2.00
C SER C 294 -6.96 14.78 -1.02
N GLY C 295 -6.98 16.01 -1.55
CA GLY C 295 -6.82 17.19 -0.73
C GLY C 295 -7.96 18.17 -0.90
N ASN C 296 -8.56 18.60 0.21
CA ASN C 296 -9.68 19.51 0.16
C ASN C 296 -9.20 20.94 -0.13
N ALA C 297 -10.11 21.75 -0.67
CA ALA C 297 -9.80 23.13 -1.04
C ALA C 297 -10.29 24.15 -0.03
N MET C 298 -11.21 23.77 0.86
CA MET C 298 -11.72 24.69 1.87
C MET C 298 -11.08 24.51 3.24
N ALA C 299 -10.75 23.28 3.62
CA ALA C 299 -10.08 23.05 4.89
C ALA C 299 -8.60 23.43 4.83
N THR C 300 -8.03 23.50 3.63
CA THR C 300 -6.63 23.88 3.48
C THR C 300 -6.46 25.40 3.50
N ALA C 301 -7.41 26.14 2.91
CA ALA C 301 -7.27 27.59 2.80
C ALA C 301 -7.39 28.29 4.15
N LYS C 302 -8.29 27.83 5.02
CA LYS C 302 -8.40 28.41 6.35
C LYS C 302 -7.18 28.09 7.21
N ALA C 303 -6.58 26.92 7.02
CA ALA C 303 -5.34 26.58 7.73
C ALA C 303 -4.18 27.43 7.24
N VAL C 304 -4.13 27.70 5.94
CA VAL C 304 -3.10 28.57 5.38
C VAL C 304 -3.25 30.00 5.88
N LYS C 305 -4.49 30.49 5.95
CA LYS C 305 -4.75 31.83 6.48
C LYS C 305 -4.44 31.93 7.97
N GLU C 306 -4.73 30.87 8.73
CA GLU C 306 -4.40 30.86 10.15
C GLU C 306 -2.90 30.82 10.38
N ARG C 307 -2.17 30.04 9.57
CA ARG C 307 -0.72 30.00 9.70
C ARG C 307 -0.09 31.33 9.26
N LEU C 308 -0.69 32.01 8.28
CA LEU C 308 -0.19 33.33 7.89
C LEU C 308 -0.47 34.36 8.98
N ALA C 309 -1.63 34.27 9.64
CA ALA C 309 -1.93 35.16 10.76
C ALA C 309 -1.04 34.88 11.96
N VAL C 310 -0.62 33.64 12.14
CA VAL C 310 0.33 33.32 13.20
C VAL C 310 1.72 33.87 12.86
N LEU C 311 2.18 33.65 11.63
CA LEU C 311 3.50 34.10 11.21
C LEU C 311 3.58 35.60 10.98
N GLU C 312 2.45 36.31 10.96
CA GLU C 312 2.47 37.77 10.86
C GLU C 312 3.07 38.44 12.10
N LYS C 313 3.05 37.77 13.25
CA LYS C 313 3.67 38.32 14.45
C LYS C 313 5.19 38.33 14.37
N TYR C 314 5.78 37.47 13.54
CA TYR C 314 7.22 37.43 13.37
C TYR C 314 7.68 38.18 12.12
N PHE C 315 6.78 38.93 11.48
CA PHE C 315 7.13 39.71 10.32
C PHE C 315 7.95 40.94 10.72
N PRO C 316 8.85 41.43 9.85
CA PRO C 316 9.59 42.66 10.17
C PRO C 316 8.73 43.91 10.08
N GLN C 317 9.32 45.05 10.42
CA GLN C 317 8.59 46.32 10.46
C GLN C 317 8.31 46.80 9.05
N GLY C 318 7.06 46.65 8.61
CA GLY C 318 6.64 47.12 7.30
C GLY C 318 6.18 46.03 6.35
N MET C 319 6.29 44.76 6.71
CA MET C 319 5.92 43.65 5.82
C MET C 319 4.51 43.18 6.15
N SER C 320 3.66 43.10 5.12
CA SER C 320 2.29 42.63 5.26
C SER C 320 2.01 41.59 4.19
N TRP C 321 0.93 40.85 4.39
CA TRP C 321 0.54 39.78 3.48
C TRP C 321 -0.93 39.95 3.08
N LYS C 322 -1.27 39.39 1.91
CA LYS C 322 -2.63 39.42 1.40
C LYS C 322 -2.83 38.22 0.48
N THR C 323 -4.09 38.00 0.11
CA THR C 323 -4.46 36.90 -0.78
C THR C 323 -5.48 37.41 -1.78
N PRO C 324 -5.04 37.86 -2.97
CA PRO C 324 -6.01 38.33 -3.97
C PRO C 324 -6.66 37.23 -4.78
N TYR C 325 -6.05 36.04 -4.85
CA TYR C 325 -6.56 34.93 -5.64
C TYR C 325 -6.83 33.76 -4.70
N ASP C 326 -8.11 33.48 -4.45
CA ASP C 326 -8.52 32.37 -3.61
C ASP C 326 -9.67 31.65 -4.28
N THR C 327 -9.47 30.36 -4.57
CA THR C 327 -10.51 29.55 -5.21
C THR C 327 -11.52 29.00 -4.22
N SER C 328 -11.32 29.22 -2.91
CA SER C 328 -12.26 28.77 -1.89
C SER C 328 -13.35 29.79 -1.61
N LYS C 329 -13.23 31.01 -2.14
CA LYS C 329 -14.26 32.02 -1.93
C LYS C 329 -15.52 31.76 -2.74
N PHE C 330 -15.39 31.12 -3.91
CA PHE C 330 -16.56 30.76 -4.69
C PHE C 330 -17.30 29.58 -4.09
N VAL C 331 -16.59 28.74 -3.32
CA VAL C 331 -17.21 27.58 -2.70
C VAL C 331 -18.09 28.01 -1.52
N GLU C 332 -17.67 29.05 -0.79
CA GLU C 332 -18.42 29.50 0.38
C GLU C 332 -19.70 30.24 0.03
N ILE C 333 -19.88 30.66 -1.22
CA ILE C 333 -21.06 31.41 -1.62
C ILE C 333 -22.07 30.53 -2.36
N SER C 334 -21.58 29.63 -3.22
CA SER C 334 -22.49 28.78 -3.99
C SER C 334 -23.18 27.74 -3.11
N ILE C 335 -22.46 27.23 -2.09
CA ILE C 335 -23.09 26.32 -1.14
C ILE C 335 -24.09 27.07 -0.28
N GLU C 336 -23.82 28.34 0.04
CA GLU C 336 -24.83 29.18 0.69
C GLU C 336 -26.03 29.43 -0.22
N LYS C 337 -25.80 29.52 -1.54
CA LYS C 337 -26.90 29.71 -2.49
C LYS C 337 -27.78 28.47 -2.58
N VAL C 338 -27.17 27.28 -2.60
CA VAL C 338 -27.98 26.07 -2.65
C VAL C 338 -28.54 25.69 -1.29
N ILE C 339 -28.02 26.26 -0.20
CA ILE C 339 -28.67 26.13 1.10
C ILE C 339 -29.89 27.04 1.18
N HIS C 340 -29.78 28.27 0.66
CA HIS C 340 -30.93 29.16 0.56
C HIS C 340 -31.97 28.62 -0.43
N THR C 341 -31.54 27.87 -1.43
CA THR C 341 -32.47 27.17 -2.30
C THR C 341 -33.09 25.95 -1.61
N LEU C 342 -32.37 25.35 -0.67
CA LEU C 342 -32.90 24.21 0.07
C LEU C 342 -34.03 24.63 1.02
N ILE C 343 -33.95 25.83 1.58
CA ILE C 343 -35.02 26.33 2.44
C ILE C 343 -36.25 26.68 1.62
N GLU C 344 -36.05 27.27 0.43
CA GLU C 344 -37.17 27.61 -0.43
C GLU C 344 -37.81 26.38 -1.05
N ALA C 345 -37.06 25.28 -1.18
CA ALA C 345 -37.63 24.05 -1.71
C ALA C 345 -38.51 23.34 -0.69
N MET C 346 -38.24 23.51 0.60
CA MET C 346 -39.02 22.87 1.65
C MET C 346 -40.32 23.62 1.97
N VAL C 347 -40.47 24.84 1.49
CA VAL C 347 -41.68 25.63 1.76
C VAL C 347 -42.75 25.36 0.71
N LEU C 348 -42.37 25.36 -0.57
CA LEU C 348 -43.34 25.20 -1.65
C LEU C 348 -43.92 23.79 -1.74
N VAL C 349 -43.22 22.79 -1.18
CA VAL C 349 -43.81 21.47 -1.05
C VAL C 349 -44.90 21.48 0.01
N PHE C 350 -44.69 22.24 1.10
CA PHE C 350 -45.69 22.35 2.14
C PHE C 350 -46.90 23.16 1.71
N VAL C 351 -46.73 24.05 0.72
CA VAL C 351 -47.83 24.90 0.26
C VAL C 351 -48.88 24.05 -0.48
N VAL C 352 -48.43 23.23 -1.43
CA VAL C 352 -49.37 22.39 -2.16
C VAL C 352 -49.89 21.25 -1.29
N MET C 353 -49.12 20.84 -0.28
CA MET C 353 -49.61 19.83 0.66
C MET C 353 -50.71 20.40 1.55
N TYR C 354 -50.57 21.66 1.97
CA TYR C 354 -51.63 22.30 2.72
C TYR C 354 -52.82 22.65 1.84
N LEU C 355 -52.58 22.86 0.54
CA LEU C 355 -53.67 23.11 -0.38
C LEU C 355 -54.45 21.86 -0.72
N PHE C 356 -53.80 20.70 -0.75
CA PHE C 356 -54.49 19.46 -1.11
C PHE C 356 -55.09 18.76 0.10
N LEU C 357 -54.34 18.63 1.20
CA LEU C 357 -54.86 17.94 2.38
C LEU C 357 -55.82 18.80 3.19
N GLN C 358 -55.78 20.12 3.01
CA GLN C 358 -56.74 21.09 3.55
C GLN C 358 -56.78 21.12 5.07
N ASN C 359 -55.72 20.68 5.74
CA ASN C 359 -55.69 20.67 7.20
C ASN C 359 -54.24 20.68 7.67
N ILE C 360 -54.04 21.18 8.89
CA ILE C 360 -52.71 21.23 9.47
C ILE C 360 -52.31 19.92 10.14
N ARG C 361 -53.26 19.01 10.37
CA ARG C 361 -52.95 17.77 11.07
C ARG C 361 -52.35 16.73 10.14
N TYR C 362 -52.74 16.70 8.86
CA TYR C 362 -52.26 15.70 7.93
C TYR C 362 -51.00 16.12 7.19
N THR C 363 -50.64 17.41 7.23
CA THR C 363 -49.47 17.88 6.51
C THR C 363 -48.17 17.72 7.28
N LEU C 364 -48.24 17.59 8.61
CA LEU C 364 -47.03 17.40 9.41
C LEU C 364 -46.50 15.97 9.33
N ILE C 365 -47.32 15.02 8.90
CA ILE C 365 -46.90 13.63 8.79
C ILE C 365 -45.89 13.42 7.64
N PRO C 366 -46.04 14.00 6.44
CA PRO C 366 -44.91 13.95 5.50
C PRO C 366 -43.84 15.01 5.76
N THR C 367 -44.08 15.94 6.68
CA THR C 367 -43.09 16.98 6.97
C THR C 367 -41.94 16.41 7.80
N ILE C 368 -42.24 15.51 8.73
CA ILE C 368 -41.22 14.90 9.59
C ILE C 368 -40.32 13.97 8.78
N VAL C 369 -40.83 13.42 7.68
CA VAL C 369 -40.10 12.42 6.89
C VAL C 369 -38.89 13.03 6.18
N VAL C 370 -39.01 14.31 5.81
CA VAL C 370 -38.04 15.05 4.93
C VAL C 370 -36.66 15.28 5.56
N PRO C 371 -36.54 15.76 6.83
CA PRO C 371 -35.19 15.93 7.39
C PRO C 371 -34.58 14.63 7.87
N ILE C 372 -35.39 13.65 8.28
CA ILE C 372 -34.85 12.35 8.65
C ILE C 372 -34.32 11.63 7.42
N SER C 373 -34.98 11.79 6.27
CA SER C 373 -34.48 11.20 5.03
C SER C 373 -33.20 11.89 4.56
N LEU C 374 -33.14 13.22 4.70
CA LEU C 374 -31.93 13.94 4.32
C LEU C 374 -30.76 13.59 5.24
N LEU C 375 -31.02 13.41 6.53
CA LEU C 375 -29.97 13.01 7.45
C LEU C 375 -29.53 11.57 7.22
N GLY C 376 -30.45 10.68 6.85
CA GLY C 376 -30.05 9.33 6.48
C GLY C 376 -29.22 9.28 5.22
N GLY C 377 -29.56 10.11 4.23
CA GLY C 377 -28.74 10.22 3.04
C GLY C 377 -27.36 10.79 3.32
N PHE C 378 -27.28 11.78 4.23
CA PHE C 378 -25.99 12.33 4.62
C PHE C 378 -25.17 11.33 5.42
N ALA C 379 -25.82 10.49 6.22
CA ALA C 379 -25.10 9.46 6.97
C ALA C 379 -24.57 8.37 6.05
N PHE C 380 -25.35 8.00 5.03
CA PHE C 380 -24.85 7.03 4.05
C PHE C 380 -23.77 7.65 3.17
N ILE C 381 -23.80 8.97 2.97
CA ILE C 381 -22.69 9.66 2.31
C ILE C 381 -21.43 9.60 3.16
N SER C 382 -21.58 9.84 4.47
CA SER C 382 -20.43 9.87 5.37
C SER C 382 -19.87 8.47 5.61
N TYR C 383 -20.68 7.43 5.45
CA TYR C 383 -20.19 6.07 5.67
C TYR C 383 -19.25 5.62 4.56
N MET C 384 -19.56 5.97 3.31
CA MET C 384 -18.77 5.54 2.16
C MET C 384 -17.68 6.53 1.78
N GLY C 385 -17.44 7.56 2.59
CA GLY C 385 -16.32 8.45 2.36
C GLY C 385 -16.50 9.46 1.25
N MET C 386 -17.72 9.99 1.07
CA MET C 386 -17.95 11.02 0.08
C MET C 386 -17.79 12.39 0.73
N SER C 387 -18.15 13.45 -0.01
CA SER C 387 -17.98 14.81 0.47
C SER C 387 -19.22 15.62 0.12
N ILE C 388 -19.25 16.86 0.60
CA ILE C 388 -20.33 17.80 0.32
C ILE C 388 -19.92 18.62 -0.90
N ASN C 389 -20.73 18.57 -1.95
CA ASN C 389 -20.46 19.29 -3.18
C ASN C 389 -21.79 19.86 -3.69
N VAL C 390 -21.78 20.35 -4.93
CA VAL C 390 -23.02 20.86 -5.50
C VAL C 390 -23.90 19.72 -5.99
N LEU C 391 -23.32 18.56 -6.32
CA LEU C 391 -24.09 17.45 -6.86
C LEU C 391 -24.96 16.80 -5.80
N THR C 392 -24.42 16.59 -4.60
CA THR C 392 -25.21 16.03 -3.50
C THR C 392 -26.26 17.02 -3.01
N MET C 393 -25.97 18.31 -3.09
CA MET C 393 -26.97 19.31 -2.72
C MET C 393 -28.10 19.37 -3.74
N PHE C 394 -27.77 19.22 -5.03
CA PHE C 394 -28.81 19.10 -6.05
C PHE C 394 -29.61 17.82 -5.88
N ALA C 395 -28.96 16.74 -5.43
CA ALA C 395 -29.67 15.50 -5.14
C ALA C 395 -30.63 15.66 -3.97
N MET C 396 -30.21 16.41 -2.94
CA MET C 396 -31.10 16.68 -1.80
C MET C 396 -32.28 17.55 -2.20
N ILE C 397 -32.02 18.57 -3.04
CA ILE C 397 -33.09 19.46 -3.50
C ILE C 397 -34.08 18.70 -4.38
N LEU C 398 -33.59 17.83 -5.26
CA LEU C 398 -34.47 17.03 -6.10
C LEU C 398 -35.19 15.95 -5.31
N VAL C 399 -34.61 15.45 -4.20
CA VAL C 399 -35.27 14.38 -3.45
C VAL C 399 -36.18 14.95 -2.36
N ILE C 400 -36.17 16.27 -2.14
CA ILE C 400 -37.15 16.91 -1.27
C ILE C 400 -38.58 16.65 -1.77
N GLY C 401 -38.78 16.74 -3.08
CA GLY C 401 -40.06 16.38 -3.66
C GLY C 401 -40.26 14.90 -3.91
N ILE C 402 -39.29 14.06 -3.54
CA ILE C 402 -39.36 12.63 -3.82
C ILE C 402 -39.52 11.80 -2.54
N VAL C 403 -38.91 12.20 -1.42
CA VAL C 403 -39.10 11.50 -0.16
C VAL C 403 -40.50 11.66 0.44
N VAL C 404 -41.36 12.44 -0.20
CA VAL C 404 -42.75 12.63 0.30
C VAL C 404 -43.78 12.03 -0.68
N ASP C 405 -43.37 11.38 -1.75
CA ASP C 405 -44.31 10.86 -2.79
C ASP C 405 -45.28 9.81 -2.25
N ASP C 406 -44.77 8.86 -1.47
CA ASP C 406 -45.47 7.71 -0.90
C ASP C 406 -46.23 8.09 0.36
N ALA C 407 -45.64 8.98 1.17
CA ALA C 407 -46.35 9.50 2.35
C ALA C 407 -47.59 10.28 1.93
N ILE C 408 -47.48 11.05 0.85
CA ILE C 408 -48.63 11.77 0.28
C ILE C 408 -49.67 10.76 -0.22
N VAL C 409 -49.22 9.59 -0.66
CA VAL C 409 -50.17 8.52 -0.97
C VAL C 409 -50.80 7.99 0.31
N VAL C 410 -49.96 7.73 1.33
CA VAL C 410 -50.37 6.88 2.47
C VAL C 410 -51.44 7.59 3.29
N VAL C 411 -51.21 8.86 3.64
CA VAL C 411 -52.20 9.63 4.39
C VAL C 411 -53.45 9.85 3.54
N GLU C 412 -53.32 9.90 2.21
CA GLU C 412 -54.49 9.98 1.35
C GLU C 412 -55.31 8.70 1.45
N ASN C 413 -54.62 7.56 1.55
CA ASN C 413 -55.31 6.29 1.77
C ASN C 413 -55.88 6.18 3.18
N VAL C 414 -55.54 7.10 4.08
CA VAL C 414 -56.30 7.23 5.31
C VAL C 414 -57.43 8.24 5.14
N GLU C 415 -57.17 9.33 4.41
CA GLU C 415 -58.07 10.48 4.39
C GLU C 415 -59.37 10.19 3.65
N ARG C 416 -59.38 9.19 2.78
CA ARG C 416 -60.64 8.76 2.17
C ARG C 416 -61.47 7.94 3.15
N ILE C 417 -60.81 7.07 3.94
CA ILE C 417 -61.54 6.14 4.79
C ILE C 417 -62.18 6.85 5.97
N MET C 418 -61.55 7.92 6.46
CA MET C 418 -62.20 8.75 7.46
C MET C 418 -63.32 9.60 6.87
N ALA C 419 -63.34 9.79 5.55
CA ALA C 419 -64.34 10.62 4.90
C ALA C 419 -65.44 9.80 4.25
N GLY C 420 -65.08 8.86 3.37
CA GLY C 420 -66.04 8.08 2.64
C GLY C 420 -66.58 6.85 3.34
N GLU C 421 -66.12 6.56 4.55
CA GLU C 421 -66.60 5.41 5.30
C GLU C 421 -66.97 5.70 6.74
N GLY C 422 -66.45 6.76 7.35
CA GLY C 422 -66.76 7.07 8.73
C GLY C 422 -66.14 6.10 9.71
N LEU C 423 -64.81 6.08 9.78
CA LEU C 423 -64.07 5.16 10.62
C LEU C 423 -63.07 5.91 11.48
N PRO C 424 -62.76 5.41 12.67
CA PRO C 424 -61.69 6.00 13.49
C PRO C 424 -60.33 5.80 12.84
N PRO C 425 -59.34 6.64 13.16
CA PRO C 425 -58.03 6.51 12.51
C PRO C 425 -57.20 5.32 12.98
N LYS C 426 -57.69 4.49 13.90
CA LYS C 426 -56.98 3.28 14.28
C LYS C 426 -57.24 2.15 13.29
N GLU C 427 -58.49 2.00 12.85
CA GLU C 427 -58.83 0.97 11.88
C GLU C 427 -58.58 1.44 10.45
N ALA C 428 -58.73 2.74 10.19
CA ALA C 428 -58.47 3.27 8.86
C ALA C 428 -57.00 3.19 8.49
N THR C 429 -56.11 3.33 9.47
CA THR C 429 -54.67 3.15 9.23
C THR C 429 -54.35 1.70 8.88
N LYS C 430 -55.02 0.75 9.54
CA LYS C 430 -54.81 -0.66 9.23
C LYS C 430 -55.36 -1.01 7.85
N LYS C 431 -56.51 -0.42 7.48
CA LYS C 431 -57.05 -0.64 6.14
C LYS C 431 -56.17 -0.02 5.07
N ALA C 432 -55.58 1.14 5.36
CA ALA C 432 -54.66 1.78 4.41
C ALA C 432 -53.39 0.98 4.26
N MET C 433 -52.83 0.46 5.36
CA MET C 433 -51.62 -0.34 5.28
C MET C 433 -51.90 -1.73 4.70
N GLY C 434 -53.14 -2.18 4.71
CA GLY C 434 -53.51 -3.38 3.99
C GLY C 434 -53.91 -3.18 2.54
N GLN C 435 -54.17 -1.94 2.14
CA GLN C 435 -54.60 -1.67 0.76
C GLN C 435 -53.44 -1.37 -0.18
N ILE C 436 -52.48 -0.54 0.24
CA ILE C 436 -51.43 -0.09 -0.67
C ILE C 436 -50.06 -0.60 -0.21
N SER C 437 -50.04 -1.79 0.39
CA SER C 437 -48.79 -2.37 0.88
C SER C 437 -47.86 -2.79 -0.26
N GLY C 438 -48.39 -3.06 -1.44
CA GLY C 438 -47.57 -3.50 -2.56
C GLY C 438 -47.23 -2.41 -3.55
N ALA C 439 -47.86 -1.24 -3.41
CA ALA C 439 -47.62 -0.15 -4.34
C ALA C 439 -46.32 0.59 -4.03
N VAL C 440 -46.08 0.90 -2.76
CA VAL C 440 -44.90 1.68 -2.38
C VAL C 440 -43.62 0.87 -2.53
N ILE C 441 -43.73 -0.47 -2.45
CA ILE C 441 -42.58 -1.33 -2.70
C ILE C 441 -42.13 -1.22 -4.15
N GLY C 442 -43.08 -1.25 -5.08
CA GLY C 442 -42.75 -1.04 -6.49
C GLY C 442 -42.31 0.38 -6.79
N ILE C 443 -42.86 1.36 -6.07
CA ILE C 443 -42.46 2.76 -6.26
C ILE C 443 -40.99 2.96 -5.89
N THR C 444 -40.60 2.50 -4.70
CA THR C 444 -39.19 2.60 -4.32
C THR C 444 -38.32 1.59 -5.04
N ALA C 445 -38.91 0.54 -5.63
CA ALA C 445 -38.13 -0.38 -6.44
C ALA C 445 -37.70 0.26 -7.75
N VAL C 446 -38.61 0.97 -8.43
CA VAL C 446 -38.20 1.70 -9.63
C VAL C 446 -37.52 3.03 -9.30
N LEU C 447 -37.61 3.49 -8.06
CA LEU C 447 -36.84 4.66 -7.64
C LEU C 447 -35.45 4.30 -7.14
N ILE C 448 -35.17 3.03 -6.87
CA ILE C 448 -33.86 2.59 -6.46
C ILE C 448 -33.08 1.97 -7.62
N SER C 449 -33.73 1.10 -8.40
CA SER C 449 -33.05 0.38 -9.47
C SER C 449 -32.72 1.25 -10.67
N VAL C 450 -33.26 2.46 -10.76
CA VAL C 450 -32.92 3.36 -11.86
C VAL C 450 -31.61 4.12 -11.58
N PHE C 451 -31.16 4.14 -10.33
CA PHE C 451 -29.89 4.76 -9.98
C PHE C 451 -28.76 3.74 -9.84
N VAL C 452 -29.07 2.45 -9.92
CA VAL C 452 -28.06 1.39 -9.87
C VAL C 452 -27.14 1.41 -11.11
N PRO C 453 -27.63 1.55 -12.37
CA PRO C 453 -26.66 1.68 -13.47
C PRO C 453 -25.92 3.02 -13.49
N LEU C 454 -26.39 4.03 -12.76
CA LEU C 454 -25.67 5.30 -12.72
C LEU C 454 -24.37 5.20 -11.94
N ALA C 455 -24.32 4.31 -10.95
CA ALA C 455 -23.15 4.15 -10.10
C ALA C 455 -22.26 2.99 -10.52
N MET C 456 -22.33 2.59 -11.78
CA MET C 456 -21.53 1.48 -12.30
C MET C 456 -20.71 1.92 -13.52
N PHE C 457 -20.21 3.16 -13.48
CA PHE C 457 -19.37 3.71 -14.54
C PHE C 457 -18.06 4.21 -13.95
N SER C 458 -17.14 4.57 -14.84
CA SER C 458 -15.83 5.07 -14.47
C SER C 458 -15.58 6.41 -15.15
N GLY C 459 -14.55 7.10 -14.69
CA GLY C 459 -14.20 8.40 -15.22
C GLY C 459 -14.72 9.55 -14.38
N ALA C 460 -14.72 10.73 -15.00
CA ALA C 460 -15.25 11.92 -14.34
C ALA C 460 -16.78 11.85 -14.27
N ALA C 461 -17.41 11.53 -15.40
CA ALA C 461 -18.87 11.42 -15.44
C ALA C 461 -19.37 10.25 -14.61
N GLY C 462 -18.57 9.20 -14.46
CA GLY C 462 -18.97 8.08 -13.61
C GLY C 462 -19.02 8.46 -12.14
N ASN C 463 -18.00 9.19 -11.66
CA ASN C 463 -18.02 9.64 -10.27
C ASN C 463 -19.08 10.71 -10.05
N ILE C 464 -19.31 11.56 -11.06
CA ILE C 464 -20.36 12.58 -10.97
C ILE C 464 -21.74 11.93 -10.88
N TYR C 465 -21.98 10.87 -11.66
CA TYR C 465 -23.23 10.14 -11.59
C TYR C 465 -23.35 9.35 -10.29
N LYS C 466 -22.23 8.84 -9.77
CA LYS C 466 -22.26 8.05 -8.54
C LYS C 466 -22.58 8.92 -7.33
N GLN C 467 -22.04 10.14 -7.29
CA GLN C 467 -22.31 11.06 -6.19
C GLN C 467 -23.78 11.49 -6.14
N PHE C 468 -24.46 11.47 -7.29
CA PHE C 468 -25.89 11.72 -7.32
C PHE C 468 -26.68 10.46 -6.97
N ALA C 469 -26.26 9.31 -7.52
CA ALA C 469 -27.07 8.09 -7.45
C ALA C 469 -27.05 7.49 -6.05
N LEU C 470 -25.91 7.53 -5.36
CA LEU C 470 -25.84 6.99 -4.00
C LEU C 470 -26.69 7.81 -3.04
N THR C 471 -26.65 9.14 -3.19
CA THR C 471 -27.46 10.03 -2.38
C THR C 471 -28.95 9.81 -2.64
N MET C 472 -29.34 9.69 -3.91
CA MET C 472 -30.74 9.47 -4.25
C MET C 472 -31.25 8.13 -3.75
N ALA C 473 -30.43 7.07 -3.91
CA ALA C 473 -30.85 5.73 -3.47
C ALA C 473 -30.94 5.64 -1.96
N SER C 474 -30.00 6.28 -1.23
CA SER C 474 -30.06 6.27 0.22
C SER C 474 -31.25 7.08 0.75
N SER C 475 -31.53 8.24 0.14
CA SER C 475 -32.67 9.03 0.58
C SER C 475 -33.99 8.33 0.26
N ILE C 476 -34.07 7.62 -0.87
CA ILE C 476 -35.30 6.93 -1.24
C ILE C 476 -35.50 5.70 -0.34
N ALA C 477 -34.42 5.00 0.00
CA ALA C 477 -34.55 3.85 0.91
C ALA C 477 -34.91 4.28 2.32
N PHE C 478 -34.35 5.40 2.80
CA PHE C 478 -34.72 5.90 4.11
C PHE C 478 -36.14 6.44 4.13
N SER C 479 -36.61 7.03 3.02
CA SER C 479 -38.00 7.45 2.92
C SER C 479 -38.94 6.26 2.89
N ALA C 480 -38.51 5.15 2.26
CA ALA C 480 -39.30 3.93 2.25
C ALA C 480 -39.43 3.34 3.66
N PHE C 481 -38.33 3.26 4.38
CA PHE C 481 -38.50 2.75 5.76
C PHE C 481 -39.36 3.75 6.54
N LEU C 482 -39.12 5.05 6.45
CA LEU C 482 -39.92 5.99 7.24
C LEU C 482 -41.40 5.84 6.95
N ALA C 483 -41.77 5.70 5.67
CA ALA C 483 -43.17 5.48 5.30
C ALA C 483 -43.68 4.11 5.74
N LEU C 484 -42.78 3.14 5.93
CA LEU C 484 -43.21 1.84 6.43
C LEU C 484 -43.40 1.85 7.95
N THR C 485 -42.55 2.56 8.68
CA THR C 485 -42.59 2.51 10.15
C THR C 485 -43.29 3.71 10.79
N LEU C 486 -42.81 4.92 10.54
CA LEU C 486 -43.21 6.07 11.35
C LEU C 486 -44.56 6.64 10.89
N THR C 487 -44.85 6.56 9.59
CA THR C 487 -46.10 7.12 9.07
C THR C 487 -47.39 6.44 9.55
N PRO C 488 -47.48 5.10 9.64
CA PRO C 488 -48.71 4.53 10.24
C PRO C 488 -48.87 4.84 11.72
N ALA C 489 -47.77 4.98 12.46
CA ALA C 489 -47.87 5.36 13.87
C ALA C 489 -48.40 6.77 14.04
N LEU C 490 -47.93 7.71 13.22
CA LEU C 490 -48.45 9.07 13.26
C LEU C 490 -49.87 9.16 12.72
N CYS C 491 -50.23 8.26 11.79
CA CYS C 491 -51.62 8.21 11.32
C CYS C 491 -52.56 7.61 12.36
N ALA C 492 -52.05 6.73 13.22
CA ALA C 492 -52.91 6.10 14.23
C ALA C 492 -53.01 6.93 15.49
N THR C 493 -51.95 7.62 15.89
CA THR C 493 -51.92 8.30 17.17
C THR C 493 -52.15 9.81 17.09
N MET C 494 -51.54 10.49 16.11
CA MET C 494 -51.64 11.94 16.06
C MET C 494 -52.94 12.44 15.45
N LEU C 495 -53.68 11.59 14.75
CA LEU C 495 -54.92 12.00 14.13
C LEU C 495 -56.09 11.86 15.11
N LYS C 496 -57.28 12.24 14.66
CA LYS C 496 -58.49 12.15 15.47
C LYS C 496 -59.65 11.74 14.57
N THR C 497 -60.86 11.81 15.12
CA THR C 497 -62.04 11.44 14.36
C THR C 497 -62.50 12.59 13.46
N ILE C 498 -63.38 12.25 12.53
CA ILE C 498 -63.95 13.21 11.58
C ILE C 498 -65.47 13.09 11.67
N PRO C 499 -66.20 14.17 11.96
CA PRO C 499 -67.67 14.10 11.95
C PRO C 499 -68.20 14.02 10.53
N LYS C 500 -69.39 13.46 10.40
CA LYS C 500 -70.01 13.30 9.09
C LYS C 500 -70.51 14.64 8.56
N GLY C 501 -70.02 15.03 7.39
CA GLY C 501 -70.38 16.31 6.81
C GLY C 501 -69.59 17.48 7.34
N HIS C 502 -68.37 17.27 7.80
CA HIS C 502 -67.56 18.33 8.37
C HIS C 502 -66.53 18.88 7.40
N HIS C 503 -65.89 18.02 6.61
CA HIS C 503 -64.84 18.44 5.68
C HIS C 503 -65.36 19.01 4.37
N GLU C 504 -66.68 19.15 4.22
CA GLU C 504 -67.25 19.80 3.06
C GLU C 504 -67.71 21.21 3.42
N GLU C 505 -68.35 21.89 2.48
CA GLU C 505 -68.95 23.22 2.75
C GLU C 505 -67.91 24.16 3.38
N LYS C 506 -66.67 24.14 2.92
CA LYS C 506 -65.68 25.09 3.42
C LYS C 506 -65.78 26.36 2.59
N LYS C 507 -66.42 27.37 3.15
CA LYS C 507 -66.68 28.60 2.41
C LYS C 507 -65.41 29.42 2.26
N GLY C 508 -65.07 29.77 1.02
CA GLY C 508 -63.88 30.54 0.73
C GLY C 508 -63.11 30.02 -0.46
N PHE C 509 -61.78 30.13 -0.40
CA PHE C 509 -60.93 29.65 -1.49
C PHE C 509 -60.82 28.14 -1.50
N PHE C 510 -60.91 27.50 -0.33
CA PHE C 510 -60.70 26.06 -0.23
C PHE C 510 -61.84 25.28 -0.86
N GLY C 511 -63.09 25.71 -0.66
CA GLY C 511 -64.21 25.05 -1.30
C GLY C 511 -64.25 25.27 -2.80
N TRP C 512 -63.82 26.45 -3.26
CA TRP C 512 -63.71 26.70 -4.69
C TRP C 512 -62.64 25.83 -5.33
N PHE C 513 -61.50 25.66 -4.65
CA PHE C 513 -60.46 24.76 -5.14
C PHE C 513 -60.91 23.32 -5.13
N ASN C 514 -61.70 22.93 -4.12
CA ASN C 514 -62.20 21.56 -4.04
C ASN C 514 -63.22 21.27 -5.14
N LYS C 515 -64.11 22.22 -5.42
CA LYS C 515 -65.08 22.00 -6.49
C LYS C 515 -64.43 22.11 -7.87
N LYS C 516 -63.34 22.89 -7.99
CA LYS C 516 -62.60 22.91 -9.24
C LYS C 516 -61.86 21.61 -9.48
N PHE C 517 -61.30 21.02 -8.41
CA PHE C 517 -60.66 19.70 -8.54
C PHE C 517 -61.69 18.61 -8.80
N ASP C 518 -62.90 18.74 -8.25
CA ASP C 518 -63.96 17.78 -8.54
C ASP C 518 -64.43 17.88 -9.99
N SER C 519 -64.53 19.11 -10.52
CA SER C 519 -64.88 19.29 -11.93
C SER C 519 -63.77 18.80 -12.84
N TRP C 520 -62.51 18.96 -12.42
CA TRP C 520 -61.39 18.44 -13.20
C TRP C 520 -61.36 16.92 -13.19
N THR C 521 -61.72 16.30 -12.06
CA THR C 521 -61.80 14.84 -12.01
C THR C 521 -62.96 14.32 -12.85
N HIS C 522 -64.09 15.04 -12.85
CA HIS C 522 -65.24 14.64 -13.66
C HIS C 522 -64.97 14.82 -15.14
N GLY C 523 -64.18 15.82 -15.52
CA GLY C 523 -63.73 15.93 -16.90
C GLY C 523 -62.63 14.96 -17.27
N TYR C 524 -61.86 14.49 -16.28
CA TYR C 524 -60.82 13.52 -16.53
C TYR C 524 -61.37 12.11 -16.74
N GLU C 525 -62.41 11.75 -15.97
CA GLU C 525 -62.97 10.41 -16.12
C GLU C 525 -63.79 10.27 -17.40
N GLY C 526 -64.27 11.39 -17.95
CA GLY C 526 -64.97 11.36 -19.22
C GLY C 526 -64.08 11.33 -20.44
N ARG C 527 -62.86 11.85 -20.31
CA ARG C 527 -61.91 11.84 -21.43
C ARG C 527 -61.03 10.59 -21.45
N VAL C 528 -60.98 9.84 -20.34
CA VAL C 528 -60.27 8.57 -20.31
C VAL C 528 -61.12 7.43 -20.87
N ALA C 529 -62.41 7.40 -20.56
CA ALA C 529 -63.30 6.35 -21.04
C ALA C 529 -63.62 6.45 -22.53
N LYS C 530 -63.30 7.58 -23.18
CA LYS C 530 -63.57 7.73 -24.60
C LYS C 530 -62.35 7.44 -25.47
N VAL C 531 -61.14 7.54 -24.93
CA VAL C 531 -59.96 7.19 -25.71
C VAL C 531 -59.69 5.69 -25.69
N LEU C 532 -60.34 4.95 -24.79
CA LEU C 532 -60.23 3.50 -24.80
C LEU C 532 -61.12 2.84 -25.83
N ARG C 533 -62.04 3.60 -26.44
CA ARG C 533 -62.81 3.10 -27.57
C ARG C 533 -62.05 3.19 -28.88
N LYS C 534 -60.92 3.91 -28.91
CA LYS C 534 -60.06 4.05 -30.09
C LYS C 534 -58.64 3.70 -29.67
N THR C 535 -58.32 2.41 -29.72
CA THR C 535 -57.00 1.93 -29.31
C THR C 535 -56.01 1.87 -30.46
N PHE C 536 -56.39 2.31 -31.66
CA PHE C 536 -55.52 2.27 -32.82
C PHE C 536 -54.98 3.63 -33.23
N ARG C 537 -55.82 4.66 -33.26
CA ARG C 537 -55.37 5.98 -33.68
C ARG C 537 -54.52 6.65 -32.59
N MET C 538 -54.87 6.42 -31.32
CA MET C 538 -54.11 7.00 -30.23
C MET C 538 -52.74 6.36 -30.09
N MET C 539 -52.59 5.10 -30.52
CA MET C 539 -51.27 4.50 -30.60
C MET C 539 -50.42 5.13 -31.69
N VAL C 540 -51.06 5.54 -32.80
CA VAL C 540 -50.35 6.28 -33.84
C VAL C 540 -49.94 7.66 -33.33
N VAL C 541 -50.80 8.30 -32.53
CA VAL C 541 -50.45 9.59 -31.91
C VAL C 541 -49.30 9.43 -30.93
N TYR C 542 -49.29 8.33 -30.17
CA TYR C 542 -48.23 8.07 -29.21
C TYR C 542 -46.90 7.78 -29.90
N ILE C 543 -46.92 6.99 -30.98
CA ILE C 543 -45.67 6.69 -31.67
C ILE C 543 -45.20 7.91 -32.47
N GLY C 544 -46.12 8.79 -32.86
CA GLY C 544 -45.71 10.05 -33.48
C GLY C 544 -45.06 10.99 -32.50
N LEU C 545 -45.60 11.07 -31.27
CA LEU C 545 -44.96 11.84 -30.21
C LEU C 545 -43.62 11.25 -29.83
N ALA C 546 -43.50 9.92 -29.88
CA ALA C 546 -42.22 9.26 -29.57
C ALA C 546 -41.16 9.58 -30.62
N VAL C 547 -41.50 9.51 -31.91
CA VAL C 547 -40.50 9.81 -32.93
C VAL C 547 -40.23 11.32 -33.00
N VAL C 548 -41.20 12.16 -32.61
CA VAL C 548 -40.92 13.60 -32.50
C VAL C 548 -39.96 13.88 -31.35
N GLY C 549 -40.13 13.18 -30.23
CA GLY C 549 -39.18 13.34 -29.13
C GLY C 549 -37.79 12.81 -29.45
N VAL C 550 -37.72 11.72 -30.21
CA VAL C 550 -36.42 11.20 -30.65
C VAL C 550 -35.75 12.17 -31.63
N PHE C 551 -36.54 12.74 -32.54
CA PHE C 551 -36.01 13.72 -33.49
C PHE C 551 -35.56 15.00 -32.79
N LEU C 552 -36.25 15.42 -31.73
CA LEU C 552 -35.82 16.59 -30.97
C LEU C 552 -34.62 16.27 -30.09
N PHE C 553 -34.47 15.03 -29.64
CA PHE C 553 -33.31 14.63 -28.87
C PHE C 553 -32.07 14.47 -29.76
N MET C 554 -32.28 14.21 -31.06
CA MET C 554 -31.15 13.98 -31.97
C MET C 554 -30.39 15.26 -32.26
N ARG C 555 -31.10 16.29 -32.74
CA ARG C 555 -30.45 17.55 -33.09
C ARG C 555 -30.41 18.50 -31.89
N LEU C 556 -29.70 18.07 -30.85
CA LEU C 556 -29.48 18.83 -29.65
C LEU C 556 -28.00 19.09 -29.45
N PRO C 557 -27.61 20.30 -29.03
CA PRO C 557 -26.20 20.55 -28.75
C PRO C 557 -25.71 19.76 -27.54
N THR C 558 -24.46 19.31 -27.62
CA THR C 558 -23.86 18.48 -26.59
C THR C 558 -22.69 19.22 -25.94
N SER C 559 -22.55 19.05 -24.63
CA SER C 559 -21.47 19.65 -23.88
C SER C 559 -21.20 18.78 -22.65
N PHE C 560 -20.29 19.24 -21.79
CA PHE C 560 -19.95 18.53 -20.56
C PHE C 560 -20.39 19.29 -19.32
N LEU C 561 -20.00 20.57 -19.20
CA LEU C 561 -20.36 21.39 -18.06
C LEU C 561 -20.50 22.82 -18.56
N PRO C 562 -21.49 23.57 -18.07
CA PRO C 562 -21.66 24.96 -18.52
C PRO C 562 -20.63 25.88 -17.89
N THR C 563 -20.44 27.03 -18.54
CA THR C 563 -19.49 28.02 -18.05
C THR C 563 -20.10 28.82 -16.92
N GLU C 564 -19.38 28.94 -15.81
CA GLU C 564 -19.85 29.63 -14.62
C GLU C 564 -19.03 30.90 -14.38
N ASP C 565 -19.50 31.70 -13.43
CA ASP C 565 -18.85 32.93 -13.03
C ASP C 565 -18.05 32.64 -11.75
N GLN C 566 -16.76 32.37 -11.91
CA GLN C 566 -15.90 32.05 -10.78
C GLN C 566 -15.27 33.28 -10.14
N GLY C 567 -15.48 34.46 -10.72
CA GLY C 567 -14.99 35.69 -10.12
C GLY C 567 -13.63 36.16 -10.59
N PHE C 568 -13.04 35.50 -11.59
CA PHE C 568 -11.74 35.91 -12.11
C PHE C 568 -11.65 35.54 -13.57
N VAL C 569 -10.73 36.22 -14.27
CA VAL C 569 -10.53 36.06 -15.71
C VAL C 569 -9.05 35.76 -15.94
N MET C 570 -8.78 34.67 -16.65
CA MET C 570 -7.40 34.26 -16.91
C MET C 570 -6.90 34.97 -18.16
N VAL C 571 -5.94 35.87 -17.98
CA VAL C 571 -5.37 36.65 -19.08
C VAL C 571 -3.93 36.19 -19.29
N SER C 572 -3.55 36.01 -20.56
CA SER C 572 -2.20 35.59 -20.91
C SER C 572 -1.76 36.29 -22.17
N VAL C 573 -0.56 36.85 -22.16
CA VAL C 573 0.00 37.53 -23.31
C VAL C 573 1.20 36.74 -23.82
N GLN C 574 1.57 37.02 -25.07
CA GLN C 574 2.68 36.32 -25.69
C GLN C 574 3.33 37.24 -26.72
N LEU C 575 4.64 37.40 -26.59
CA LEU C 575 5.46 38.21 -27.49
C LEU C 575 6.07 37.33 -28.57
N PRO C 576 6.50 37.92 -29.70
CA PRO C 576 7.22 37.13 -30.71
C PRO C 576 8.59 36.66 -30.21
N ALA C 577 9.19 35.79 -31.01
CA ALA C 577 10.45 35.17 -30.64
C ALA C 577 11.60 36.18 -30.68
N GLY C 578 12.56 35.99 -29.78
CA GLY C 578 13.66 36.92 -29.65
C GLY C 578 13.25 38.19 -28.93
N ALA C 579 12.68 38.04 -27.74
CA ALA C 579 12.23 39.17 -26.93
C ALA C 579 12.74 39.01 -25.50
N THR C 580 13.13 40.12 -24.91
CA THR C 580 13.64 40.13 -23.54
C THR C 580 12.51 40.27 -22.54
N LYS C 581 12.87 40.49 -21.27
CA LYS C 581 11.87 40.67 -20.22
C LYS C 581 11.41 42.11 -20.10
N GLU C 582 12.16 43.07 -20.67
CA GLU C 582 11.77 44.47 -20.56
C GLU C 582 10.57 44.78 -21.45
N ARG C 583 10.56 44.26 -22.69
CA ARG C 583 9.40 44.43 -23.56
C ARG C 583 8.19 43.68 -23.04
N THR C 584 8.40 42.51 -22.42
CA THR C 584 7.30 41.78 -21.81
C THR C 584 6.74 42.53 -20.60
N ASP C 585 7.61 43.17 -19.82
CA ASP C 585 7.15 43.98 -18.70
C ASP C 585 6.40 45.23 -19.16
N ALA C 586 6.84 45.83 -20.27
CA ALA C 586 6.10 46.96 -20.83
C ALA C 586 4.75 46.54 -21.37
N THR C 587 4.68 45.36 -22.00
CA THR C 587 3.40 44.84 -22.48
C THR C 587 2.47 44.50 -21.31
N LEU C 588 3.02 43.97 -20.21
CA LEU C 588 2.20 43.67 -19.05
C LEU C 588 1.75 44.93 -18.34
N ALA C 589 2.56 45.99 -18.35
CA ALA C 589 2.13 47.28 -17.83
C ALA C 589 1.01 47.89 -18.67
N GLN C 590 1.09 47.72 -20.00
CA GLN C 590 0.00 48.15 -20.87
C GLN C 590 -1.28 47.36 -20.61
N VAL C 591 -1.14 46.04 -20.38
CA VAL C 591 -2.29 45.20 -20.08
C VAL C 591 -2.91 45.60 -18.74
N THR C 592 -2.07 45.93 -17.75
CA THR C 592 -2.58 46.40 -16.46
C THR C 592 -3.28 47.76 -16.59
N GLN C 593 -2.74 48.67 -17.40
CA GLN C 593 -3.38 49.96 -17.59
C GLN C 593 -4.69 49.87 -18.36
N LEU C 594 -4.81 48.90 -19.27
CA LEU C 594 -6.09 48.66 -19.92
C LEU C 594 -7.06 47.91 -19.01
N ALA C 595 -6.56 47.12 -18.08
CA ALA C 595 -7.44 46.37 -17.18
C ALA C 595 -7.93 47.23 -16.03
N LYS C 596 -7.20 48.27 -15.65
CA LYS C 596 -7.65 49.18 -14.61
C LYS C 596 -8.74 50.15 -15.08
N SER C 597 -8.96 50.25 -16.39
CA SER C 597 -10.03 51.10 -16.90
C SER C 597 -11.40 50.45 -16.79
N ILE C 598 -11.45 49.13 -16.64
CA ILE C 598 -12.71 48.41 -16.49
C ILE C 598 -13.13 48.46 -15.02
N PRO C 599 -14.34 48.93 -14.71
CA PRO C 599 -14.76 49.01 -13.30
C PRO C 599 -15.11 47.66 -12.69
N GLU C 600 -15.33 46.62 -13.49
CA GLU C 600 -15.66 45.31 -12.96
C GLU C 600 -14.44 44.53 -12.46
N ILE C 601 -13.24 44.97 -12.79
CA ILE C 601 -12.01 44.31 -12.36
C ILE C 601 -11.51 44.99 -11.08
N GLU C 602 -11.28 44.19 -10.05
CA GLU C 602 -10.83 44.69 -8.76
C GLU C 602 -9.30 44.66 -8.61
N ASN C 603 -8.69 43.51 -8.89
CA ASN C 603 -7.25 43.34 -8.74
C ASN C 603 -6.67 42.76 -10.02
N ILE C 604 -5.40 43.08 -10.28
CA ILE C 604 -4.69 42.59 -11.46
C ILE C 604 -3.39 41.96 -10.99
N ILE C 605 -3.27 40.65 -11.21
CA ILE C 605 -2.06 39.91 -10.88
C ILE C 605 -1.22 39.76 -12.14
N THR C 606 0.08 40.01 -12.02
CA THR C 606 1.01 39.98 -13.15
C THR C 606 2.10 38.96 -12.86
N VAL C 607 2.26 37.99 -13.75
CA VAL C 607 3.30 36.98 -13.64
C VAL C 607 4.14 37.04 -14.90
N SER C 608 5.41 37.43 -14.76
CA SER C 608 6.33 37.52 -15.87
C SER C 608 7.39 36.43 -15.75
N GLY C 609 7.75 35.83 -16.89
CA GLY C 609 8.72 34.76 -16.91
C GLY C 609 8.14 33.38 -16.70
N PHE C 610 6.82 33.26 -16.54
CA PHE C 610 6.18 31.96 -16.34
C PHE C 610 4.77 32.03 -16.90
N SER C 611 4.38 30.98 -17.61
CA SER C 611 3.07 30.93 -18.24
C SER C 611 2.62 29.48 -18.36
N PHE C 612 1.31 29.31 -18.50
CA PHE C 612 0.75 27.98 -18.71
C PHE C 612 1.04 27.50 -20.13
N SER C 613 1.21 26.17 -20.25
CA SER C 613 1.57 25.48 -21.50
C SER C 613 2.87 26.04 -22.10
N GLY C 614 3.93 26.05 -21.30
CA GLY C 614 5.22 26.55 -21.73
C GLY C 614 5.60 27.85 -21.07
N SER C 615 6.85 27.95 -20.64
CA SER C 615 7.40 29.14 -20.01
C SER C 615 8.48 29.76 -20.89
N GLY C 616 9.09 30.81 -20.39
CA GLY C 616 10.14 31.50 -21.12
C GLY C 616 10.12 32.98 -20.79
N GLN C 617 11.01 33.70 -21.48
CA GLN C 617 11.11 35.14 -21.27
C GLN C 617 9.95 35.89 -21.93
N ASN C 618 9.61 35.53 -23.17
CA ASN C 618 8.51 36.16 -23.89
C ASN C 618 7.20 35.39 -23.70
N MET C 619 6.86 35.11 -22.44
CA MET C 619 5.64 34.38 -22.09
C MET C 619 5.23 34.79 -20.70
N ALA C 620 4.01 35.28 -20.55
CA ALA C 620 3.54 35.82 -19.28
C ALA C 620 2.17 35.23 -18.94
N MET C 621 1.71 35.52 -17.73
CA MET C 621 0.47 34.99 -17.20
C MET C 621 -0.20 36.07 -16.35
N GLY C 622 -1.48 35.87 -16.03
CA GLY C 622 -2.20 36.82 -15.22
C GLY C 622 -3.61 36.40 -14.86
N PHE C 623 -4.09 36.84 -13.69
CA PHE C 623 -5.43 36.56 -13.23
C PHE C 623 -6.08 37.87 -12.79
N ALA C 624 -7.04 38.36 -13.57
CA ALA C 624 -7.79 39.56 -13.23
C ALA C 624 -8.92 39.16 -12.28
N ILE C 625 -8.79 39.55 -11.01
CA ILE C 625 -9.79 39.23 -10.00
C ILE C 625 -10.87 40.30 -10.01
N LEU C 626 -12.12 39.88 -10.21
CA LEU C 626 -13.24 40.80 -10.29
C LEU C 626 -13.76 41.13 -8.90
N LYS C 627 -14.88 41.85 -8.86
CA LYS C 627 -15.51 42.24 -7.60
C LYS C 627 -16.46 41.15 -7.13
N ASP C 628 -17.29 41.45 -6.14
CA ASP C 628 -18.22 40.49 -5.60
C ASP C 628 -19.40 40.28 -6.55
N TRP C 629 -20.14 39.20 -6.34
CA TRP C 629 -21.25 38.86 -7.21
C TRP C 629 -22.46 39.75 -6.95
N ASN C 630 -22.56 40.33 -5.74
CA ASN C 630 -23.69 41.19 -5.43
C ASN C 630 -23.53 42.58 -6.06
N GLU C 631 -22.30 42.96 -6.40
CA GLU C 631 -22.02 44.25 -7.00
C GLU C 631 -21.69 44.14 -8.49
N ARG C 632 -22.04 43.01 -9.12
CA ARG C 632 -21.75 42.79 -10.55
C ARG C 632 -23.02 42.28 -11.21
N THR C 633 -23.83 43.22 -11.72
CA THR C 633 -25.10 42.91 -12.37
C THR C 633 -25.26 43.83 -13.57
N ALA C 634 -26.50 43.89 -14.09
CA ALA C 634 -26.96 44.84 -15.10
C ALA C 634 -26.22 44.68 -16.44
N SER C 635 -26.41 43.50 -17.03
CA SER C 635 -26.18 43.21 -18.46
C SER C 635 -24.72 43.44 -18.87
N GLY C 636 -23.84 42.60 -18.33
CA GLY C 636 -22.48 42.59 -18.80
C GLY C 636 -21.40 42.76 -17.76
N SER C 637 -21.68 42.37 -16.52
CA SER C 637 -20.69 42.41 -15.45
C SER C 637 -20.19 41.02 -15.08
N ASP C 638 -20.55 39.99 -15.85
CA ASP C 638 -20.08 38.64 -15.59
C ASP C 638 -18.69 38.45 -16.19
N ALA C 639 -18.12 37.26 -15.98
CA ALA C 639 -16.78 36.98 -16.47
C ALA C 639 -16.72 36.79 -17.99
N VAL C 640 -17.85 36.48 -18.62
CA VAL C 640 -17.84 36.28 -20.07
C VAL C 640 -17.77 37.61 -20.79
N ALA C 641 -18.46 38.64 -20.31
CA ALA C 641 -18.49 39.94 -20.96
C ALA C 641 -17.23 40.76 -20.69
N VAL C 642 -16.59 40.58 -19.55
CA VAL C 642 -15.36 41.29 -19.25
C VAL C 642 -14.21 40.74 -20.09
N ALA C 643 -14.15 39.42 -20.22
CA ALA C 643 -13.11 38.77 -21.01
C ALA C 643 -13.31 38.92 -22.51
N GLY C 644 -14.47 39.39 -22.94
CA GLY C 644 -14.73 39.59 -24.36
C GLY C 644 -14.28 40.95 -24.86
N LYS C 645 -14.37 41.97 -24.00
CA LYS C 645 -13.94 43.31 -24.36
C LYS C 645 -12.49 43.59 -24.02
N LEU C 646 -11.93 42.88 -23.03
CA LEU C 646 -10.52 43.07 -22.69
C LEU C 646 -9.61 42.52 -23.80
N THR C 647 -9.99 41.40 -24.40
CA THR C 647 -9.24 40.86 -25.54
C THR C 647 -9.34 41.78 -26.75
N GLY C 648 -10.51 42.39 -26.95
CA GLY C 648 -10.66 43.35 -28.03
C GLY C 648 -9.84 44.61 -27.82
N MET C 649 -9.77 45.09 -26.58
CA MET C 649 -8.94 46.25 -26.28
C MET C 649 -7.45 45.93 -26.41
N MET C 650 -7.06 44.71 -26.03
CA MET C 650 -5.67 44.29 -26.18
C MET C 650 -5.29 44.17 -27.65
N MET C 651 -6.15 43.56 -28.47
CA MET C 651 -5.91 43.47 -29.90
C MET C 651 -6.00 44.83 -30.59
N GLY C 652 -6.71 45.79 -30.01
CA GLY C 652 -6.77 47.12 -30.55
C GLY C 652 -5.53 47.94 -30.30
N THR C 653 -5.12 48.08 -29.03
CA THR C 653 -4.01 48.95 -28.67
C THR C 653 -2.92 48.21 -27.89
N LEU C 654 -2.56 47.01 -28.33
CA LEU C 654 -1.39 46.34 -27.79
C LEU C 654 -0.15 46.59 -28.64
N LYS C 655 -0.24 46.26 -29.94
CA LYS C 655 0.77 46.47 -30.98
C LYS C 655 2.08 45.74 -30.71
N ASP C 656 2.08 44.73 -29.83
CA ASP C 656 3.28 43.94 -29.55
C ASP C 656 2.83 42.60 -28.99
N GLY C 657 2.96 41.55 -29.79
CA GLY C 657 2.48 40.25 -29.38
C GLY C 657 0.97 40.17 -29.46
N PHE C 658 0.39 39.32 -28.61
CA PHE C 658 -1.05 39.16 -28.54
C PHE C 658 -1.44 38.76 -27.13
N GLY C 659 -2.54 39.34 -26.64
CA GLY C 659 -3.05 39.02 -25.32
C GLY C 659 -4.47 38.52 -25.35
N ILE C 660 -4.72 37.36 -24.74
CA ILE C 660 -6.03 36.73 -24.73
C ILE C 660 -6.50 36.60 -23.29
N ALA C 661 -7.70 37.09 -23.02
CA ALA C 661 -8.34 36.95 -21.72
C ALA C 661 -9.55 36.04 -21.86
N VAL C 662 -9.55 34.92 -21.14
CA VAL C 662 -10.61 33.93 -21.24
C VAL C 662 -11.19 33.66 -19.85
N VAL C 663 -12.28 32.90 -19.84
CA VAL C 663 -12.94 32.46 -18.63
C VAL C 663 -12.26 31.19 -18.15
N PRO C 664 -12.22 30.90 -16.84
CA PRO C 664 -11.63 29.65 -16.37
C PRO C 664 -12.53 28.47 -16.69
N PRO C 665 -11.98 27.25 -16.76
CA PRO C 665 -12.82 26.06 -16.95
C PRO C 665 -13.65 25.79 -15.71
N PRO C 666 -14.76 25.05 -15.85
CA PRO C 666 -15.58 24.75 -14.66
C PRO C 666 -14.91 23.81 -13.68
N ILE C 667 -13.97 22.98 -14.13
CA ILE C 667 -13.16 22.14 -13.26
C ILE C 667 -11.71 22.50 -13.54
N LEU C 668 -11.04 23.11 -12.56
CA LEU C 668 -9.65 23.50 -12.70
C LEU C 668 -8.69 22.32 -12.55
N GLU C 669 -9.16 21.19 -12.01
CA GLU C 669 -8.29 20.04 -11.80
C GLU C 669 -8.01 19.27 -13.08
N LEU C 670 -8.86 19.41 -14.10
CA LEU C 670 -8.65 18.68 -15.35
C LEU C 670 -7.57 19.34 -16.19
N GLY C 671 -7.65 20.65 -16.39
CA GLY C 671 -6.68 21.36 -17.19
C GLY C 671 -6.77 22.84 -16.97
N ASN C 672 -5.64 23.52 -17.15
CA ASN C 672 -5.57 24.96 -16.96
C ASN C 672 -6.03 25.74 -18.19
N GLY C 673 -6.14 25.10 -19.35
CA GLY C 673 -6.55 25.76 -20.58
C GLY C 673 -8.01 25.52 -20.87
N SER C 674 -8.75 26.60 -21.07
CA SER C 674 -10.16 26.51 -21.38
C SER C 674 -10.36 26.27 -22.87
N GLY C 675 -11.62 26.06 -23.26
CA GLY C 675 -11.95 25.81 -24.66
C GLY C 675 -11.63 24.40 -25.10
N LEU C 676 -11.03 24.28 -26.29
CA LEU C 676 -10.69 22.99 -26.87
C LEU C 676 -9.18 22.92 -27.06
N SER C 677 -8.54 21.96 -26.39
CA SER C 677 -7.10 21.74 -26.52
C SER C 677 -6.88 20.45 -27.28
N ILE C 678 -6.30 20.56 -28.48
CA ILE C 678 -6.13 19.42 -29.38
C ILE C 678 -4.68 19.36 -29.82
N ASN C 679 -4.15 18.15 -29.94
CA ASN C 679 -2.80 17.97 -30.47
C ASN C 679 -2.82 16.97 -31.63
N LEU C 680 -2.18 17.35 -32.74
CA LEU C 680 -2.13 16.49 -33.90
C LEU C 680 -0.76 15.82 -34.00
N GLN C 681 -0.76 14.61 -34.56
CA GLN C 681 0.43 13.77 -34.61
C GLN C 681 0.75 13.40 -36.05
N ASP C 682 1.86 12.70 -36.22
CA ASP C 682 2.25 12.12 -37.50
C ASP C 682 2.58 10.65 -37.26
N ARG C 683 1.62 9.77 -37.57
CA ARG C 683 1.81 8.35 -37.35
C ARG C 683 2.73 7.72 -38.38
N ASN C 684 2.95 8.38 -39.52
CA ASN C 684 3.84 7.87 -40.55
C ASN C 684 5.26 8.40 -40.41
N ASN C 685 5.50 9.31 -39.46
CA ASN C 685 6.82 9.90 -39.15
C ASN C 685 7.42 10.59 -40.37
N THR C 686 6.73 11.62 -40.85
CA THR C 686 7.13 12.36 -42.04
C THR C 686 7.55 13.76 -41.63
N GLY C 687 8.82 13.91 -41.26
CA GLY C 687 9.45 15.18 -40.97
C GLY C 687 8.89 15.93 -39.75
N HIS C 688 9.32 17.19 -39.66
CA HIS C 688 8.89 18.10 -38.61
C HIS C 688 8.23 19.36 -39.15
N THR C 689 8.74 19.89 -40.28
CA THR C 689 8.15 21.08 -40.87
C THR C 689 6.81 20.80 -41.53
N ALA C 690 6.56 19.55 -41.94
CA ALA C 690 5.26 19.19 -42.50
C ALA C 690 4.18 19.23 -41.44
N LEU C 691 4.53 18.85 -40.20
CA LEU C 691 3.59 18.96 -39.09
C LEU C 691 3.28 20.42 -38.77
N LEU C 692 4.29 21.29 -38.89
CA LEU C 692 4.06 22.72 -38.67
C LEU C 692 3.20 23.32 -39.77
N ALA C 693 3.39 22.86 -41.02
CA ALA C 693 2.56 23.32 -42.12
C ALA C 693 1.12 22.84 -41.97
N LYS C 694 0.92 21.60 -41.51
CA LYS C 694 -0.42 21.09 -41.27
C LYS C 694 -1.09 21.80 -40.11
N ARG C 695 -0.32 22.16 -39.08
CA ARG C 695 -0.85 22.92 -37.96
C ARG C 695 -1.24 24.33 -38.37
N ASN C 696 -0.43 24.96 -39.23
CA ASN C 696 -0.79 26.29 -39.74
C ASN C 696 -2.01 26.23 -40.65
N GLU C 697 -2.15 25.15 -41.44
CA GLU C 697 -3.33 24.98 -42.27
C GLU C 697 -4.57 24.76 -41.42
N LEU C 698 -4.45 24.00 -40.32
CA LEU C 698 -5.57 23.79 -39.42
C LEU C 698 -5.94 25.08 -38.68
N ILE C 699 -4.94 25.91 -38.36
CA ILE C 699 -5.19 27.21 -37.74
C ILE C 699 -5.90 28.14 -38.72
N GLN C 700 -5.49 28.12 -39.99
CA GLN C 700 -6.09 29.01 -40.98
C GLN C 700 -7.51 28.58 -41.33
N LYS C 701 -7.76 27.27 -41.43
CA LYS C 701 -9.09 26.79 -41.79
C LYS C 701 -10.01 26.59 -40.60
N MET C 702 -9.50 26.68 -39.36
CA MET C 702 -10.38 26.63 -38.20
C MET C 702 -10.96 28.01 -37.87
N ARG C 703 -10.22 29.07 -38.16
CA ARG C 703 -10.72 30.43 -37.96
C ARG C 703 -11.53 30.87 -39.17
N ALA C 704 -12.35 31.91 -38.93
CA ALA C 704 -13.27 32.50 -39.92
C ALA C 704 -14.23 31.45 -40.49
N SER C 705 -14.76 30.59 -39.62
CA SER C 705 -15.68 29.54 -40.01
C SER C 705 -17.03 29.64 -39.34
N GLY C 706 -17.24 30.62 -38.46
CA GLY C 706 -18.49 30.82 -37.77
C GLY C 706 -18.61 30.11 -36.44
N LEU C 707 -17.87 29.02 -36.23
CA LEU C 707 -17.92 28.29 -34.97
C LEU C 707 -16.82 28.72 -34.01
N PHE C 708 -15.63 29.01 -34.53
CA PHE C 708 -14.52 29.50 -33.73
C PHE C 708 -14.34 30.99 -33.96
N ASP C 709 -14.43 31.77 -32.89
CA ASP C 709 -14.23 33.20 -32.99
C ASP C 709 -12.74 33.52 -33.21
N PRO C 710 -12.43 34.58 -33.97
CA PRO C 710 -11.02 34.91 -34.23
C PRO C 710 -10.32 35.51 -33.01
N SER C 711 -9.00 35.74 -33.16
CA SER C 711 -8.09 36.29 -32.15
C SER C 711 -8.07 35.48 -30.84
N THR C 712 -8.42 34.19 -30.89
CA THR C 712 -8.27 33.33 -29.72
C THR C 712 -7.72 31.95 -30.04
N VAL C 713 -7.57 31.58 -31.31
CA VAL C 713 -7.10 30.25 -31.69
C VAL C 713 -5.62 30.37 -32.05
N ARG C 714 -4.76 30.05 -31.10
CA ARG C 714 -3.32 30.06 -31.33
C ARG C 714 -2.76 28.67 -31.02
N ALA C 715 -1.49 28.50 -31.35
CA ALA C 715 -0.80 27.26 -31.03
C ALA C 715 -0.42 27.24 -29.55
N GLY C 716 -0.18 26.03 -29.03
CA GLY C 716 0.18 25.87 -27.64
C GLY C 716 1.64 25.48 -27.45
N GLY C 717 2.48 25.80 -28.42
CA GLY C 717 3.88 25.48 -28.34
C GLY C 717 4.79 26.69 -28.50
N LEU C 718 6.02 26.58 -28.01
CA LEU C 718 6.98 27.66 -28.15
C LEU C 718 7.46 27.75 -29.60
N GLU C 719 7.35 28.94 -30.17
CA GLU C 719 7.75 29.14 -31.56
C GLU C 719 9.27 29.13 -31.70
N ASP C 720 9.73 28.82 -32.91
CA ASP C 720 11.17 28.73 -33.14
C ASP C 720 11.79 30.11 -33.25
N SER C 721 12.95 30.27 -32.61
CA SER C 721 13.70 31.51 -32.60
C SER C 721 15.03 31.31 -33.30
N PRO C 722 15.58 32.35 -33.92
CA PRO C 722 16.92 32.24 -34.51
C PRO C 722 18.00 32.12 -33.44
N GLN C 723 18.82 31.07 -33.58
CA GLN C 723 19.83 30.75 -32.58
C GLN C 723 21.22 30.87 -33.20
N LEU C 724 22.23 30.92 -32.35
CA LEU C 724 23.61 30.99 -32.79
C LEU C 724 24.18 29.59 -32.97
N LYS C 725 24.84 29.37 -34.10
CA LYS C 725 25.43 28.08 -34.44
C LYS C 725 26.94 28.25 -34.58
N ILE C 726 27.69 27.45 -33.84
CA ILE C 726 29.15 27.46 -33.85
C ILE C 726 29.63 26.15 -34.45
N ASP C 727 30.43 26.24 -35.51
CA ASP C 727 31.03 25.08 -36.16
C ASP C 727 32.53 25.13 -35.90
N ILE C 728 33.03 24.19 -35.12
CA ILE C 728 34.45 24.15 -34.76
C ILE C 728 35.22 23.45 -35.87
N ASN C 729 36.26 24.13 -36.37
CA ASN C 729 37.13 23.58 -37.42
C ASN C 729 38.36 22.99 -36.73
N ARG C 730 38.43 21.66 -36.66
CA ARG C 730 39.53 21.00 -36.00
C ARG C 730 40.82 21.01 -36.81
N ALA C 731 40.72 21.20 -38.13
CA ALA C 731 41.92 21.28 -38.95
C ALA C 731 42.69 22.56 -38.68
N ALA C 732 41.99 23.70 -38.60
CA ALA C 732 42.64 24.95 -38.24
C ALA C 732 43.09 24.95 -36.78
N ALA C 733 42.37 24.24 -35.91
CA ALA C 733 42.78 24.12 -34.53
C ALA C 733 44.04 23.28 -34.37
N ALA C 734 44.22 22.29 -35.24
CA ALA C 734 45.46 21.51 -35.23
C ALA C 734 46.60 22.25 -35.92
N ALA C 735 46.31 23.06 -36.94
CA ALA C 735 47.34 23.80 -37.64
C ALA C 735 47.82 25.03 -36.88
N GLN C 736 46.97 25.61 -36.04
CA GLN C 736 47.36 26.81 -35.28
C GLN C 736 47.82 26.51 -33.86
N GLY C 737 47.45 25.36 -33.31
CA GLY C 737 47.95 24.93 -32.02
C GLY C 737 47.05 25.18 -30.83
N VAL C 738 45.75 25.07 -30.98
CA VAL C 738 44.80 25.20 -29.87
C VAL C 738 44.10 23.86 -29.67
N SER C 739 44.00 23.42 -28.41
CA SER C 739 43.35 22.17 -28.09
C SER C 739 41.84 22.38 -27.95
N PHE C 740 41.11 21.29 -27.73
CA PHE C 740 39.67 21.36 -27.56
C PHE C 740 39.26 21.77 -26.15
N ALA C 741 40.16 21.67 -25.18
CA ALA C 741 39.83 22.04 -23.81
C ALA C 741 39.76 23.54 -23.60
N ASP C 742 40.45 24.32 -24.43
CA ASP C 742 40.43 25.77 -24.26
C ASP C 742 39.12 26.38 -24.75
N ILE C 743 38.64 25.94 -25.92
CA ILE C 743 37.40 26.47 -26.46
C ILE C 743 36.20 26.02 -25.64
N ARG C 744 36.27 24.79 -25.10
CA ARG C 744 35.20 24.29 -24.23
C ARG C 744 35.12 25.09 -22.94
N THR C 745 36.26 25.37 -22.31
CA THR C 745 36.28 26.14 -21.07
C THR C 745 35.89 27.59 -21.33
N ALA C 746 36.25 28.14 -22.50
CA ALA C 746 35.85 29.50 -22.84
C ALA C 746 34.35 29.60 -23.06
N LEU C 747 33.76 28.64 -23.78
CA LEU C 747 32.32 28.67 -24.03
C LEU C 747 31.52 28.31 -22.79
N ALA C 748 32.10 27.56 -21.86
CA ALA C 748 31.41 27.19 -20.63
C ALA C 748 31.67 28.16 -19.48
N SER C 749 32.60 29.09 -19.63
CA SER C 749 32.86 30.09 -18.61
C SER C 749 32.64 31.52 -19.10
N ALA C 750 32.21 31.71 -20.34
CA ALA C 750 31.94 33.05 -20.83
C ALA C 750 30.65 33.62 -20.25
N LEU C 751 29.52 32.98 -20.56
CA LEU C 751 28.20 33.49 -20.16
C LEU C 751 27.28 32.36 -19.73
N SER C 752 27.86 31.30 -19.15
CA SER C 752 27.11 30.11 -18.80
C SER C 752 26.74 30.02 -17.33
N SER C 753 27.24 30.94 -16.49
CA SER C 753 26.90 31.09 -15.07
C SER C 753 27.23 29.82 -14.28
N SER C 754 28.54 29.55 -14.20
CA SER C 754 29.02 28.39 -13.47
C SER C 754 28.84 28.58 -11.96
N TYR C 755 28.57 27.47 -11.28
CA TYR C 755 28.36 27.44 -9.83
C TYR C 755 29.62 26.91 -9.18
N VAL C 756 30.20 27.70 -8.27
CA VAL C 756 31.51 27.37 -7.71
C VAL C 756 31.37 26.60 -6.40
N SER C 757 30.80 27.24 -5.39
CA SER C 757 30.78 26.66 -4.04
C SER C 757 29.67 27.34 -3.23
N ASP C 758 29.68 27.08 -1.93
CA ASP C 758 28.71 27.64 -0.99
C ASP C 758 29.41 28.52 0.02
N PHE C 759 28.60 29.29 0.76
CA PHE C 759 29.09 30.20 1.78
C PHE C 759 28.01 30.38 2.83
N PRO C 760 28.38 30.56 4.11
CA PRO C 760 27.37 30.75 5.14
C PRO C 760 26.83 32.18 5.17
N ASN C 761 25.52 32.28 5.37
CA ASN C 761 24.84 33.56 5.48
C ASN C 761 23.60 33.36 6.33
N GLN C 762 23.52 34.11 7.44
CA GLN C 762 22.36 34.15 8.35
C GLN C 762 22.01 32.76 8.90
N GLY C 763 23.03 31.94 9.12
CA GLY C 763 22.84 30.60 9.62
C GLY C 763 22.58 29.55 8.55
N ARG C 764 22.40 29.93 7.30
CA ARG C 764 22.16 28.98 6.22
C ARG C 764 23.37 28.93 5.30
N LEU C 765 23.31 28.02 4.33
CA LEU C 765 24.38 27.83 3.35
C LEU C 765 23.84 28.22 1.98
N GLN C 766 24.23 29.38 1.48
CA GLN C 766 23.81 29.85 0.18
C GLN C 766 24.91 29.61 -0.86
N ARG C 767 24.57 29.83 -2.12
CA ARG C 767 25.47 29.50 -3.22
C ARG C 767 26.24 30.73 -3.68
N VAL C 768 27.34 30.49 -4.39
CA VAL C 768 28.15 31.54 -5.00
C VAL C 768 28.18 31.28 -6.50
N MET C 769 27.77 32.28 -7.28
CA MET C 769 27.67 32.16 -8.72
C MET C 769 28.54 33.22 -9.38
N VAL C 770 29.44 32.78 -10.26
CA VAL C 770 30.37 33.66 -10.96
C VAL C 770 29.96 33.74 -12.42
N GLN C 771 29.82 34.96 -12.93
CA GLN C 771 29.40 35.19 -14.31
C GLN C 771 30.06 36.47 -14.81
N ALA C 772 29.95 36.70 -16.11
CA ALA C 772 30.39 37.96 -16.68
C ALA C 772 29.39 39.06 -16.35
N ASP C 773 29.76 40.30 -16.67
CA ASP C 773 28.91 41.45 -16.39
C ASP C 773 27.83 41.58 -17.46
N GLY C 774 27.15 42.74 -17.47
CA GLY C 774 26.00 42.89 -18.35
C GLY C 774 26.39 43.08 -19.80
N ASP C 775 27.27 44.05 -20.08
CA ASP C 775 27.56 44.46 -21.45
C ASP C 775 28.47 43.50 -22.21
N ALA C 776 28.91 42.40 -21.61
CA ALA C 776 29.73 41.43 -22.30
C ALA C 776 28.95 40.26 -22.88
N ARG C 777 27.66 40.18 -22.59
CA ARG C 777 26.84 39.08 -23.10
C ARG C 777 25.52 39.61 -23.64
N MET C 778 25.56 40.73 -24.37
CA MET C 778 24.38 41.34 -24.98
C MET C 778 24.31 41.14 -26.48
N GLN C 779 25.45 41.12 -27.16
CA GLN C 779 25.52 40.96 -28.60
C GLN C 779 26.28 39.69 -28.96
N PRO C 780 26.02 39.09 -30.12
CA PRO C 780 26.82 37.92 -30.54
C PRO C 780 28.23 38.27 -30.99
N ALA C 781 28.57 39.56 -31.12
CA ALA C 781 29.92 39.96 -31.51
C ALA C 781 30.97 39.60 -30.48
N ASP C 782 30.56 39.41 -29.21
CA ASP C 782 31.49 38.88 -28.20
C ASP C 782 31.92 37.46 -28.52
N ILE C 783 31.07 36.70 -29.23
CA ILE C 783 31.48 35.39 -29.72
C ILE C 783 32.47 35.53 -30.88
N LEU C 784 32.49 36.68 -31.56
CA LEU C 784 33.38 36.88 -32.69
C LEU C 784 34.83 37.05 -32.24
N ASN C 785 35.06 37.83 -31.17
CA ASN C 785 36.40 38.08 -30.67
C ASN C 785 36.67 37.33 -29.36
N LEU C 786 36.05 36.18 -29.17
CA LEU C 786 36.28 35.35 -27.99
C LEU C 786 37.61 34.63 -28.16
N THR C 787 38.62 35.06 -27.42
CA THR C 787 39.96 34.52 -27.58
C THR C 787 40.14 33.23 -26.78
N VAL C 788 41.22 32.52 -27.09
CA VAL C 788 41.58 31.28 -26.41
C VAL C 788 42.95 31.47 -25.79
N PRO C 789 43.30 30.75 -24.70
CA PRO C 789 44.63 30.93 -24.10
C PRO C 789 45.76 30.38 -24.94
N ASN C 790 45.52 29.37 -25.77
CA ASN C 790 46.45 28.76 -26.73
C ASN C 790 47.67 28.10 -26.07
N SER C 791 47.69 27.98 -24.74
CA SER C 791 48.75 27.41 -23.90
C SER C 791 50.10 28.10 -24.05
N SER C 792 50.17 29.25 -24.71
CA SER C 792 51.42 30.00 -24.84
C SER C 792 51.22 31.46 -24.51
N GLY C 793 50.03 31.99 -24.77
CA GLY C 793 49.74 33.39 -24.51
C GLY C 793 49.23 34.13 -25.74
N ILE C 794 49.25 33.47 -26.90
CA ILE C 794 48.78 34.09 -28.13
C ILE C 794 47.26 34.14 -28.11
N ALA C 795 46.70 35.22 -28.67
CA ALA C 795 45.25 35.45 -28.59
C ALA C 795 44.46 34.42 -29.38
N VAL C 796 44.74 34.29 -30.68
CA VAL C 796 44.08 33.39 -31.63
C VAL C 796 42.56 33.57 -31.60
N PRO C 797 42.02 34.61 -32.23
CA PRO C 797 40.58 34.88 -32.17
C PRO C 797 39.74 33.77 -32.81
N LEU C 798 38.47 33.72 -32.44
CA LEU C 798 37.62 32.59 -32.79
C LEU C 798 37.10 32.68 -34.22
N SER C 799 37.33 33.82 -34.89
CA SER C 799 36.82 34.03 -36.23
C SER C 799 37.56 33.20 -37.27
N SER C 800 38.76 32.73 -36.95
CA SER C 800 39.57 31.93 -37.85
C SER C 800 39.43 30.43 -37.61
N ILE C 801 39.24 30.01 -36.36
CA ILE C 801 39.17 28.59 -36.04
C ILE C 801 37.74 28.08 -35.87
N ALA C 802 36.74 28.95 -35.95
CA ALA C 802 35.35 28.54 -35.76
C ALA C 802 34.45 29.42 -36.61
N THR C 803 33.43 28.82 -37.20
CA THR C 803 32.45 29.55 -37.99
C THR C 803 31.20 29.80 -37.17
N VAL C 804 30.84 31.07 -37.02
CA VAL C 804 29.66 31.48 -36.28
C VAL C 804 28.60 31.93 -37.29
N SER C 805 27.37 31.45 -37.11
CA SER C 805 26.29 31.77 -38.03
C SER C 805 24.97 31.73 -37.27
N TRP C 806 23.88 31.99 -38.00
CA TRP C 806 22.54 31.92 -37.45
C TRP C 806 21.84 30.64 -37.89
N GLN C 807 20.89 30.20 -37.08
CA GLN C 807 20.18 28.96 -37.35
C GLN C 807 18.80 29.04 -36.72
N MET C 808 17.79 28.60 -37.47
CA MET C 808 16.41 28.57 -37.00
C MET C 808 16.14 27.18 -36.45
N GLY C 809 16.40 27.01 -35.16
CA GLY C 809 16.20 25.74 -34.50
C GLY C 809 14.91 25.69 -33.70
N THR C 810 14.40 24.48 -33.46
CA THR C 810 13.17 24.34 -32.69
C THR C 810 13.43 24.61 -31.21
N GLU C 811 12.49 25.30 -30.57
CA GLU C 811 12.60 25.65 -29.16
C GLU C 811 11.81 24.74 -28.25
N GLN C 812 11.02 23.82 -28.81
CA GLN C 812 10.25 22.89 -28.01
C GLN C 812 9.93 21.66 -28.85
N SER C 813 9.87 20.51 -28.17
CA SER C 813 9.52 19.24 -28.80
C SER C 813 8.60 18.49 -27.88
N VAL C 814 7.40 18.17 -28.36
CA VAL C 814 6.36 17.50 -27.58
C VAL C 814 6.01 16.18 -28.26
N ARG C 815 6.04 15.08 -27.49
CA ARG C 815 5.66 13.76 -27.95
C ARG C 815 4.48 13.25 -27.14
N PHE C 816 3.43 12.85 -27.84
CA PHE C 816 2.19 12.40 -27.22
C PHE C 816 1.89 10.99 -27.68
N ASN C 817 1.86 10.04 -26.73
CA ASN C 817 1.51 8.63 -26.95
C ASN C 817 2.42 7.96 -27.98
N GLY C 818 3.72 8.19 -27.84
CA GLY C 818 4.70 7.57 -28.71
C GLY C 818 4.98 8.31 -30.00
N TYR C 819 4.13 9.27 -30.38
CA TYR C 819 4.31 10.02 -31.60
C TYR C 819 4.53 11.50 -31.30
N PRO C 820 5.33 12.19 -32.11
CA PRO C 820 5.51 13.63 -31.91
C PRO C 820 4.25 14.39 -32.27
N ALA C 821 3.85 15.31 -31.39
CA ALA C 821 2.59 16.02 -31.54
C ALA C 821 2.80 17.53 -31.44
N MET C 822 1.92 18.26 -32.11
CA MET C 822 1.84 19.71 -31.98
C MET C 822 0.47 20.07 -31.40
N GLU C 823 0.49 20.88 -30.36
CA GLU C 823 -0.70 21.18 -29.57
C GLU C 823 -1.17 22.60 -29.84
N LEU C 824 -2.49 22.79 -29.84
CA LEU C 824 -3.10 24.10 -30.05
C LEU C 824 -4.42 24.16 -29.30
N SER C 825 -4.74 25.36 -28.83
CA SER C 825 -5.96 25.62 -28.08
C SER C 825 -6.82 26.64 -28.80
N GLY C 826 -8.13 26.43 -28.76
CA GLY C 826 -9.08 27.32 -29.40
C GLY C 826 -10.43 27.32 -28.72
N SER C 827 -10.98 28.51 -28.50
CA SER C 827 -12.26 28.69 -27.82
C SER C 827 -13.39 28.79 -28.84
N PRO C 828 -14.57 28.26 -28.53
CA PRO C 828 -15.71 28.38 -29.44
C PRO C 828 -16.34 29.77 -29.35
N ALA C 829 -17.38 29.98 -30.15
CA ALA C 829 -18.06 31.26 -30.21
C ALA C 829 -19.12 31.35 -29.12
N THR C 830 -19.97 32.37 -29.18
CA THR C 830 -20.98 32.59 -28.15
C THR C 830 -22.15 31.62 -28.29
N GLY C 831 -22.74 31.56 -29.50
CA GLY C 831 -23.89 30.71 -29.71
C GLY C 831 -23.54 29.34 -30.26
N VAL C 832 -22.28 28.94 -30.10
CA VAL C 832 -21.79 27.64 -30.55
C VAL C 832 -21.41 26.83 -29.33
N SER C 833 -21.90 25.60 -29.26
CA SER C 833 -21.63 24.72 -28.12
C SER C 833 -20.28 24.04 -28.31
N THR C 834 -19.95 23.12 -27.41
CA THR C 834 -18.65 22.44 -27.45
C THR C 834 -18.66 21.25 -28.41
N GLY C 835 -19.75 20.48 -28.42
CA GLY C 835 -19.81 19.29 -29.25
C GLY C 835 -19.84 19.56 -30.74
N GLN C 836 -20.47 20.66 -31.15
CA GLN C 836 -20.47 21.04 -32.56
C GLN C 836 -19.08 21.42 -33.04
N ALA C 837 -18.33 22.17 -32.21
CA ALA C 837 -16.96 22.51 -32.54
C ALA C 837 -16.05 21.27 -32.52
N MET C 838 -16.33 20.33 -31.62
CA MET C 838 -15.56 19.08 -31.59
C MET C 838 -15.82 18.25 -32.85
N GLU C 839 -17.07 18.19 -33.31
CA GLU C 839 -17.38 17.48 -34.55
C GLU C 839 -16.79 18.19 -35.76
N ALA C 840 -16.75 19.52 -35.75
CA ALA C 840 -16.12 20.26 -36.84
C ALA C 840 -14.62 20.03 -36.88
N VAL C 841 -13.97 19.97 -35.71
CA VAL C 841 -12.54 19.67 -35.66
C VAL C 841 -12.27 18.23 -36.11
N GLN C 842 -13.15 17.29 -35.72
CA GLN C 842 -13.00 15.90 -36.14
C GLN C 842 -13.19 15.73 -37.64
N LYS C 843 -14.10 16.50 -38.24
CA LYS C 843 -14.29 16.44 -39.69
C LYS C 843 -13.28 17.32 -40.44
N MET C 844 -12.53 18.17 -39.75
CA MET C 844 -11.48 18.96 -40.40
C MET C 844 -10.10 18.35 -40.32
N VAL C 845 -9.84 17.48 -39.34
CA VAL C 845 -8.52 16.86 -39.22
C VAL C 845 -8.27 15.88 -40.37
N ASP C 846 -9.28 15.06 -40.71
CA ASP C 846 -9.12 14.03 -41.72
C ASP C 846 -8.98 14.56 -43.15
N GLU C 847 -9.22 15.85 -43.38
CA GLU C 847 -9.00 16.42 -44.71
C GLU C 847 -7.53 16.72 -44.98
N LEU C 848 -6.67 16.69 -43.96
CA LEU C 848 -5.25 16.94 -44.17
C LEU C 848 -4.56 15.74 -44.83
N GLY C 849 -5.11 14.54 -44.67
CA GLY C 849 -4.55 13.34 -45.23
C GLY C 849 -4.41 12.25 -44.20
N SER C 850 -3.97 11.09 -44.66
CA SER C 850 -3.77 9.94 -43.78
C SER C 850 -2.50 10.11 -42.96
N GLY C 851 -2.49 9.49 -41.79
CA GLY C 851 -1.37 9.56 -40.87
C GLY C 851 -1.46 10.68 -39.86
N TYR C 852 -2.14 11.77 -40.20
CA TYR C 852 -2.29 12.91 -39.30
C TYR C 852 -3.54 12.70 -38.46
N SER C 853 -3.37 12.14 -37.28
CA SER C 853 -4.48 11.89 -36.36
C SER C 853 -4.45 12.92 -35.22
N LEU C 854 -5.63 13.19 -34.68
CA LEU C 854 -5.79 14.15 -33.60
C LEU C 854 -6.01 13.45 -32.26
N GLU C 855 -5.74 14.19 -31.19
CA GLU C 855 -6.05 13.73 -29.84
C GLU C 855 -6.48 14.92 -29.01
N TRP C 856 -7.25 14.61 -27.96
CA TRP C 856 -7.85 15.61 -27.09
C TRP C 856 -7.02 15.77 -25.81
N GLY C 857 -7.53 16.55 -24.88
CA GLY C 857 -6.84 16.75 -23.62
C GLY C 857 -7.71 17.39 -22.55
N GLY C 858 -7.70 16.80 -21.34
CA GLY C 858 -8.44 17.37 -20.23
C GLY C 858 -9.92 17.10 -20.27
N GLN C 859 -10.71 18.18 -20.39
CA GLN C 859 -12.16 18.05 -20.41
C GLN C 859 -12.66 17.46 -21.73
N SER C 860 -11.90 17.66 -22.82
CA SER C 860 -12.31 17.16 -24.12
C SER C 860 -12.23 15.64 -24.20
N ARG C 861 -11.28 15.03 -23.48
CA ARG C 861 -11.20 13.57 -23.45
C ARG C 861 -12.39 12.97 -22.72
N GLU C 862 -12.82 13.58 -21.61
CA GLU C 862 -13.99 13.10 -20.90
C GLU C 862 -15.27 13.34 -21.70
N GLU C 863 -15.34 14.47 -22.42
CA GLU C 863 -16.51 14.74 -23.25
C GLU C 863 -16.58 13.80 -24.46
N ALA C 864 -15.43 13.38 -24.99
CA ALA C 864 -15.44 12.40 -26.07
C ALA C 864 -15.73 11.00 -25.55
N LYS C 865 -15.31 10.69 -24.32
CA LYS C 865 -15.61 9.38 -23.73
C LYS C 865 -17.07 9.27 -23.32
N GLY C 866 -17.70 10.38 -22.95
CA GLY C 866 -19.09 10.35 -22.54
C GLY C 866 -20.09 10.51 -23.67
N GLY C 867 -19.78 9.95 -24.84
CA GLY C 867 -20.68 10.01 -25.97
C GLY C 867 -21.50 8.75 -26.13
N SER C 868 -20.87 7.60 -25.96
CA SER C 868 -21.54 6.30 -26.06
C SER C 868 -22.05 5.79 -24.73
N GLN C 869 -21.78 6.49 -23.63
CA GLN C 869 -22.23 6.06 -22.32
C GLN C 869 -23.72 6.32 -22.10
N THR C 870 -24.31 7.27 -22.84
CA THR C 870 -25.67 7.69 -22.58
C THR C 870 -26.69 6.62 -22.99
N ILE C 871 -26.55 6.08 -24.21
CA ILE C 871 -27.50 5.09 -24.70
C ILE C 871 -27.34 3.77 -23.96
N ALA C 872 -26.10 3.42 -23.60
CA ALA C 872 -25.87 2.21 -22.82
C ALA C 872 -26.41 2.35 -21.41
N LEU C 873 -26.29 3.54 -20.82
CA LEU C 873 -26.86 3.81 -19.50
C LEU C 873 -28.38 3.76 -19.53
N TYR C 874 -28.99 4.31 -20.59
CA TYR C 874 -30.45 4.27 -20.72
C TYR C 874 -30.95 2.84 -20.91
N ALA C 875 -30.25 2.05 -21.73
CA ALA C 875 -30.65 0.66 -21.94
C ALA C 875 -30.46 -0.17 -20.67
N LEU C 876 -29.39 0.10 -19.91
CA LEU C 876 -29.15 -0.64 -18.67
C LEU C 876 -30.19 -0.28 -17.60
N ALA C 877 -30.56 1.00 -17.52
CA ALA C 877 -31.61 1.41 -16.57
C ALA C 877 -32.96 0.82 -16.98
N ALA C 878 -33.24 0.76 -18.29
CA ALA C 878 -34.50 0.20 -18.76
C ALA C 878 -34.58 -1.30 -18.48
N VAL C 879 -33.50 -2.04 -18.73
CA VAL C 879 -33.54 -3.47 -18.48
C VAL C 879 -33.50 -3.76 -16.97
N ALA C 880 -32.93 -2.86 -16.17
CA ALA C 880 -32.98 -3.02 -14.72
C ALA C 880 -34.38 -2.81 -14.18
N VAL C 881 -35.08 -1.79 -14.67
CA VAL C 881 -36.48 -1.55 -14.29
C VAL C 881 -37.36 -2.72 -14.76
N PHE C 882 -37.08 -3.24 -15.96
CA PHE C 882 -37.83 -4.38 -16.50
C PHE C 882 -37.64 -5.63 -15.65
N LEU C 883 -36.40 -5.92 -15.26
CA LEU C 883 -36.12 -7.12 -14.46
C LEU C 883 -36.68 -6.99 -13.05
N VAL C 884 -36.61 -5.80 -12.45
CA VAL C 884 -37.13 -5.61 -11.10
C VAL C 884 -38.65 -5.71 -11.09
N LEU C 885 -39.32 -5.09 -12.06
CA LEU C 885 -40.77 -5.17 -12.10
C LEU C 885 -41.28 -6.53 -12.58
N ALA C 886 -40.45 -7.30 -13.29
CA ALA C 886 -40.82 -8.68 -13.58
C ALA C 886 -40.60 -9.58 -12.38
N ALA C 887 -39.64 -9.23 -11.51
CA ALA C 887 -39.43 -10.00 -10.28
C ALA C 887 -40.54 -9.75 -9.27
N LEU C 888 -40.96 -8.48 -9.12
CA LEU C 888 -41.85 -8.13 -8.02
C LEU C 888 -43.29 -8.53 -8.32
N TYR C 889 -43.83 -8.12 -9.47
CA TYR C 889 -45.24 -8.31 -9.76
C TYR C 889 -45.55 -9.63 -10.47
N GLU C 890 -44.51 -10.42 -10.78
CA GLU C 890 -44.63 -11.80 -11.28
C GLU C 890 -45.39 -11.86 -12.61
N SER C 891 -44.94 -11.06 -13.57
CA SER C 891 -45.55 -11.02 -14.89
C SER C 891 -44.55 -10.46 -15.90
N TRP C 892 -44.64 -10.96 -17.13
CA TRP C 892 -43.83 -10.43 -18.22
C TRP C 892 -44.52 -9.30 -18.97
N SER C 893 -45.85 -9.22 -18.90
CA SER C 893 -46.59 -8.17 -19.58
C SER C 893 -46.73 -6.90 -18.76
N ILE C 894 -46.56 -6.99 -17.44
CA ILE C 894 -46.62 -5.80 -16.60
C ILE C 894 -45.49 -4.79 -16.86
N PRO C 895 -44.19 -5.17 -16.86
CA PRO C 895 -43.17 -4.12 -17.03
C PRO C 895 -43.04 -3.61 -18.47
N LEU C 896 -43.69 -4.23 -19.44
CA LEU C 896 -43.65 -3.70 -20.81
C LEU C 896 -44.52 -2.45 -20.94
N ALA C 897 -45.57 -2.34 -20.12
CA ALA C 897 -46.39 -1.13 -20.11
C ALA C 897 -45.75 0.01 -19.34
N VAL C 898 -44.75 -0.28 -18.50
CA VAL C 898 -44.07 0.76 -17.74
C VAL C 898 -42.91 1.37 -18.54
N LEU C 899 -42.37 0.65 -19.51
CA LEU C 899 -41.29 1.18 -20.35
C LEU C 899 -41.78 2.12 -21.44
N LEU C 900 -43.09 2.33 -21.56
CA LEU C 900 -43.65 3.16 -22.63
C LEU C 900 -43.79 4.62 -22.26
N VAL C 901 -43.45 5.01 -21.02
CA VAL C 901 -43.55 6.40 -20.59
C VAL C 901 -42.22 7.11 -20.56
N MET C 902 -41.11 6.42 -20.79
CA MET C 902 -39.79 7.04 -20.88
C MET C 902 -39.55 7.81 -22.19
N PRO C 903 -40.06 7.37 -23.36
CA PRO C 903 -40.08 8.30 -24.51
C PRO C 903 -40.92 9.55 -24.28
N LEU C 904 -41.97 9.46 -23.45
CA LEU C 904 -42.73 10.66 -23.11
C LEU C 904 -41.88 11.64 -22.29
N GLY C 905 -41.08 11.11 -21.36
CA GLY C 905 -40.17 11.95 -20.61
C GLY C 905 -39.05 12.54 -21.45
N LEU C 906 -38.53 11.77 -22.41
CA LEU C 906 -37.54 12.29 -23.34
C LEU C 906 -38.13 13.38 -24.24
N ALA C 907 -39.35 13.18 -24.72
CA ALA C 907 -40.03 14.18 -25.54
C ALA C 907 -40.29 15.45 -24.74
N GLY C 908 -40.71 15.30 -23.49
CA GLY C 908 -40.94 16.47 -22.65
C GLY C 908 -39.68 17.24 -22.33
N ALA C 909 -38.59 16.53 -22.01
CA ALA C 909 -37.33 17.19 -21.70
C ALA C 909 -36.75 17.89 -22.93
N ALA C 910 -36.80 17.23 -24.10
CA ALA C 910 -36.29 17.85 -25.32
C ALA C 910 -37.15 19.03 -25.75
N ALA C 911 -38.47 18.92 -25.61
CA ALA C 911 -39.36 20.02 -25.97
C ALA C 911 -39.19 21.20 -25.01
N GLY C 912 -38.95 20.94 -23.73
CA GLY C 912 -38.72 22.03 -22.79
C GLY C 912 -37.39 22.72 -23.01
N VAL C 913 -36.34 21.95 -23.32
CA VAL C 913 -35.04 22.53 -23.62
C VAL C 913 -35.10 23.38 -24.90
N THR C 914 -35.77 22.86 -25.94
CA THR C 914 -35.91 23.61 -27.19
C THR C 914 -36.80 24.84 -27.00
N GLY C 915 -37.84 24.73 -26.17
CA GLY C 915 -38.71 25.86 -25.92
C GLY C 915 -38.05 26.97 -25.13
N ARG C 916 -37.26 26.62 -24.11
CA ARG C 916 -36.52 27.65 -23.39
C ARG C 916 -35.38 28.22 -24.20
N ASN C 917 -34.78 27.43 -25.11
CA ASN C 917 -33.76 27.97 -26.01
C ASN C 917 -34.36 28.99 -26.97
N LEU C 918 -35.52 28.67 -27.56
CA LEU C 918 -36.21 29.63 -28.42
C LEU C 918 -36.75 30.82 -27.64
N PHE C 919 -37.12 30.63 -26.37
CA PHE C 919 -37.60 31.75 -25.55
C PHE C 919 -36.47 32.72 -25.23
N GLU C 920 -35.30 32.20 -24.86
CA GLU C 920 -34.15 33.07 -24.63
C GLU C 920 -33.58 33.64 -25.92
N GLY C 921 -33.82 32.98 -27.05
CA GLY C 921 -33.42 33.56 -28.33
C GLY C 921 -34.33 34.70 -28.76
N LEU C 922 -35.64 34.56 -28.50
CA LEU C 922 -36.58 35.63 -28.84
C LEU C 922 -36.45 36.80 -27.88
N LEU C 923 -36.21 36.54 -26.60
CA LEU C 923 -35.98 37.61 -25.65
C LEU C 923 -34.60 38.23 -25.81
N GLY C 924 -33.65 37.45 -26.34
CA GLY C 924 -32.30 37.93 -26.57
C GLY C 924 -31.32 37.43 -25.53
N SER C 925 -30.61 36.34 -25.87
CA SER C 925 -29.64 35.69 -25.01
C SER C 925 -28.85 34.71 -25.88
N VAL C 926 -28.01 33.90 -25.25
CA VAL C 926 -27.29 32.84 -25.95
C VAL C 926 -27.87 31.49 -25.51
N PRO C 927 -27.85 30.45 -26.35
CA PRO C 927 -28.31 29.13 -25.93
C PRO C 927 -27.30 28.49 -24.98
N SER C 928 -27.66 28.42 -23.69
CA SER C 928 -26.79 27.87 -22.67
C SER C 928 -27.28 26.53 -22.14
N PHE C 929 -28.33 25.97 -22.73
CA PHE C 929 -28.89 24.69 -22.32
C PHE C 929 -28.55 23.65 -23.39
N ALA C 930 -27.69 22.71 -23.03
CA ALA C 930 -27.21 21.68 -23.95
C ALA C 930 -27.40 20.31 -23.32
N ASN C 931 -26.94 19.27 -24.04
CA ASN C 931 -27.02 17.89 -23.55
C ASN C 931 -25.77 17.64 -22.72
N ASP C 932 -25.89 17.84 -21.42
CA ASP C 932 -24.81 17.64 -20.46
C ASP C 932 -25.20 16.56 -19.46
N ILE C 933 -24.37 16.42 -18.42
CA ILE C 933 -24.59 15.40 -17.39
C ILE C 933 -25.86 15.67 -16.60
N TYR C 934 -26.23 16.95 -16.43
CA TYR C 934 -27.47 17.29 -15.74
C TYR C 934 -28.69 16.89 -16.54
N PHE C 935 -28.59 16.88 -17.87
CA PHE C 935 -29.69 16.40 -18.71
C PHE C 935 -29.90 14.90 -18.54
N GLN C 936 -28.80 14.14 -18.46
CA GLN C 936 -28.90 12.70 -18.22
C GLN C 936 -29.46 12.41 -16.83
N VAL C 937 -29.02 13.17 -15.83
CA VAL C 937 -29.51 13.01 -14.46
C VAL C 937 -31.01 13.34 -14.38
N GLY C 938 -31.43 14.43 -15.03
CA GLY C 938 -32.84 14.77 -15.06
C GLY C 938 -33.69 13.79 -15.84
N PHE C 939 -33.14 13.19 -16.90
CA PHE C 939 -33.89 12.18 -17.64
C PHE C 939 -34.05 10.90 -16.82
N VAL C 940 -33.02 10.53 -16.06
CA VAL C 940 -33.14 9.37 -15.17
C VAL C 940 -34.16 9.65 -14.06
N THR C 941 -34.18 10.88 -13.55
CA THR C 941 -35.13 11.25 -12.51
C THR C 941 -36.57 11.22 -13.01
N VAL C 942 -36.82 11.81 -14.18
CA VAL C 942 -38.18 11.78 -14.73
C VAL C 942 -38.55 10.39 -15.23
N MET C 943 -37.58 9.55 -15.58
CA MET C 943 -37.87 8.16 -15.92
C MET C 943 -38.37 7.40 -14.69
N GLY C 944 -37.70 7.59 -13.55
CA GLY C 944 -38.16 6.96 -12.31
C GLY C 944 -39.50 7.49 -11.86
N LEU C 945 -39.74 8.80 -12.01
CA LEU C 945 -41.00 9.38 -11.59
C LEU C 945 -42.15 8.97 -12.51
N SER C 946 -41.89 8.83 -13.81
CA SER C 946 -42.92 8.35 -14.72
C SER C 946 -43.19 6.87 -14.54
N ALA C 947 -42.16 6.09 -14.17
CA ALA C 947 -42.39 4.70 -13.80
C ALA C 947 -43.23 4.58 -12.54
N LYS C 948 -43.02 5.49 -11.58
CA LYS C 948 -43.87 5.55 -10.39
C LYS C 948 -45.31 5.90 -10.75
N ASN C 949 -45.49 6.87 -11.66
CA ASN C 949 -46.84 7.27 -12.06
C ASN C 949 -47.55 6.18 -12.86
N ALA C 950 -46.80 5.35 -13.58
CA ALA C 950 -47.41 4.21 -14.26
C ALA C 950 -47.72 3.08 -13.29
N ILE C 951 -46.85 2.87 -12.29
CA ILE C 951 -47.05 1.82 -11.30
C ILE C 951 -48.28 2.11 -10.44
N LEU C 952 -48.51 3.39 -10.13
CA LEU C 952 -49.63 3.79 -9.29
C LEU C 952 -51.00 3.49 -9.92
N ILE C 953 -51.06 3.31 -11.23
CA ILE C 953 -52.28 2.89 -11.90
C ILE C 953 -52.27 1.40 -12.22
N ILE C 954 -51.10 0.86 -12.60
CA ILE C 954 -51.00 -0.54 -13.04
C ILE C 954 -51.22 -1.49 -11.85
N GLU C 955 -50.66 -1.16 -10.68
CA GLU C 955 -50.78 -2.03 -9.51
C GLU C 955 -52.21 -2.09 -8.99
N PHE C 956 -53.00 -1.04 -9.19
CA PHE C 956 -54.41 -1.09 -8.82
C PHE C 956 -55.26 -1.73 -9.91
N ALA C 957 -54.89 -1.54 -11.18
CA ALA C 957 -55.65 -2.12 -12.28
C ALA C 957 -55.50 -3.65 -12.31
N LYS C 958 -54.32 -4.16 -11.91
CA LYS C 958 -54.14 -5.60 -11.84
C LYS C 958 -55.00 -6.22 -10.74
N ASP C 959 -55.07 -5.57 -9.58
CA ASP C 959 -55.90 -6.07 -8.49
C ASP C 959 -57.39 -5.92 -8.79
N LEU C 960 -57.76 -4.91 -9.59
CA LEU C 960 -59.15 -4.79 -10.00
C LEU C 960 -59.51 -5.84 -11.04
N GLN C 961 -58.59 -6.14 -11.96
CA GLN C 961 -58.83 -7.17 -12.96
C GLN C 961 -58.75 -8.58 -12.37
N ALA C 962 -58.13 -8.73 -11.20
CA ALA C 962 -57.98 -10.05 -10.59
C ALA C 962 -59.28 -10.63 -10.07
N GLN C 963 -60.34 -9.82 -9.95
CA GLN C 963 -61.65 -10.29 -9.45
C GLN C 963 -62.76 -9.86 -10.42
N GLY C 964 -62.97 -10.67 -11.45
CA GLY C 964 -64.10 -10.56 -12.35
C GLY C 964 -64.22 -9.27 -13.16
N LYS C 965 -63.13 -8.82 -13.75
CA LYS C 965 -63.13 -7.57 -14.50
C LYS C 965 -62.30 -7.71 -15.76
N SER C 966 -62.59 -6.85 -16.73
CA SER C 966 -61.81 -6.76 -17.95
C SER C 966 -60.72 -5.71 -17.79
N ALA C 967 -60.08 -5.33 -18.89
CA ALA C 967 -59.01 -4.32 -18.82
C ALA C 967 -59.58 -2.91 -18.74
N VAL C 968 -60.66 -2.64 -19.48
CA VAL C 968 -61.24 -1.30 -19.50
C VAL C 968 -61.93 -0.97 -18.18
N GLU C 969 -62.70 -1.93 -17.66
CA GLU C 969 -63.41 -1.70 -16.40
C GLU C 969 -62.48 -1.65 -15.20
N ALA C 970 -61.28 -2.23 -15.33
CA ALA C 970 -60.28 -2.07 -14.28
C ALA C 970 -59.53 -0.75 -14.42
N ALA C 971 -59.23 -0.35 -15.66
CA ALA C 971 -58.45 0.86 -15.89
C ALA C 971 -59.24 2.12 -15.57
N LEU C 972 -60.56 2.10 -15.82
CA LEU C 972 -61.39 3.25 -15.49
C LEU C 972 -61.46 3.49 -13.98
N GLU C 973 -61.67 2.43 -13.20
CA GLU C 973 -61.73 2.60 -11.75
C GLU C 973 -60.35 2.85 -11.16
N ALA C 974 -59.28 2.34 -11.80
CA ALA C 974 -57.93 2.65 -11.35
C ALA C 974 -57.60 4.12 -11.56
N ALA C 975 -57.99 4.67 -12.72
CA ALA C 975 -57.79 6.10 -12.96
C ALA C 975 -58.65 6.96 -12.04
N ARG C 976 -59.90 6.52 -11.79
CA ARG C 976 -60.78 7.25 -10.88
C ARG C 976 -60.28 7.21 -9.43
N LEU C 977 -59.59 6.14 -9.04
CA LEU C 977 -59.10 6.06 -7.68
C LEU C 977 -57.72 6.69 -7.51
N ARG C 978 -56.93 6.79 -8.58
CA ARG C 978 -55.57 7.31 -8.46
C ARG C 978 -55.33 8.56 -9.30
N PHE C 979 -56.38 9.29 -9.67
CA PHE C 979 -56.16 10.61 -10.26
C PHE C 979 -55.66 11.61 -9.22
N ARG C 980 -56.11 11.48 -7.97
CA ARG C 980 -55.69 12.45 -6.94
C ARG C 980 -54.22 12.33 -6.54
N PRO C 981 -53.68 11.17 -6.10
CA PRO C 981 -52.30 11.19 -5.58
C PRO C 981 -51.24 11.36 -6.66
N ILE C 982 -51.53 11.05 -7.93
CA ILE C 982 -50.58 11.30 -9.00
C ILE C 982 -50.35 12.80 -9.19
N ILE C 983 -51.43 13.57 -9.20
CA ILE C 983 -51.33 15.03 -9.25
C ILE C 983 -50.71 15.57 -7.96
N MET C 984 -51.05 14.95 -6.82
CA MET C 984 -50.57 15.45 -5.54
C MET C 984 -49.06 15.26 -5.37
N THR C 985 -48.50 14.19 -5.94
CA THR C 985 -47.06 14.01 -5.90
C THR C 985 -46.36 14.57 -7.13
N SER C 986 -47.09 14.94 -8.19
CA SER C 986 -46.47 15.60 -9.33
C SER C 986 -46.28 17.08 -9.07
N PHE C 987 -47.32 17.75 -8.58
CA PHE C 987 -47.24 19.20 -8.34
C PHE C 987 -46.34 19.54 -7.16
N ALA C 988 -46.14 18.62 -6.22
CA ALA C 988 -45.18 18.83 -5.14
C ALA C 988 -43.75 18.88 -5.68
N PHE C 989 -43.40 17.93 -6.56
CA PHE C 989 -42.08 17.96 -7.20
C PHE C 989 -41.94 19.15 -8.15
N ILE C 990 -43.04 19.56 -8.79
CA ILE C 990 -43.02 20.72 -9.68
C ILE C 990 -42.72 21.99 -8.89
N LEU C 991 -43.43 22.19 -7.76
CA LEU C 991 -43.16 23.34 -6.90
C LEU C 991 -41.81 23.22 -6.19
N GLY C 992 -41.28 22.01 -6.03
CA GLY C 992 -39.94 21.88 -5.47
C GLY C 992 -38.85 22.25 -6.45
N VAL C 993 -39.05 22.00 -7.74
CA VAL C 993 -38.07 22.35 -8.76
C VAL C 993 -38.33 23.72 -9.39
N VAL C 994 -39.42 24.40 -9.00
CA VAL C 994 -39.59 25.81 -9.37
C VAL C 994 -38.46 26.72 -8.89
N PRO C 995 -37.97 26.62 -7.62
CA PRO C 995 -36.78 27.42 -7.28
C PRO C 995 -35.51 27.03 -8.02
N LEU C 996 -35.42 25.79 -8.51
CA LEU C 996 -34.36 25.44 -9.44
C LEU C 996 -34.63 25.96 -10.85
N TYR C 997 -35.89 26.27 -11.17
CA TYR C 997 -36.23 26.78 -12.49
C TYR C 997 -35.96 28.28 -12.59
N ILE C 998 -36.25 29.04 -11.53
CA ILE C 998 -36.10 30.48 -11.59
C ILE C 998 -34.89 30.93 -10.76
N ALA C 999 -33.90 30.04 -10.64
CA ALA C 999 -32.69 30.36 -9.88
C ALA C 999 -31.85 31.39 -10.60
N GLY C 1000 -31.35 32.36 -9.85
CA GLY C 1000 -30.53 33.42 -10.41
C GLY C 1000 -29.52 33.97 -9.42
N GLY C 1001 -28.27 34.12 -9.86
CA GLY C 1001 -27.23 34.63 -8.99
C GLY C 1001 -25.92 33.86 -9.13
N ALA C 1002 -25.26 33.59 -8.01
CA ALA C 1002 -24.01 32.85 -8.03
C ALA C 1002 -24.28 31.37 -8.26
N SER C 1003 -23.55 30.79 -9.22
CA SER C 1003 -23.67 29.39 -9.64
C SER C 1003 -25.09 29.05 -10.06
N SER C 1004 -25.66 29.88 -10.92
CA SER C 1004 -27.03 29.73 -11.39
C SER C 1004 -27.11 29.16 -12.79
N ALA C 1005 -26.02 28.56 -13.29
CA ALA C 1005 -26.02 27.94 -14.61
C ALA C 1005 -26.37 26.46 -14.59
N SER C 1006 -25.91 25.72 -13.58
CA SER C 1006 -26.23 24.30 -13.50
C SER C 1006 -27.62 24.07 -12.93
N GLN C 1007 -28.04 24.92 -11.99
CA GLN C 1007 -29.35 24.77 -11.34
C GLN C 1007 -30.48 24.99 -12.34
N ARG C 1008 -30.38 26.03 -13.16
CA ARG C 1008 -31.39 26.28 -14.18
C ARG C 1008 -31.40 25.19 -15.25
N ALA C 1009 -30.20 24.67 -15.59
CA ALA C 1009 -30.09 23.65 -16.62
C ALA C 1009 -30.69 22.33 -16.17
N ILE C 1010 -30.55 21.98 -14.89
CA ILE C 1010 -31.19 20.76 -14.43
C ILE C 1010 -32.68 21.00 -14.12
N GLY C 1011 -33.04 22.21 -13.71
CA GLY C 1011 -34.40 22.52 -13.31
C GLY C 1011 -35.36 22.61 -14.48
N THR C 1012 -34.91 23.20 -15.59
CA THR C 1012 -35.70 23.22 -16.82
C THR C 1012 -36.02 21.81 -17.29
N THR C 1013 -35.02 20.93 -17.27
CA THR C 1013 -35.18 19.54 -17.71
C THR C 1013 -36.17 18.79 -16.82
N VAL C 1014 -35.98 18.86 -15.49
CA VAL C 1014 -36.86 18.09 -14.61
C VAL C 1014 -38.27 18.68 -14.59
N PHE C 1015 -38.40 20.01 -14.71
CA PHE C 1015 -39.71 20.66 -14.67
C PHE C 1015 -40.53 20.32 -15.91
N TRP C 1016 -39.93 20.49 -17.10
CA TRP C 1016 -40.69 20.21 -18.32
C TRP C 1016 -40.90 18.71 -18.52
N GLY C 1017 -39.94 17.88 -18.12
CA GLY C 1017 -40.13 16.44 -18.21
C GLY C 1017 -41.24 15.93 -17.31
N MET C 1018 -41.27 16.42 -16.06
CA MET C 1018 -42.33 16.01 -15.15
C MET C 1018 -43.69 16.58 -15.55
N LEU C 1019 -43.71 17.80 -16.11
CA LEU C 1019 -44.97 18.39 -16.55
C LEU C 1019 -45.57 17.63 -17.72
N ILE C 1020 -44.76 17.31 -18.74
CA ILE C 1020 -45.27 16.57 -19.89
C ILE C 1020 -45.59 15.12 -19.52
N GLY C 1021 -44.80 14.51 -18.62
CA GLY C 1021 -45.10 13.17 -18.16
C GLY C 1021 -46.38 13.10 -17.35
N THR C 1022 -46.64 14.11 -16.52
CA THR C 1022 -47.89 14.17 -15.77
C THR C 1022 -49.08 14.40 -16.69
N LEU C 1023 -48.99 15.36 -17.59
CA LEU C 1023 -50.20 15.57 -18.44
C LEU C 1023 -50.40 14.35 -19.35
N LEU C 1024 -49.36 13.87 -20.02
CA LEU C 1024 -49.48 12.70 -20.94
C LEU C 1024 -49.68 11.39 -20.18
N SER C 1025 -48.97 11.18 -19.08
CA SER C 1025 -49.04 9.88 -18.37
C SER C 1025 -50.46 9.61 -17.86
N VAL C 1026 -51.16 10.59 -17.31
CA VAL C 1026 -52.52 10.34 -16.73
C VAL C 1026 -53.46 9.82 -17.82
N PHE C 1027 -53.45 10.40 -19.01
CA PHE C 1027 -54.33 9.90 -20.11
C PHE C 1027 -53.82 8.62 -20.76
N LEU C 1028 -52.54 8.57 -21.11
CA LEU C 1028 -51.91 7.42 -21.82
C LEU C 1028 -51.78 6.14 -20.99
N VAL C 1029 -51.39 6.25 -19.72
CA VAL C 1029 -51.24 5.06 -18.85
C VAL C 1029 -52.43 4.13 -19.10
N PRO C 1030 -53.67 4.65 -19.01
CA PRO C 1030 -54.89 3.89 -19.25
C PRO C 1030 -54.86 3.25 -20.65
N LEU C 1031 -54.06 3.79 -21.56
CA LEU C 1031 -53.98 3.23 -22.93
C LEU C 1031 -53.03 2.02 -22.97
N PHE C 1032 -51.90 2.09 -22.28
CA PHE C 1032 -50.90 0.99 -22.30
C PHE C 1032 -51.45 -0.30 -21.69
N TYR C 1033 -52.22 -0.24 -20.61
CA TYR C 1033 -52.66 -1.50 -19.96
C TYR C 1033 -53.64 -2.24 -20.88
N VAL C 1034 -54.58 -1.56 -21.53
CA VAL C 1034 -55.52 -2.25 -22.44
C VAL C 1034 -54.80 -2.82 -23.67
N VAL C 1035 -53.88 -2.11 -24.32
CA VAL C 1035 -53.16 -2.65 -25.47
C VAL C 1035 -52.31 -3.86 -25.06
N VAL C 1036 -51.71 -3.81 -23.87
CA VAL C 1036 -50.90 -4.92 -23.37
C VAL C 1036 -51.78 -6.13 -23.06
N ARG C 1037 -52.92 -5.92 -22.41
CA ARG C 1037 -53.81 -7.04 -22.11
C ARG C 1037 -54.54 -7.57 -23.35
N LYS C 1038 -54.65 -6.76 -24.41
CA LYS C 1038 -55.28 -7.23 -25.64
C LYS C 1038 -54.30 -8.01 -26.51
N PHE C 1039 -53.04 -7.56 -26.58
CA PHE C 1039 -52.05 -8.23 -27.42
C PHE C 1039 -51.62 -9.56 -26.81
N PHE C 1040 -51.06 -9.52 -25.60
CA PHE C 1040 -50.67 -10.74 -24.91
C PHE C 1040 -51.86 -11.32 -24.17
N LYS C 1041 -51.90 -12.66 -24.10
CA LYS C 1041 -52.99 -13.34 -23.44
C LYS C 1041 -52.89 -13.20 -21.92
N GLU C 1042 -54.04 -13.18 -21.26
CA GLU C 1042 -54.10 -13.03 -19.81
C GLU C 1042 -54.64 -14.29 -19.15
C1 PTY D . -33.17 -26.57 7.72
C2 PTY D . -36.78 -26.74 8.90
C3 PTY D . -35.45 -27.42 9.20
O4 PTY D . -32.90 -25.88 8.94
C5 PTY D . -32.28 -28.69 8.62
C6 PTY D . -32.09 -27.62 7.56
O7 PTY D . -30.83 -26.98 7.73
C8 PTY D . -29.68 -27.83 7.50
O10 PTY D . -29.87 -28.97 7.12
C11 PTY D . -28.29 -27.27 7.72
C12 PTY D . -27.22 -28.33 7.50
C13 PTY D . -25.84 -27.75 7.69
C14 PTY D . -25.85 -26.76 8.85
C15 PTY D . -24.48 -26.13 9.07
C16 PTY D . -24.51 -25.10 10.18
C17 PTY D . -23.12 -24.97 10.78
C18 PTY D . -22.79 -23.53 11.13
C19 PTY D . -21.31 -23.38 11.43
C20 PTY D . -20.79 -22.02 10.95
C30 PTY D . -32.72 -24.44 8.93
C31 PTY D . -31.33 -23.87 8.99
O30 PTY D . -33.70 -23.71 8.90
C32 PTY D . -30.68 -23.96 7.61
C33 PTY D . -29.17 -23.80 7.65
C34 PTY D . -28.74 -22.72 8.64
C35 PTY D . -29.68 -21.53 8.60
C36 PTY D . -29.45 -20.64 9.82
C37 PTY D . -29.88 -21.33 11.10
C38 PTY D . -29.46 -20.55 12.34
C39 PTY D . -27.94 -20.42 12.40
P1 PTY D . -34.45 -29.82 9.62
O11 PTY D . -35.68 -28.80 9.41
O12 PTY D . -34.98 -31.21 9.44
O13 PTY D . -33.74 -29.46 10.91
O14 PTY D . -33.47 -29.45 8.40
N1 PTY D . -37.30 -27.27 7.66
C1 PTY E . -26.09 -35.04 26.74
C2 PTY E . -29.29 -41.10 29.55
C3 PTY E . -29.36 -40.03 28.45
O4 PTY E . -25.23 -33.95 26.44
C5 PTY E . -28.19 -35.72 27.89
C6 PTY E . -27.19 -34.59 27.69
C30 PTY E . -24.45 -34.00 25.22
C31 PTY E . -23.54 -32.87 24.86
O30 PTY E . -24.57 -34.97 24.49
C32 PTY E . -22.42 -33.39 23.96
C33 PTY E . -21.72 -32.21 23.32
C34 PTY E . -20.24 -32.46 23.16
C35 PTY E . -19.49 -31.16 23.42
C36 PTY E . -18.01 -31.31 23.11
C37 PTY E . -17.28 -29.98 23.23
C38 PTY E . -15.89 -30.11 22.62
C39 PTY E . -15.15 -28.78 22.59
C40 PTY E . -14.14 -28.78 21.45
P1 PTY E . -27.67 -38.06 28.92
O11 PTY E . -28.07 -39.44 28.20
O12 PTY E . -28.86 -37.63 29.77
O13 PTY E . -26.32 -38.22 29.58
O14 PTY E . -27.57 -36.99 27.73
N1 PTY E . -27.99 -41.75 29.55
C1 PTY F . -46.77 15.00 29.56
C2 PTY F . -52.22 16.65 30.09
C3 PTY F . -51.21 15.50 30.04
O4 PTY F . -45.69 15.23 28.66
C5 PTY F . -48.68 13.46 29.97
C6 PTY F . -47.31 13.60 29.30
O7 PTY F . -46.39 12.64 29.81
C8 PTY F . -45.35 12.31 28.85
O10 PTY F . -45.50 12.59 27.67
C11 PTY F . -44.09 11.64 29.32
C12 PTY F . -43.09 12.69 29.79
C13 PTY F . -41.69 12.09 29.92
C14 PTY F . -40.63 13.08 29.48
C15 PTY F . -39.32 12.38 29.16
C16 PTY F . -38.13 13.34 29.21
C17 PTY F . -36.87 12.58 29.59
C18 PTY F . -35.63 13.47 29.55
C19 PTY F . -35.00 13.55 28.16
C20 PTY F . -33.67 14.32 28.22
C21 PTY F . -32.94 14.28 26.87
C22 PTY F . -32.82 15.67 26.24
C23 PTY F . -34.13 16.45 26.33
C30 PTY F . -44.97 16.49 28.66
C31 PTY F . -44.55 17.09 27.34
O30 PTY F . -44.71 17.02 29.72
C32 PTY F . -44.36 18.60 27.45
C33 PTY F . -43.38 19.09 26.38
C34 PTY F . -41.94 18.76 26.75
C35 PTY F . -41.73 17.26 26.92
C36 PTY F . -40.61 16.95 27.90
C37 PTY F . -39.26 17.34 27.33
C38 PTY F . -39.22 17.04 25.84
C39 PTY F . -37.80 16.91 25.30
C40 PTY F . -37.81 17.00 23.79
C41 PTY F . -36.42 16.76 23.21
P1 PTY F . -49.21 15.30 31.77
O11 PTY F . -50.77 15.22 31.37
O12 PTY F . -49.17 15.39 33.27
O13 PTY F . -48.61 16.41 30.94
O14 PTY F . -48.58 13.90 31.32
N1 PTY F . -53.07 16.51 31.26
C1 PTY G . -37.39 -20.80 4.73
C2 PTY G . -34.96 -26.10 4.42
C3 PTY G . -35.68 -24.78 4.64
O4 PTY G . -36.79 -19.59 5.14
C5 PTY G . -39.09 -22.36 5.54
C6 PTY G . -38.78 -20.89 5.33
O7 PTY G . -39.71 -20.31 4.42
C8 PTY G . -40.60 -19.32 4.98
O10 PTY G . -41.30 -19.59 5.94
C11 PTY G . -40.66 -17.96 4.34
C12 PTY G . -40.13 -18.08 2.92
C13 PTY G . -39.19 -16.93 2.57
C14 PTY G . -38.24 -17.33 1.45
C15 PTY G . -37.45 -16.13 0.96
C16 PTY G . -36.41 -16.50 -0.10
C17 PTY G . -35.57 -15.27 -0.42
C18 PTY G . -34.66 -15.47 -1.63
C19 PTY G . -34.06 -14.14 -2.07
C20 PTY G . -32.89 -14.33 -3.03
C30 PTY G . -35.35 -19.57 5.33
C31 PTY G . -34.66 -18.28 5.67
O30 PTY G . -34.72 -20.61 5.19
C32 PTY G . -34.42 -17.48 4.40
C33 PTY G . -33.54 -16.27 4.68
C34 PTY G . -32.72 -15.89 3.45
C35 PTY G . -31.66 -16.96 3.14
P1 PTY G . -37.90 -24.64 6.05
O11 PTY G . -37.06 -25.09 4.76
O12 PTY G . -37.11 -25.07 7.27
O13 PTY G . -39.33 -25.09 5.87
O14 PTY G . -37.93 -23.04 6.02
N1 PTY G . -33.87 -26.21 5.38
C1 PTY H . -42.10 -11.59 1.17
C2 PTY H . -48.35 -9.24 4.48
C3 PTY H . -47.52 -10.30 3.76
O4 PTY H . -40.84 -11.87 0.58
C5 PTY H . -44.50 -11.73 0.62
C6 PTY H . -43.15 -11.23 0.12
O7 PTY H . -42.84 -11.83 -1.13
C8 PTY H . -43.25 -11.05 -2.29
O10 PTY H . -44.31 -10.45 -2.25
C11 PTY H . -42.39 -11.01 -3.53
C12 PTY H . -41.09 -10.29 -3.25
C13 PTY H . -40.36 -9.99 -4.55
C14 PTY H . -39.13 -9.11 -4.34
C15 PTY H . -38.57 -8.67 -5.69
C16 PTY H . -37.23 -7.96 -5.58
C17 PTY H . -36.46 -8.08 -6.87
C18 PTY H . -35.02 -7.62 -6.73
C19 PTY H . -34.21 -8.57 -5.86
C30 PTY H . -39.75 -12.34 1.42
C31 PTY H . -38.54 -13.01 0.83
O30 PTY H . -39.84 -12.17 2.62
C32 PTY H . -38.23 -12.44 -0.54
C33 PTY H . -38.07 -10.93 -0.51
C34 PTY H . -36.71 -10.53 0.05
C35 PTY H . -35.60 -10.87 -0.94
C36 PTY H . -35.72 -9.99 -2.17
C37 PTY H . -34.78 -8.80 -2.10
C38 PTY H . -33.47 -9.09 -2.84
C39 PTY H . -32.45 -9.76 -1.92
C40 PTY H . -31.11 -9.93 -2.63
P1 PTY H . -46.91 -10.83 1.24
O11 PTY H . -47.21 -9.82 2.45
O12 PTY H . -47.68 -10.33 0.04
O13 PTY H . -47.13 -12.24 1.68
O14 PTY H . -45.34 -10.62 0.95
N1 PTY H . -48.78 -9.74 5.77
C1 PTY I . -24.53 -39.42 22.21
C2 PTY I . -24.85 -46.01 25.11
C3 PTY I . -25.13 -45.29 23.79
O4 PTY I . -23.55 -38.91 23.12
C5 PTY I . -24.22 -41.87 22.18
C6 PTY I . -23.98 -40.58 21.40
O7 PTY I . -22.59 -40.40 21.17
C8 PTY I . -22.10 -41.17 20.04
O10 PTY I . -22.65 -42.21 19.75
C11 PTY I . -20.92 -40.69 19.27
C12 PTY I . -20.30 -41.83 18.51
C13 PTY I . -19.29 -41.29 17.51
C14 PTY I . -18.56 -40.11 18.12
C15 PTY I . -17.43 -39.63 17.21
C16 PTY I . -16.91 -38.29 17.69
C17 PTY I . -15.62 -37.94 16.96
C18 PTY I . -15.85 -37.88 15.46
C19 PTY I . -14.54 -37.80 14.72
C20 PTY I . -14.76 -37.70 13.22
C21 PTY I . -15.71 -38.78 12.74
C30 PTY I . -23.81 -37.68 23.81
C31 PTY I . -22.88 -36.51 23.63
O30 PTY I . -24.78 -37.60 24.56
C32 PTY I . -22.41 -36.48 22.18
C33 PTY I . -21.38 -37.57 21.92
C34 PTY I . -20.54 -37.24 20.70
C35 PTY I . -20.00 -35.83 20.80
C36 PTY I . -19.07 -35.52 19.62
C37 PTY I . -18.56 -34.09 19.72
C38 PTY I . -17.28 -33.89 18.90
C39 PTY I . -16.77 -32.46 19.08
C40 PTY I . -15.41 -32.29 18.42
P1 PTY I . -26.32 -43.01 23.35
O11 PTY I . -25.14 -43.88 24.02
O12 PTY I . -27.14 -42.41 24.46
O13 PTY I . -26.99 -43.88 22.32
O14 PTY I . -25.58 -41.80 22.60
N1 PTY I . -25.29 -47.39 25.02
C1 PTY J . -21.71 -3.64 -16.12
C2 PTY J . -23.60 -8.70 -10.50
C3 PTY J . -24.54 -7.71 -11.16
O4 PTY J . -21.84 -2.58 -17.08
C5 PTY J . -23.65 -4.89 -15.20
C6 PTY J . -22.71 -4.76 -16.41
O7 PTY J . -22.03 -5.98 -16.65
C8 PTY J . -22.17 -6.46 -18.00
O10 PTY J . -21.28 -6.25 -18.80
C11 PTY J . -23.43 -7.20 -18.40
C12 PTY J . -23.16 -8.26 -19.46
C13 PTY J . -22.54 -7.67 -20.72
C14 PTY J . -23.19 -8.26 -21.96
C15 PTY J . -24.43 -7.46 -22.33
C16 PTY J . -25.22 -8.14 -23.45
C17 PTY J . -25.92 -7.09 -24.30
C18 PTY J . -27.33 -7.53 -24.66
C19 PTY J . -28.16 -6.34 -25.11
C20 PTY J . -29.59 -6.51 -24.64
C21 PTY J . -29.61 -6.99 -23.19
C22 PTY J . -31.04 -7.16 -22.69
C30 PTY J . -20.80 -1.57 -17.21
C31 PTY J . -20.15 -1.31 -18.55
O30 PTY J . -20.47 -0.94 -16.24
C32 PTY J . -21.19 -0.79 -19.53
C33 PTY J . -21.97 -1.91 -20.18
C34 PTY J . -23.37 -1.41 -20.50
C35 PTY J . -24.03 -2.23 -21.60
C36 PTY J . -25.50 -1.86 -21.71
C37 PTY J . -26.10 -2.35 -23.02
C38 PTY J . -27.61 -2.45 -22.94
C39 PTY J . -28.03 -3.51 -21.93
P1 PTY J . -23.42 -6.38 -13.07
O11 PTY J . -24.25 -7.64 -12.56
O12 PTY J . -24.01 -5.21 -12.34
O13 PTY J . -21.95 -6.66 -12.92
O14 PTY J . -23.72 -6.21 -14.64
N1 PTY J . -24.07 -8.99 -9.16
C1 PTY K . -15.38 -15.68 -25.62
C2 PTY K . -11.70 -9.28 -25.01
C3 PTY K . -11.87 -10.75 -25.34
O4 PTY K . -16.56 -15.66 -24.79
C5 PTY K . -13.44 -14.30 -24.97
C6 PTY K . -14.17 -15.60 -24.70
O7 PTY K . -13.28 -16.72 -24.83
C8 PTY K . -12.24 -16.75 -23.80
O10 PTY K . -11.48 -15.81 -23.68
C11 PTY K . -12.07 -17.94 -22.89
C12 PTY K . -13.11 -17.95 -21.78
C13 PTY K . -14.37 -18.68 -22.23
C14 PTY K . -14.86 -19.62 -21.14
C15 PTY K . -16.12 -20.34 -21.58
C16 PTY K . -16.75 -21.07 -20.41
C17 PTY K . -18.15 -21.55 -20.74
C18 PTY K . -19.03 -20.41 -21.23
C19 PTY K . -20.48 -20.82 -21.13
C20 PTY K . -20.65 -21.69 -19.91
C30 PTY K . -17.35 -14.47 -24.52
C31 PTY K . -18.47 -14.58 -23.52
O30 PTY K . -17.11 -13.40 -25.06
C32 PTY K . -18.70 -16.06 -23.24
C33 PTY K . -20.18 -16.37 -23.21
C34 PTY K . -20.42 -17.82 -22.83
C35 PTY K . -21.84 -18.19 -23.22
C36 PTY K . -22.65 -18.71 -22.04
C37 PTY K . -24.08 -18.19 -22.12
C38 PTY K . -25.02 -19.05 -21.29
P1 PTY K . -11.74 -12.81 -23.72
O11 PTY K . -12.34 -11.40 -24.17
O12 PTY K . -11.23 -12.68 -22.30
O13 PTY K . -10.82 -13.28 -24.82
O14 PTY K . -13.01 -13.77 -23.73
N1 PTY K . -10.54 -8.77 -25.72
C8 AIX L . 20.92 -14.56 -22.88
C5 AIX L . 19.68 -15.59 -24.66
C6 AIX L . 12.86 -18.93 -21.41
N1 AIX L . 16.35 -16.99 -23.84
C2 AIX L . 12.16 -17.06 -19.80
N3 AIX L . 13.65 -16.51 -21.53
C4 AIX L . 18.49 -16.44 -25.14
C1 AIX L . 11.35 -19.06 -21.51
C3 AIX L . 17.79 -17.07 -23.94
C7 AIX L . 19.85 -15.33 -23.32
C9 AIX L . 21.81 -14.04 -23.80
C10 AIX L . 21.64 -14.29 -25.15
C11 AIX L . 20.57 -15.06 -25.58
C12 AIX L . 13.26 -17.51 -20.55
C13 AIX L . 14.24 -17.38 -22.82
C14 AIX L . 15.67 -17.58 -22.70
C16 AIX L . 13.45 -20.15 -20.69
N2 AIX L . 18.97 -17.48 -26.02
O1 AIX L . 11.33 -16.27 -20.32
O2 AIX L . 12.01 -17.47 -18.62
O3 AIX L . 18.42 -17.62 -23.10
S1 AIX L . 13.44 -18.83 -22.76
C1 PTY M . -39.65 -5.54 19.53
C2 PTY M . -43.53 -7.38 24.96
C3 PTY M . -43.73 -7.56 23.46
O4 PTY M . -38.51 -5.46 18.69
C5 PTY M . -40.39 -6.11 21.79
C6 PTY M . -39.18 -5.74 20.96
O7 PTY M . -38.54 -4.55 21.45
C8 PTY M . -37.31 -4.85 22.17
O10 PTY M . -37.37 -5.39 23.25
C11 PTY M . -35.96 -4.47 21.61
C12 PTY M . -35.81 -2.97 21.63
C13 PTY M . -34.42 -2.55 21.15
C14 PTY M . -34.53 -1.27 20.37
C15 PTY M . -33.24 -0.99 19.62
C16 PTY M . -33.39 0.16 18.64
C17 PTY M . -32.10 0.37 17.86
C18 PTY M . -32.37 1.04 16.52
C19 PTY M . -31.08 1.48 15.83
C20 PTY M . -31.36 2.03 14.44
C21 PTY M . -30.11 2.61 13.80
C22 PTY M . -30.43 3.14 12.41
C23 PTY M . -29.22 3.82 11.79
C24 PTY M . -29.49 4.26 10.36
C30 PTY M . -38.08 -6.62 17.94
C31 PTY M . -37.07 -6.49 16.85
O30 PTY M . -38.56 -7.71 18.23
C32 PTY M . -35.89 -5.69 17.36
C33 PTY M . -34.76 -5.73 16.35
C34 PTY M . -33.54 -4.95 16.83
C35 PTY M . -32.57 -4.74 15.69
C36 PTY M . -31.40 -3.88 16.14
C37 PTY M . -30.53 -3.47 14.95
P1 PTY M . -42.22 -7.99 21.36
O11 PTY M . -42.59 -8.22 22.90
O12 PTY M . -42.23 -9.28 20.59
O13 PTY M . -43.09 -6.84 20.93
O14 PTY M . -40.69 -7.48 21.50
N1 PTY M . -44.77 -6.90 25.56
C1 PTY N . -40.41 -11.56 14.61
C2 PTY N . -46.82 -8.69 13.94
C3 PTY N . -45.95 -8.82 15.18
O4 PTY N . -39.01 -11.27 14.52
C5 PTY N . -42.21 -12.06 16.30
C6 PTY N . -40.71 -12.10 16.00
O7 PTY N . -40.00 -11.33 16.97
C8 PTY N . -38.62 -11.78 17.14
O10 PTY N . -38.25 -12.81 16.61
C11 PTY N . -37.65 -10.99 17.98
C12 PTY N . -36.25 -11.55 17.79
C13 PTY N . -35.19 -10.55 18.23
C14 PTY N . -33.93 -11.25 18.70
C15 PTY N . -32.82 -11.21 17.66
C16 PTY N . -32.23 -9.81 17.56
C17 PTY N . -30.81 -9.85 17.02
C18 PTY N . -30.80 -10.00 15.51
C19 PTY N . -29.37 -10.07 14.97
C20 PTY N . -28.81 -11.48 15.08
C21 PTY N . -27.37 -11.52 14.60
C30 PTY N . -38.51 -10.36 13.51
C31 PTY N . -37.37 -9.44 13.82
O30 PTY N . -39.02 -10.37 12.41
C32 PTY N . -36.84 -8.88 12.51
C33 PTY N . -35.83 -7.77 12.73
C34 PTY N . -35.37 -7.22 11.39
C35 PTY N . -34.14 -6.33 11.55
C36 PTY N . -33.44 -6.18 10.20
C37 PTY N . -32.63 -4.89 10.16
C38 PTY N . -31.69 -4.78 11.35
C39 PTY N . -30.60 -3.76 11.09
C40 PTY N . -29.62 -4.27 10.03
P1 PTY N . -43.74 -9.91 16.04
O11 PTY N . -44.78 -9.58 14.87
O12 PTY N . -42.79 -8.75 16.20
O13 PTY N . -44.54 -10.40 17.21
O14 PTY N . -42.87 -11.14 15.44
N1 PTY N . -48.13 -8.24 14.32
C1 PTY O . -44.26 -13.75 -22.09
C2 PTY O . -50.05 -12.38 -17.79
C3 PTY O . -48.63 -12.16 -18.30
O4 PTY O . -42.86 -13.54 -22.29
C5 PTY O . -46.37 -12.56 -21.36
C6 PTY O . -45.01 -12.42 -22.06
O7 PTY O . -45.17 -11.97 -23.40
C8 PTY O . -45.42 -10.54 -23.49
O10 PTY O . -46.54 -10.13 -23.73
C11 PTY O . -44.26 -9.60 -23.28
C12 PTY O . -42.96 -10.39 -23.32
C13 PTY O . -41.80 -9.60 -22.75
C14 PTY O . -41.02 -8.87 -23.82
C15 PTY O . -39.71 -8.38 -23.23
C16 PTY O . -38.88 -7.58 -24.24
C17 PTY O . -37.70 -6.91 -23.56
C18 PTY O . -36.49 -6.85 -24.49
C30 PTY O . -41.94 -14.67 -22.33
C31 PTY O . -40.50 -14.48 -22.76
O30 PTY O . -42.33 -15.78 -22.03
C32 PTY O . -39.97 -13.18 -22.17
C33 PTY O . -38.46 -13.23 -22.07
C34 PTY O . -37.92 -11.98 -21.40
C35 PTY O . -36.40 -12.06 -21.36
C36 PTY O . -35.76 -10.75 -20.93
C37 PTY O . -34.24 -10.87 -20.97
C38 PTY O . -33.59 -9.55 -20.57
C39 PTY O . -32.08 -9.70 -20.41
C40 PTY O . -31.42 -8.32 -20.53
C41 PTY O . -29.92 -8.39 -20.24
P1 PTY O . -46.46 -13.58 -18.89
O11 PTY O . -48.03 -13.42 -18.58
O12 PTY O . -46.03 -14.91 -18.31
O13 PTY O . -45.72 -12.33 -18.45
O14 PTY O . -46.37 -13.70 -20.49
N1 PTY O . -50.94 -12.65 -18.89
C1 PTY P . -45.73 12.16 21.71
C2 PTY P . -50.90 9.80 23.11
C3 PTY P . -51.11 11.06 23.92
O4 PTY P . -44.87 13.08 21.05
C5 PTY P . -47.35 13.38 23.22
C6 PTY P . -46.04 12.60 23.15
O7 PTY P . -44.98 13.40 23.66
C8 PTY P . -44.89 13.40 25.11
O10 PTY P . -45.77 12.86 25.77
C11 PTY P . -43.74 14.06 25.79
C12 PTY P . -42.54 13.15 25.70
C13 PTY P . -41.64 13.48 24.53
C14 PTY P . -40.23 13.26 25.01
C15 PTY P . -39.29 13.01 23.85
C16 PTY P . -37.89 12.95 24.42
C17 PTY P . -36.86 12.62 23.36
C18 PTY P . -35.50 12.70 24.01
C19 PTY P . -34.41 12.23 23.05
C30 PTY P . -43.51 12.67 20.78
C31 PTY P . -42.54 13.50 20.02
O30 PTY P . -43.16 11.60 21.20
C32 PTY P . -41.14 12.95 20.17
C33 PTY P . -40.18 13.94 19.57
C34 PTY P . -38.81 13.36 19.32
C35 PTY P . -38.09 14.20 18.28
C36 PTY P . -36.63 14.40 18.65
C37 PTY P . -35.89 15.21 17.59
P1 PTY P . -49.56 13.09 24.63
O11 PTY P . -49.82 11.54 24.28
O12 PTY P . -50.14 13.94 23.52
O13 PTY P . -49.96 13.36 26.05
O14 PTY P . -47.96 13.13 24.48
N1 PTY P . -49.90 10.04 22.10
C1 PTY Q . -48.29 18.46 21.46
C2 PTY Q . -54.12 16.05 23.62
C3 PTY Q . -52.76 16.07 22.92
O4 PTY Q . -47.38 17.65 22.20
C5 PTY Q . -50.10 16.69 21.49
C6 PTY Q . -49.21 17.59 20.62
O7 PTY Q . -48.41 16.77 19.77
C8 PTY Q . -48.51 17.12 18.36
O10 PTY Q . -49.38 17.89 17.99
C11 PTY Q . -47.53 16.52 17.38
C12 PTY Q . -46.10 16.71 17.89
C13 PTY Q . -45.07 16.08 16.96
C14 PTY Q . -43.79 16.90 16.95
C15 PTY Q . -42.56 16.05 16.66
C16 PTY Q . -41.33 16.93 16.47
C17 PTY Q . -40.17 16.13 15.89
C18 PTY Q . -39.37 16.96 14.87
C19 PTY Q . -38.13 16.21 14.42
C20 PTY Q . -37.46 16.90 13.25
C30 PTY Q . -45.95 17.66 21.91
C31 PTY Q . -44.98 18.36 22.84
O30 PTY Q . -45.54 17.09 20.92
C32 PTY Q . -43.74 17.50 23.03
C33 PTY Q . -42.82 17.50 21.81
C34 PTY Q . -41.45 16.97 22.20
C35 PTY Q . -40.42 17.33 21.13
P1 PTY Q . -51.85 14.80 20.80
O11 PTY Q . -52.60 14.84 22.22
O12 PTY Q . -52.92 14.68 19.74
O13 PTY Q . -50.70 13.83 20.85
O14 PTY Q . -51.21 16.28 20.70
N1 PTY Q . -54.56 17.41 23.83
C1 PTY R . -24.37 22.71 9.52
C2 PTY R . -18.12 24.13 8.76
C3 PTY R . -19.35 23.29 9.04
O4 PTY R . -25.80 22.78 9.45
C5 PTY R . -22.48 21.44 10.59
C6 PTY R . -23.98 21.72 10.61
O7 PTY R . -24.72 20.52 10.42
C8 PTY R . -26.04 20.60 11.03
O10 PTY R . -26.21 21.34 11.97
C11 PTY R . -27.19 19.78 10.51
C12 PTY R . -28.41 20.67 10.41
C13 PTY R . -29.70 19.87 10.40
C14 PTY R . -30.10 19.47 11.81
C15 PTY R . -31.53 18.97 11.87
C16 PTY R . -31.83 18.39 13.24
C17 PTY R . -33.31 18.11 13.42
C18 PTY R . -33.64 17.82 14.88
C30 PTY R . -26.49 23.76 8.63
C31 PTY R . -27.99 23.86 8.73
O30 PTY R . -25.85 24.48 7.89
C32 PTY R . -28.59 24.22 7.37
C33 PTY R . -29.96 23.58 7.20
C34 PTY R . -31.06 24.44 7.79
C35 PTY R . -32.45 23.84 7.54
C36 PTY R . -32.85 22.91 8.67
C37 PTY R . -34.32 22.51 8.58
C38 PTY R . -35.24 23.67 8.98
P1 PTY R . -20.15 22.50 11.40
O11 PTY R . -19.83 23.64 10.32
O12 PTY R . -19.77 23.06 12.75
O13 PTY R . -19.53 21.20 10.94
O14 PTY R . -21.78 22.40 11.38
N1 PTY R . -17.24 24.04 9.91
C1 PTY S . -41.23 -7.15 11.08
C2 PTY S . -46.71 -11.71 11.45
C3 PTY S . -46.02 -11.13 10.22
O4 PTY S . -40.21 -7.70 10.26
C5 PTY S . -42.46 -9.11 11.95
C6 PTY S . -41.47 -8.02 12.30
O7 PTY S . -41.95 -7.19 13.35
C8 PTY S . -40.98 -7.16 14.43
O10 PTY S . -41.09 -7.92 15.39
C11 PTY S . -39.84 -6.19 14.34
C12 PTY S . -40.15 -5.17 13.25
C13 PTY S . -39.30 -3.93 13.47
C14 PTY S . -37.87 -4.16 13.02
C15 PTY S . -37.09 -2.85 13.13
C16 PTY S . -36.05 -2.69 12.03
C17 PTY S . -34.67 -3.04 12.55
C18 PTY S . -34.10 -1.89 13.35
C19 PTY S . -33.79 -0.72 12.43
C30 PTY S . -40.28 -7.42 8.85
C31 PTY S . -39.36 -6.39 8.24
O30 PTY S . -41.09 -8.02 8.17
C32 PTY S . -37.95 -6.58 8.77
C33 PTY S . -37.09 -5.36 8.45
C34 PTY S . -36.64 -5.37 6.99
C35 PTY S . -35.54 -4.33 6.76
C36 PTY S . -36.10 -2.92 6.87
C37 PTY S . -34.98 -1.88 6.85
C38 PTY S . -35.54 -0.47 6.77
P1 PTY S . -43.96 -9.48 9.84
O11 PTY S . -44.77 -10.61 10.65
O12 PTY S . -42.75 -10.09 9.19
O13 PTY S . -44.93 -8.67 9.00
O14 PTY S . -43.45 -8.58 11.07
N1 PTY S . -45.76 -12.50 12.20
O7 PTY T . -41.72 -11.80 11.36
C8 PTY T . -41.61 -12.93 10.92
O10 PTY T . -42.35 -13.33 9.75
C11 PTY T . -40.70 -13.93 11.60
C12 PTY T . -39.51 -14.27 10.71
C13 PTY T . -38.38 -13.28 10.92
C14 PTY T . -38.51 -12.07 10.00
C15 PTY T . -37.18 -11.33 9.94
C16 PTY T . -37.01 -10.62 8.60
C17 PTY T . -35.52 -10.49 8.29
C18 PTY T . -35.28 -9.69 7.03
C19 PTY T . -33.79 -9.44 6.81
C20 PTY T . -33.56 -8.19 5.99
C21 PTY T . -32.09 -7.78 6.02
C22 PTY T . -31.90 -6.34 5.59
O7 PTY U . -21.00 26.67 4.08
C8 PTY U . -21.95 26.84 5.15
O10 PTY U . -21.90 27.85 5.83
C11 PTY U . -23.00 25.78 5.41
C12 PTY U . -22.36 24.45 5.76
C13 PTY U . -23.43 23.42 6.10
C14 PTY U . -23.06 22.03 5.60
C15 PTY U . -24.25 21.33 4.98
C16 PTY U . -25.41 21.24 5.96
C17 PTY U . -26.45 20.25 5.47
C18 PTY U . -27.67 20.97 4.91
C19 PTY U . -28.83 20.96 5.91
C20 PTY U . -29.53 19.60 5.93
C21 PTY U . -30.85 19.68 6.68
C22 PTY U . -31.74 18.47 6.41
#